data_9DQY
#
_entry.id   9DQY
#
_cell.length_a   1.00
_cell.length_b   1.00
_cell.length_c   1.00
_cell.angle_alpha   90.00
_cell.angle_beta   90.00
_cell.angle_gamma   90.00
#
_symmetry.space_group_name_H-M   'P 1'
#
loop_
_entity.id
_entity.type
_entity.pdbx_description
1 polymer 'Spike glycoprotein E1'
2 polymer 'Structural polyprotein'
3 polymer 'Cadherin domain-containing protein'
4 non-polymer 2-acetamido-2-deoxy-beta-D-glucopyranose
#
loop_
_entity_poly.entity_id
_entity_poly.type
_entity_poly.pdbx_seq_one_letter_code
_entity_poly.pdbx_strand_id
1 'polypeptide(L)'
;FEHATTVPNVPGIPYKALVERAGYAPLNLEITVVSSELTPSTNKEYVTCKFHTVIPSPQVKCCGSLECKASSRADYTCRV
FGGVYPFMWGGAQCFCDSENTQLSEAYVEFAPDCTIDHAVALKVHTAALKVGLRIVYGNTTAHLDTFVNGVTPGSSRDLK
VIAGPISAAFSPFDHKVVIRKGFVYNYDFPEYGAMKPGAFGDIQASSLDATDIVARTDIRLLKPSVKNIHVPYTQAVSGY
EMWKNNSGRPLQETAPFGCKIEVEPLRASNCAYGHIPISIDIPDAAFVRSSESPTILEVSCTVADCIYSADFGGSLTLQY
KADREGHCPVHSHSTTAVLKEATTHVTAVGSITLHFSTSSPQANFIVSLCGKKSTCNAECKPPADHIIGEPHKVDQEFQA
AVSTTSWNWLLALFGGASSLIVVGLIVLVCSSML
;
A,C,E
2 'polypeptide(L)'
;SITDDFTLTSPYLGFCPYCRHSTPCFSPIKIENVWDESDDGSIRIQVSAQFGYNQAGTADVTKFRYMSFDHDHDIKEDSM
EKIAISTSGPCRRLGHKGYFLLAQCPPGDSVTVSITSGTAENSCTVERKIRRKFVGREEYLLPPIHGKQVKCHVYDHLKE
TSAGYITMHRPGPHAYKSYLEEASGEVYIKPPSGKNVTYECKCGDYSTGIVSTRTKINGCTKAKQCIAYKSDQTKWVFNS
PDLIRHTDHSVQGKLHIPFRLTPTVCPVPLAHTPTVMKWFKGITLHLTATRPTLLTTRKLGLRADATAEWITGTTSRNFS
VGREGLEYVWGNHEPVRVWAQESAPGDPHGWPHEIIIHYYHRHPVYTVIVLCGVALAILVGTASSAACISKARRDCLTPY
A
;
B,D,F
3 'polypeptide(L)'
;QLHYTVQEEQEHGTFVGNIAEDLGLDITKLSARRFQTAPNSRSPYLELNLETGVLYVNEKIDREQICKQSPSCLLHLEVF
LENPLELFRVEIEVLDINDNPPS
;
G,H,I
#
loop_
_chem_comp.id
_chem_comp.type
_chem_comp.name
_chem_comp.formula
NAG D-saccharide, beta linking 2-acetamido-2-deoxy-beta-D-glucopyranose 'C8 H15 N O6'
#
# COMPACT_ATOMS: atom_id res chain seq x y z
N PHE A 1 68.68 -25.61 7.99
CA PHE A 1 68.25 -26.32 9.19
C PHE A 1 66.74 -26.50 9.18
N GLU A 2 66.29 -27.69 9.55
CA GLU A 2 64.86 -28.03 9.59
C GLU A 2 64.24 -27.57 10.90
N HIS A 3 63.07 -26.95 10.81
CA HIS A 3 62.28 -26.63 11.99
C HIS A 3 60.82 -26.86 11.67
N ALA A 4 60.05 -27.23 12.70
CA ALA A 4 58.63 -27.55 12.53
C ALA A 4 57.82 -26.65 13.45
N THR A 5 56.93 -25.86 12.87
CA THR A 5 56.05 -24.96 13.60
C THR A 5 54.61 -25.25 13.20
N THR A 6 53.67 -24.64 13.93
CA THR A 6 52.25 -24.72 13.61
C THR A 6 51.68 -23.32 13.77
N VAL A 7 51.41 -22.65 12.65
CA VAL A 7 50.97 -21.26 12.69
C VAL A 7 49.45 -21.19 12.61
N PRO A 8 48.82 -20.18 13.20
CA PRO A 8 47.39 -19.98 12.96
C PRO A 8 47.14 -19.50 11.54
N ASN A 9 45.92 -19.76 11.07
CA ASN A 9 45.52 -19.38 9.71
C ASN A 9 45.03 -17.94 9.64
N VAL A 10 45.02 -17.21 10.75
CA VAL A 10 44.50 -15.85 10.78
C VAL A 10 45.43 -14.93 9.99
N PRO A 11 44.94 -14.26 8.95
CA PRO A 11 45.81 -13.41 8.15
C PRO A 11 46.14 -12.10 8.85
N GLY A 12 47.39 -11.67 8.71
CA GLY A 12 47.85 -10.42 9.25
C GLY A 12 48.35 -10.48 10.67
N ILE A 13 48.07 -11.57 11.40
CA ILE A 13 48.50 -11.71 12.78
C ILE A 13 49.90 -12.31 12.78
N PRO A 14 50.89 -11.63 13.37
CA PRO A 14 52.25 -12.20 13.43
C PRO A 14 52.30 -13.43 14.32
N TYR A 15 53.25 -14.32 14.00
CA TYR A 15 53.54 -15.48 14.83
C TYR A 15 55.03 -15.48 15.13
N LYS A 16 55.38 -15.50 16.41
CA LYS A 16 56.76 -15.45 16.85
C LYS A 16 57.24 -16.83 17.28
N ALA A 17 58.47 -17.15 16.93
CA ALA A 17 59.05 -18.44 17.30
C ALA A 17 60.54 -18.28 17.48
N LEU A 18 61.15 -19.25 18.17
CA LEU A 18 62.57 -19.23 18.48
C LEU A 18 63.16 -20.59 18.14
N VAL A 19 64.00 -20.64 17.12
CA VAL A 19 64.69 -21.87 16.73
C VAL A 19 66.16 -21.73 17.08
N GLU A 20 66.70 -22.71 17.80
CA GLU A 20 68.05 -22.63 18.33
C GLU A 20 68.78 -23.95 18.11
N ARG A 21 70.10 -23.84 18.02
CA ARG A 21 70.97 -24.99 17.86
C ARG A 21 72.12 -24.88 18.84
N ALA A 22 72.81 -26.00 19.05
CA ALA A 22 73.94 -26.01 19.98
C ALA A 22 75.09 -25.20 19.42
N GLY A 23 75.57 -24.24 20.21
CA GLY A 23 76.65 -23.39 19.77
C GLY A 23 76.24 -22.23 18.88
N TYR A 24 74.94 -21.99 18.72
CA TYR A 24 74.45 -20.93 17.85
C TYR A 24 73.49 -20.03 18.60
N ALA A 25 73.32 -18.82 18.08
CA ALA A 25 72.37 -17.88 18.64
C ALA A 25 70.94 -18.36 18.42
N PRO A 26 70.01 -18.03 19.32
CA PRO A 26 68.64 -18.54 19.20
C PRO A 26 67.80 -17.89 18.10
N LEU A 27 68.37 -16.92 17.38
CA LEU A 27 67.82 -16.35 16.15
C LEU A 27 66.43 -15.77 16.42
N ASN A 28 65.59 -15.58 15.40
CA ASN A 28 64.21 -15.16 15.60
C ASN A 28 63.40 -15.60 14.38
N LEU A 29 62.18 -16.08 14.62
CA LEU A 29 61.27 -16.46 13.56
C LEU A 29 60.01 -15.60 13.63
N GLU A 30 59.69 -14.93 12.52
CA GLU A 30 58.47 -14.16 12.39
C GLU A 30 57.72 -14.67 11.16
N ILE A 31 56.57 -15.30 11.37
CA ILE A 31 55.77 -15.86 10.29
C ILE A 31 54.47 -15.08 10.22
N THR A 32 54.14 -14.56 9.04
CA THR A 32 52.91 -13.82 8.85
C THR A 32 52.20 -14.30 7.59
N VAL A 33 50.91 -14.60 7.71
CA VAL A 33 50.09 -14.92 6.55
C VAL A 33 49.56 -13.60 6.02
N VAL A 34 50.18 -13.09 4.95
CA VAL A 34 49.77 -11.79 4.44
C VAL A 34 48.49 -11.91 3.62
N SER A 35 48.26 -13.06 2.99
CA SER A 35 47.07 -13.27 2.17
C SER A 35 46.90 -14.76 1.95
N SER A 36 45.68 -15.26 2.18
CA SER A 36 45.33 -16.64 1.88
C SER A 36 44.23 -16.64 0.81
N GLU A 37 44.25 -17.69 -0.02
CA GLU A 37 43.36 -17.74 -1.17
C GLU A 37 42.95 -19.19 -1.40
N LEU A 38 41.67 -19.48 -1.22
CA LEU A 38 41.11 -20.81 -1.36
C LEU A 38 40.35 -20.87 -2.68
N THR A 39 40.88 -21.63 -3.63
CA THR A 39 40.29 -21.74 -4.97
C THR A 39 39.81 -23.16 -5.21
N PRO A 40 38.51 -23.39 -5.39
CA PRO A 40 38.03 -24.71 -5.79
C PRO A 40 38.10 -24.88 -7.30
N SER A 41 38.02 -26.13 -7.73
CA SER A 41 37.99 -26.47 -9.14
C SER A 41 36.54 -26.61 -9.58
N THR A 42 36.13 -25.77 -10.53
CA THR A 42 34.75 -25.71 -10.99
C THR A 42 34.67 -26.04 -12.47
N ASN A 43 33.57 -26.66 -12.85
CA ASN A 43 33.25 -26.90 -14.26
C ASN A 43 31.90 -26.27 -14.57
N LYS A 44 31.80 -25.65 -15.75
CA LYS A 44 30.61 -24.89 -16.10
C LYS A 44 29.50 -25.81 -16.56
N GLU A 45 28.39 -25.83 -15.81
CA GLU A 45 27.25 -26.64 -16.19
C GLU A 45 26.50 -26.00 -17.36
N TYR A 46 25.97 -24.80 -17.15
CA TYR A 46 25.30 -24.06 -18.22
C TYR A 46 25.25 -22.59 -17.86
N VAL A 47 24.69 -21.80 -18.77
CA VAL A 47 24.43 -20.38 -18.56
C VAL A 47 22.95 -20.14 -18.83
N THR A 48 22.33 -19.27 -18.04
CA THR A 48 20.91 -19.01 -18.14
C THR A 48 20.63 -17.53 -17.94
N CYS A 49 19.50 -17.09 -18.49
CA CYS A 49 19.05 -15.71 -18.40
C CYS A 49 17.58 -15.66 -18.83
N LYS A 50 17.06 -14.45 -18.99
CA LYS A 50 15.70 -14.28 -19.47
C LYS A 50 15.60 -14.66 -20.94
N PHE A 51 14.54 -15.38 -21.30
CA PHE A 51 14.34 -15.80 -22.68
C PHE A 51 13.66 -14.69 -23.47
N HIS A 52 13.42 -14.96 -24.76
CA HIS A 52 12.88 -13.96 -25.67
C HIS A 52 11.54 -14.34 -26.29
N THR A 53 11.13 -15.63 -26.22
CA THR A 53 9.90 -16.19 -26.75
C THR A 53 9.51 -15.67 -28.14
N VAL A 54 10.35 -15.99 -29.12
CA VAL A 54 10.11 -15.59 -30.50
C VAL A 54 8.83 -16.22 -31.03
N ILE A 55 7.92 -15.39 -31.52
CA ILE A 55 6.72 -15.86 -32.20
C ILE A 55 6.86 -15.54 -33.68
N PRO A 56 7.13 -16.52 -34.53
CA PRO A 56 7.33 -16.23 -35.96
C PRO A 56 6.03 -15.91 -36.68
N SER A 57 6.14 -15.58 -37.95
CA SER A 57 4.95 -15.30 -38.75
C SER A 57 4.17 -16.59 -38.97
N PRO A 58 2.86 -16.60 -38.71
CA PRO A 58 2.08 -17.83 -38.90
C PRO A 58 1.96 -18.20 -40.36
N GLN A 59 1.80 -19.50 -40.61
CA GLN A 59 1.76 -20.04 -41.97
C GLN A 59 0.31 -20.35 -42.33
N VAL A 60 -0.21 -19.69 -43.35
CA VAL A 60 -1.62 -19.85 -43.74
C VAL A 60 -1.67 -20.55 -45.08
N LYS A 61 -2.34 -21.70 -45.13
CA LYS A 61 -2.65 -22.39 -46.37
C LYS A 61 -4.10 -22.79 -46.34
N CYS A 62 -4.81 -22.60 -47.45
CA CYS A 62 -6.25 -22.84 -47.45
C CYS A 62 -6.69 -23.66 -48.65
N CYS A 63 -7.80 -24.38 -48.44
CA CYS A 63 -8.15 -25.57 -49.20
C CYS A 63 -6.96 -26.51 -49.28
N GLY A 64 -6.35 -26.73 -48.12
CA GLY A 64 -5.23 -27.62 -47.95
C GLY A 64 -4.93 -27.78 -46.48
N SER A 65 -4.19 -28.83 -46.15
CA SER A 65 -3.88 -29.17 -44.78
C SER A 65 -2.39 -28.98 -44.51
N LEU A 66 -2.07 -28.33 -43.40
CA LEU A 66 -0.69 -28.10 -42.99
C LEU A 66 -0.39 -28.92 -41.75
N GLU A 67 0.80 -29.54 -41.75
CA GLU A 67 1.34 -30.15 -40.55
C GLU A 67 2.80 -29.74 -40.43
N CYS A 68 3.27 -29.62 -39.19
CA CYS A 68 4.62 -29.14 -38.92
C CYS A 68 5.47 -30.28 -38.37
N LYS A 69 6.69 -30.39 -38.89
CA LYS A 69 7.59 -31.44 -38.51
C LYS A 69 8.29 -31.12 -37.19
N ALA A 70 8.99 -32.11 -36.66
CA ALA A 70 9.76 -31.90 -35.44
C ALA A 70 10.94 -30.98 -35.70
N SER A 71 11.15 -30.04 -34.80
CA SER A 71 12.25 -29.10 -34.89
C SER A 71 12.93 -29.00 -33.53
N SER A 72 14.21 -28.63 -33.56
CA SER A 72 15.01 -28.51 -32.35
C SER A 72 15.55 -27.08 -32.27
N ARG A 73 14.71 -26.16 -31.79
CA ARG A 73 15.12 -24.79 -31.51
C ARG A 73 14.54 -24.44 -30.15
N ALA A 74 15.31 -24.71 -29.10
CA ALA A 74 14.92 -24.54 -27.69
C ALA A 74 13.62 -25.30 -27.45
N ASP A 75 12.62 -24.71 -26.82
CA ASP A 75 11.35 -25.39 -26.57
C ASP A 75 10.44 -25.05 -27.74
N TYR A 76 10.55 -25.82 -28.81
CA TYR A 76 9.74 -25.60 -30.00
C TYR A 76 8.33 -26.11 -29.77
N THR A 77 7.36 -25.20 -29.90
CA THR A 77 5.95 -25.53 -29.76
C THR A 77 5.24 -25.16 -31.05
N CYS A 78 4.37 -26.03 -31.53
CA CYS A 78 3.70 -25.87 -32.80
C CYS A 78 2.28 -26.41 -32.72
N ARG A 79 1.36 -25.73 -33.39
CA ARG A 79 -0.02 -26.19 -33.38
C ARG A 79 -0.74 -25.72 -34.64
N VAL A 80 -1.64 -26.57 -35.13
CA VAL A 80 -2.35 -26.36 -36.39
C VAL A 80 -3.82 -26.14 -36.08
N PHE A 81 -4.40 -25.09 -36.67
CA PHE A 81 -5.80 -24.76 -36.50
C PHE A 81 -6.49 -24.81 -37.85
N GLY A 82 -7.65 -25.47 -37.89
CA GLY A 82 -8.47 -25.53 -39.08
C GLY A 82 -9.73 -24.70 -38.92
N GLY A 83 -10.35 -24.38 -40.06
CA GLY A 83 -11.58 -23.63 -40.06
C GLY A 83 -11.46 -22.20 -39.57
N VAL A 84 -10.42 -21.50 -39.99
CA VAL A 84 -10.24 -20.10 -39.66
C VAL A 84 -10.59 -19.27 -40.90
N TYR A 85 -10.54 -17.95 -40.75
CA TYR A 85 -10.69 -17.03 -41.87
C TYR A 85 -9.89 -15.78 -41.56
N PRO A 86 -8.58 -15.81 -41.77
CA PRO A 86 -7.73 -14.71 -41.32
C PRO A 86 -7.92 -13.44 -42.13
N PHE A 87 -7.73 -12.31 -41.45
CA PHE A 87 -7.79 -11.00 -42.07
C PHE A 87 -6.52 -10.23 -41.73
N MET A 88 -5.94 -9.60 -42.75
CA MET A 88 -4.91 -8.60 -42.58
C MET A 88 -5.51 -7.25 -43.00
N TRP A 89 -4.67 -6.23 -43.06
CA TRP A 89 -5.13 -4.96 -43.60
C TRP A 89 -5.29 -5.13 -45.11
N GLY A 90 -6.51 -5.38 -45.56
CA GLY A 90 -6.74 -5.64 -46.97
C GLY A 90 -7.94 -6.54 -47.19
N GLY A 91 -8.40 -7.20 -46.14
CA GLY A 91 -9.59 -8.00 -46.21
C GLY A 91 -9.25 -9.46 -46.04
N ALA A 92 -10.06 -10.31 -46.68
CA ALA A 92 -9.87 -11.75 -46.60
C ALA A 92 -8.52 -12.14 -47.20
N GLN A 93 -7.80 -12.99 -46.48
CA GLN A 93 -6.41 -13.25 -46.83
C GLN A 93 -6.23 -14.36 -47.85
N CYS A 94 -7.16 -15.30 -47.93
CA CYS A 94 -7.19 -16.14 -49.13
C CYS A 94 -8.63 -16.43 -49.47
N PHE A 95 -8.83 -17.37 -50.40
CA PHE A 95 -10.07 -17.56 -51.15
C PHE A 95 -10.92 -18.71 -50.65
N CYS A 96 -10.52 -19.39 -49.58
CA CYS A 96 -11.32 -20.48 -49.05
C CYS A 96 -11.97 -20.04 -47.73
N ASP A 97 -13.27 -20.25 -47.61
CA ASP A 97 -14.00 -19.72 -46.47
C ASP A 97 -13.99 -20.60 -45.23
N SER A 98 -13.90 -21.93 -45.39
CA SER A 98 -13.91 -22.82 -44.24
C SER A 98 -12.86 -23.91 -44.31
N GLU A 99 -12.09 -24.00 -45.39
CA GLU A 99 -11.04 -25.00 -45.54
C GLU A 99 -9.66 -24.37 -45.35
N ASN A 100 -9.60 -23.32 -44.55
CA ASN A 100 -8.38 -22.64 -44.18
C ASN A 100 -7.57 -23.49 -43.21
N THR A 101 -6.31 -23.11 -43.02
CA THR A 101 -5.44 -23.78 -42.07
C THR A 101 -4.32 -22.83 -41.67
N GLN A 102 -4.20 -22.58 -40.37
CA GLN A 102 -3.16 -21.73 -39.82
C GLN A 102 -2.22 -22.55 -38.96
N LEU A 103 -0.92 -22.41 -39.21
CA LEU A 103 0.11 -23.09 -38.44
C LEU A 103 0.80 -22.05 -37.58
N SER A 104 0.77 -22.26 -36.27
CA SER A 104 1.34 -21.34 -35.29
C SER A 104 2.55 -21.97 -34.64
N GLU A 105 3.64 -21.20 -34.56
CA GLU A 105 4.91 -21.64 -34.03
C GLU A 105 5.31 -20.75 -32.86
N ALA A 106 6.14 -21.29 -31.98
CA ALA A 106 6.66 -20.52 -30.85
C ALA A 106 7.93 -21.20 -30.35
N TYR A 107 8.97 -20.41 -30.11
CA TYR A 107 10.18 -20.91 -29.48
C TYR A 107 10.88 -19.75 -28.77
N VAL A 108 11.79 -20.10 -27.88
CA VAL A 108 12.50 -19.12 -27.07
C VAL A 108 13.96 -19.06 -27.51
N GLU A 109 14.62 -17.97 -27.16
CA GLU A 109 16.06 -17.83 -27.35
C GLU A 109 16.55 -16.80 -26.35
N PHE A 110 17.86 -16.58 -26.36
CA PHE A 110 18.45 -15.65 -25.41
C PHE A 110 18.09 -14.21 -25.77
N ALA A 111 17.83 -13.39 -24.75
CA ALA A 111 17.51 -11.99 -24.94
C ALA A 111 18.75 -11.24 -25.45
N PRO A 112 18.56 -10.12 -26.14
CA PRO A 112 19.71 -9.35 -26.62
C PRO A 112 20.60 -8.81 -25.51
N ASP A 113 20.04 -8.54 -24.34
CA ASP A 113 20.80 -8.02 -23.21
C ASP A 113 21.33 -9.13 -22.30
N CYS A 114 21.28 -10.38 -22.74
CA CYS A 114 21.76 -11.49 -21.93
C CYS A 114 23.27 -11.59 -21.89
N THR A 115 23.99 -10.82 -22.72
CA THR A 115 25.44 -10.81 -22.66
C THR A 115 25.96 -10.21 -21.37
N ILE A 116 25.17 -9.39 -20.69
CA ILE A 116 25.54 -8.81 -19.40
C ILE A 116 24.73 -9.45 -18.27
N ASP A 117 23.40 -9.45 -18.39
CA ASP A 117 22.52 -10.00 -17.36
C ASP A 117 22.35 -11.49 -17.62
N HIS A 118 23.25 -12.29 -17.05
CA HIS A 118 23.18 -13.74 -17.17
C HIS A 118 23.82 -14.35 -15.94
N ALA A 119 23.46 -15.61 -15.68
CA ALA A 119 23.98 -16.37 -14.55
C ALA A 119 24.62 -17.65 -15.04
N VAL A 120 25.77 -17.98 -14.46
CA VAL A 120 26.52 -19.18 -14.81
C VAL A 120 26.39 -20.17 -13.66
N ALA A 121 25.97 -21.39 -13.97
CA ALA A 121 25.81 -22.43 -12.96
C ALA A 121 27.04 -23.33 -12.96
N LEU A 122 27.65 -23.50 -11.78
CA LEU A 122 28.87 -24.26 -11.66
C LEU A 122 28.72 -25.36 -10.61
N LYS A 123 29.41 -26.48 -10.86
CA LYS A 123 29.58 -27.54 -9.89
C LYS A 123 30.95 -27.39 -9.26
N VAL A 124 31.00 -27.36 -7.94
CA VAL A 124 32.20 -27.02 -7.18
C VAL A 124 32.75 -28.27 -6.53
N HIS A 125 34.07 -28.44 -6.61
CA HIS A 125 34.79 -29.60 -6.12
C HIS A 125 35.71 -29.19 -4.97
N THR A 126 36.60 -30.09 -4.58
CA THR A 126 37.51 -29.86 -3.47
C THR A 126 38.38 -28.64 -3.72
N ALA A 127 38.54 -27.82 -2.69
CA ALA A 127 39.23 -26.54 -2.78
C ALA A 127 40.63 -26.64 -2.20
N ALA A 128 41.59 -26.06 -2.90
CA ALA A 128 42.98 -26.06 -2.48
C ALA A 128 43.34 -24.70 -1.90
N LEU A 129 44.01 -24.69 -0.74
CA LEU A 129 44.39 -23.46 -0.07
C LEU A 129 45.79 -23.04 -0.49
N LYS A 130 45.93 -21.79 -0.90
CA LYS A 130 47.23 -21.21 -1.24
C LYS A 130 47.42 -19.95 -0.43
N VAL A 131 48.55 -19.87 0.28
CA VAL A 131 48.80 -18.81 1.24
C VAL A 131 50.04 -18.03 0.83
N GLY A 132 50.00 -16.72 1.03
CA GLY A 132 51.18 -15.88 0.91
C GLY A 132 51.78 -15.66 2.28
N LEU A 133 53.07 -15.96 2.41
CA LEU A 133 53.77 -15.94 3.68
C LEU A 133 54.92 -14.96 3.65
N ARG A 134 55.04 -14.16 4.70
CA ARG A 134 56.21 -13.34 4.97
C ARG A 134 56.96 -13.98 6.13
N ILE A 135 58.22 -14.35 5.88
CA ILE A 135 59.07 -15.00 6.86
C ILE A 135 60.25 -14.08 7.14
N VAL A 136 60.41 -13.71 8.40
CA VAL A 136 61.53 -12.91 8.86
C VAL A 136 62.40 -13.80 9.73
N TYR A 137 63.63 -14.05 9.28
CA TYR A 137 64.60 -14.84 10.02
C TYR A 137 65.90 -14.06 10.08
N GLY A 138 66.42 -13.86 11.28
CA GLY A 138 67.60 -13.03 11.46
C GLY A 138 67.32 -11.61 11.02
N ASN A 139 68.11 -11.12 10.08
CA ASN A 139 67.92 -9.81 9.48
C ASN A 139 67.28 -9.89 8.10
N THR A 140 66.84 -11.08 7.69
CA THR A 140 66.37 -11.32 6.33
C THR A 140 64.86 -11.52 6.32
N THR A 141 64.17 -10.72 5.50
CA THR A 141 62.73 -10.82 5.31
C THR A 141 62.46 -11.30 3.89
N ALA A 142 61.68 -12.37 3.77
CA ALA A 142 61.35 -12.96 2.48
C ALA A 142 59.83 -13.09 2.34
N HIS A 143 59.37 -12.95 1.12
CA HIS A 143 57.96 -13.11 0.78
C HIS A 143 57.81 -14.23 -0.23
N LEU A 144 56.85 -15.11 -0.01
CA LEU A 144 56.64 -16.24 -0.90
C LEU A 144 55.15 -16.59 -0.91
N ASP A 145 54.78 -17.51 -1.79
CA ASP A 145 53.45 -18.12 -1.77
C ASP A 145 53.57 -19.62 -1.94
N THR A 146 52.66 -20.36 -1.34
CA THR A 146 52.77 -21.81 -1.33
C THR A 146 51.40 -22.46 -1.16
N PHE A 147 51.32 -23.72 -1.58
CA PHE A 147 50.07 -24.47 -1.47
C PHE A 147 50.03 -25.22 -0.15
N VAL A 148 48.86 -25.20 0.49
CA VAL A 148 48.68 -25.85 1.79
C VAL A 148 48.24 -27.27 1.49
N ASN A 149 49.21 -28.12 1.16
CA ASN A 149 48.93 -29.54 0.91
C ASN A 149 49.86 -30.50 1.62
N GLY A 150 51.05 -30.09 2.02
CA GLY A 150 52.00 -30.98 2.68
C GLY A 150 53.11 -31.49 1.80
N VAL A 151 53.03 -31.29 0.49
CA VAL A 151 54.05 -31.81 -0.42
C VAL A 151 54.66 -30.75 -1.33
N THR A 152 54.03 -29.59 -1.52
CA THR A 152 54.56 -28.61 -2.46
C THR A 152 55.75 -27.88 -1.85
N PRO A 153 56.92 -27.91 -2.49
CA PRO A 153 58.10 -27.24 -1.93
C PRO A 153 58.15 -25.75 -2.24
N GLY A 154 57.52 -24.92 -1.41
CA GLY A 154 57.62 -23.49 -1.61
C GLY A 154 59.04 -23.00 -1.41
N SER A 155 59.49 -22.12 -2.29
CA SER A 155 60.87 -21.69 -2.28
C SER A 155 60.96 -20.17 -2.38
N SER A 156 61.92 -19.59 -1.65
CA SER A 156 62.25 -18.18 -1.78
C SER A 156 63.74 -18.07 -1.49
N ARG A 157 64.53 -17.84 -2.54
CA ARG A 157 66.01 -17.95 -2.59
C ARG A 157 66.40 -19.27 -1.90
N ASP A 158 67.42 -19.28 -1.04
CA ASP A 158 67.81 -20.50 -0.34
C ASP A 158 66.84 -20.90 0.78
N LEU A 159 65.86 -20.06 1.10
CA LEU A 159 64.85 -20.42 2.08
C LEU A 159 63.85 -21.40 1.49
N LYS A 160 63.55 -22.48 2.21
CA LYS A 160 62.60 -23.48 1.73
C LYS A 160 61.49 -23.67 2.75
N VAL A 161 60.32 -24.08 2.27
CA VAL A 161 59.16 -24.24 3.15
C VAL A 161 58.27 -25.34 2.61
N ILE A 162 57.72 -26.14 3.52
CA ILE A 162 56.69 -27.13 3.21
C ILE A 162 55.48 -26.79 4.07
N ALA A 163 54.38 -26.41 3.43
CA ALA A 163 53.16 -26.06 4.15
C ALA A 163 52.32 -27.32 4.32
N GLY A 164 52.25 -27.82 5.55
CA GLY A 164 51.56 -29.06 5.84
C GLY A 164 50.07 -28.94 5.65
N PRO A 165 49.37 -30.08 5.67
CA PRO A 165 47.92 -30.06 5.42
C PRO A 165 47.17 -29.28 6.50
N ILE A 166 46.09 -28.62 6.08
CA ILE A 166 45.30 -27.79 6.98
C ILE A 166 44.62 -28.66 8.02
N SER A 167 44.45 -28.13 9.23
CA SER A 167 43.89 -28.91 10.33
C SER A 167 42.42 -29.24 10.08
N ALA A 168 41.65 -28.30 9.55
CA ALA A 168 40.24 -28.49 9.28
C ALA A 168 39.97 -28.20 7.80
N ALA A 169 39.19 -29.08 7.17
CA ALA A 169 38.81 -28.91 5.77
C ALA A 169 37.52 -28.10 5.72
N PHE A 170 37.63 -26.85 5.27
CA PHE A 170 36.49 -25.94 5.20
C PHE A 170 36.40 -25.38 3.80
N SER A 171 35.16 -25.27 3.29
CA SER A 171 34.89 -24.65 2.01
C SER A 171 33.60 -23.85 2.15
N PRO A 172 33.63 -22.55 1.89
CA PRO A 172 32.40 -21.76 1.97
C PRO A 172 31.41 -22.08 0.86
N PHE A 173 31.85 -22.70 -0.22
CA PHE A 173 30.97 -23.01 -1.34
C PHE A 173 30.33 -24.38 -1.17
N ASP A 174 29.10 -24.49 -1.63
CA ASP A 174 28.40 -25.77 -1.67
C ASP A 174 28.84 -26.52 -2.92
N HIS A 175 28.17 -27.65 -3.21
CA HIS A 175 28.49 -28.40 -4.41
C HIS A 175 28.03 -27.67 -5.67
N LYS A 176 26.99 -26.86 -5.57
CA LYS A 176 26.41 -26.15 -6.70
C LYS A 176 26.35 -24.66 -6.38
N VAL A 177 26.95 -23.84 -7.24
CA VAL A 177 26.92 -22.39 -7.07
C VAL A 177 26.43 -21.73 -8.35
N VAL A 178 25.99 -20.48 -8.22
CA VAL A 178 25.54 -19.67 -9.33
C VAL A 178 26.22 -18.31 -9.23
N ILE A 179 26.86 -17.88 -10.31
CA ILE A 179 27.49 -16.56 -10.36
C ILE A 179 26.69 -15.66 -11.27
N ARG A 180 26.28 -14.51 -10.73
CA ARG A 180 25.60 -13.45 -11.47
C ARG A 180 26.29 -12.13 -11.18
N LYS A 181 26.99 -11.60 -12.20
CA LYS A 181 27.53 -10.23 -12.18
C LYS A 181 28.46 -10.00 -10.99
N GLY A 182 29.26 -11.00 -10.66
CA GLY A 182 30.17 -10.92 -9.54
C GLY A 182 29.62 -11.42 -8.22
N PHE A 183 28.32 -11.64 -8.12
CA PHE A 183 27.72 -12.19 -6.92
C PHE A 183 27.66 -13.70 -7.02
N VAL A 184 27.94 -14.37 -5.89
CA VAL A 184 27.98 -15.82 -5.83
C VAL A 184 26.92 -16.30 -4.86
N TYR A 185 26.10 -17.25 -5.31
CA TYR A 185 25.02 -17.79 -4.51
C TYR A 185 25.16 -19.31 -4.41
N ASN A 186 24.93 -19.84 -3.21
CA ASN A 186 24.89 -21.29 -3.02
C ASN A 186 23.48 -21.76 -3.33
N TYR A 187 23.21 -21.93 -4.62
CA TYR A 187 21.90 -22.31 -5.12
C TYR A 187 21.95 -23.70 -5.73
N ASP A 188 20.91 -24.49 -5.48
CA ASP A 188 20.82 -25.85 -5.99
C ASP A 188 20.04 -25.82 -7.31
N PHE A 189 20.75 -25.46 -8.38
CA PHE A 189 20.13 -25.38 -9.69
C PHE A 189 19.84 -26.78 -10.23
N PRO A 190 18.83 -26.91 -11.10
CA PRO A 190 18.60 -28.20 -11.75
C PRO A 190 19.72 -28.56 -12.70
N GLU A 191 19.87 -29.86 -12.94
CA GLU A 191 20.92 -30.36 -13.81
C GLU A 191 20.64 -29.98 -15.26
N TYR A 192 21.65 -30.16 -16.10
CA TYR A 192 21.51 -29.84 -17.52
C TYR A 192 20.56 -30.82 -18.17
N GLY A 193 19.53 -30.29 -18.83
CA GLY A 193 18.49 -31.09 -19.42
C GLY A 193 17.25 -31.23 -18.58
N ALA A 194 17.35 -30.98 -17.28
CA ALA A 194 16.21 -31.07 -16.36
C ALA A 194 15.57 -29.71 -16.14
N MET A 195 15.08 -29.09 -17.22
CA MET A 195 14.49 -27.76 -17.12
C MET A 195 13.13 -27.84 -16.45
N LYS A 196 12.78 -26.80 -15.70
CA LYS A 196 11.47 -26.69 -15.10
C LYS A 196 10.88 -25.32 -15.40
N PRO A 197 9.61 -25.25 -15.78
CA PRO A 197 9.00 -23.95 -16.09
C PRO A 197 8.84 -23.10 -14.84
N GLY A 198 9.08 -21.80 -15.00
CA GLY A 198 8.90 -20.87 -13.90
C GLY A 198 9.95 -20.92 -12.81
N ALA A 199 11.05 -21.65 -13.04
CA ALA A 199 12.10 -21.78 -12.05
C ALA A 199 13.45 -21.48 -12.70
N PHE A 200 14.47 -21.36 -11.86
CA PHE A 200 15.82 -21.08 -12.33
C PHE A 200 16.31 -22.22 -13.22
N GLY A 201 16.97 -21.85 -14.32
CA GLY A 201 17.41 -22.85 -15.27
C GLY A 201 16.32 -23.35 -16.19
N ASP A 202 15.29 -22.54 -16.45
CA ASP A 202 14.26 -22.94 -17.38
C ASP A 202 14.76 -22.95 -18.82
N ILE A 203 15.78 -22.14 -19.12
CA ILE A 203 16.48 -22.16 -20.40
C ILE A 203 17.96 -22.37 -20.11
N GLN A 204 18.60 -23.26 -20.87
CA GLN A 204 19.99 -23.61 -20.65
C GLN A 204 20.73 -23.72 -21.97
N ALA A 205 22.03 -23.38 -21.92
CA ALA A 205 22.93 -23.57 -23.04
C ALA A 205 24.34 -23.65 -22.50
N SER A 206 25.23 -24.23 -23.31
CA SER A 206 26.63 -24.31 -22.92
C SER A 206 27.30 -22.94 -22.91
N SER A 207 26.89 -22.06 -23.81
CA SER A 207 27.42 -20.71 -23.87
C SER A 207 26.31 -19.78 -24.37
N LEU A 208 26.55 -18.47 -24.20
CA LEU A 208 25.56 -17.48 -24.62
C LEU A 208 25.38 -17.44 -26.13
N ASP A 209 26.40 -17.81 -26.90
CA ASP A 209 26.32 -17.84 -28.35
C ASP A 209 26.09 -19.24 -28.91
N ALA A 210 25.82 -20.22 -28.05
CA ALA A 210 25.63 -21.59 -28.51
C ALA A 210 24.29 -21.74 -29.23
N THR A 211 24.29 -22.60 -30.25
CA THR A 211 23.07 -22.90 -30.99
C THR A 211 22.31 -24.09 -30.42
N ASP A 212 22.89 -24.81 -29.46
CA ASP A 212 22.24 -25.96 -28.84
C ASP A 212 21.45 -25.59 -27.59
N ILE A 213 20.63 -24.55 -27.71
CA ILE A 213 19.83 -24.07 -26.60
C ILE A 213 18.69 -25.06 -26.33
N VAL A 214 18.48 -25.37 -25.05
CA VAL A 214 17.38 -26.23 -24.63
C VAL A 214 16.58 -25.50 -23.57
N ALA A 215 15.26 -25.68 -23.60
CA ALA A 215 14.37 -25.01 -22.66
C ALA A 215 13.10 -25.82 -22.50
N ARG A 216 12.37 -25.53 -21.42
CA ARG A 216 11.08 -26.15 -21.18
C ARG A 216 10.09 -25.12 -20.62
N THR A 217 10.06 -23.94 -21.22
CA THR A 217 9.10 -22.92 -20.82
C THR A 217 7.71 -23.31 -21.30
N ASP A 218 6.74 -23.26 -20.40
CA ASP A 218 5.42 -23.86 -20.66
C ASP A 218 4.65 -22.98 -21.64
N ILE A 219 4.95 -23.14 -22.92
CA ILE A 219 4.27 -22.42 -23.97
C ILE A 219 3.00 -23.16 -24.35
N ARG A 220 1.88 -22.45 -24.37
CA ARG A 220 0.58 -23.02 -24.76
C ARG A 220 0.00 -22.16 -25.86
N LEU A 221 -0.04 -22.69 -27.07
CA LEU A 221 -0.62 -21.97 -28.20
C LEU A 221 -2.13 -22.14 -28.19
N LEU A 222 -2.86 -21.03 -28.34
CA LEU A 222 -4.31 -21.04 -28.24
C LEU A 222 -4.93 -20.81 -29.61
N LYS A 223 -6.17 -21.25 -29.74
CA LYS A 223 -6.93 -21.03 -30.97
C LYS A 223 -7.23 -19.55 -31.13
N PRO A 224 -7.02 -18.97 -32.32
CA PRO A 224 -7.30 -17.54 -32.50
C PRO A 224 -8.80 -17.26 -32.39
N SER A 225 -9.16 -16.36 -31.48
CA SER A 225 -10.56 -16.03 -31.24
C SER A 225 -11.08 -15.01 -32.23
N VAL A 226 -10.43 -13.84 -32.31
CA VAL A 226 -10.86 -12.84 -33.29
C VAL A 226 -10.37 -13.24 -34.67
N LYS A 227 -10.92 -12.55 -35.68
CA LYS A 227 -10.69 -12.91 -37.08
C LYS A 227 -9.47 -12.22 -37.67
N ASN A 228 -8.36 -12.25 -36.94
CA ASN A 228 -7.12 -11.64 -37.40
C ASN A 228 -6.03 -12.70 -37.46
N ILE A 229 -4.80 -12.24 -37.68
CA ILE A 229 -3.70 -13.12 -38.05
C ILE A 229 -2.73 -13.31 -36.90
N HIS A 230 -2.96 -12.67 -35.75
CA HIS A 230 -2.04 -12.76 -34.64
C HIS A 230 -2.05 -14.18 -34.06
N VAL A 231 -0.98 -14.52 -33.37
CA VAL A 231 -0.83 -15.83 -32.75
C VAL A 231 -1.05 -15.69 -31.25
N PRO A 232 -2.18 -16.13 -30.71
CA PRO A 232 -2.39 -16.03 -29.27
C PRO A 232 -1.70 -17.16 -28.53
N TYR A 233 -1.06 -16.83 -27.42
CA TYR A 233 -0.32 -17.80 -26.64
C TYR A 233 -0.20 -17.33 -25.22
N THR A 234 -0.07 -18.28 -24.30
CA THR A 234 0.28 -18.02 -22.91
C THR A 234 1.54 -18.78 -22.57
N GLN A 235 2.31 -18.23 -21.64
CA GLN A 235 3.60 -18.80 -21.26
C GLN A 235 3.81 -18.64 -19.77
N ALA A 236 4.63 -19.53 -19.21
CA ALA A 236 5.05 -19.39 -17.82
C ALA A 236 5.98 -18.20 -17.67
N VAL A 237 6.03 -17.66 -16.45
CA VAL A 237 6.91 -16.53 -16.18
C VAL A 237 8.36 -16.99 -16.25
N SER A 238 9.24 -16.05 -16.61
CA SER A 238 10.67 -16.34 -16.69
C SER A 238 11.21 -16.71 -15.32
N GLY A 239 11.70 -17.94 -15.19
CA GLY A 239 12.23 -18.39 -13.93
C GLY A 239 13.51 -17.70 -13.51
N TYR A 240 14.26 -17.17 -14.48
CA TYR A 240 15.42 -16.35 -14.16
C TYR A 240 15.01 -15.08 -13.41
N GLU A 241 13.95 -14.43 -13.87
CA GLU A 241 13.45 -13.25 -13.17
C GLU A 241 12.91 -13.61 -11.79
N MET A 242 12.24 -14.76 -11.68
CA MET A 242 11.75 -15.21 -10.38
C MET A 242 12.89 -15.48 -9.42
N TRP A 243 13.98 -16.06 -9.91
CA TRP A 243 15.14 -16.28 -9.04
C TRP A 243 15.79 -14.96 -8.67
N LYS A 244 15.82 -14.00 -9.59
CA LYS A 244 16.29 -12.66 -9.27
C LYS A 244 15.45 -12.00 -8.18
N ASN A 245 14.15 -12.29 -8.16
CA ASN A 245 13.26 -11.66 -7.18
C ASN A 245 13.58 -12.13 -5.76
N ASN A 246 13.91 -13.41 -5.60
CA ASN A 246 14.13 -13.99 -4.27
C ASN A 246 15.45 -14.76 -4.23
N SER A 247 16.51 -14.14 -4.72
CA SER A 247 17.84 -14.76 -4.68
C SER A 247 18.43 -14.78 -3.28
N GLY A 248 17.94 -13.95 -2.38
CA GLY A 248 18.55 -13.83 -1.08
C GLY A 248 19.86 -13.06 -1.13
N ARG A 249 20.64 -13.24 -0.09
CA ARG A 249 21.90 -12.51 -0.12
C ARG A 249 23.02 -13.40 -0.66
N PRO A 250 23.99 -12.82 -1.38
CA PRO A 250 25.08 -13.63 -1.94
C PRO A 250 26.06 -14.11 -0.87
N LEU A 251 27.03 -14.92 -1.28
CA LEU A 251 28.02 -15.43 -0.34
C LEU A 251 29.01 -14.36 0.10
N GLN A 252 29.05 -13.21 -0.59
CA GLN A 252 29.89 -12.11 -0.13
C GLN A 252 29.43 -11.54 1.20
N GLU A 253 28.16 -11.73 1.56
CA GLU A 253 27.61 -11.29 2.83
C GLU A 253 27.31 -12.42 3.79
N THR A 254 27.12 -13.64 3.30
CA THR A 254 26.81 -14.80 4.12
C THR A 254 27.89 -15.85 3.89
N ALA A 255 28.98 -15.77 4.66
CA ALA A 255 30.07 -16.72 4.51
C ALA A 255 30.70 -16.95 5.88
N PRO A 256 30.93 -18.21 6.27
CA PRO A 256 31.61 -18.48 7.53
C PRO A 256 33.05 -18.03 7.50
N PHE A 257 33.60 -17.80 8.70
CA PHE A 257 34.99 -17.42 8.94
C PHE A 257 35.36 -16.07 8.36
N GLY A 258 34.38 -15.30 7.88
CA GLY A 258 34.57 -13.91 7.51
C GLY A 258 35.56 -13.63 6.41
N CYS A 259 35.47 -14.35 5.29
CA CYS A 259 36.36 -14.11 4.18
C CYS A 259 35.61 -13.72 2.92
N LYS A 260 36.32 -12.99 2.05
CA LYS A 260 35.69 -12.29 0.94
C LYS A 260 35.62 -13.19 -0.28
N ILE A 261 34.48 -13.20 -0.95
CA ILE A 261 34.30 -14.07 -2.10
C ILE A 261 34.54 -13.26 -3.37
N GLU A 262 35.42 -13.76 -4.24
CA GLU A 262 35.72 -13.09 -5.50
C GLU A 262 35.45 -14.03 -6.66
N VAL A 263 35.21 -13.44 -7.82
CA VAL A 263 35.02 -14.17 -9.06
C VAL A 263 36.23 -13.93 -9.96
N GLU A 264 36.33 -14.75 -11.01
CA GLU A 264 37.39 -14.71 -12.03
C GLU A 264 38.78 -14.79 -11.43
N PRO A 265 39.21 -15.93 -10.88
CA PRO A 265 38.48 -17.19 -10.69
C PRO A 265 37.65 -17.15 -9.41
N LEU A 266 36.74 -18.11 -9.22
CA LEU A 266 35.94 -18.19 -8.01
C LEU A 266 36.85 -18.57 -6.84
N ARG A 267 37.01 -17.66 -5.89
CA ARG A 267 37.93 -17.87 -4.78
C ARG A 267 37.40 -17.23 -3.51
N ALA A 268 37.93 -17.69 -2.38
CA ALA A 268 37.67 -17.11 -1.07
C ALA A 268 38.99 -16.59 -0.52
N SER A 269 39.03 -15.29 -0.21
CA SER A 269 40.26 -14.62 0.19
C SER A 269 40.21 -14.28 1.68
N ASN A 270 41.30 -14.63 2.37
CA ASN A 270 41.55 -14.30 3.78
C ASN A 270 40.57 -15.01 4.74
N CYS A 271 40.49 -16.33 4.62
CA CYS A 271 39.74 -17.12 5.58
C CYS A 271 40.63 -17.57 6.73
N ALA A 272 40.13 -17.41 7.95
CA ALA A 272 40.84 -17.78 9.17
C ALA A 272 40.07 -18.92 9.82
N TYR A 273 40.48 -20.16 9.55
CA TYR A 273 39.69 -21.30 10.00
C TYR A 273 40.51 -22.47 10.53
N GLY A 274 41.82 -22.32 10.76
CA GLY A 274 42.56 -23.45 11.26
C GLY A 274 44.02 -23.19 11.58
N HIS A 275 44.85 -24.23 11.44
CA HIS A 275 46.27 -24.13 11.71
C HIS A 275 47.04 -24.78 10.57
N ILE A 276 48.13 -24.16 10.15
CA ILE A 276 48.99 -24.65 9.08
C ILE A 276 50.29 -25.15 9.72
N PRO A 277 50.58 -26.44 9.65
CA PRO A 277 51.93 -26.90 10.00
C PRO A 277 52.92 -26.47 8.93
N ILE A 278 54.08 -25.99 9.38
CA ILE A 278 55.11 -25.44 8.51
C ILE A 278 56.42 -26.15 8.82
N SER A 279 57.00 -26.79 7.82
CA SER A 279 58.37 -27.30 7.89
C SER A 279 59.27 -26.32 7.17
N ILE A 280 59.99 -25.51 7.94
CA ILE A 280 60.82 -24.43 7.40
C ILE A 280 62.26 -24.93 7.32
N ASP A 281 62.94 -24.58 6.23
CA ASP A 281 64.34 -24.91 6.01
C ASP A 281 65.10 -23.61 5.85
N ILE A 282 65.95 -23.33 6.83
CA ILE A 282 66.67 -22.06 7.00
C ILE A 282 68.13 -22.29 6.63
N PRO A 283 68.74 -21.43 5.82
CA PRO A 283 70.17 -21.57 5.54
C PRO A 283 71.01 -21.32 6.78
N ASP A 284 72.18 -21.96 6.80
CA ASP A 284 73.09 -21.82 7.94
C ASP A 284 73.78 -20.46 7.97
N ALA A 285 73.71 -19.68 6.89
CA ALA A 285 74.31 -18.36 6.89
C ALA A 285 73.58 -17.41 7.83
N ALA A 286 72.28 -17.61 8.03
CA ALA A 286 71.53 -16.76 8.95
C ALA A 286 71.95 -17.03 10.40
N PHE A 287 72.28 -18.28 10.72
CA PHE A 287 72.76 -18.61 12.05
C PHE A 287 74.14 -18.02 12.28
N VAL A 288 74.40 -17.59 13.52
CA VAL A 288 75.70 -17.07 13.91
C VAL A 288 76.17 -17.84 15.14
N ARG A 289 77.48 -17.83 15.34
CA ARG A 289 78.08 -18.57 16.46
C ARG A 289 77.72 -17.92 17.79
N SER A 290 77.69 -18.76 18.83
CA SER A 290 77.38 -18.25 20.17
C SER A 290 78.48 -17.36 20.70
N SER A 291 79.73 -17.58 20.28
CA SER A 291 80.84 -16.74 20.70
C SER A 291 80.69 -15.32 20.15
N GLU A 292 80.28 -15.20 18.88
CA GLU A 292 80.10 -13.88 18.28
C GLU A 292 78.85 -13.20 18.79
N SER A 293 77.84 -13.96 19.20
CA SER A 293 76.62 -13.37 19.73
C SER A 293 76.87 -12.84 21.13
N PRO A 294 76.21 -11.74 21.51
CA PRO A 294 76.32 -11.24 22.88
C PRO A 294 75.76 -12.23 23.88
N THR A 295 76.39 -12.26 25.06
CA THR A 295 76.02 -13.18 26.12
C THR A 295 75.74 -12.39 27.39
N ILE A 296 74.62 -12.69 28.03
CA ILE A 296 74.24 -12.03 29.28
C ILE A 296 74.53 -12.98 30.44
N LEU A 297 74.77 -12.39 31.61
CA LEU A 297 75.04 -13.19 32.80
C LEU A 297 73.78 -13.43 33.62
N GLU A 298 73.13 -12.37 34.08
CA GLU A 298 71.82 -12.50 34.72
C GLU A 298 70.89 -11.43 34.17
N VAL A 299 69.60 -11.71 34.25
CA VAL A 299 68.58 -10.79 33.77
C VAL A 299 67.33 -10.97 34.62
N SER A 300 66.63 -9.86 34.89
CA SER A 300 65.39 -9.89 35.63
C SER A 300 64.33 -9.10 34.87
N CYS A 301 63.07 -9.34 35.18
CA CYS A 301 61.99 -8.58 34.56
C CYS A 301 60.98 -8.15 35.61
N THR A 302 60.40 -6.97 35.38
CA THR A 302 59.25 -6.54 36.18
C THR A 302 58.19 -6.00 35.21
N VAL A 303 56.95 -6.36 35.44
CA VAL A 303 55.89 -5.99 34.52
C VAL A 303 55.10 -4.83 35.12
N ALA A 304 54.52 -4.02 34.25
CA ALA A 304 53.73 -2.86 34.64
C ALA A 304 52.43 -2.83 33.85
N ASP A 305 51.40 -2.32 34.54
CA ASP A 305 50.03 -2.04 34.04
C ASP A 305 49.53 -3.09 33.05
N CYS A 306 49.61 -4.35 33.47
CA CYS A 306 49.14 -5.45 32.64
C CYS A 306 47.62 -5.40 32.46
N ILE A 307 47.19 -5.72 31.25
CA ILE A 307 45.77 -5.77 30.91
C ILE A 307 45.61 -6.76 29.77
N TYR A 308 44.72 -7.74 29.94
CA TYR A 308 44.57 -8.78 28.93
C TYR A 308 43.50 -8.36 27.93
N SER A 309 43.91 -8.15 26.69
CA SER A 309 43.05 -7.61 25.66
C SER A 309 43.64 -7.96 24.30
N ALA A 310 42.95 -7.54 23.24
CA ALA A 310 43.40 -7.86 21.89
C ALA A 310 44.65 -7.08 21.52
N ASP A 311 44.77 -5.83 21.97
CA ASP A 311 45.90 -4.99 21.62
C ASP A 311 47.10 -5.35 22.50
N PHE A 312 48.21 -4.65 22.30
CA PHE A 312 49.43 -4.88 23.08
C PHE A 312 49.33 -4.13 24.41
N GLY A 313 48.43 -4.62 25.27
CA GLY A 313 48.20 -4.00 26.55
C GLY A 313 49.06 -4.63 27.63
N GLY A 314 49.70 -3.79 28.43
CA GLY A 314 50.62 -4.26 29.44
C GLY A 314 52.05 -4.22 28.97
N SER A 315 52.96 -3.79 29.84
CA SER A 315 54.36 -3.63 29.45
C SER A 315 55.25 -4.37 30.44
N LEU A 316 56.52 -4.52 30.07
CA LEU A 316 57.49 -5.13 30.96
C LEU A 316 58.85 -4.47 30.75
N THR A 317 59.70 -4.59 31.76
CA THR A 317 61.04 -4.03 31.74
C THR A 317 62.04 -5.13 32.08
N LEU A 318 63.03 -5.31 31.21
CA LEU A 318 64.12 -6.25 31.40
C LEU A 318 65.34 -5.47 31.88
N GLN A 319 65.81 -5.82 33.08
CA GLN A 319 67.06 -5.31 33.63
C GLN A 319 68.13 -6.38 33.39
N TYR A 320 69.11 -6.06 32.56
CA TYR A 320 70.13 -7.01 32.14
C TYR A 320 71.52 -6.57 32.62
N LYS A 321 72.46 -7.50 32.49
CA LYS A 321 73.85 -7.30 32.90
C LYS A 321 74.79 -7.80 31.79
N ALA A 322 74.54 -7.34 30.56
CA ALA A 322 75.18 -7.90 29.40
C ALA A 322 76.63 -7.45 29.28
N ASP A 323 77.33 -8.07 28.32
CA ASP A 323 78.66 -7.69 27.90
C ASP A 323 78.75 -7.88 26.40
N ARG A 324 79.89 -7.46 25.82
CA ARG A 324 80.20 -7.49 24.38
C ARG A 324 79.02 -7.00 23.55
N GLU A 325 78.71 -5.70 23.68
CA GLU A 325 77.47 -5.09 23.22
C GLU A 325 77.19 -5.37 21.76
N GLY A 326 75.89 -5.44 21.43
CA GLY A 326 75.47 -5.73 20.07
C GLY A 326 73.98 -5.93 19.92
N HIS A 327 73.61 -6.93 19.12
CA HIS A 327 72.22 -7.21 18.79
C HIS A 327 71.79 -8.52 19.44
N CYS A 328 70.55 -8.56 19.95
CA CYS A 328 70.09 -9.76 20.64
C CYS A 328 68.59 -9.94 20.45
N PRO A 329 68.13 -11.15 20.15
CA PRO A 329 66.69 -11.39 20.05
C PRO A 329 66.06 -11.63 21.42
N VAL A 330 64.78 -11.30 21.51
CA VAL A 330 63.99 -11.51 22.72
C VAL A 330 62.75 -12.29 22.32
N HIS A 331 62.31 -13.20 23.20
CA HIS A 331 61.20 -14.09 22.87
C HIS A 331 60.37 -14.33 24.11
N SER A 332 59.08 -14.61 23.90
CA SER A 332 58.18 -15.05 24.96
C SER A 332 57.92 -16.54 24.79
N HIS A 333 58.15 -17.30 25.86
CA HIS A 333 58.04 -18.76 25.83
C HIS A 333 56.68 -19.26 26.32
N SER A 334 55.63 -18.49 26.09
CA SER A 334 54.28 -18.89 26.43
C SER A 334 53.38 -18.77 25.22
N THR A 335 52.47 -19.72 25.07
CA THR A 335 51.47 -19.67 23.99
C THR A 335 50.37 -18.65 24.26
N THR A 336 50.31 -18.11 25.47
CA THR A 336 49.28 -17.14 25.85
C THR A 336 49.75 -15.70 25.74
N ALA A 337 51.03 -15.43 26.00
CA ALA A 337 51.58 -14.09 25.91
C ALA A 337 52.53 -14.00 24.73
N VAL A 338 52.42 -12.92 23.98
CA VAL A 338 53.26 -12.69 22.79
C VAL A 338 53.86 -11.30 22.89
N LEU A 339 55.12 -11.17 22.46
CA LEU A 339 55.82 -9.89 22.52
C LEU A 339 55.65 -9.13 21.21
N LYS A 340 55.49 -7.81 21.33
CA LYS A 340 55.41 -6.97 20.13
C LYS A 340 56.76 -6.90 19.42
N GLU A 341 57.84 -6.82 20.16
CA GLU A 341 59.19 -6.73 19.61
C GLU A 341 59.85 -8.11 19.61
N ALA A 342 60.70 -8.32 18.62
CA ALA A 342 61.42 -9.58 18.46
C ALA A 342 62.91 -9.47 18.73
N THR A 343 63.54 -8.38 18.30
CA THR A 343 64.97 -8.18 18.50
C THR A 343 65.20 -6.81 19.11
N THR A 344 66.39 -6.62 19.66
CA THR A 344 66.74 -5.36 20.31
C THR A 344 68.25 -5.18 20.29
N HIS A 345 68.68 -3.97 20.65
CA HIS A 345 70.10 -3.67 20.80
C HIS A 345 70.42 -3.68 22.29
N VAL A 346 71.41 -4.48 22.69
CA VAL A 346 71.76 -4.65 24.09
C VAL A 346 73.19 -4.17 24.30
N THR A 347 73.40 -3.47 25.42
CA THR A 347 74.71 -2.92 25.73
C THR A 347 74.89 -2.82 27.24
N ALA A 348 76.08 -3.22 27.71
CA ALA A 348 76.58 -3.05 29.07
C ALA A 348 75.58 -3.42 30.15
N VAL A 349 75.23 -2.45 31.00
CA VAL A 349 74.24 -2.62 32.06
C VAL A 349 73.12 -1.64 31.80
N GLY A 350 71.89 -2.14 31.76
CA GLY A 350 70.76 -1.27 31.53
C GLY A 350 69.47 -2.06 31.50
N SER A 351 68.38 -1.33 31.29
CA SER A 351 67.05 -1.90 31.22
C SER A 351 66.34 -1.41 29.96
N ILE A 352 65.58 -2.31 29.36
CA ILE A 352 64.79 -1.99 28.17
C ILE A 352 63.34 -2.35 28.44
N THR A 353 62.44 -1.73 27.69
CA THR A 353 61.01 -1.96 27.84
C THR A 353 60.45 -2.68 26.62
N LEU A 354 59.47 -3.54 26.86
CA LEU A 354 58.80 -4.28 25.81
C LEU A 354 57.29 -4.27 26.07
N HIS A 355 56.52 -4.46 25.01
CA HIS A 355 55.08 -4.52 25.08
C HIS A 355 54.62 -5.91 24.69
N PHE A 356 53.65 -6.45 25.44
CA PHE A 356 53.18 -7.80 25.21
C PHE A 356 51.65 -7.81 25.24
N SER A 357 51.09 -8.80 24.56
CA SER A 357 49.65 -9.04 24.54
C SER A 357 49.37 -10.44 25.05
N THR A 358 48.35 -10.55 25.91
CA THR A 358 48.02 -11.83 26.51
C THR A 358 46.51 -11.91 26.69
N SER A 359 46.02 -13.14 26.85
CA SER A 359 44.61 -13.39 27.13
C SER A 359 44.37 -13.92 28.54
N SER A 360 45.42 -14.42 29.22
CA SER A 360 45.27 -14.87 30.59
C SER A 360 45.09 -13.68 31.52
N PRO A 361 44.37 -13.86 32.63
CA PRO A 361 44.24 -12.76 33.61
C PRO A 361 45.48 -12.52 34.45
N GLN A 362 46.59 -13.17 34.14
CA GLN A 362 47.85 -12.99 34.83
C GLN A 362 48.99 -13.04 33.83
N ALA A 363 50.11 -12.41 34.19
CA ALA A 363 51.33 -12.45 33.40
C ALA A 363 52.37 -13.16 34.23
N ASN A 364 52.41 -14.49 34.13
CA ASN A 364 53.45 -15.31 34.74
C ASN A 364 54.05 -16.28 33.72
N PHE A 365 54.98 -15.76 32.94
CA PHE A 365 55.54 -16.51 31.83
C PHE A 365 57.04 -16.33 31.76
N ILE A 366 57.64 -16.94 30.75
CA ILE A 366 59.09 -16.99 30.59
C ILE A 366 59.48 -16.10 29.41
N VAL A 367 60.39 -15.16 29.66
CA VAL A 367 60.94 -14.29 28.63
C VAL A 367 62.41 -14.65 28.46
N SER A 368 62.80 -14.96 27.22
CA SER A 368 64.17 -15.32 26.91
C SER A 368 64.86 -14.14 26.25
N LEU A 369 65.96 -13.69 26.84
CA LEU A 369 66.83 -12.68 26.28
C LEU A 369 68.18 -13.31 25.99
N CYS A 370 68.63 -13.22 24.74
CA CYS A 370 69.90 -13.80 24.26
C CYS A 370 70.01 -15.29 24.55
N GLY A 371 68.87 -15.96 24.70
CA GLY A 371 68.88 -17.38 25.02
C GLY A 371 68.59 -17.69 26.48
N LYS A 372 68.91 -16.77 27.38
CA LYS A 372 68.74 -17.06 28.80
C LYS A 372 67.36 -16.60 29.27
N LYS A 373 66.74 -17.44 30.08
CA LYS A 373 65.34 -17.30 30.46
C LYS A 373 65.19 -16.53 31.78
N SER A 374 64.06 -15.85 31.90
CA SER A 374 63.67 -15.17 33.13
C SER A 374 62.17 -15.31 33.29
N THR A 375 61.70 -15.15 34.52
CA THR A 375 60.29 -15.35 34.86
C THR A 375 59.65 -14.03 35.22
N CYS A 376 58.57 -13.68 34.52
CA CYS A 376 57.77 -12.51 34.82
C CYS A 376 56.49 -12.98 35.51
N ASN A 377 56.14 -12.35 36.64
CA ASN A 377 55.06 -12.85 37.49
C ASN A 377 54.33 -11.65 38.08
N ALA A 378 53.07 -11.46 37.67
CA ALA A 378 52.11 -10.59 38.32
C ALA A 378 50.72 -10.91 37.80
N GLU A 379 49.74 -10.13 38.24
CA GLU A 379 48.35 -10.30 37.82
C GLU A 379 47.97 -9.19 36.85
N CYS A 380 46.92 -9.45 36.06
CA CYS A 380 46.53 -8.58 34.97
C CYS A 380 45.07 -8.17 35.13
N LYS A 381 44.74 -6.93 34.67
CA LYS A 381 43.41 -6.39 34.89
C LYS A 381 42.53 -6.61 33.66
N PRO A 382 41.21 -6.71 33.85
CA PRO A 382 40.31 -6.78 32.70
C PRO A 382 40.28 -5.46 31.95
N PRO A 383 40.03 -5.49 30.64
CA PRO A 383 39.94 -4.24 29.88
C PRO A 383 38.69 -3.45 30.22
N ALA A 384 38.79 -2.13 30.03
CA ALA A 384 37.65 -1.25 30.30
C ALA A 384 36.67 -1.23 29.14
N ASP A 385 37.16 -0.96 27.93
CA ASP A 385 36.30 -0.97 26.75
C ASP A 385 35.90 -2.40 26.37
N HIS A 386 34.74 -2.54 25.74
CA HIS A 386 34.21 -3.86 25.44
C HIS A 386 34.53 -4.30 24.01
N ILE A 387 34.59 -3.35 23.07
CA ILE A 387 34.69 -3.64 21.65
C ILE A 387 35.97 -3.00 21.11
N ILE A 388 36.77 -3.80 20.41
CA ILE A 388 38.02 -3.35 19.83
C ILE A 388 37.99 -3.69 18.33
N GLY A 389 38.70 -2.88 17.55
CA GLY A 389 38.65 -3.00 16.11
C GLY A 389 39.73 -3.86 15.48
N GLU A 390 40.41 -4.68 16.28
CA GLU A 390 41.43 -5.58 15.77
C GLU A 390 41.32 -6.92 16.47
N PRO A 391 41.67 -8.02 15.80
CA PRO A 391 41.50 -9.34 16.39
C PRO A 391 42.52 -9.64 17.48
N HIS A 392 42.19 -10.61 18.31
CA HIS A 392 43.10 -11.06 19.36
C HIS A 392 44.28 -11.80 18.76
N LYS A 393 45.48 -11.53 19.31
CA LYS A 393 46.69 -12.16 18.82
C LYS A 393 46.92 -13.57 19.38
N VAL A 394 46.20 -13.96 20.44
CA VAL A 394 46.42 -15.25 21.08
C VAL A 394 45.08 -15.92 21.35
N ASP A 395 45.14 -17.22 21.57
CA ASP A 395 43.95 -18.03 21.84
C ASP A 395 43.84 -18.28 23.34
N GLN A 396 42.60 -18.51 23.79
CA GLN A 396 42.32 -18.79 25.19
C GLN A 396 42.60 -20.25 25.50
N GLU A 397 43.22 -20.50 26.64
CA GLU A 397 43.47 -21.85 27.14
C GLU A 397 42.90 -21.97 28.55
N PHE A 398 42.23 -23.09 28.81
CA PHE A 398 41.61 -23.29 30.12
C PHE A 398 42.66 -23.40 31.22
N GLN A 399 43.85 -23.88 30.90
CA GLN A 399 44.93 -23.94 31.88
C GLN A 399 45.46 -22.57 32.26
N ALA A 400 45.19 -21.55 31.44
CA ALA A 400 45.69 -20.20 31.69
C ALA A 400 44.59 -19.16 31.87
N ALA A 401 43.37 -19.41 31.39
CA ALA A 401 42.30 -18.43 31.53
C ALA A 401 41.81 -18.29 32.96
N VAL A 402 42.11 -19.25 33.83
CA VAL A 402 41.74 -19.14 35.23
C VAL A 402 42.77 -18.29 35.96
N SER A 403 42.29 -17.36 36.79
CA SER A 403 43.14 -16.52 37.60
C SER A 403 43.74 -17.34 38.73
N THR A 404 44.97 -17.00 39.12
CA THR A 404 45.64 -17.76 40.17
C THR A 404 44.96 -17.63 41.52
N THR A 405 44.19 -16.57 41.75
CA THR A 405 43.43 -16.45 42.97
C THR A 405 42.34 -17.52 43.04
N SER A 406 41.44 -17.53 42.05
CA SER A 406 40.37 -18.53 42.01
C SER A 406 40.94 -19.93 41.87
N TRP A 407 42.06 -20.07 41.17
CA TRP A 407 42.72 -21.37 41.06
C TRP A 407 43.19 -21.85 42.42
N ASN A 408 43.77 -20.95 43.22
CA ASN A 408 44.17 -21.32 44.57
C ASN A 408 42.98 -21.66 45.45
N TRP A 409 41.87 -20.92 45.32
CA TRP A 409 40.68 -21.27 46.11
C TRP A 409 40.13 -22.65 45.75
N LEU A 410 39.92 -22.90 44.45
CA LEU A 410 39.35 -24.19 44.06
C LEU A 410 40.30 -25.34 44.35
N LEU A 411 41.62 -25.12 44.15
CA LEU A 411 42.60 -26.14 44.49
C LEU A 411 42.66 -26.35 46.00
N ALA A 412 42.42 -25.30 46.79
CA ALA A 412 42.44 -25.43 48.24
C ALA A 412 41.26 -26.27 48.72
N LEU A 413 40.06 -26.01 48.22
CA LEU A 413 38.90 -26.83 48.60
C LEU A 413 39.05 -28.27 48.10
N PHE A 414 39.54 -28.45 46.87
CA PHE A 414 39.73 -29.82 46.37
C PHE A 414 40.79 -30.57 47.16
N GLY A 415 41.92 -29.92 47.46
CA GLY A 415 42.95 -30.57 48.25
C GLY A 415 42.52 -30.83 49.67
N GLY A 416 41.73 -29.93 50.25
CA GLY A 416 41.20 -30.17 51.58
C GLY A 416 40.24 -31.35 51.61
N ALA A 417 39.36 -31.44 50.62
CA ALA A 417 38.44 -32.58 50.54
C ALA A 417 39.21 -33.88 50.32
N SER A 418 40.21 -33.87 49.44
CA SER A 418 40.99 -35.08 49.16
C SER A 418 41.80 -35.51 50.38
N SER A 419 42.45 -34.56 51.06
CA SER A 419 43.23 -34.89 52.24
C SER A 419 42.35 -35.34 53.39
N LEU A 420 41.15 -34.76 53.50
CA LEU A 420 40.18 -35.20 54.50
C LEU A 420 39.69 -36.61 54.21
N ILE A 421 39.47 -36.94 52.93
CA ILE A 421 39.14 -38.31 52.56
C ILE A 421 40.30 -39.25 52.86
N VAL A 422 41.54 -38.77 52.68
CA VAL A 422 42.72 -39.57 53.01
C VAL A 422 42.82 -39.81 54.52
N VAL A 423 42.45 -38.80 55.32
CA VAL A 423 42.39 -38.98 56.77
C VAL A 423 41.33 -40.02 57.13
N GLY A 424 40.17 -39.97 56.47
CA GLY A 424 39.18 -41.01 56.67
C GLY A 424 39.68 -42.39 56.31
N LEU A 425 40.47 -42.48 55.23
CA LEU A 425 41.03 -43.76 54.79
C LEU A 425 42.06 -44.28 55.78
N ILE A 426 42.89 -43.40 56.35
CA ILE A 426 43.88 -43.90 57.31
C ILE A 426 43.24 -44.20 58.66
N VAL A 427 42.12 -43.55 59.02
CA VAL A 427 41.36 -43.98 60.18
C VAL A 427 40.72 -45.33 59.94
N LEU A 428 40.23 -45.57 58.72
CA LEU A 428 39.80 -46.91 58.29
C LEU A 428 40.91 -47.94 58.51
N VAL A 429 42.12 -47.64 58.05
CA VAL A 429 43.23 -48.58 58.17
C VAL A 429 43.59 -48.80 59.64
N CYS A 430 43.64 -47.72 60.43
CA CYS A 430 44.04 -47.83 61.83
C CYS A 430 43.01 -48.57 62.66
N SER A 431 41.72 -48.40 62.34
CA SER A 431 40.69 -49.17 63.04
C SER A 431 40.67 -50.62 62.57
N SER A 432 41.08 -50.88 61.33
CA SER A 432 41.11 -52.26 60.85
C SER A 432 42.30 -53.03 61.43
N MET A 433 43.43 -52.37 61.66
CA MET A 433 44.61 -53.07 62.13
C MET A 433 44.55 -53.40 63.62
N LEU A 434 43.63 -52.81 64.37
CA LEU A 434 43.48 -53.14 65.78
C LEU A 434 42.66 -54.42 65.96
N SER B 1 26.36 -11.87 -41.44
CA SER B 1 26.14 -10.82 -42.42
C SER B 1 25.00 -9.90 -41.99
N ILE B 2 25.25 -9.10 -40.96
CA ILE B 2 24.26 -8.17 -40.45
C ILE B 2 24.42 -6.87 -41.23
N THR B 3 23.49 -6.60 -42.14
CA THR B 3 23.57 -5.43 -42.99
C THR B 3 23.02 -4.20 -42.29
N ASP B 4 23.45 -3.03 -42.76
CA ASP B 4 22.93 -1.75 -42.28
C ASP B 4 22.22 -0.98 -43.39
N ASP B 5 22.11 -1.56 -44.59
CA ASP B 5 21.45 -0.90 -45.70
C ASP B 5 19.95 -1.11 -45.57
N PHE B 6 19.22 -0.05 -45.24
CA PHE B 6 17.77 -0.15 -45.08
C PHE B 6 17.03 -0.01 -46.39
N THR B 7 17.75 0.20 -47.50
CA THR B 7 17.21 -0.13 -48.81
C THR B 7 16.99 -1.65 -48.86
N LEU B 8 16.00 -2.08 -49.66
CA LEU B 8 15.47 -3.44 -49.67
C LEU B 8 15.13 -3.90 -48.24
N THR B 9 14.53 -3.00 -47.49
CA THR B 9 14.03 -3.27 -46.14
C THR B 9 12.89 -2.31 -45.88
N SER B 10 11.71 -2.82 -45.55
CA SER B 10 10.52 -2.02 -45.53
C SER B 10 9.83 -2.08 -44.18
N PRO B 11 9.12 -1.02 -43.79
CA PRO B 11 8.24 -1.11 -42.61
C PRO B 11 6.97 -1.90 -42.92
N TYR B 12 6.10 -2.06 -41.93
CA TYR B 12 4.93 -2.91 -42.11
C TYR B 12 3.84 -2.46 -41.15
N LEU B 13 2.64 -2.97 -41.39
CA LEU B 13 1.48 -2.66 -40.56
C LEU B 13 1.31 -3.74 -39.50
N GLY B 14 1.29 -3.32 -38.24
CA GLY B 14 1.09 -4.22 -37.13
C GLY B 14 -0.34 -4.17 -36.61
N PHE B 15 -0.66 -5.11 -35.73
CA PHE B 15 -1.97 -5.19 -35.10
C PHE B 15 -1.83 -4.76 -33.64
N CYS B 16 -2.05 -3.47 -33.40
CA CYS B 16 -1.91 -2.94 -32.05
C CYS B 16 -3.15 -3.27 -31.24
N PRO B 17 -3.00 -3.86 -30.04
CA PRO B 17 -4.17 -4.20 -29.22
C PRO B 17 -4.84 -3.01 -28.56
N TYR B 18 -4.23 -1.82 -28.62
CA TYR B 18 -4.82 -0.63 -28.01
C TYR B 18 -4.40 0.58 -28.84
N CYS B 19 -5.30 1.00 -29.72
CA CYS B 19 -5.05 2.13 -30.60
C CYS B 19 -5.46 3.42 -29.89
N ARG B 20 -5.54 4.52 -30.64
CA ARG B 20 -5.92 5.79 -30.02
C ARG B 20 -7.39 5.85 -29.65
N HIS B 21 -8.21 4.92 -30.14
CA HIS B 21 -9.63 4.86 -29.82
C HIS B 21 -9.97 3.74 -28.85
N SER B 22 -8.98 3.29 -28.07
CA SER B 22 -9.15 2.26 -27.04
C SER B 22 -9.67 0.95 -27.61
N THR B 23 -9.24 0.62 -28.83
CA THR B 23 -9.62 -0.60 -29.52
C THR B 23 -8.40 -1.12 -30.27
N PRO B 24 -8.32 -2.42 -30.51
CA PRO B 24 -7.24 -2.92 -31.38
C PRO B 24 -7.47 -2.49 -32.83
N CYS B 25 -6.40 -2.09 -33.51
CA CYS B 25 -6.53 -1.82 -34.92
C CYS B 25 -5.19 -2.05 -35.60
N PHE B 26 -5.21 -2.05 -36.93
CA PHE B 26 -3.99 -2.08 -37.72
C PHE B 26 -3.37 -0.70 -37.73
N SER B 27 -2.08 -0.63 -37.43
CA SER B 27 -1.38 0.63 -37.25
C SER B 27 -0.03 0.58 -37.93
N PRO B 28 0.46 1.72 -38.45
CA PRO B 28 1.82 1.75 -39.02
C PRO B 28 2.89 1.64 -37.96
N ILE B 29 2.59 2.02 -36.72
CA ILE B 29 3.50 1.89 -35.60
C ILE B 29 2.90 0.87 -34.63
N LYS B 30 3.70 -0.11 -34.25
CA LYS B 30 3.24 -1.21 -33.39
C LYS B 30 4.43 -1.68 -32.57
N ILE B 31 4.24 -1.72 -31.26
CA ILE B 31 5.33 -2.08 -30.35
C ILE B 31 5.43 -3.60 -30.30
N GLU B 32 6.54 -4.14 -30.80
CA GLU B 32 6.77 -5.58 -30.74
C GLU B 32 7.39 -6.00 -29.42
N ASN B 33 8.48 -5.34 -29.02
CA ASN B 33 9.19 -5.69 -27.80
C ASN B 33 9.62 -4.42 -27.09
N VAL B 34 9.74 -4.52 -25.77
CA VAL B 34 10.29 -3.46 -24.93
C VAL B 34 11.28 -4.09 -23.97
N TRP B 35 12.51 -3.56 -23.93
CA TRP B 35 13.55 -4.05 -23.05
C TRP B 35 13.92 -2.97 -22.05
N ASP B 36 14.00 -3.33 -20.77
CA ASP B 36 14.43 -2.42 -19.70
C ASP B 36 15.49 -3.13 -18.87
N GLU B 37 16.74 -3.04 -19.31
CA GLU B 37 17.85 -3.62 -18.58
C GLU B 37 18.89 -2.60 -18.15
N SER B 38 18.81 -1.37 -18.63
CA SER B 38 19.75 -0.34 -18.22
C SER B 38 19.43 0.14 -16.81
N ASP B 39 20.48 0.48 -16.07
CA ASP B 39 20.32 0.88 -14.67
C ASP B 39 19.90 2.33 -14.51
N ASP B 40 19.85 3.11 -15.58
CA ASP B 40 19.41 4.51 -15.50
C ASP B 40 17.94 4.67 -15.86
N GLY B 41 17.23 3.57 -16.11
CA GLY B 41 15.82 3.64 -16.42
C GLY B 41 15.47 3.78 -17.88
N SER B 42 16.46 3.86 -18.77
CA SER B 42 16.17 3.95 -20.20
C SER B 42 15.67 2.61 -20.73
N ILE B 43 14.80 2.68 -21.72
CA ILE B 43 14.20 1.49 -22.32
C ILE B 43 14.40 1.53 -23.83
N ARG B 44 14.43 0.34 -24.43
CA ARG B 44 14.54 0.17 -25.87
C ARG B 44 13.25 -0.44 -26.39
N ILE B 45 12.68 0.17 -27.41
CA ILE B 45 11.37 -0.19 -27.94
C ILE B 45 11.54 -0.56 -29.41
N GLN B 46 10.98 -1.70 -29.81
CA GLN B 46 10.95 -2.12 -31.19
C GLN B 46 9.60 -1.76 -31.79
N VAL B 47 9.62 -0.99 -32.88
CA VAL B 47 8.41 -0.47 -33.51
C VAL B 47 8.42 -0.89 -34.97
N SER B 48 7.22 -1.24 -35.48
CA SER B 48 7.06 -1.66 -36.87
C SER B 48 7.45 -0.60 -37.89
N ALA B 49 7.50 0.67 -37.49
CA ALA B 49 7.98 1.73 -38.36
C ALA B 49 9.48 1.88 -38.21
N GLN B 50 10.12 2.42 -39.25
CA GLN B 50 11.57 2.60 -39.28
C GLN B 50 11.90 4.08 -39.08
N PHE B 51 12.79 4.36 -38.13
CA PHE B 51 13.13 5.71 -37.75
C PHE B 51 14.52 6.08 -38.22
N GLY B 52 14.71 7.35 -38.56
CA GLY B 52 16.00 7.84 -39.00
C GLY B 52 16.32 7.58 -40.45
N TYR B 53 15.32 7.29 -41.27
CA TYR B 53 15.53 7.01 -42.68
C TYR B 53 14.45 7.69 -43.51
N ASN B 54 14.84 8.23 -44.66
CA ASN B 54 13.90 8.86 -45.56
C ASN B 54 13.11 7.80 -46.32
N GLN B 55 12.19 8.26 -47.17
CA GLN B 55 11.27 7.35 -47.86
C GLN B 55 12.01 6.40 -48.80
N ALA B 56 13.13 6.84 -49.37
CA ALA B 56 13.92 5.97 -50.23
C ALA B 56 14.74 4.95 -49.46
N GLY B 57 14.82 5.06 -48.13
CA GLY B 57 15.61 4.15 -47.33
C GLY B 57 17.00 4.62 -47.01
N THR B 58 17.43 5.77 -47.53
CA THR B 58 18.75 6.29 -47.24
C THR B 58 18.81 6.80 -45.79
N ALA B 59 20.00 6.73 -45.21
CA ALA B 59 20.21 7.20 -43.84
C ALA B 59 20.02 8.70 -43.79
N ASP B 60 18.96 9.15 -43.14
CA ASP B 60 18.68 10.58 -43.00
C ASP B 60 17.88 10.78 -41.72
N VAL B 61 18.48 11.45 -40.74
CA VAL B 61 17.84 11.72 -39.46
C VAL B 61 16.72 12.74 -39.66
N THR B 62 15.91 12.93 -38.60
CA THR B 62 14.75 13.82 -38.55
C THR B 62 13.66 13.42 -39.54
N LYS B 63 13.65 12.16 -39.96
CA LYS B 63 12.59 11.63 -40.83
C LYS B 63 12.48 10.14 -40.60
N PHE B 64 11.25 9.63 -40.64
CA PHE B 64 10.98 8.22 -40.44
C PHE B 64 10.02 7.70 -41.51
N ARG B 65 10.09 6.40 -41.75
CA ARG B 65 9.24 5.72 -42.71
C ARG B 65 8.10 5.00 -42.01
N TYR B 66 6.98 4.84 -42.72
CA TYR B 66 5.87 4.03 -42.25
C TYR B 66 5.08 3.55 -43.45
N MET B 67 4.18 2.61 -43.20
CA MET B 67 3.38 2.01 -44.27
C MET B 67 1.99 2.64 -44.28
N SER B 68 1.60 3.16 -45.43
CA SER B 68 0.35 3.90 -45.55
C SER B 68 -0.84 2.95 -45.52
N PHE B 69 -2.03 3.54 -45.33
CA PHE B 69 -3.28 2.80 -45.31
C PHE B 69 -3.96 2.74 -46.67
N ASP B 70 -3.35 3.29 -47.71
CA ASP B 70 -3.97 3.31 -49.02
C ASP B 70 -4.00 1.91 -49.63
N HIS B 71 -4.90 1.72 -50.60
CA HIS B 71 -5.07 0.41 -51.20
C HIS B 71 -3.87 -0.02 -52.04
N ASP B 72 -3.06 0.93 -52.51
CA ASP B 72 -1.76 0.60 -53.06
C ASP B 72 -0.74 0.50 -51.93
N HIS B 73 0.19 -0.44 -52.05
CA HIS B 73 1.06 -0.81 -50.94
C HIS B 73 2.35 0.00 -51.05
N ASP B 74 2.35 1.21 -50.51
CA ASP B 74 3.47 2.13 -50.67
C ASP B 74 3.88 2.70 -49.32
N ILE B 75 5.12 3.16 -49.26
CA ILE B 75 5.75 3.64 -48.03
C ILE B 75 5.76 5.16 -48.03
N LYS B 76 5.34 5.77 -46.92
CA LYS B 76 5.34 7.21 -46.79
C LYS B 76 6.27 7.63 -45.65
N GLU B 77 6.88 8.80 -45.82
CA GLU B 77 7.80 9.33 -44.83
C GLU B 77 7.17 10.52 -44.11
N ASP B 78 7.68 10.79 -42.91
CA ASP B 78 7.22 11.93 -42.12
C ASP B 78 8.37 12.39 -41.24
N SER B 79 8.12 13.46 -40.49
CA SER B 79 9.16 14.10 -39.69
C SER B 79 9.24 13.47 -38.30
N MET B 80 10.45 13.51 -37.72
CA MET B 80 10.71 12.78 -36.48
C MET B 80 10.13 13.49 -35.27
N GLU B 81 10.05 14.83 -35.29
CA GLU B 81 9.71 15.57 -34.08
C GLU B 81 8.27 15.38 -33.65
N LYS B 82 7.43 14.74 -34.45
CA LYS B 82 6.07 14.40 -34.05
C LYS B 82 5.94 12.97 -33.54
N ILE B 83 7.05 12.35 -33.15
CA ILE B 83 7.06 11.02 -32.56
C ILE B 83 7.19 11.19 -31.06
N ALA B 84 6.24 10.64 -30.30
CA ALA B 84 6.23 10.78 -28.86
C ALA B 84 6.16 9.41 -28.19
N ILE B 85 6.80 9.31 -27.03
CA ILE B 85 6.80 8.09 -26.22
C ILE B 85 6.33 8.46 -24.82
N SER B 86 5.46 7.62 -24.25
CA SER B 86 4.92 7.93 -22.93
C SER B 86 4.66 6.65 -22.14
N THR B 87 5.08 6.66 -20.88
CA THR B 87 4.76 5.61 -19.91
C THR B 87 4.23 6.30 -18.66
N SER B 88 2.91 6.52 -18.62
CA SER B 88 2.25 7.26 -17.55
C SER B 88 2.88 8.64 -17.36
N GLY B 89 3.10 9.31 -18.48
CA GLY B 89 3.83 10.56 -18.50
C GLY B 89 4.79 10.58 -19.66
N PRO B 90 5.11 11.77 -20.17
CA PRO B 90 5.96 11.87 -21.36
C PRO B 90 7.38 11.38 -21.09
N CYS B 91 7.98 10.80 -22.12
CA CYS B 91 9.33 10.25 -22.06
C CYS B 91 10.25 11.10 -22.92
N ARG B 92 11.50 11.24 -22.48
CA ARG B 92 12.52 11.94 -23.23
C ARG B 92 13.19 10.96 -24.18
N ARG B 93 13.13 11.26 -25.48
CA ARG B 93 13.73 10.38 -26.48
C ARG B 93 15.26 10.55 -26.46
N LEU B 94 15.97 9.43 -26.37
CA LEU B 94 17.43 9.45 -26.31
C LEU B 94 18.08 9.08 -27.63
N GLY B 95 17.47 8.18 -28.41
CA GLY B 95 18.04 7.80 -29.69
C GLY B 95 17.05 7.05 -30.52
N HIS B 96 17.35 6.96 -31.82
CA HIS B 96 16.45 6.28 -32.75
C HIS B 96 17.24 5.74 -33.92
N LYS B 97 16.90 4.52 -34.33
CA LYS B 97 17.41 3.90 -35.54
C LYS B 97 16.25 3.13 -36.15
N GLY B 98 16.41 2.60 -37.36
CA GLY B 98 15.36 1.84 -38.00
C GLY B 98 14.87 0.68 -37.16
N TYR B 99 13.55 0.64 -36.95
CA TYR B 99 12.79 -0.29 -36.11
C TYR B 99 13.01 -0.11 -34.62
N PHE B 100 13.83 0.85 -34.17
CA PHE B 100 14.21 0.87 -32.76
C PHE B 100 14.27 2.28 -32.20
N LEU B 101 13.78 2.44 -30.97
CA LEU B 101 13.86 3.68 -30.22
C LEU B 101 14.48 3.41 -28.86
N LEU B 102 15.15 4.41 -28.32
CA LEU B 102 15.69 4.36 -26.96
C LEU B 102 15.26 5.62 -26.26
N ALA B 103 14.56 5.48 -25.13
CA ALA B 103 13.97 6.61 -24.45
C ALA B 103 14.07 6.46 -22.94
N GLN B 104 14.19 7.59 -22.26
CA GLN B 104 14.18 7.65 -20.80
C GLN B 104 12.74 7.88 -20.36
N CYS B 105 12.22 6.97 -19.53
CA CYS B 105 10.79 6.97 -19.23
C CYS B 105 10.55 6.97 -17.73
N PRO B 106 9.50 7.64 -17.27
CA PRO B 106 9.08 7.52 -15.88
C PRO B 106 8.45 6.16 -15.62
N PRO B 107 8.36 5.72 -14.37
CA PRO B 107 7.69 4.45 -14.07
C PRO B 107 6.23 4.48 -14.46
N GLY B 108 5.73 3.34 -14.93
CA GLY B 108 4.36 3.25 -15.37
C GLY B 108 3.95 1.82 -15.59
N ASP B 109 2.73 1.64 -16.09
CA ASP B 109 2.18 0.32 -16.31
C ASP B 109 1.97 0.00 -17.79
N SER B 110 2.25 0.93 -18.69
CA SER B 110 2.09 0.70 -20.12
C SER B 110 3.05 1.60 -20.87
N VAL B 111 3.32 1.22 -22.12
CA VAL B 111 4.19 1.98 -23.02
C VAL B 111 3.39 2.37 -24.24
N THR B 112 3.43 3.66 -24.59
CA THR B 112 2.68 4.20 -25.72
C THR B 112 3.64 4.91 -26.66
N VAL B 113 3.59 4.54 -27.93
CA VAL B 113 4.29 5.24 -29.00
C VAL B 113 3.24 5.90 -29.87
N SER B 114 3.36 7.21 -30.09
CA SER B 114 2.31 7.97 -30.74
C SER B 114 2.90 8.90 -31.79
N ILE B 115 2.08 9.21 -32.80
CA ILE B 115 2.35 10.25 -33.77
C ILE B 115 1.35 11.36 -33.54
N THR B 116 1.82 12.59 -33.39
CA THR B 116 0.98 13.71 -33.00
C THR B 116 0.94 14.74 -34.12
N SER B 117 -0.27 15.20 -34.45
CA SER B 117 -0.51 16.30 -35.39
C SER B 117 0.07 15.98 -36.78
N GLY B 118 -0.50 14.94 -37.40
CA GLY B 118 -0.10 14.55 -38.73
C GLY B 118 -1.27 13.91 -39.46
N THR B 119 -1.00 13.43 -40.67
CA THR B 119 -2.02 12.72 -41.43
C THR B 119 -2.31 11.34 -40.85
N ALA B 120 -1.43 10.82 -40.00
CA ALA B 120 -1.63 9.55 -39.30
C ALA B 120 -1.33 9.81 -37.83
N GLU B 121 -2.36 10.21 -37.08
CA GLU B 121 -2.21 10.59 -35.67
C GLU B 121 -2.50 9.38 -34.75
N ASN B 122 -2.30 8.17 -35.26
CA ASN B 122 -2.62 6.98 -34.50
C ASN B 122 -1.55 6.74 -33.43
N SER B 123 -1.92 6.00 -32.39
CA SER B 123 -1.01 5.66 -31.31
C SER B 123 -1.15 4.18 -30.99
N CYS B 124 -0.09 3.61 -30.41
CA CYS B 124 -0.07 2.21 -30.02
C CYS B 124 0.36 2.09 -28.57
N THR B 125 -0.43 1.38 -27.78
CA THR B 125 -0.18 1.19 -26.36
C THR B 125 -0.14 -0.29 -26.04
N VAL B 126 0.89 -0.71 -25.31
CA VAL B 126 0.99 -2.08 -24.82
C VAL B 126 1.24 -2.03 -23.32
N GLU B 127 0.49 -2.84 -22.56
CA GLU B 127 0.65 -2.85 -21.12
C GLU B 127 1.90 -3.62 -20.73
N ARG B 128 2.79 -2.97 -19.98
CA ARG B 128 4.01 -3.63 -19.53
C ARG B 128 4.54 -2.86 -18.32
N LYS B 129 4.91 -3.58 -17.27
CA LYS B 129 5.31 -2.96 -16.02
C LYS B 129 6.72 -2.40 -16.14
N ILE B 130 6.87 -1.11 -15.83
CA ILE B 130 8.17 -0.44 -15.80
C ILE B 130 8.30 0.25 -14.46
N ARG B 131 9.37 -0.07 -13.72
CA ARG B 131 9.61 0.47 -12.40
C ARG B 131 10.99 1.09 -12.33
N ARG B 132 11.22 1.86 -11.27
CA ARG B 132 12.51 2.49 -11.05
C ARG B 132 13.55 1.44 -10.66
N LYS B 133 14.81 1.76 -10.91
CA LYS B 133 15.90 0.81 -10.71
C LYS B 133 16.98 1.43 -9.85
N PHE B 134 17.67 0.57 -9.11
CA PHE B 134 18.75 0.94 -8.21
C PHE B 134 20.03 0.24 -8.64
N VAL B 135 21.16 0.74 -8.14
CA VAL B 135 22.44 0.09 -8.39
C VAL B 135 23.00 -0.45 -7.09
N GLY B 136 23.14 0.42 -6.09
CA GLY B 136 23.81 0.02 -4.87
C GLY B 136 22.87 -0.60 -3.86
N ARG B 137 23.23 -0.48 -2.59
CA ARG B 137 22.45 -1.01 -1.49
C ARG B 137 21.59 0.05 -0.82
N GLU B 138 21.29 1.14 -1.52
CA GLU B 138 20.52 2.24 -0.96
C GLU B 138 19.54 2.74 -2.01
N GLU B 139 18.28 2.88 -1.63
CA GLU B 139 17.31 3.48 -2.54
C GLU B 139 17.60 4.96 -2.74
N TYR B 140 17.44 5.41 -3.97
CA TYR B 140 17.53 6.82 -4.29
C TYR B 140 16.58 7.10 -5.44
N LEU B 141 16.01 8.30 -5.46
CA LEU B 141 15.15 8.67 -6.58
C LEU B 141 15.94 9.44 -7.63
N LEU B 142 16.96 10.18 -7.22
CA LEU B 142 17.82 10.90 -8.13
C LEU B 142 19.27 10.59 -7.77
N PRO B 143 20.16 10.52 -8.76
CA PRO B 143 21.57 10.30 -8.47
C PRO B 143 22.16 11.50 -7.73
N PRO B 144 22.86 11.27 -6.63
CA PRO B 144 23.38 12.37 -5.83
C PRO B 144 24.70 12.89 -6.37
N ILE B 145 25.07 14.08 -5.90
CA ILE B 145 26.34 14.69 -6.29
C ILE B 145 27.49 13.96 -5.62
N HIS B 146 27.41 13.79 -4.30
CA HIS B 146 28.46 13.12 -3.54
C HIS B 146 28.09 11.65 -3.40
N GLY B 147 28.92 10.77 -3.96
CA GLY B 147 28.60 9.37 -3.97
C GLY B 147 29.78 8.43 -3.91
N LYS B 148 29.57 7.17 -4.30
CA LYS B 148 30.60 6.15 -4.25
C LYS B 148 31.17 5.77 -5.61
N GLN B 149 30.51 6.17 -6.70
CA GLN B 149 31.00 6.00 -8.08
C GLN B 149 31.20 4.52 -8.42
N VAL B 150 30.09 3.81 -8.47
CA VAL B 150 30.11 2.36 -8.62
C VAL B 150 29.88 2.00 -10.08
N LYS B 151 30.42 0.84 -10.48
CA LYS B 151 30.22 0.32 -11.83
C LYS B 151 28.80 -0.19 -12.00
N CYS B 152 28.17 0.15 -13.11
CA CYS B 152 26.84 -0.31 -13.46
C CYS B 152 26.76 -0.49 -14.97
N HIS B 153 25.59 -0.87 -15.49
CA HIS B 153 25.43 -1.16 -16.90
C HIS B 153 24.25 -0.38 -17.47
N VAL B 154 24.50 0.36 -18.54
CA VAL B 154 23.51 1.25 -19.14
C VAL B 154 23.50 1.02 -20.65
N TYR B 155 22.31 1.11 -21.25
CA TYR B 155 22.20 1.12 -22.70
C TYR B 155 22.99 2.28 -23.29
N ASP B 156 23.78 1.98 -24.33
CA ASP B 156 24.56 3.02 -24.98
C ASP B 156 23.64 3.93 -25.80
N HIS B 157 23.92 5.23 -25.76
CA HIS B 157 23.12 6.18 -26.53
C HIS B 157 23.51 6.21 -28.00
N LEU B 158 24.68 5.69 -28.35
CA LEU B 158 25.11 5.68 -29.74
C LEU B 158 24.42 4.53 -30.47
N LYS B 159 23.85 4.84 -31.64
CA LYS B 159 23.15 3.84 -32.42
C LYS B 159 24.07 2.93 -33.21
N GLU B 160 25.38 3.23 -33.26
CA GLU B 160 26.31 2.34 -33.93
C GLU B 160 26.53 1.05 -33.14
N THR B 161 26.50 1.12 -31.82
CA THR B 161 26.68 -0.06 -30.99
C THR B 161 25.49 -1.01 -31.14
N SER B 162 25.79 -2.30 -31.18
CA SER B 162 24.78 -3.32 -31.47
C SER B 162 24.65 -4.27 -30.28
N ALA B 163 23.41 -4.57 -29.90
CA ALA B 163 23.12 -5.52 -28.84
C ALA B 163 22.73 -6.89 -29.36
N GLY B 164 22.74 -7.10 -30.66
CA GLY B 164 22.31 -8.34 -31.26
C GLY B 164 21.81 -8.09 -32.66
N TYR B 165 20.91 -8.96 -33.12
CA TYR B 165 20.36 -8.83 -34.46
C TYR B 165 18.95 -9.39 -34.51
N ILE B 166 18.20 -8.93 -35.49
CA ILE B 166 16.88 -9.46 -35.82
C ILE B 166 16.91 -9.95 -37.27
N THR B 167 16.16 -11.02 -37.53
CA THR B 167 16.14 -11.62 -38.85
C THR B 167 15.10 -10.94 -39.74
N MET B 168 15.39 -10.90 -41.04
CA MET B 168 14.55 -10.27 -42.02
C MET B 168 14.14 -11.31 -43.06
N HIS B 169 12.89 -11.26 -43.49
CA HIS B 169 12.35 -12.28 -44.37
C HIS B 169 11.61 -11.63 -45.54
N ARG B 170 11.37 -12.43 -46.57
CA ARG B 170 10.55 -11.99 -47.69
C ARG B 170 9.12 -11.79 -47.22
N PRO B 171 8.46 -10.71 -47.65
CA PRO B 171 7.07 -10.49 -47.23
C PRO B 171 6.13 -11.45 -47.95
N GLY B 172 5.14 -11.94 -47.20
CA GLY B 172 4.17 -12.84 -47.75
C GLY B 172 3.12 -12.10 -48.57
N PRO B 173 2.16 -12.87 -49.09
CA PRO B 173 1.05 -12.26 -49.83
C PRO B 173 0.21 -11.37 -48.93
N HIS B 174 -0.21 -10.23 -49.46
CA HIS B 174 -1.07 -9.28 -48.75
C HIS B 174 -2.22 -8.94 -49.69
N ALA B 175 -3.27 -9.75 -49.64
CA ALA B 175 -4.40 -9.55 -50.53
C ALA B 175 -5.21 -8.32 -50.12
N TYR B 176 -5.63 -7.55 -51.11
CA TYR B 176 -6.43 -6.35 -50.89
C TYR B 176 -7.81 -6.54 -51.50
N LYS B 177 -8.84 -6.19 -50.73
CA LYS B 177 -10.21 -6.30 -51.23
C LYS B 177 -10.46 -5.31 -52.36
N SER B 178 -9.80 -4.15 -52.34
CA SER B 178 -9.99 -3.14 -53.37
C SER B 178 -9.47 -3.57 -54.73
N TYR B 179 -8.60 -4.59 -54.78
CA TYR B 179 -8.10 -5.07 -56.06
C TYR B 179 -9.15 -5.84 -56.84
N LEU B 180 -10.23 -6.25 -56.19
CA LEU B 180 -11.28 -7.04 -56.81
C LEU B 180 -12.49 -6.16 -57.10
N GLU B 181 -13.33 -6.63 -58.02
CA GLU B 181 -14.56 -5.92 -58.37
C GLU B 181 -15.61 -6.92 -58.81
N GLU B 182 -16.75 -6.93 -58.12
CA GLU B 182 -17.86 -7.79 -58.47
C GLU B 182 -18.88 -7.01 -59.28
N ALA B 183 -19.22 -7.52 -60.46
CA ALA B 183 -20.19 -6.83 -61.32
C ALA B 183 -20.84 -7.86 -62.22
N SER B 184 -22.18 -7.77 -62.35
CA SER B 184 -22.97 -8.61 -63.25
C SER B 184 -22.77 -10.10 -62.99
N GLY B 185 -22.54 -10.47 -61.74
CA GLY B 185 -22.30 -11.86 -61.40
C GLY B 185 -20.95 -12.40 -61.82
N GLU B 186 -19.97 -11.54 -62.06
CA GLU B 186 -18.64 -11.99 -62.45
C GLU B 186 -17.59 -11.08 -61.82
N VAL B 187 -16.39 -11.61 -61.68
CA VAL B 187 -15.31 -10.95 -60.95
C VAL B 187 -14.33 -10.32 -61.93
N TYR B 188 -13.70 -9.23 -61.50
CA TYR B 188 -12.63 -8.58 -62.23
C TYR B 188 -11.54 -8.18 -61.25
N ILE B 189 -10.32 -8.02 -61.77
CA ILE B 189 -9.18 -7.55 -60.99
C ILE B 189 -8.92 -6.10 -61.37
N LYS B 190 -8.72 -5.25 -60.36
CA LYS B 190 -8.48 -3.82 -60.55
C LYS B 190 -7.13 -3.48 -59.94
N PRO B 191 -6.03 -3.70 -60.67
CA PRO B 191 -4.72 -3.31 -60.14
C PRO B 191 -4.58 -1.80 -60.15
N PRO B 192 -3.79 -1.24 -59.23
CA PRO B 192 -3.63 0.21 -59.18
C PRO B 192 -2.55 0.72 -60.12
N SER B 193 -2.95 1.57 -61.08
CA SER B 193 -2.04 2.25 -62.00
C SER B 193 -1.18 1.28 -62.81
N GLY B 194 -1.77 0.15 -63.20
CA GLY B 194 -1.10 -0.82 -64.04
C GLY B 194 0.10 -1.50 -63.41
N LYS B 195 -0.02 -1.93 -62.16
CA LYS B 195 1.03 -2.68 -61.49
C LYS B 195 0.70 -4.17 -61.53
N ASN B 196 1.75 -4.99 -61.52
CA ASN B 196 1.58 -6.43 -61.59
C ASN B 196 0.97 -6.95 -60.29
N VAL B 197 -0.14 -7.68 -60.41
CA VAL B 197 -0.78 -8.32 -59.27
C VAL B 197 -1.05 -9.78 -59.63
N THR B 198 -0.82 -10.66 -58.67
CA THR B 198 -1.10 -12.08 -58.83
C THR B 198 -2.41 -12.42 -58.12
N TYR B 199 -3.25 -13.20 -58.79
CA TYR B 199 -4.55 -13.59 -58.28
C TYR B 199 -4.60 -15.11 -58.10
N GLU B 200 -5.33 -15.51 -57.06
CA GLU B 200 -5.64 -16.91 -56.81
C GLU B 200 -7.15 -17.05 -56.66
N CYS B 201 -7.74 -18.00 -57.39
CA CYS B 201 -9.19 -18.13 -57.45
C CYS B 201 -9.59 -19.59 -57.42
N LYS B 202 -10.87 -19.80 -57.11
CA LYS B 202 -11.48 -21.13 -56.98
C LYS B 202 -12.83 -21.15 -57.69
N CYS B 203 -12.84 -20.75 -58.97
CA CYS B 203 -14.04 -20.84 -59.79
C CYS B 203 -14.59 -22.26 -59.79
N GLY B 204 -13.81 -23.20 -60.34
CA GLY B 204 -14.10 -24.61 -60.19
C GLY B 204 -12.85 -25.35 -59.78
N ASP B 205 -11.72 -24.66 -59.86
CA ASP B 205 -10.42 -25.23 -59.54
C ASP B 205 -9.43 -24.12 -59.27
N TYR B 206 -8.26 -24.49 -58.79
CA TYR B 206 -7.22 -23.51 -58.49
C TYR B 206 -6.62 -22.99 -59.79
N SER B 207 -6.80 -21.70 -60.04
CA SER B 207 -6.51 -21.08 -61.34
C SER B 207 -5.74 -19.78 -61.16
N THR B 208 -4.63 -19.84 -60.42
CA THR B 208 -3.84 -18.65 -60.13
C THR B 208 -3.19 -18.10 -61.40
N GLY B 209 -2.69 -16.87 -61.30
CA GLY B 209 -2.00 -16.24 -62.42
C GLY B 209 -1.58 -14.84 -62.04
N ILE B 210 -1.03 -14.13 -63.02
CA ILE B 210 -0.61 -12.75 -62.85
C ILE B 210 -1.21 -11.89 -63.95
N VAL B 211 -1.72 -10.72 -63.57
CA VAL B 211 -2.32 -9.76 -64.48
C VAL B 211 -1.78 -8.38 -64.16
N SER B 212 -2.02 -7.45 -65.08
CA SER B 212 -1.66 -6.05 -64.90
C SER B 212 -2.78 -5.09 -65.28
N THR B 213 -3.88 -5.58 -65.85
CA THR B 213 -5.03 -4.75 -66.22
C THR B 213 -6.29 -5.46 -65.73
N ARG B 214 -7.44 -4.95 -66.16
CA ARG B 214 -8.72 -5.58 -65.86
C ARG B 214 -8.82 -6.91 -66.56
N THR B 215 -9.29 -7.94 -65.84
CA THR B 215 -9.27 -9.29 -66.37
C THR B 215 -10.45 -10.09 -65.81
N LYS B 216 -11.27 -10.63 -66.71
CA LYS B 216 -12.25 -11.63 -66.34
C LYS B 216 -11.56 -12.91 -65.88
N ILE B 217 -12.07 -13.51 -64.81
CA ILE B 217 -11.45 -14.72 -64.24
C ILE B 217 -12.45 -15.85 -64.40
N ASN B 218 -12.32 -16.58 -65.52
CA ASN B 218 -12.96 -17.87 -65.78
C ASN B 218 -14.47 -17.83 -65.56
N GLY B 219 -14.91 -18.31 -64.41
CA GLY B 219 -16.32 -18.42 -64.12
C GLY B 219 -16.70 -18.17 -62.68
N CYS B 220 -15.83 -17.50 -61.92
CA CYS B 220 -16.16 -17.17 -60.54
C CYS B 220 -17.29 -16.15 -60.49
N THR B 221 -18.24 -16.37 -59.57
CA THR B 221 -19.41 -15.50 -59.45
C THR B 221 -19.35 -14.59 -58.24
N LYS B 222 -18.53 -14.90 -57.24
CA LYS B 222 -18.41 -14.10 -56.04
C LYS B 222 -16.96 -13.71 -55.82
N ALA B 223 -16.76 -12.54 -55.21
CA ALA B 223 -15.42 -12.06 -54.90
C ALA B 223 -14.79 -12.74 -53.70
N LYS B 224 -15.57 -13.53 -52.94
CA LYS B 224 -15.02 -14.24 -51.80
C LYS B 224 -14.02 -15.30 -52.24
N GLN B 225 -14.29 -15.98 -53.35
CA GLN B 225 -13.46 -17.08 -53.82
C GLN B 225 -12.33 -16.61 -54.74
N CYS B 226 -11.96 -15.33 -54.68
CA CYS B 226 -10.80 -14.81 -55.40
C CYS B 226 -10.02 -13.89 -54.47
N ILE B 227 -8.70 -13.86 -54.65
CA ILE B 227 -7.85 -12.85 -54.02
C ILE B 227 -6.82 -12.37 -55.04
N ALA B 228 -6.31 -11.17 -54.81
CA ALA B 228 -5.24 -10.60 -55.62
C ALA B 228 -4.32 -9.79 -54.73
N TYR B 229 -3.01 -9.97 -54.91
CA TYR B 229 -2.02 -9.23 -54.13
C TYR B 229 -0.88 -8.82 -55.05
N LYS B 230 -0.19 -7.75 -54.66
CA LYS B 230 0.87 -7.18 -55.49
C LYS B 230 2.04 -8.14 -55.62
N SER B 231 2.57 -8.24 -56.83
CA SER B 231 3.77 -9.00 -57.11
C SER B 231 4.99 -8.10 -57.09
N ASP B 232 6.17 -8.72 -57.16
CA ASP B 232 7.47 -8.04 -57.17
C ASP B 232 7.64 -7.16 -55.93
N GLN B 233 7.67 -7.83 -54.78
CA GLN B 233 7.73 -7.13 -53.50
C GLN B 233 9.00 -7.48 -52.75
N THR B 234 10.14 -7.43 -53.43
CA THR B 234 11.43 -7.81 -52.84
C THR B 234 11.91 -6.71 -51.90
N LYS B 235 11.25 -6.63 -50.75
CA LYS B 235 11.64 -5.70 -49.69
C LYS B 235 11.53 -6.46 -48.37
N TRP B 236 12.66 -6.62 -47.69
CA TRP B 236 12.70 -7.46 -46.49
C TRP B 236 11.87 -6.86 -45.36
N VAL B 237 11.26 -7.74 -44.57
CA VAL B 237 10.37 -7.34 -43.49
C VAL B 237 10.67 -8.21 -42.29
N PHE B 238 10.45 -7.65 -41.10
CA PHE B 238 10.74 -8.33 -39.85
C PHE B 238 9.83 -9.55 -39.66
N ASN B 239 10.36 -10.56 -38.98
CA ASN B 239 9.61 -11.77 -38.65
C ASN B 239 8.57 -11.47 -37.58
N SER B 240 7.48 -10.83 -37.97
CA SER B 240 6.44 -10.38 -37.08
C SER B 240 5.29 -11.37 -37.04
N PRO B 241 4.66 -11.57 -35.87
CA PRO B 241 3.51 -12.46 -35.78
C PRO B 241 2.22 -11.90 -36.34
N ASP B 242 2.21 -10.67 -36.84
CA ASP B 242 1.02 -10.07 -37.42
C ASP B 242 1.08 -10.07 -38.95
N LEU B 243 1.92 -10.91 -39.55
CA LEU B 243 2.09 -10.97 -40.98
C LEU B 243 2.04 -12.42 -41.42
N ILE B 244 1.48 -12.67 -42.61
CA ILE B 244 1.55 -14.01 -43.18
C ILE B 244 2.92 -14.21 -43.79
N ARG B 245 3.58 -15.32 -43.43
CA ARG B 245 4.90 -15.60 -43.94
C ARG B 245 4.84 -15.96 -45.42
N HIS B 246 5.95 -15.70 -46.10
CA HIS B 246 6.10 -16.11 -47.49
C HIS B 246 6.26 -17.63 -47.55
N THR B 247 6.08 -18.19 -48.75
CA THR B 247 6.28 -19.62 -48.93
C THR B 247 7.73 -20.03 -48.75
N ASP B 248 8.67 -19.08 -48.87
CA ASP B 248 10.07 -19.29 -48.53
C ASP B 248 10.39 -18.35 -47.37
N HIS B 249 10.38 -18.88 -46.16
CA HIS B 249 10.61 -18.09 -44.95
C HIS B 249 12.05 -18.18 -44.46
N SER B 250 12.99 -18.41 -45.36
CA SER B 250 14.39 -18.43 -44.99
C SER B 250 14.85 -17.01 -44.64
N VAL B 251 15.88 -16.94 -43.79
CA VAL B 251 16.39 -15.66 -43.34
C VAL B 251 17.14 -14.99 -44.49
N GLN B 252 16.67 -13.83 -44.92
CA GLN B 252 17.31 -13.09 -46.00
C GLN B 252 18.42 -12.16 -45.53
N GLY B 253 18.40 -11.77 -44.27
CA GLY B 253 19.43 -10.88 -43.75
C GLY B 253 19.18 -10.62 -42.29
N LYS B 254 20.10 -9.86 -41.69
CA LYS B 254 20.01 -9.49 -40.30
C LYS B 254 20.19 -8.00 -40.14
N LEU B 255 19.48 -7.42 -39.17
CA LEU B 255 19.59 -6.01 -38.83
C LEU B 255 20.06 -5.90 -37.38
N HIS B 256 20.97 -4.96 -37.14
CA HIS B 256 21.51 -4.76 -35.80
C HIS B 256 20.44 -4.26 -34.84
N ILE B 257 20.53 -4.71 -33.59
CA ILE B 257 19.72 -4.15 -32.52
C ILE B 257 20.56 -3.07 -31.84
N PRO B 258 20.25 -1.79 -32.04
CA PRO B 258 21.12 -0.74 -31.51
C PRO B 258 21.00 -0.57 -30.00
N PHE B 259 21.79 0.37 -29.46
CA PHE B 259 21.79 0.74 -28.04
C PHE B 259 22.12 -0.46 -27.16
N ARG B 260 23.34 -0.94 -27.32
CA ARG B 260 23.80 -2.09 -26.55
C ARG B 260 24.06 -1.69 -25.10
N LEU B 261 24.05 -2.69 -24.22
CA LEU B 261 24.18 -2.49 -22.78
C LEU B 261 25.67 -2.56 -22.42
N THR B 262 26.27 -1.40 -22.16
CA THR B 262 27.68 -1.31 -21.85
C THR B 262 27.92 -0.97 -20.39
N PRO B 263 29.01 -1.44 -19.80
CA PRO B 263 29.38 -0.98 -18.46
C PRO B 263 29.80 0.48 -18.46
N THR B 264 29.56 1.12 -17.32
CA THR B 264 29.85 2.54 -17.14
C THR B 264 29.90 2.82 -15.64
N VAL B 265 30.07 4.10 -15.31
CA VAL B 265 30.22 4.56 -13.93
C VAL B 265 28.99 5.37 -13.57
N CYS B 266 28.40 5.06 -12.42
CA CYS B 266 27.24 5.79 -11.95
C CYS B 266 27.27 5.86 -10.43
N PRO B 267 26.89 7.01 -9.86
CA PRO B 267 27.02 7.19 -8.42
C PRO B 267 25.86 6.58 -7.63
N VAL B 268 26.18 6.21 -6.40
CA VAL B 268 25.18 5.72 -5.44
C VAL B 268 25.39 6.52 -4.16
N PRO B 269 24.36 6.75 -3.34
CA PRO B 269 24.54 7.60 -2.16
C PRO B 269 25.38 6.91 -1.09
N LEU B 270 25.80 7.71 -0.11
CA LEU B 270 26.43 7.21 1.09
C LEU B 270 25.60 7.67 2.28
N ALA B 271 25.11 6.71 3.07
CA ALA B 271 24.20 7.05 4.15
C ALA B 271 24.94 7.70 5.31
N HIS B 272 24.16 8.24 6.24
CA HIS B 272 24.72 8.78 7.48
C HIS B 272 25.32 7.64 8.29
N THR B 273 26.60 7.76 8.63
CA THR B 273 27.29 6.69 9.32
C THR B 273 26.73 6.51 10.74
N PRO B 274 26.51 5.27 11.18
CA PRO B 274 25.82 5.04 12.44
C PRO B 274 26.69 5.38 13.64
N THR B 275 26.01 5.64 14.76
CA THR B 275 26.67 5.83 16.04
C THR B 275 26.75 4.48 16.75
N VAL B 276 27.93 4.18 17.29
CA VAL B 276 28.23 2.86 17.85
C VAL B 276 28.29 2.99 19.36
N MET B 277 27.51 2.18 20.07
CA MET B 277 27.59 2.08 21.52
C MET B 277 28.07 0.68 21.86
N LYS B 278 29.18 0.59 22.58
CA LYS B 278 29.81 -0.69 22.89
C LYS B 278 29.41 -1.14 24.28
N TRP B 279 28.97 -2.39 24.39
CA TRP B 279 28.61 -3.01 25.66
C TRP B 279 29.13 -4.44 25.65
N PHE B 280 29.00 -5.11 26.80
CA PHE B 280 29.70 -6.38 27.02
C PHE B 280 29.27 -7.45 26.04
N LYS B 281 30.18 -7.78 25.11
CA LYS B 281 29.92 -8.70 23.99
C LYS B 281 28.71 -8.25 23.17
N GLY B 282 28.68 -6.97 22.83
CA GLY B 282 27.60 -6.47 21.99
C GLY B 282 27.84 -5.05 21.54
N ILE B 283 27.20 -4.72 20.42
CA ILE B 283 27.19 -3.36 19.90
C ILE B 283 25.75 -2.94 19.67
N THR B 284 25.52 -1.63 19.82
CA THR B 284 24.23 -1.02 19.51
C THR B 284 24.49 0.07 18.49
N LEU B 285 23.94 -0.12 17.29
CA LEU B 285 24.10 0.84 16.22
C LEU B 285 22.85 1.70 16.13
N HIS B 286 23.04 3.01 16.09
CA HIS B 286 21.93 3.96 15.96
C HIS B 286 21.89 4.40 14.50
N LEU B 287 20.79 4.13 13.82
CA LEU B 287 20.77 4.20 12.37
C LEU B 287 19.86 5.34 11.93
N THR B 288 20.30 6.09 10.93
CA THR B 288 19.50 7.13 10.30
C THR B 288 19.52 6.92 8.80
N ALA B 289 18.34 6.87 8.18
CA ALA B 289 18.24 6.69 6.74
C ALA B 289 16.91 7.26 6.27
N THR B 290 16.96 8.24 5.36
CA THR B 290 15.73 8.80 4.81
C THR B 290 15.05 7.80 3.89
N ARG B 291 15.82 7.09 3.08
CA ARG B 291 15.34 6.09 2.14
C ARG B 291 15.69 4.70 2.65
N PRO B 292 15.00 3.65 2.18
CA PRO B 292 15.36 2.29 2.60
C PRO B 292 16.78 1.91 2.17
N THR B 293 17.61 1.58 3.13
CA THR B 293 18.98 1.17 2.85
C THR B 293 19.27 -0.16 3.51
N LEU B 294 20.15 -0.94 2.91
CA LEU B 294 20.38 -2.32 3.33
C LEU B 294 21.53 -2.40 4.32
N LEU B 295 21.31 -3.11 5.42
CA LEU B 295 22.32 -3.36 6.44
C LEU B 295 22.48 -4.86 6.60
N THR B 296 23.73 -5.34 6.56
CA THR B 296 24.01 -6.76 6.75
C THR B 296 25.07 -6.94 7.83
N THR B 297 24.92 -8.03 8.59
CA THR B 297 25.88 -8.41 9.61
C THR B 297 26.22 -9.89 9.46
N ARG B 298 27.46 -10.24 9.81
CA ARG B 298 27.85 -11.64 9.84
C ARG B 298 28.96 -11.83 10.86
N LYS B 299 28.87 -12.90 11.65
CA LYS B 299 29.91 -13.22 12.61
C LYS B 299 31.12 -13.79 11.90
N LEU B 300 32.30 -13.50 12.47
CA LEU B 300 33.57 -13.85 11.84
C LEU B 300 34.05 -15.22 12.30
N GLY B 301 33.18 -16.23 12.25
CA GLY B 301 33.53 -17.54 12.78
C GLY B 301 32.93 -18.70 12.01
N LEU B 302 32.90 -19.86 12.66
CA LEU B 302 32.41 -21.07 11.99
C LEU B 302 30.93 -20.97 11.68
N ARG B 303 30.13 -20.46 12.62
CA ARG B 303 28.71 -20.24 12.40
C ARG B 303 28.48 -18.74 12.27
N ALA B 304 28.25 -18.28 11.04
CA ALA B 304 28.02 -16.88 10.74
C ALA B 304 26.51 -16.65 10.69
N ASP B 305 25.96 -16.14 11.79
CA ASP B 305 24.52 -15.84 11.87
C ASP B 305 24.28 -14.52 11.16
N ALA B 306 24.32 -14.58 9.83
CA ALA B 306 24.23 -13.38 9.01
C ALA B 306 22.79 -12.87 8.96
N THR B 307 22.62 -11.57 9.17
CA THR B 307 21.33 -10.92 9.10
C THR B 307 21.35 -9.84 8.05
N ALA B 308 20.22 -9.69 7.34
CA ALA B 308 20.04 -8.67 6.33
C ALA B 308 18.73 -7.94 6.58
N GLU B 309 18.75 -6.61 6.50
CA GLU B 309 17.54 -5.84 6.77
C GLU B 309 17.56 -4.54 6.00
N TRP B 310 16.43 -4.20 5.40
CA TRP B 310 16.22 -2.90 4.78
C TRP B 310 15.62 -1.97 5.82
N ILE B 311 16.33 -0.87 6.10
CA ILE B 311 16.03 0.01 7.22
C ILE B 311 15.63 1.37 6.67
N THR B 312 14.51 1.90 7.17
CA THR B 312 14.06 3.27 6.94
C THR B 312 13.98 3.99 8.28
N GLY B 313 13.90 5.31 8.21
CA GLY B 313 13.74 6.11 9.40
C GLY B 313 14.98 6.16 10.28
N THR B 314 14.75 6.43 11.56
CA THR B 314 15.79 6.51 12.57
C THR B 314 15.51 5.46 13.63
N THR B 315 16.30 4.39 13.63
CA THR B 315 16.07 3.25 14.51
C THR B 315 17.36 2.92 15.25
N SER B 316 17.36 1.78 15.93
CA SER B 316 18.54 1.26 16.59
C SER B 316 18.52 -0.27 16.53
N ARG B 317 19.69 -0.86 16.37
CA ARG B 317 19.81 -2.31 16.22
C ARG B 317 20.91 -2.83 17.12
N ASN B 318 20.64 -3.93 17.82
CA ASN B 318 21.60 -4.57 18.69
C ASN B 318 22.18 -5.81 18.02
N PHE B 319 23.49 -5.98 18.13
CA PHE B 319 24.16 -7.13 17.55
C PHE B 319 25.16 -7.69 18.56
N SER B 320 25.02 -8.97 18.89
CA SER B 320 25.93 -9.61 19.81
C SER B 320 27.25 -9.93 19.11
N VAL B 321 28.36 -9.54 19.72
CA VAL B 321 29.69 -9.72 19.16
C VAL B 321 30.46 -10.68 20.06
N GLY B 322 31.08 -11.69 19.44
CA GLY B 322 31.90 -12.63 20.15
C GLY B 322 33.39 -12.33 20.02
N ARG B 323 34.20 -13.26 20.54
CA ARG B 323 35.65 -13.13 20.44
C ARG B 323 36.13 -13.27 19.00
N GLU B 324 35.43 -14.06 18.19
CA GLU B 324 35.80 -14.21 16.79
C GLU B 324 35.56 -12.94 15.99
N GLY B 325 34.62 -12.10 16.42
CA GLY B 325 34.35 -10.84 15.76
C GLY B 325 33.07 -10.86 14.95
N LEU B 326 32.72 -9.69 14.44
CA LEU B 326 31.53 -9.50 13.62
C LEU B 326 31.82 -8.39 12.62
N GLU B 327 31.37 -8.58 11.39
CA GLU B 327 31.51 -7.59 10.33
C GLU B 327 30.13 -7.12 9.94
N TYR B 328 29.94 -5.80 9.94
CA TYR B 328 28.69 -5.21 9.49
C TYR B 328 28.95 -4.26 8.34
N VAL B 329 28.09 -4.30 7.33
CA VAL B 329 28.14 -3.39 6.20
C VAL B 329 26.84 -2.61 6.17
N TRP B 330 26.96 -1.29 6.05
CA TRP B 330 25.83 -0.37 6.14
C TRP B 330 25.73 0.43 4.85
N GLY B 331 24.70 0.16 4.06
CA GLY B 331 24.51 0.88 2.81
C GLY B 331 25.60 0.53 1.82
N ASN B 332 26.21 1.58 1.25
CA ASN B 332 27.29 1.42 0.29
C ASN B 332 28.66 1.63 0.93
N HIS B 333 28.73 1.70 2.25
CA HIS B 333 29.99 1.93 2.93
C HIS B 333 30.84 0.66 2.93
N GLU B 334 32.10 0.83 3.29
CA GLU B 334 33.00 -0.30 3.42
C GLU B 334 32.60 -1.15 4.62
N PRO B 335 32.88 -2.46 4.58
CA PRO B 335 32.61 -3.31 5.75
C PRO B 335 33.43 -2.87 6.96
N VAL B 336 32.81 -2.96 8.14
CA VAL B 336 33.44 -2.60 9.40
C VAL B 336 33.49 -3.84 10.28
N ARG B 337 34.68 -4.18 10.76
CA ARG B 337 34.91 -5.36 11.57
C ARG B 337 35.18 -4.96 13.01
N VAL B 338 34.52 -5.63 13.95
CA VAL B 338 34.70 -5.37 15.37
C VAL B 338 34.94 -6.70 16.09
N TRP B 339 35.60 -6.63 17.23
CA TRP B 339 35.86 -7.80 18.06
C TRP B 339 35.50 -7.49 19.50
N ALA B 340 35.03 -8.51 20.20
CA ALA B 340 34.67 -8.39 21.60
C ALA B 340 35.78 -8.99 22.46
N GLN B 341 35.94 -8.44 23.66
CA GLN B 341 37.00 -8.82 24.58
C GLN B 341 36.44 -8.99 25.99
N GLU B 342 37.17 -9.76 26.80
CA GLU B 342 36.67 -10.22 28.09
C GLU B 342 36.69 -9.05 29.08
N SER B 343 35.65 -8.23 29.00
CA SER B 343 35.50 -7.06 29.86
C SER B 343 34.31 -7.23 30.78
N ALA B 344 34.19 -8.42 31.36
CA ALA B 344 33.04 -8.73 32.22
C ALA B 344 33.07 -7.88 33.48
N PRO B 345 31.90 -7.44 33.98
CA PRO B 345 31.87 -6.56 35.16
C PRO B 345 32.17 -7.28 36.48
N GLY B 346 33.46 -7.45 36.73
CA GLY B 346 33.90 -8.09 37.96
C GLY B 346 35.39 -7.93 38.15
N ASP B 347 35.95 -8.86 38.91
CA ASP B 347 37.38 -8.87 39.20
C ASP B 347 37.84 -10.29 39.41
N PRO B 348 38.74 -10.81 38.55
CA PRO B 348 39.23 -12.18 38.75
C PRO B 348 40.12 -12.35 39.97
N HIS B 349 40.63 -11.27 40.55
CA HIS B 349 41.45 -11.33 41.75
C HIS B 349 40.72 -10.65 42.90
N GLY B 350 40.60 -11.35 44.01
CA GLY B 350 39.95 -10.79 45.18
C GLY B 350 39.05 -11.76 45.91
N TRP B 351 37.93 -11.26 46.43
CA TRP B 351 36.98 -12.09 47.14
C TRP B 351 36.29 -13.04 46.17
N PRO B 352 35.81 -14.20 46.64
CA PRO B 352 35.23 -15.19 45.72
C PRO B 352 33.99 -14.73 44.98
N HIS B 353 33.21 -13.80 45.54
CA HIS B 353 31.91 -13.48 44.92
C HIS B 353 32.07 -12.70 43.62
N GLU B 354 32.96 -11.69 43.60
CA GLU B 354 33.16 -10.96 42.36
C GLU B 354 33.89 -11.80 41.31
N ILE B 355 34.76 -12.71 41.75
CA ILE B 355 35.38 -13.66 40.84
C ILE B 355 34.31 -14.55 40.20
N ILE B 356 33.38 -15.03 41.02
CA ILE B 356 32.33 -15.91 40.52
C ILE B 356 31.43 -15.20 39.53
N ILE B 357 31.03 -13.96 39.84
CA ILE B 357 30.13 -13.27 38.91
C ILE B 357 30.87 -12.85 37.63
N HIS B 358 32.16 -12.50 37.74
CA HIS B 358 32.93 -12.14 36.55
C HIS B 358 33.10 -13.34 35.62
N TYR B 359 33.49 -14.48 36.17
CA TYR B 359 33.67 -15.67 35.34
C TYR B 359 32.33 -16.23 34.85
N TYR B 360 31.25 -16.01 35.59
CA TYR B 360 29.93 -16.39 35.11
C TYR B 360 29.49 -15.51 33.96
N HIS B 361 29.86 -14.21 34.01
CA HIS B 361 29.58 -13.33 32.89
C HIS B 361 30.40 -13.71 31.66
N ARG B 362 31.63 -14.18 31.86
CA ARG B 362 32.42 -14.65 30.71
C ARG B 362 31.88 -15.97 30.17
N HIS B 363 31.90 -17.02 30.98
CA HIS B 363 31.41 -18.34 30.58
C HIS B 363 30.44 -18.84 31.65
N PRO B 364 29.13 -18.79 31.40
CA PRO B 364 28.17 -19.17 32.44
C PRO B 364 28.17 -20.65 32.80
N VAL B 365 28.02 -21.52 31.79
CA VAL B 365 27.80 -22.94 32.05
C VAL B 365 29.05 -23.58 32.62
N TYR B 366 30.23 -23.10 32.21
CA TYR B 366 31.48 -23.63 32.77
C TYR B 366 31.58 -23.33 34.26
N THR B 367 31.24 -22.11 34.67
CA THR B 367 31.29 -21.79 36.08
C THR B 367 30.21 -22.50 36.87
N VAL B 368 29.03 -22.70 36.27
CA VAL B 368 27.98 -23.46 36.95
C VAL B 368 28.44 -24.89 37.21
N ILE B 369 29.07 -25.54 36.22
CA ILE B 369 29.48 -26.92 36.45
C ILE B 369 30.70 -26.99 37.37
N VAL B 370 31.58 -25.98 37.37
CA VAL B 370 32.69 -25.99 38.31
C VAL B 370 32.20 -25.82 39.74
N LEU B 371 31.28 -24.89 39.99
CA LEU B 371 30.75 -24.75 41.35
C LEU B 371 29.91 -25.96 41.75
N CYS B 372 29.22 -26.58 40.80
CA CYS B 372 28.50 -27.82 41.11
C CYS B 372 29.47 -28.93 41.49
N GLY B 373 30.60 -29.04 40.78
CA GLY B 373 31.60 -30.02 41.15
C GLY B 373 32.24 -29.73 42.50
N VAL B 374 32.42 -28.44 42.81
CA VAL B 374 32.96 -28.05 44.12
C VAL B 374 32.02 -28.49 45.23
N ALA B 375 30.72 -28.21 45.07
CA ALA B 375 29.73 -28.61 46.06
C ALA B 375 29.64 -30.13 46.18
N LEU B 376 29.69 -30.84 45.05
CA LEU B 376 29.65 -32.29 45.08
C LEU B 376 30.87 -32.87 45.78
N ALA B 377 32.05 -32.31 45.52
CA ALA B 377 33.27 -32.80 46.14
C ALA B 377 33.26 -32.58 47.64
N ILE B 378 32.87 -31.38 48.09
CA ILE B 378 32.85 -31.14 49.53
C ILE B 378 31.77 -31.97 50.21
N LEU B 379 30.62 -32.18 49.55
CA LEU B 379 29.57 -33.00 50.15
C LEU B 379 30.00 -34.45 50.27
N VAL B 380 30.63 -35.01 49.23
CA VAL B 380 31.05 -36.41 49.29
C VAL B 380 32.20 -36.58 50.28
N GLY B 381 33.08 -35.57 50.40
CA GLY B 381 34.13 -35.65 51.41
C GLY B 381 33.58 -35.61 52.82
N THR B 382 32.61 -34.73 53.08
CA THR B 382 31.98 -34.67 54.39
C THR B 382 31.24 -35.96 54.71
N ALA B 383 30.52 -36.52 53.74
CA ALA B 383 29.78 -37.76 53.97
C ALA B 383 30.73 -38.93 54.23
N SER B 384 31.82 -39.02 53.45
CA SER B 384 32.79 -40.10 53.66
C SER B 384 33.47 -39.98 55.02
N SER B 385 33.82 -38.75 55.42
CA SER B 385 34.44 -38.56 56.74
C SER B 385 33.47 -38.91 57.86
N ALA B 386 32.20 -38.52 57.73
CA ALA B 386 31.22 -38.84 58.75
C ALA B 386 31.02 -40.34 58.87
N ALA B 387 30.92 -41.04 57.73
CA ALA B 387 30.76 -42.49 57.76
C ALA B 387 31.98 -43.17 58.37
N CYS B 388 33.18 -42.75 57.96
CA CYS B 388 34.39 -43.38 58.49
C CYS B 388 34.56 -43.13 59.98
N ILE B 389 34.31 -41.89 60.44
CA ILE B 389 34.45 -41.56 61.85
C ILE B 389 33.42 -42.30 62.69
N SER B 390 32.17 -42.36 62.21
CA SER B 390 31.13 -43.09 62.94
C SER B 390 31.45 -44.58 63.02
N LYS B 391 31.93 -45.17 61.92
CA LYS B 391 32.25 -46.59 61.94
C LYS B 391 33.42 -46.86 62.87
N ALA B 392 34.44 -45.99 62.85
CA ALA B 392 35.59 -46.17 63.71
C ALA B 392 35.20 -46.05 65.18
N ARG B 393 34.34 -45.10 65.50
CA ARG B 393 33.88 -44.96 66.88
C ARG B 393 33.06 -46.16 67.32
N ARG B 394 32.19 -46.68 66.44
CA ARG B 394 31.36 -47.81 66.87
C ARG B 394 32.18 -49.08 67.01
N ASP B 395 33.20 -49.27 66.16
CA ASP B 395 34.03 -50.47 66.34
C ASP B 395 35.00 -50.33 67.51
N CYS B 396 35.42 -49.12 67.86
CA CYS B 396 36.25 -48.95 69.05
C CYS B 396 35.46 -48.96 70.34
N LEU B 397 34.14 -48.75 70.27
CA LEU B 397 33.31 -48.83 71.47
C LEU B 397 32.53 -50.14 71.59
N THR B 398 32.50 -50.97 70.55
CA THR B 398 31.83 -52.27 70.67
C THR B 398 32.47 -53.21 71.69
N PRO B 399 33.81 -53.43 71.71
CA PRO B 399 34.35 -54.30 72.78
C PRO B 399 34.22 -53.70 74.17
N TYR B 400 34.23 -52.37 74.29
CA TYR B 400 34.11 -51.73 75.58
C TYR B 400 32.67 -51.67 76.08
N ALA B 401 31.69 -52.02 75.24
CA ALA B 401 30.29 -52.00 75.64
C ALA B 401 29.91 -53.31 76.35
N PHE C 1 -24.62 36.59 58.35
CA PHE C 1 -24.64 35.42 59.22
C PHE C 1 -23.75 34.32 58.65
N GLU C 2 -22.86 33.81 59.49
CA GLU C 2 -21.90 32.80 59.06
C GLU C 2 -22.60 31.47 58.80
N HIS C 3 -22.36 30.88 57.64
CA HIS C 3 -22.89 29.57 57.31
C HIS C 3 -21.88 28.82 56.46
N ALA C 4 -21.47 27.64 56.91
CA ALA C 4 -20.46 26.83 56.23
C ALA C 4 -21.09 25.56 55.70
N THR C 5 -20.74 25.18 54.47
CA THR C 5 -21.26 23.97 53.87
C THR C 5 -20.20 23.41 52.92
N THR C 6 -20.51 22.26 52.33
CA THR C 6 -19.62 21.58 51.40
C THR C 6 -20.36 21.35 50.09
N VAL C 7 -19.79 21.82 48.99
CA VAL C 7 -20.40 21.74 47.67
C VAL C 7 -19.49 20.91 46.77
N PRO C 8 -20.02 19.98 46.00
CA PRO C 8 -19.19 19.25 45.04
C PRO C 8 -18.66 20.16 43.95
N ASN C 9 -17.50 19.77 43.40
CA ASN C 9 -16.78 20.58 42.42
C ASN C 9 -17.35 20.47 41.02
N VAL C 10 -18.43 19.71 40.82
CA VAL C 10 -18.97 19.46 39.49
C VAL C 10 -19.61 20.73 38.95
N PRO C 11 -19.19 21.22 37.78
CA PRO C 11 -19.91 22.34 37.15
C PRO C 11 -21.32 21.93 36.78
N GLY C 12 -22.23 22.89 36.88
CA GLY C 12 -23.63 22.53 36.76
C GLY C 12 -24.09 21.82 38.02
N ILE C 13 -25.23 21.14 37.89
CA ILE C 13 -25.96 20.44 38.95
C ILE C 13 -26.00 21.27 40.25
N PRO C 14 -26.82 22.33 40.27
CA PRO C 14 -26.76 23.29 41.39
C PRO C 14 -27.10 22.67 42.72
N TYR C 15 -26.43 23.17 43.77
CA TYR C 15 -26.50 22.60 45.11
C TYR C 15 -27.46 23.43 45.97
N LYS C 16 -28.28 22.75 46.76
CA LYS C 16 -29.33 23.37 47.54
C LYS C 16 -29.05 23.19 49.03
N ALA C 17 -29.36 24.21 49.82
CA ALA C 17 -29.20 24.13 51.27
C ALA C 17 -30.22 25.03 51.93
N LEU C 18 -30.46 24.78 53.22
CA LEU C 18 -31.38 25.58 54.01
C LEU C 18 -30.61 26.15 55.20
N VAL C 19 -30.34 27.45 55.16
CA VAL C 19 -29.71 28.14 56.27
C VAL C 19 -30.80 28.61 57.23
N GLU C 20 -30.53 28.50 58.52
CA GLU C 20 -31.54 28.76 59.53
C GLU C 20 -30.98 29.66 60.63
N ARG C 21 -31.86 30.42 61.25
CA ARG C 21 -31.52 31.24 62.41
C ARG C 21 -32.55 30.98 63.50
N ALA C 22 -32.14 31.25 64.75
CA ALA C 22 -33.02 30.97 65.88
C ALA C 22 -34.26 31.85 65.86
N GLY C 23 -34.11 33.14 65.57
CA GLY C 23 -35.21 34.07 65.54
C GLY C 23 -35.70 34.47 64.16
N TYR C 24 -35.19 33.84 63.10
CA TYR C 24 -35.54 34.23 61.74
C TYR C 24 -36.09 33.03 60.99
N ALA C 25 -36.81 33.33 59.91
CA ALA C 25 -37.36 32.29 59.07
C ALA C 25 -36.24 31.55 58.32
N PRO C 26 -36.44 30.27 58.02
CA PRO C 26 -35.44 29.54 57.20
C PRO C 26 -35.31 30.16 55.82
N LEU C 27 -34.08 30.15 55.31
CA LEU C 27 -33.74 30.77 54.04
C LEU C 27 -33.08 29.76 53.13
N ASN C 28 -33.38 29.85 51.84
CA ASN C 28 -32.80 28.95 50.85
C ASN C 28 -31.46 29.50 50.36
N LEU C 29 -30.45 28.62 50.34
CA LEU C 29 -29.14 28.95 49.80
C LEU C 29 -28.92 28.07 48.58
N GLU C 30 -28.50 28.70 47.48
CA GLU C 30 -28.42 28.03 46.19
C GLU C 30 -27.04 28.29 45.63
N ILE C 31 -26.17 27.29 45.67
CA ILE C 31 -24.77 27.45 45.31
C ILE C 31 -24.52 26.70 44.01
N THR C 32 -24.01 27.40 43.00
CA THR C 32 -23.74 26.81 41.70
C THR C 32 -22.30 27.11 41.30
N VAL C 33 -21.57 26.07 40.90
CA VAL C 33 -20.23 26.23 40.34
C VAL C 33 -20.40 26.43 38.84
N VAL C 34 -20.35 27.69 38.40
CA VAL C 34 -20.53 27.99 36.98
C VAL C 34 -19.32 27.53 36.18
N SER C 35 -18.12 27.83 36.66
CA SER C 35 -16.90 27.48 35.95
C SER C 35 -15.76 27.36 36.95
N SER C 36 -14.70 26.66 36.53
CA SER C 36 -13.53 26.47 37.36
C SER C 36 -12.29 26.47 36.47
N GLU C 37 -11.16 26.82 37.06
CA GLU C 37 -9.91 26.92 36.32
C GLU C 37 -8.75 26.51 37.22
N LEU C 38 -8.10 25.39 36.91
CA LEU C 38 -6.80 25.05 37.46
C LEU C 38 -5.75 25.73 36.61
N THR C 39 -5.08 26.73 37.18
CA THR C 39 -4.05 27.49 36.48
C THR C 39 -2.71 27.28 37.17
N PRO C 40 -1.84 26.41 36.65
CA PRO C 40 -0.55 26.20 37.30
C PRO C 40 0.44 27.32 36.97
N SER C 41 1.50 27.37 37.75
CA SER C 41 2.58 28.33 37.56
C SER C 41 3.64 27.69 36.66
N THR C 42 3.94 28.34 35.55
CA THR C 42 4.85 27.80 34.54
C THR C 42 5.99 28.77 34.29
N ASN C 43 7.18 28.21 34.08
CA ASN C 43 8.34 28.96 33.62
C ASN C 43 8.86 28.30 32.36
N LYS C 44 9.17 29.10 31.34
CA LYS C 44 9.56 28.58 30.05
C LYS C 44 10.97 28.00 30.12
N GLU C 45 11.08 26.68 30.04
CA GLU C 45 12.41 26.06 29.98
C GLU C 45 13.11 26.44 28.68
N TYR C 46 12.47 26.21 27.54
CA TYR C 46 13.01 26.71 26.26
C TYR C 46 11.94 26.66 25.19
N VAL C 47 12.35 26.93 23.95
CA VAL C 47 11.49 26.81 22.78
C VAL C 47 12.28 26.06 21.71
N THR C 48 11.57 25.38 20.82
CA THR C 48 12.22 24.57 19.80
C THR C 48 11.33 24.48 18.57
N CYS C 49 11.96 24.14 17.45
CA CYS C 49 11.27 23.95 16.17
C CYS C 49 12.25 23.25 15.23
N LYS C 50 11.88 23.18 13.95
CA LYS C 50 12.77 22.62 12.95
C LYS C 50 13.95 23.56 12.68
N PHE C 51 15.15 23.00 12.56
CA PHE C 51 16.32 23.80 12.28
C PHE C 51 16.48 24.04 10.79
N HIS C 52 17.46 24.87 10.43
CA HIS C 52 17.66 25.29 9.05
C HIS C 52 18.91 24.71 8.41
N THR C 53 19.91 24.32 9.21
CA THR C 53 21.22 23.79 8.79
C THR C 53 21.80 24.50 7.56
N VAL C 54 21.92 25.83 7.71
CA VAL C 54 22.50 26.64 6.65
C VAL C 54 24.00 26.35 6.53
N ILE C 55 24.49 26.30 5.30
CA ILE C 55 25.89 26.03 5.02
C ILE C 55 26.47 27.26 4.31
N PRO C 56 27.50 27.90 4.85
CA PRO C 56 28.06 29.08 4.19
C PRO C 56 28.88 28.69 2.97
N SER C 57 29.35 29.70 2.23
CA SER C 57 30.23 29.43 1.10
C SER C 57 31.57 28.89 1.59
N PRO C 58 32.09 27.85 0.96
CA PRO C 58 33.36 27.28 1.40
C PRO C 58 34.51 28.23 1.14
N GLN C 59 35.55 28.14 1.98
CA GLN C 59 36.71 29.00 1.88
C GLN C 59 37.88 28.18 1.37
N VAL C 60 38.33 28.49 0.15
CA VAL C 60 39.41 27.75 -0.49
C VAL C 60 40.67 28.61 -0.43
N LYS C 61 41.73 28.05 0.16
CA LYS C 61 43.03 28.70 0.23
C LYS C 61 44.02 27.87 -0.56
N CYS C 62 44.87 28.54 -1.33
CA CYS C 62 45.75 27.86 -2.25
C CYS C 62 47.18 28.36 -2.11
N CYS C 63 48.11 27.42 -2.30
CA CYS C 63 49.52 27.56 -1.90
C CYS C 63 49.62 28.01 -0.45
N GLY C 64 48.86 27.33 0.41
CA GLY C 64 48.84 27.60 1.83
C GLY C 64 47.87 26.65 2.48
N SER C 65 47.81 26.74 3.80
CA SER C 65 46.89 25.93 4.59
C SER C 65 46.25 26.80 5.66
N LEU C 66 44.98 26.51 5.96
CA LEU C 66 44.27 27.26 6.98
C LEU C 66 43.54 26.27 7.88
N GLU C 67 43.31 26.70 9.12
CA GLU C 67 42.52 25.94 10.07
C GLU C 67 41.47 26.86 10.67
N CYS C 68 40.40 26.26 11.17
CA CYS C 68 39.29 27.01 11.73
C CYS C 68 39.32 26.97 13.25
N LYS C 69 38.74 28.00 13.85
CA LYS C 69 38.73 28.20 15.28
C LYS C 69 37.32 27.95 15.83
N ALA C 70 37.17 28.13 17.13
CA ALA C 70 35.89 27.95 17.78
C ALA C 70 34.91 29.06 17.37
N SER C 71 33.63 28.71 17.32
CA SER C 71 32.59 29.67 16.97
C SER C 71 31.43 29.51 17.95
N SER C 72 30.69 30.60 18.14
CA SER C 72 29.55 30.62 19.03
C SER C 72 28.25 30.24 18.34
N ARG C 73 28.31 29.87 17.06
CA ARG C 73 27.11 29.52 16.33
C ARG C 73 26.55 28.18 16.80
N ALA C 74 25.26 27.99 16.57
CA ALA C 74 24.58 26.79 17.06
C ALA C 74 25.03 25.56 16.28
N ASP C 75 25.60 24.60 17.01
CA ASP C 75 26.07 23.33 16.45
C ASP C 75 27.07 23.54 15.32
N TYR C 76 28.04 24.42 15.56
CA TYR C 76 29.04 24.73 14.55
C TYR C 76 29.97 23.55 14.35
N THR C 77 30.15 23.15 13.10
CA THR C 77 31.00 22.01 12.74
C THR C 77 31.93 22.41 11.63
N CYS C 78 33.19 21.98 11.74
CA CYS C 78 34.24 22.39 10.82
C CYS C 78 35.16 21.23 10.51
N ARG C 79 35.70 21.23 9.30
CA ARG C 79 36.67 20.24 8.88
C ARG C 79 37.41 20.78 7.66
N VAL C 80 38.72 20.55 7.64
CA VAL C 80 39.60 21.11 6.60
C VAL C 80 40.06 19.96 5.71
N PHE C 81 39.88 20.13 4.40
CA PHE C 81 40.22 19.12 3.42
C PHE C 81 41.41 19.61 2.60
N GLY C 82 42.48 18.82 2.56
CA GLY C 82 43.64 19.15 1.77
C GLY C 82 43.67 18.40 0.45
N GLY C 83 44.50 18.90 -0.46
CA GLY C 83 44.66 18.26 -1.76
C GLY C 83 43.44 18.32 -2.64
N VAL C 84 42.77 19.46 -2.70
CA VAL C 84 41.61 19.66 -3.56
C VAL C 84 42.05 20.39 -4.81
N TYR C 85 41.14 20.47 -5.79
CA TYR C 85 41.35 21.25 -7.01
C TYR C 85 39.99 21.72 -7.49
N PRO C 86 39.40 22.70 -6.83
CA PRO C 86 37.99 23.04 -7.07
C PRO C 86 37.75 23.63 -8.45
N PHE C 87 36.56 23.37 -8.98
CA PHE C 87 36.10 23.91 -10.24
C PHE C 87 34.76 24.61 -10.06
N MET C 88 34.60 25.73 -10.73
CA MET C 88 33.31 26.38 -10.93
C MET C 88 33.06 26.49 -12.43
N TRP C 89 31.99 27.19 -12.79
CA TRP C 89 31.73 27.47 -14.19
C TRP C 89 32.78 28.47 -14.68
N GLY C 90 33.77 27.96 -15.41
CA GLY C 90 34.85 28.80 -15.88
C GLY C 90 36.19 28.10 -15.85
N GLY C 91 36.29 27.04 -15.05
CA GLY C 91 37.51 26.25 -14.98
C GLY C 91 37.97 26.11 -13.55
N ALA C 92 39.26 25.85 -13.39
CA ALA C 92 39.86 25.67 -12.08
C ALA C 92 39.82 26.98 -11.29
N GLN C 93 39.75 26.86 -9.97
CA GLN C 93 39.56 28.01 -9.12
C GLN C 93 40.85 28.57 -8.54
N CYS C 94 41.90 27.77 -8.41
CA CYS C 94 43.22 28.31 -8.15
C CYS C 94 44.24 27.51 -8.96
N PHE C 95 45.51 27.71 -8.65
CA PHE C 95 46.59 27.28 -9.52
C PHE C 95 47.59 26.33 -8.89
N CYS C 96 47.42 25.95 -7.64
CA CYS C 96 48.51 25.30 -6.90
C CYS C 96 48.50 23.80 -7.07
N ASP C 97 47.64 23.28 -7.95
CA ASP C 97 47.56 21.87 -8.35
C ASP C 97 47.18 21.02 -7.13
N SER C 98 47.86 19.92 -6.84
CA SER C 98 47.44 18.98 -5.80
C SER C 98 47.98 19.37 -4.44
N GLU C 99 47.69 20.60 -4.03
CA GLU C 99 48.10 21.10 -2.72
C GLU C 99 47.00 21.94 -2.08
N ASN C 100 45.98 22.32 -2.84
CA ASN C 100 44.98 23.30 -2.44
C ASN C 100 44.20 22.78 -1.23
N THR C 101 43.74 23.69 -0.38
CA THR C 101 42.98 23.29 0.79
C THR C 101 41.66 24.03 0.86
N GLN C 102 40.66 23.37 1.43
CA GLN C 102 39.30 23.87 1.51
C GLN C 102 38.79 23.75 2.93
N LEU C 103 38.11 24.79 3.41
CA LEU C 103 37.48 24.80 4.72
C LEU C 103 35.97 24.90 4.51
N SER C 104 35.24 23.99 5.14
CA SER C 104 33.78 23.91 5.04
C SER C 104 33.18 24.15 6.42
N GLU C 105 32.13 24.96 6.47
CA GLU C 105 31.41 25.24 7.70
C GLU C 105 29.99 24.71 7.62
N ALA C 106 29.43 24.41 8.79
CA ALA C 106 28.05 23.96 8.88
C ALA C 106 27.52 24.28 10.26
N TYR C 107 26.36 24.92 10.31
CA TYR C 107 25.70 25.22 11.58
C TYR C 107 24.21 25.36 11.32
N VAL C 108 23.44 25.28 12.39
CA VAL C 108 21.99 25.30 12.30
C VAL C 108 21.46 26.61 12.88
N GLU C 109 20.25 26.96 12.48
CA GLU C 109 19.55 28.11 13.01
C GLU C 109 18.05 27.85 12.85
N PHE C 110 17.24 28.78 13.35
CA PHE C 110 15.80 28.62 13.29
C PHE C 110 15.29 28.82 11.87
N ALA C 111 14.30 28.01 11.49
CA ALA C 111 13.69 28.13 10.18
C ALA C 111 12.87 29.42 10.10
N PRO C 112 12.66 29.96 8.89
CA PRO C 112 11.85 31.18 8.77
C PRO C 112 10.43 31.04 9.25
N ASP C 113 9.83 29.86 9.11
CA ASP C 113 8.44 29.63 9.52
C ASP C 113 8.34 29.13 10.96
N CYS C 114 9.38 29.29 11.76
CA CYS C 114 9.35 28.84 13.14
C CYS C 114 8.58 29.78 14.06
N THR C 115 8.19 30.97 13.57
CA THR C 115 7.39 31.87 14.39
C THR C 115 5.98 31.37 14.60
N ILE C 116 5.53 30.42 13.79
CA ILE C 116 4.20 29.83 13.91
C ILE C 116 4.29 28.38 14.40
N ASP C 117 5.08 27.55 13.72
CA ASP C 117 5.19 26.13 14.05
C ASP C 117 6.40 25.95 14.97
N HIS C 118 6.16 26.14 16.26
CA HIS C 118 7.18 25.93 17.28
C HIS C 118 6.53 25.37 18.53
N ALA C 119 7.34 24.69 19.33
CA ALA C 119 6.89 24.09 20.58
C ALA C 119 7.65 24.71 21.75
N VAL C 120 6.91 25.10 22.77
CA VAL C 120 7.48 25.67 24.00
C VAL C 120 7.55 24.57 25.04
N ALA C 121 8.73 24.35 25.60
CA ALA C 121 8.95 23.38 26.66
C ALA C 121 8.93 24.12 27.99
N LEU C 122 8.01 23.69 28.87
CA LEU C 122 7.65 24.38 30.10
C LEU C 122 7.80 23.43 31.28
N LYS C 123 8.19 23.99 32.42
CA LYS C 123 8.16 23.28 33.70
C LYS C 123 6.96 23.75 34.48
N VAL C 124 6.18 22.81 35.00
CA VAL C 124 4.88 23.11 35.62
C VAL C 124 4.95 22.75 37.10
N HIS C 125 4.68 23.74 37.94
CA HIS C 125 4.61 23.58 39.39
C HIS C 125 3.17 23.29 39.79
N THR C 126 2.89 23.43 41.09
CA THR C 126 1.55 23.15 41.61
C THR C 126 0.54 24.15 41.04
N ALA C 127 -0.72 23.72 41.01
CA ALA C 127 -1.79 24.45 40.37
C ALA C 127 -2.80 24.95 41.40
N ALA C 128 -3.33 26.15 41.17
CA ALA C 128 -4.35 26.74 42.02
C ALA C 128 -5.70 26.75 41.30
N LEU C 129 -6.77 26.67 42.09
CA LEU C 129 -8.13 26.58 41.57
C LEU C 129 -8.85 27.91 41.77
N LYS C 130 -9.43 28.42 40.70
CA LYS C 130 -10.29 29.61 40.76
C LYS C 130 -11.65 29.23 40.22
N VAL C 131 -12.70 29.53 41.00
CA VAL C 131 -14.04 29.03 40.73
C VAL C 131 -15.00 30.21 40.63
N GLY C 132 -15.81 30.22 39.57
CA GLY C 132 -16.92 31.15 39.48
C GLY C 132 -18.15 30.55 40.12
N LEU C 133 -18.80 31.32 40.99
CA LEU C 133 -19.90 30.85 41.80
C LEU C 133 -21.11 31.74 41.59
N ARG C 134 -22.28 31.11 41.49
CA ARG C 134 -23.56 31.79 41.52
C ARG C 134 -24.25 31.46 42.84
N ILE C 135 -24.58 32.49 43.61
CA ILE C 135 -25.19 32.34 44.92
C ILE C 135 -26.57 32.97 44.86
N VAL C 136 -27.60 32.18 45.11
CA VAL C 136 -28.98 32.66 45.13
C VAL C 136 -29.51 32.52 46.54
N TYR C 137 -30.05 33.61 47.08
CA TYR C 137 -30.54 33.65 48.45
C TYR C 137 -31.57 34.78 48.53
N GLY C 138 -32.78 34.44 49.00
CA GLY C 138 -33.82 35.43 49.21
C GLY C 138 -34.18 36.21 47.95
N ASN C 139 -34.35 35.50 46.84
CA ASN C 139 -34.59 36.00 45.48
C ASN C 139 -33.46 36.91 44.96
N THR C 140 -32.30 36.90 45.60
CA THR C 140 -31.16 37.71 45.16
C THR C 140 -30.06 36.80 44.62
N THR C 141 -29.61 37.08 43.41
CA THR C 141 -28.60 36.28 42.74
C THR C 141 -27.33 37.08 42.55
N ALA C 142 -26.20 36.53 42.97
CA ALA C 142 -24.90 37.19 42.86
C ALA C 142 -23.90 36.24 42.21
N HIS C 143 -23.18 36.75 41.21
CA HIS C 143 -22.14 35.99 40.52
C HIS C 143 -20.79 36.56 40.92
N LEU C 144 -19.85 35.67 41.26
CA LEU C 144 -18.55 36.14 41.74
C LEU C 144 -17.48 35.11 41.46
N ASP C 145 -16.27 35.58 41.22
CA ASP C 145 -15.10 34.71 41.04
C ASP C 145 -14.27 34.70 42.31
N THR C 146 -13.91 33.51 42.78
CA THR C 146 -13.15 33.39 44.02
C THR C 146 -12.01 32.40 43.83
N PHE C 147 -11.00 32.55 44.68
CA PHE C 147 -9.87 31.62 44.66
C PHE C 147 -10.10 30.52 45.70
N VAL C 148 -9.83 29.28 45.30
CA VAL C 148 -10.02 28.13 46.20
C VAL C 148 -8.72 27.98 46.98
N ASN C 149 -8.59 28.78 48.03
CA ASN C 149 -7.44 28.68 48.93
C ASN C 149 -7.80 28.77 50.40
N GLY C 150 -9.01 29.21 50.76
CA GLY C 150 -9.41 29.32 52.15
C GLY C 150 -9.08 30.63 52.81
N VAL C 151 -8.41 31.56 52.13
CA VAL C 151 -8.01 32.82 52.74
C VAL C 151 -8.51 34.01 51.93
N THR C 152 -8.73 33.81 50.64
CA THR C 152 -9.09 34.91 49.76
C THR C 152 -10.61 35.06 49.71
N PRO C 153 -11.16 36.20 50.10
CA PRO C 153 -12.60 36.41 50.01
C PRO C 153 -13.02 36.87 48.62
N GLY C 154 -14.31 36.82 48.38
CA GLY C 154 -14.87 37.27 47.11
C GLY C 154 -16.15 38.03 47.34
N SER C 155 -16.41 38.98 46.44
CA SER C 155 -17.61 39.81 46.54
C SER C 155 -18.38 39.81 45.23
N ASP C 158 -20.92 42.94 47.81
CA ASP C 158 -21.34 43.15 49.19
C ASP C 158 -21.34 41.86 50.01
N LEU C 159 -21.64 40.75 49.35
CA LEU C 159 -21.65 39.45 50.00
C LEU C 159 -20.23 38.90 50.07
N LYS C 160 -19.83 38.41 51.25
CA LYS C 160 -18.50 37.87 51.45
C LYS C 160 -18.55 36.36 51.63
N VAL C 161 -17.55 35.69 51.08
CA VAL C 161 -17.55 34.24 50.93
C VAL C 161 -16.10 33.76 50.96
N ILE C 162 -15.89 32.60 51.56
CA ILE C 162 -14.56 31.98 51.66
C ILE C 162 -14.68 30.56 51.12
N ALA C 163 -13.90 30.25 50.09
CA ALA C 163 -13.87 28.91 49.51
C ALA C 163 -12.67 28.17 50.10
N GLY C 164 -12.96 27.16 50.93
CA GLY C 164 -11.93 26.41 51.60
C GLY C 164 -11.11 25.57 50.66
N PRO C 165 -10.03 24.95 51.17
CA PRO C 165 -9.13 24.19 50.29
C PRO C 165 -9.81 22.97 49.68
N ILE C 166 -9.40 22.66 48.46
CA ILE C 166 -9.97 21.53 47.73
C ILE C 166 -9.54 20.23 48.39
N SER C 167 -10.47 19.27 48.46
CA SER C 167 -10.19 17.99 49.12
C SER C 167 -9.14 17.19 48.37
N ALA C 168 -9.18 17.20 47.04
CA ALA C 168 -8.27 16.45 46.22
C ALA C 168 -7.22 17.36 45.60
N ALA C 169 -6.00 16.84 45.47
CA ALA C 169 -4.87 17.58 44.91
C ALA C 169 -4.57 17.13 43.49
N PHE C 170 -5.62 16.87 42.71
CA PHE C 170 -5.45 16.41 41.33
C PHE C 170 -4.94 17.54 40.44
N SER C 171 -4.03 17.20 39.54
CA SER C 171 -3.55 18.12 38.52
C SER C 171 -3.36 17.32 37.23
N PRO C 172 -3.98 17.74 36.13
CA PRO C 172 -3.85 16.98 34.88
C PRO C 172 -2.48 17.11 34.22
N PHE C 173 -1.68 18.09 34.61
CA PHE C 173 -0.38 18.34 34.00
C PHE C 173 0.73 17.65 34.77
N ASP C 174 1.71 17.15 34.02
CA ASP C 174 2.90 16.58 34.65
C ASP C 174 3.89 17.71 34.95
N HIS C 175 5.12 17.34 35.33
CA HIS C 175 6.12 18.36 35.64
C HIS C 175 6.62 19.04 34.38
N LYS C 176 6.74 18.31 33.28
CA LYS C 176 7.24 18.83 32.02
C LYS C 176 6.14 18.80 30.97
N VAL C 177 5.87 19.95 30.35
CA VAL C 177 4.76 20.11 29.42
C VAL C 177 5.26 20.78 28.15
N VAL C 178 4.86 20.23 27.00
CA VAL C 178 5.18 20.80 25.70
C VAL C 178 3.90 21.39 25.11
N ILE C 179 3.96 22.65 24.71
CA ILE C 179 2.81 23.35 24.13
C ILE C 179 3.16 23.70 22.69
N ARG C 180 2.34 23.23 21.74
CA ARG C 180 2.54 23.52 20.33
C ARG C 180 1.20 23.83 19.69
N LYS C 181 1.03 25.09 19.27
CA LYS C 181 -0.14 25.54 18.49
C LYS C 181 -1.46 25.26 19.22
N GLY C 182 -1.48 25.49 20.52
CA GLY C 182 -2.66 25.24 21.31
C GLY C 182 -2.86 23.80 21.72
N PHE C 183 -1.93 22.92 21.39
CA PHE C 183 -1.99 21.51 21.78
C PHE C 183 -1.01 21.28 22.93
N VAL C 184 -1.47 20.58 23.96
CA VAL C 184 -0.73 20.41 25.21
C VAL C 184 -0.37 18.95 25.36
N TYR C 185 0.91 18.67 25.63
CA TYR C 185 1.40 17.31 25.76
C TYR C 185 2.19 17.18 27.05
N ASN C 186 2.01 16.04 27.73
CA ASN C 186 2.82 15.70 28.90
C ASN C 186 4.06 14.93 28.45
N TYR C 187 4.98 15.68 27.83
CA TYR C 187 6.20 15.10 27.28
C TYR C 187 7.38 15.41 28.19
N ASP C 188 8.27 14.43 28.34
CA ASP C 188 9.46 14.57 29.19
C ASP C 188 10.62 15.02 28.30
N PHE C 189 10.65 16.32 28.03
CA PHE C 189 11.72 16.86 27.19
C PHE C 189 13.03 16.90 27.97
N PRO C 190 14.16 16.85 27.26
CA PRO C 190 15.45 16.99 27.94
C PRO C 190 15.66 18.41 28.46
N GLU C 191 16.56 18.51 29.43
CA GLU C 191 16.87 19.80 30.04
C GLU C 191 17.59 20.71 29.06
N TYR C 192 17.69 21.98 29.43
CA TYR C 192 18.40 22.95 28.60
C TYR C 192 19.89 22.63 28.61
N GLY C 193 20.47 22.55 27.42
CA GLY C 193 21.86 22.18 27.26
C GLY C 193 22.10 20.70 27.03
N ALA C 194 21.14 19.85 27.37
CA ALA C 194 21.28 18.41 27.16
C ALA C 194 20.55 17.98 25.89
N MET C 195 21.04 18.48 24.76
CA MET C 195 20.43 18.17 23.48
C MET C 195 20.76 16.75 23.05
N LYS C 196 19.81 16.11 22.37
CA LYS C 196 20.06 14.80 21.79
C LYS C 196 19.75 14.82 20.30
N PRO C 197 20.59 14.22 19.47
CA PRO C 197 20.33 14.24 18.02
C PRO C 197 19.15 13.36 17.66
N GLY C 198 18.31 13.86 16.75
CA GLY C 198 17.17 13.11 16.29
C GLY C 198 16.05 12.96 17.29
N ALA C 199 16.01 13.82 18.31
CA ALA C 199 14.97 13.77 19.34
C ALA C 199 14.45 15.17 19.58
N PHE C 200 13.36 15.25 20.34
CA PHE C 200 12.76 16.54 20.67
C PHE C 200 13.74 17.36 21.49
N GLY C 201 13.79 18.67 21.19
CA GLY C 201 14.74 19.53 21.84
C GLY C 201 16.15 19.40 21.33
N ASP C 202 16.33 18.94 20.09
CA ASP C 202 17.67 18.86 19.50
C ASP C 202 18.25 20.24 19.27
N ILE C 203 17.40 21.25 19.06
CA ILE C 203 17.80 22.64 19.02
C ILE C 203 17.00 23.40 20.07
N GLN C 204 17.66 24.26 20.83
CA GLN C 204 17.01 24.98 21.92
C GLN C 204 17.47 26.43 21.94
N ALA C 205 16.59 27.30 22.42
CA ALA C 205 16.90 28.70 22.64
C ALA C 205 15.90 29.26 23.65
N SER C 206 16.30 30.37 24.28
CA SER C 206 15.40 31.03 25.22
C SER C 206 14.21 31.65 24.51
N SER C 207 14.40 32.15 23.29
CA SER C 207 13.34 32.74 22.51
C SER C 207 13.61 32.48 21.04
N LEU C 208 12.61 32.73 20.22
CA LEU C 208 12.76 32.52 18.77
C LEU C 208 13.71 33.53 18.16
N ASP C 209 13.79 34.73 18.71
CA ASP C 209 14.70 35.76 18.23
C ASP C 209 16.02 35.80 19.00
N ALA C 210 16.23 34.89 19.94
CA ALA C 210 17.46 34.90 20.73
C ALA C 210 18.64 34.43 19.89
N THR C 211 19.80 35.02 20.13
CA THR C 211 21.02 34.67 19.43
C THR C 211 21.83 33.60 20.13
N ASP C 212 21.44 33.19 21.33
CA ASP C 212 22.17 32.16 22.08
C ASP C 212 21.58 30.77 21.83
N ILE C 213 21.45 30.45 20.55
CA ILE C 213 20.90 29.17 20.13
C ILE C 213 21.94 28.08 20.32
N VAL C 214 21.52 26.96 20.90
CA VAL C 214 22.38 25.80 21.10
C VAL C 214 21.72 24.58 20.47
N ALA C 215 22.52 23.69 19.90
CA ALA C 215 22.01 22.49 19.27
C ALA C 215 23.10 21.43 19.22
N ARG C 216 22.68 20.17 19.15
CA ARG C 216 23.60 19.05 19.05
C ARG C 216 23.09 18.04 18.02
N THR C 217 22.72 18.53 16.84
CA THR C 217 22.35 17.64 15.75
C THR C 217 23.57 16.88 15.25
N ASP C 218 23.38 15.60 14.94
CA ASP C 218 24.49 14.73 14.54
C ASP C 218 24.86 15.07 13.09
N ILE C 219 25.57 16.18 12.93
CA ILE C 219 26.00 16.68 11.64
C ILE C 219 27.49 16.43 11.50
N ARG C 220 27.93 16.07 10.30
CA ARG C 220 29.33 15.78 10.03
C ARG C 220 29.63 16.08 8.57
N LEU C 221 30.85 16.52 8.30
CA LEU C 221 31.24 16.97 6.98
C LEU C 221 32.07 15.90 6.28
N LEU C 222 31.70 15.60 5.05
CA LEU C 222 32.37 14.58 4.26
C LEU C 222 33.37 15.20 3.29
N LYS C 223 34.35 14.40 2.91
CA LYS C 223 35.33 14.84 1.93
C LYS C 223 34.69 14.97 0.56
N PRO C 224 34.91 16.08 -0.17
CA PRO C 224 34.30 16.22 -1.49
C PRO C 224 34.86 15.21 -2.48
N SER C 225 33.97 14.52 -3.18
CA SER C 225 34.34 13.44 -4.09
C SER C 225 34.45 13.90 -5.54
N VAL C 226 33.37 14.46 -6.09
CA VAL C 226 33.44 14.93 -7.47
C VAL C 226 34.23 16.24 -7.54
N LYS C 227 34.60 16.61 -8.76
CA LYS C 227 35.56 17.69 -8.97
C LYS C 227 34.83 19.03 -9.05
N ASN C 228 34.27 19.45 -7.92
CA ASN C 228 33.50 20.68 -7.84
C ASN C 228 33.67 21.35 -6.48
N ILE C 229 32.78 22.28 -6.15
CA ILE C 229 32.92 23.11 -4.96
C ILE C 229 31.70 22.96 -4.03
N HIS C 230 30.91 21.91 -4.20
CA HIS C 230 29.83 21.69 -3.26
C HIS C 230 30.40 21.24 -1.92
N VAL C 231 29.62 21.45 -0.86
CA VAL C 231 30.00 20.99 0.46
C VAL C 231 29.14 19.76 0.78
N PRO C 232 29.72 18.56 0.79
CA PRO C 232 28.94 17.37 1.12
C PRO C 232 28.87 17.15 2.63
N TYR C 233 27.68 16.78 3.09
CA TYR C 233 27.45 16.61 4.52
C TYR C 233 26.27 15.68 4.73
N THR C 234 26.26 15.04 5.89
CA THR C 234 25.14 14.23 6.35
C THR C 234 24.72 14.71 7.72
N GLN C 235 23.43 14.58 8.01
CA GLN C 235 22.88 15.08 9.25
C GLN C 235 21.78 14.14 9.72
N ALA C 236 21.57 14.11 11.03
CA ALA C 236 20.44 13.41 11.60
C ALA C 236 19.14 14.13 11.24
N VAL C 237 18.04 13.39 11.31
CA VAL C 237 16.74 13.99 10.99
C VAL C 237 16.35 15.00 12.06
N SER C 238 15.43 15.89 11.69
CA SER C 238 14.95 16.88 12.63
C SER C 238 14.14 16.20 13.73
N GLY C 239 14.62 16.31 14.97
CA GLY C 239 13.90 15.71 16.08
C GLY C 239 12.57 16.35 16.34
N TYR C 240 12.41 17.62 15.97
CA TYR C 240 11.11 18.27 16.05
C TYR C 240 10.09 17.60 15.14
N GLU C 241 10.48 17.31 13.89
CA GLU C 241 9.60 16.64 12.96
C GLU C 241 9.26 15.23 13.42
N MET C 242 10.27 14.51 13.93
CA MET C 242 10.06 13.16 14.43
C MET C 242 9.13 13.15 15.63
N TRP C 243 9.23 14.18 16.49
CA TRP C 243 8.29 14.29 17.59
C TRP C 243 6.89 14.64 17.08
N LYS C 244 6.81 15.45 16.03
CA LYS C 244 5.50 15.78 15.45
C LYS C 244 4.81 14.55 14.89
N ASN C 245 5.56 13.61 14.32
CA ASN C 245 4.92 12.37 13.87
C ASN C 245 4.37 11.55 15.03
N ASN C 246 5.17 11.31 16.07
CA ASN C 246 4.78 10.38 17.13
C ASN C 246 4.61 11.13 18.46
N SER C 247 3.93 12.27 18.41
CA SER C 247 3.59 12.99 19.63
C SER C 247 2.49 12.31 20.44
N GLY C 248 1.78 11.36 19.85
CA GLY C 248 0.64 10.76 20.52
C GLY C 248 -0.55 11.71 20.52
N ARG C 249 -1.41 11.51 21.49
CA ARG C 249 -2.56 12.40 21.54
C ARG C 249 -2.34 13.50 22.57
N PRO C 250 -2.86 14.69 22.33
CA PRO C 250 -2.68 15.79 23.29
C PRO C 250 -3.52 15.59 24.54
N LEU C 251 -3.25 16.43 25.54
CA LEU C 251 -4.00 16.35 26.79
C LEU C 251 -5.42 16.86 26.66
N GLN C 252 -5.76 17.52 25.53
CA GLN C 252 -7.15 17.88 25.29
C GLN C 252 -8.02 16.65 25.06
N GLU C 253 -7.43 15.52 24.70
CA GLU C 253 -8.14 14.27 24.51
C GLU C 253 -7.86 13.24 25.58
N THR C 254 -6.72 13.34 26.28
CA THR C 254 -6.34 12.39 27.33
C THR C 254 -6.11 13.17 28.61
N ALA C 255 -7.19 13.39 29.37
CA ALA C 255 -7.09 14.07 30.64
C ALA C 255 -8.20 13.54 31.54
N PRO C 256 -7.92 13.29 32.83
CA PRO C 256 -8.94 12.77 33.72
C PRO C 256 -9.98 13.82 34.06
N PHE C 257 -11.10 13.33 34.59
CA PHE C 257 -12.22 14.12 35.11
C PHE C 257 -12.90 14.96 34.05
N GLY C 258 -12.65 14.69 32.77
CA GLY C 258 -13.41 15.28 31.67
C GLY C 258 -13.37 16.78 31.57
N CYS C 259 -12.19 17.38 31.67
CA CYS C 259 -12.06 18.83 31.63
C CYS C 259 -11.05 19.27 30.58
N LYS C 260 -11.28 20.47 30.05
CA LYS C 260 -10.66 20.84 28.79
C LYS C 260 -9.48 21.78 29.00
N ILE C 261 -8.44 21.59 28.19
CA ILE C 261 -7.18 22.30 28.38
C ILE C 261 -7.14 23.50 27.45
N GLU C 262 -6.88 24.68 28.00
CA GLU C 262 -6.67 25.88 27.23
C GLU C 262 -5.23 26.36 27.38
N VAL C 263 -4.81 27.17 26.41
CA VAL C 263 -3.51 27.82 26.47
C VAL C 263 -3.73 29.33 26.62
N GLU C 264 -2.64 30.07 26.81
CA GLU C 264 -2.65 31.51 27.06
C GLU C 264 -3.70 31.99 28.07
N PRO C 265 -3.47 31.75 29.37
CA PRO C 265 -2.41 30.96 29.98
C PRO C 265 -2.76 29.47 29.96
N LEU C 266 -1.79 28.59 30.19
CA LEU C 266 -2.08 27.16 30.23
C LEU C 266 -2.94 26.84 31.45
N ARG C 267 -4.09 26.22 31.22
CA ARG C 267 -5.02 25.96 32.32
C ARG C 267 -5.93 24.80 31.95
N ALA C 268 -6.58 24.25 32.97
CA ALA C 268 -7.60 23.21 32.81
C ALA C 268 -8.92 23.77 33.30
N SER C 269 -9.94 23.71 32.46
CA SER C 269 -11.23 24.34 32.72
C SER C 269 -12.30 23.30 32.95
N ASN C 270 -13.11 23.53 33.99
CA ASN C 270 -14.28 22.74 34.37
C ASN C 270 -13.94 21.31 34.77
N CYS C 271 -13.05 21.17 35.75
CA CYS C 271 -12.68 19.86 36.28
C CYS C 271 -13.52 19.53 37.51
N ALA C 272 -14.08 18.33 37.51
CA ALA C 272 -14.97 17.86 38.56
C ALA C 272 -14.28 16.71 39.29
N TYR C 273 -13.57 17.02 40.37
CA TYR C 273 -12.73 16.02 41.00
C TYR C 273 -12.77 16.04 42.53
N GLY C 274 -13.78 16.63 43.15
CA GLY C 274 -13.83 16.61 44.60
C GLY C 274 -14.91 17.50 45.17
N HIS C 275 -14.68 17.95 46.39
CA HIS C 275 -15.62 18.81 47.11
C HIS C 275 -14.87 20.00 47.66
N ILE C 276 -15.58 21.11 47.83
CA ILE C 276 -15.00 22.37 48.29
C ILE C 276 -15.82 22.82 49.49
N PRO C 277 -15.19 23.26 50.58
CA PRO C 277 -15.94 23.92 51.66
C PRO C 277 -16.13 25.39 51.33
N ILE C 278 -17.39 25.85 51.37
CA ILE C 278 -17.73 27.23 51.10
C ILE C 278 -18.46 27.81 52.32
N SER C 279 -18.02 28.98 52.77
CA SER C 279 -18.62 29.67 53.90
C SER C 279 -19.09 31.05 53.44
N ILE C 280 -20.33 31.41 53.79
CA ILE C 280 -20.97 32.62 53.33
C ILE C 280 -21.38 33.42 54.55
N ASP C 281 -21.16 34.75 54.54
CA ASP C 281 -21.73 35.58 55.60
C ASP C 281 -22.97 36.32 55.06
N ILE C 282 -24.11 35.64 55.17
CA ILE C 282 -25.37 36.13 54.58
C ILE C 282 -25.81 37.39 55.33
N PRO C 283 -26.04 38.50 54.63
CA PRO C 283 -26.52 39.70 55.32
C PRO C 283 -27.91 39.52 55.87
N ASP C 284 -28.19 40.22 56.97
CA ASP C 284 -29.48 40.11 57.64
C ASP C 284 -30.61 40.80 56.88
N ALA C 285 -30.29 41.60 55.86
CA ALA C 285 -31.33 42.22 55.05
C ALA C 285 -32.12 41.16 54.29
N ALA C 286 -31.45 40.13 53.80
CA ALA C 286 -32.15 39.05 53.10
C ALA C 286 -32.96 38.20 54.08
N PHE C 287 -32.51 38.10 55.33
CA PHE C 287 -33.27 37.36 56.34
C PHE C 287 -34.56 38.09 56.68
N VAL C 288 -35.59 37.29 57.02
CA VAL C 288 -36.89 37.81 57.38
C VAL C 288 -37.31 37.18 58.70
N ARG C 289 -38.01 37.95 59.52
CA ARG C 289 -38.46 37.49 60.82
C ARG C 289 -39.48 36.36 60.67
N SER C 290 -39.55 35.53 61.71
CA SER C 290 -40.47 34.38 61.67
C SER C 290 -41.93 34.82 61.71
N SER C 291 -42.22 35.96 62.34
CA SER C 291 -43.60 36.44 62.41
C SER C 291 -44.09 36.88 61.03
N GLU C 292 -43.23 37.52 60.24
CA GLU C 292 -43.62 37.96 58.91
C GLU C 292 -43.78 36.77 57.96
N SER C 293 -43.00 35.72 58.14
CA SER C 293 -43.10 34.56 57.29
C SER C 293 -44.39 33.78 57.62
N PRO C 294 -45.03 33.19 56.60
CA PRO C 294 -46.25 32.41 56.86
C PRO C 294 -45.96 31.10 57.57
N THR C 295 -46.31 31.02 58.85
CA THR C 295 -46.10 29.80 59.60
C THR C 295 -47.19 28.78 59.29
N ILE C 296 -46.81 27.50 59.34
CA ILE C 296 -47.72 26.39 59.07
C ILE C 296 -47.56 25.37 60.18
N LEU C 297 -48.60 24.54 60.36
CA LEU C 297 -48.62 23.63 61.49
C LEU C 297 -49.11 22.22 61.17
N GLU C 298 -49.48 21.91 59.93
CA GLU C 298 -49.57 20.51 59.51
C GLU C 298 -49.35 20.42 58.01
N VAL C 299 -48.56 19.43 57.60
CA VAL C 299 -48.37 19.06 56.20
C VAL C 299 -48.42 17.55 56.08
N SER C 300 -48.73 17.07 54.87
CA SER C 300 -48.65 15.65 54.55
C SER C 300 -48.02 15.48 53.19
N CYS C 301 -47.15 14.48 53.05
CA CYS C 301 -46.38 14.24 51.83
C CYS C 301 -46.87 12.96 51.17
N THR C 302 -47.53 13.10 50.01
CA THR C 302 -47.93 11.96 49.18
C THR C 302 -47.09 12.00 47.92
N VAL C 303 -46.19 11.04 47.77
CA VAL C 303 -45.23 11.00 46.68
C VAL C 303 -45.61 9.85 45.75
N ALA C 304 -45.54 10.11 44.43
CA ALA C 304 -46.00 9.15 43.44
C ALA C 304 -44.95 8.97 42.37
N ASP C 305 -45.07 7.84 41.65
CA ASP C 305 -44.31 7.41 40.45
C ASP C 305 -42.87 7.91 40.43
N CYS C 306 -42.16 7.64 41.53
CA CYS C 306 -40.76 8.02 41.66
C CYS C 306 -39.87 7.04 40.92
N ILE C 307 -38.86 7.57 40.23
CA ILE C 307 -37.87 6.78 39.52
C ILE C 307 -36.50 7.36 39.82
N TYR C 308 -35.59 6.53 40.30
CA TYR C 308 -34.24 6.99 40.60
C TYR C 308 -33.41 7.01 39.33
N SER C 309 -32.98 8.21 38.93
CA SER C 309 -32.22 8.41 37.71
C SER C 309 -31.45 9.72 37.84
N ALA C 310 -30.77 10.10 36.76
CA ALA C 310 -29.99 11.35 36.79
C ALA C 310 -30.89 12.57 36.76
N ASP C 311 -32.01 12.51 36.04
CA ASP C 311 -32.92 13.64 35.94
C ASP C 311 -33.95 13.58 37.07
N PHE C 312 -34.83 14.59 37.10
CA PHE C 312 -35.87 14.69 38.12
C PHE C 312 -36.95 13.65 37.80
N GLY C 313 -36.74 12.43 38.28
CA GLY C 313 -37.62 11.33 37.98
C GLY C 313 -38.63 11.01 39.06
N GLY C 314 -38.88 11.94 39.96
CA GLY C 314 -39.86 11.74 41.01
C GLY C 314 -40.71 12.97 41.22
N SER C 315 -41.96 12.74 41.61
CA SER C 315 -42.91 13.80 41.87
C SER C 315 -43.62 13.56 43.19
N LEU C 316 -43.74 14.61 43.99
CA LEU C 316 -44.39 14.53 45.30
C LEU C 316 -45.41 15.65 45.42
N THR C 317 -46.30 15.52 46.40
CA THR C 317 -47.38 16.44 46.63
C THR C 317 -47.49 16.71 48.13
N LEU C 318 -47.52 17.99 48.50
CA LEU C 318 -47.66 18.40 49.89
C LEU C 318 -49.04 18.99 50.08
N GLN C 319 -49.81 18.39 50.98
CA GLN C 319 -51.06 18.99 51.47
C GLN C 319 -50.72 19.84 52.68
N TYR C 320 -51.10 21.12 52.64
CA TYR C 320 -50.68 22.08 53.66
C TYR C 320 -51.84 23.00 54.02
N LYS C 321 -51.81 23.46 55.28
CA LYS C 321 -52.67 24.51 55.78
C LYS C 321 -51.79 25.60 56.39
N ALA C 322 -52.06 26.85 56.04
CA ALA C 322 -51.24 27.98 56.48
C ALA C 322 -52.11 29.03 57.16
N ASP C 323 -51.47 29.82 58.03
CA ASP C 323 -52.18 30.88 58.73
C ASP C 323 -52.43 32.10 57.84
N ARG C 324 -51.56 32.33 56.85
CA ARG C 324 -51.66 33.54 56.04
C ARG C 324 -51.12 33.27 54.65
N GLU C 325 -51.54 34.12 53.70
CA GLU C 325 -51.02 34.08 52.35
C GLU C 325 -49.54 34.45 52.35
N GLY C 326 -48.72 33.68 51.64
CA GLY C 326 -47.30 33.98 51.67
C GLY C 326 -46.50 33.13 50.71
N HIS C 327 -45.20 33.05 50.99
CA HIS C 327 -44.27 32.28 50.19
C HIS C 327 -43.07 31.92 51.05
N CYS C 328 -42.64 30.67 50.96
CA CYS C 328 -41.58 30.17 51.81
C CYS C 328 -40.72 29.17 51.03
N PRO C 329 -39.46 28.99 51.43
CA PRO C 329 -38.62 28.01 50.75
C PRO C 329 -38.99 26.58 51.11
N VAL C 330 -38.63 25.66 50.20
CA VAL C 330 -38.75 24.23 50.43
C VAL C 330 -37.34 23.64 50.43
N HIS C 331 -37.18 22.51 51.10
CA HIS C 331 -35.88 21.88 51.16
C HIS C 331 -36.05 20.38 51.35
N SER C 332 -35.08 19.62 50.85
CA SER C 332 -34.98 18.19 51.10
C SER C 332 -33.81 17.92 52.04
N HIS C 333 -34.06 17.17 53.11
CA HIS C 333 -33.07 16.94 54.15
C HIS C 333 -32.37 15.59 53.98
N SER C 334 -32.17 15.16 52.74
CA SER C 334 -31.47 13.91 52.46
C SER C 334 -30.38 14.15 51.42
N THR C 335 -29.26 13.44 51.58
CA THR C 335 -28.15 13.54 50.65
C THR C 335 -28.36 12.72 49.39
N THR C 336 -29.36 11.84 49.37
CA THR C 336 -29.63 10.98 48.21
C THR C 336 -30.90 11.38 47.47
N ALA C 337 -31.45 12.55 47.77
CA ALA C 337 -32.64 13.04 47.09
C ALA C 337 -32.67 14.55 47.17
N VAL C 338 -32.76 15.21 46.01
CA VAL C 338 -32.73 16.66 45.94
C VAL C 338 -33.95 17.13 45.15
N LEU C 339 -34.60 18.17 45.65
CA LEU C 339 -35.77 18.72 44.98
C LEU C 339 -35.36 19.53 43.75
N LYS C 340 -36.33 19.84 42.90
CA LYS C 340 -36.06 20.70 41.76
C LYS C 340 -36.29 22.17 42.12
N GLU C 341 -37.36 22.45 42.86
CA GLU C 341 -37.70 23.80 43.25
C GLU C 341 -37.04 24.17 44.58
N ALA C 342 -36.86 25.47 44.78
CA ALA C 342 -36.24 25.99 46.00
C ALA C 342 -37.25 26.68 46.91
N THR C 343 -38.14 27.48 46.35
CA THR C 343 -39.16 28.18 47.12
C THR C 343 -40.51 28.06 46.41
N THR C 344 -41.58 28.19 47.19
CA THR C 344 -42.92 28.11 46.61
C THR C 344 -43.84 29.10 47.32
N HIS C 345 -44.89 29.49 46.61
CA HIS C 345 -45.88 30.43 47.10
C HIS C 345 -47.07 29.65 47.65
N VAL C 346 -47.38 29.86 48.93
CA VAL C 346 -48.36 29.07 49.65
C VAL C 346 -49.56 29.94 50.01
N THR C 347 -50.74 29.35 49.89
CA THR C 347 -52.00 29.97 50.28
C THR C 347 -52.38 29.51 51.68
N ALA C 348 -53.56 29.95 52.16
CA ALA C 348 -54.00 29.57 53.50
C ALA C 348 -54.26 28.08 53.61
N VAL C 349 -54.91 27.49 52.61
CA VAL C 349 -55.11 26.05 52.54
C VAL C 349 -54.70 25.58 51.16
N GLY C 350 -54.42 24.28 51.03
CA GLY C 350 -54.28 23.72 49.71
C GLY C 350 -53.20 22.69 49.52
N SER C 351 -52.72 22.60 48.27
CA SER C 351 -51.76 21.59 47.87
C SER C 351 -50.72 22.19 46.96
N ILE C 352 -49.52 21.63 46.99
CA ILE C 352 -48.44 22.05 46.12
C ILE C 352 -47.77 20.78 45.57
N THR C 353 -47.27 20.85 44.34
CA THR C 353 -46.55 19.73 43.75
C THR C 353 -45.08 20.10 43.54
N LEU C 354 -44.21 19.11 43.74
CA LEU C 354 -42.77 19.30 43.63
C LEU C 354 -42.16 18.15 42.85
N HIS C 355 -41.02 18.42 42.22
CA HIS C 355 -40.26 17.42 41.49
C HIS C 355 -38.90 17.24 42.16
N PHE C 356 -38.39 16.02 42.10
CA PHE C 356 -37.13 15.70 42.76
C PHE C 356 -36.42 14.59 42.02
N SER C 357 -35.12 14.51 42.24
CA SER C 357 -34.26 13.48 41.69
C SER C 357 -33.58 12.73 42.83
N THR C 358 -33.53 11.41 42.71
CA THR C 358 -32.93 10.58 43.73
C THR C 358 -32.08 9.50 43.07
N SER C 359 -31.17 8.93 43.86
CA SER C 359 -30.33 7.82 43.42
C SER C 359 -30.58 6.56 44.22
N SER C 360 -31.59 6.53 45.05
CA SER C 360 -31.90 5.42 45.93
C SER C 360 -33.06 4.60 45.38
N PRO C 361 -33.06 3.27 45.61
CA PRO C 361 -34.19 2.45 45.17
C PRO C 361 -35.49 2.75 45.89
N GLN C 362 -35.45 3.49 46.99
CA GLN C 362 -36.63 3.89 47.73
C GLN C 362 -36.54 5.37 48.03
N ALA C 363 -37.71 6.00 48.20
CA ALA C 363 -37.80 7.43 48.46
C ALA C 363 -38.35 7.62 49.87
N ASN C 364 -37.44 7.60 50.85
CA ASN C 364 -37.75 7.90 52.25
C ASN C 364 -36.92 9.11 52.64
N PHE C 365 -37.53 10.30 52.64
CA PHE C 365 -36.73 11.47 52.95
C PHE C 365 -37.60 12.55 53.58
N ILE C 366 -36.94 13.44 54.32
CA ILE C 366 -37.61 14.50 55.06
C ILE C 366 -37.58 15.75 54.21
N VAL C 367 -38.76 16.30 53.94
CA VAL C 367 -38.89 17.58 53.25
C VAL C 367 -39.39 18.61 54.24
N SER C 368 -38.81 19.80 54.16
CA SER C 368 -39.21 20.94 55.00
C SER C 368 -39.91 21.95 54.11
N LEU C 369 -41.17 22.22 54.44
CA LEU C 369 -41.96 23.28 53.84
C LEU C 369 -42.13 24.36 54.91
N CYS C 370 -41.65 25.57 54.61
CA CYS C 370 -41.69 26.72 55.52
C CYS C 370 -40.99 26.42 56.85
N GLY C 371 -40.04 25.48 56.85
CA GLY C 371 -39.37 25.06 58.05
C GLY C 371 -39.99 23.86 58.74
N LYS C 372 -41.23 23.52 58.43
CA LYS C 372 -41.90 22.38 59.04
C LYS C 372 -41.52 21.10 58.29
N LYS C 373 -41.15 20.07 59.02
CA LYS C 373 -40.62 18.84 58.45
C LYS C 373 -41.70 17.77 58.30
N SER C 374 -41.53 16.94 57.28
CA SER C 374 -42.39 15.78 57.08
C SER C 374 -41.59 14.70 56.38
N THR C 375 -42.06 13.46 56.50
CA THR C 375 -41.36 12.29 55.98
C THR C 375 -42.13 11.71 54.80
N CYS C 376 -41.42 11.45 53.70
CA CYS C 376 -42.01 10.88 52.50
C CYS C 376 -41.53 9.45 52.32
N ASN C 377 -42.49 8.56 52.03
CA ASN C 377 -42.31 7.12 51.86
C ASN C 377 -42.76 6.71 50.47
N ALA C 378 -41.96 5.90 49.78
CA ALA C 378 -42.30 5.46 48.44
C ALA C 378 -41.59 4.17 48.11
N GLU C 379 -41.60 3.82 46.82
CA GLU C 379 -40.98 2.60 46.32
C GLU C 379 -40.54 2.91 44.89
N CYS C 380 -39.31 3.39 44.74
CA CYS C 380 -38.84 3.88 43.46
C CYS C 380 -38.51 2.73 42.52
N LYS C 381 -38.77 2.96 41.23
CA LYS C 381 -38.54 1.97 40.19
C LYS C 381 -37.28 2.32 39.40
N PRO C 382 -36.56 1.30 38.89
CA PRO C 382 -35.40 1.58 38.05
C PRO C 382 -35.82 2.26 36.76
N PRO C 383 -34.97 3.11 36.19
CA PRO C 383 -35.35 3.83 34.97
C PRO C 383 -35.30 2.94 33.76
N ALA C 384 -36.01 3.37 32.71
CA ALA C 384 -36.03 2.65 31.45
C ALA C 384 -34.90 3.07 30.51
N ASP C 385 -34.51 4.35 30.55
CA ASP C 385 -33.46 4.84 29.67
C ASP C 385 -32.10 4.41 30.20
N HIS C 386 -31.31 3.76 29.35
CA HIS C 386 -30.00 3.29 29.77
C HIS C 386 -29.00 4.43 29.89
N ILE C 387 -29.01 5.36 28.93
CA ILE C 387 -28.01 6.43 28.84
C ILE C 387 -28.76 7.75 28.74
N ILE C 388 -28.37 8.72 29.57
CA ILE C 388 -28.95 10.06 29.55
C ILE C 388 -27.82 11.06 29.32
N GLY C 389 -28.20 12.26 28.87
CA GLY C 389 -27.23 13.27 28.51
C GLY C 389 -26.95 14.33 29.56
N GLU C 390 -27.29 14.05 30.81
CA GLU C 390 -27.01 14.97 31.90
C GLU C 390 -26.42 14.20 33.07
N PRO C 391 -25.56 14.83 33.87
CA PRO C 391 -24.97 14.13 35.02
C PRO C 391 -25.97 13.94 36.14
N HIS C 392 -25.64 13.00 37.02
CA HIS C 392 -26.48 12.71 38.17
C HIS C 392 -26.43 13.85 39.17
N LYS C 393 -27.60 14.18 39.74
CA LYS C 393 -27.67 15.29 40.69
C LYS C 393 -27.04 14.94 42.02
N VAL C 394 -27.20 13.71 42.48
CA VAL C 394 -26.66 13.28 43.77
C VAL C 394 -25.79 12.05 43.56
N ASP C 395 -24.89 11.82 44.51
CA ASP C 395 -23.95 10.72 44.43
C ASP C 395 -24.59 9.44 44.96
N GLN C 396 -23.79 8.37 44.99
CA GLN C 396 -24.25 7.06 45.45
C GLN C 396 -23.34 6.57 46.56
N GLU C 397 -23.95 6.13 47.66
CA GLU C 397 -23.22 5.58 48.79
C GLU C 397 -24.02 4.42 49.37
N PHE C 398 -23.33 3.60 50.18
CA PHE C 398 -23.85 2.29 50.57
C PHE C 398 -25.16 2.39 51.36
N GLN C 399 -25.26 3.36 52.28
CA GLN C 399 -26.51 3.55 52.99
C GLN C 399 -27.58 4.05 52.03
N ALA C 400 -28.80 3.54 52.20
CA ALA C 400 -29.98 3.83 51.39
C ALA C 400 -29.83 3.41 49.92
N ALA C 401 -28.76 2.69 49.56
CA ALA C 401 -28.61 2.18 48.21
C ALA C 401 -29.27 0.83 48.02
N VAL C 402 -29.74 0.20 49.10
CA VAL C 402 -30.43 -1.08 49.04
C VAL C 402 -31.92 -0.83 49.27
N SER C 403 -32.75 -1.60 48.58
CA SER C 403 -34.18 -1.51 48.78
C SER C 403 -34.56 -2.07 50.14
N THR C 404 -35.69 -1.61 50.68
CA THR C 404 -36.09 -2.06 52.01
C THR C 404 -36.44 -3.54 52.03
N THR C 405 -36.91 -4.09 50.90
CA THR C 405 -37.21 -5.52 50.85
C THR C 405 -35.93 -6.35 50.99
N SER C 406 -34.92 -6.02 50.19
CA SER C 406 -33.63 -6.70 50.30
C SER C 406 -32.99 -6.44 51.66
N TRP C 407 -33.13 -5.21 52.17
CA TRP C 407 -32.48 -4.85 53.44
C TRP C 407 -33.08 -5.65 54.59
N ASN C 408 -34.41 -5.64 54.74
CA ASN C 408 -34.98 -6.36 55.87
C ASN C 408 -35.00 -7.87 55.64
N TRP C 409 -34.89 -8.35 54.40
CA TRP C 409 -34.73 -9.80 54.24
C TRP C 409 -33.33 -10.25 54.60
N LEU C 410 -32.31 -9.46 54.24
CA LEU C 410 -30.95 -9.75 54.70
C LEU C 410 -30.87 -9.68 56.22
N LEU C 411 -31.53 -8.68 56.81
CA LEU C 411 -31.61 -8.57 58.26
C LEU C 411 -32.38 -9.75 58.85
N ALA C 412 -33.35 -10.29 58.11
CA ALA C 412 -34.12 -11.44 58.60
C ALA C 412 -33.27 -12.69 58.67
N LEU C 413 -32.49 -12.97 57.62
CA LEU C 413 -31.58 -14.12 57.67
C LEU C 413 -30.49 -13.93 58.72
N PHE C 414 -29.93 -12.72 58.84
CA PHE C 414 -28.95 -12.47 59.89
C PHE C 414 -29.54 -12.64 61.29
N GLY C 415 -30.75 -12.13 61.51
CA GLY C 415 -31.41 -12.29 62.79
C GLY C 415 -31.78 -13.72 63.08
N GLY C 416 -32.16 -14.48 62.05
CA GLY C 416 -32.43 -15.90 62.24
C GLY C 416 -31.19 -16.68 62.65
N ALA C 417 -30.06 -16.40 61.98
CA ALA C 417 -28.81 -17.05 62.35
C ALA C 417 -28.38 -16.66 63.76
N SER C 418 -28.49 -15.37 64.10
CA SER C 418 -28.12 -14.90 65.43
C SER C 418 -29.01 -15.50 66.51
N SER C 419 -30.33 -15.55 66.26
CA SER C 419 -31.24 -16.14 67.22
C SER C 419 -31.01 -17.64 67.37
N LEU C 420 -30.63 -18.31 66.28
CA LEU C 420 -30.28 -19.73 66.36
C LEU C 420 -29.04 -19.94 67.23
N ILE C 421 -28.04 -19.07 67.08
CA ILE C 421 -26.86 -19.14 67.94
C ILE C 421 -27.23 -18.88 69.40
N VAL C 422 -28.09 -17.89 69.65
CA VAL C 422 -28.49 -17.56 71.01
C VAL C 422 -29.28 -18.70 71.66
N VAL C 423 -30.21 -19.32 70.92
CA VAL C 423 -30.96 -20.40 71.52
C VAL C 423 -30.09 -21.63 71.74
N GLY C 424 -29.12 -21.89 70.85
CA GLY C 424 -28.16 -22.96 71.12
C GLY C 424 -27.33 -22.69 72.36
N LEU C 425 -26.90 -21.43 72.54
CA LEU C 425 -26.13 -21.06 73.71
C LEU C 425 -26.93 -21.20 75.00
N ILE C 426 -28.22 -20.81 74.97
CA ILE C 426 -28.99 -20.88 76.22
C ILE C 426 -29.40 -22.31 76.51
N VAL C 427 -29.58 -23.16 75.50
CA VAL C 427 -29.78 -24.58 75.77
C VAL C 427 -28.52 -25.20 76.35
N LEU C 428 -27.34 -24.79 75.86
CA LEU C 428 -26.10 -25.26 76.46
C LEU C 428 -25.97 -24.80 77.92
N VAL C 429 -26.36 -23.57 78.20
CA VAL C 429 -26.31 -23.05 79.56
C VAL C 429 -27.28 -23.81 80.47
N CYS C 430 -28.49 -24.07 79.98
CA CYS C 430 -29.47 -24.81 80.77
C CYS C 430 -29.04 -26.25 81.01
N SER C 431 -28.33 -26.85 80.05
CA SER C 431 -27.78 -28.18 80.29
C SER C 431 -26.62 -28.11 81.29
N SER C 432 -25.82 -27.04 81.25
CA SER C 432 -24.68 -26.93 82.15
C SER C 432 -25.12 -26.69 83.60
N MET C 433 -26.22 -25.95 83.80
CA MET C 433 -26.64 -25.67 85.17
C MET C 433 -27.28 -26.87 85.85
N LEU C 434 -27.62 -27.92 85.10
CA LEU C 434 -28.19 -29.12 85.69
C LEU C 434 -27.15 -29.90 86.47
N SER D 1 18.65 46.21 9.12
CA SER D 1 19.02 46.84 7.86
C SER D 1 18.67 45.93 6.68
N ILE D 2 17.44 45.44 6.64
CA ILE D 2 16.99 44.55 5.58
C ILE D 2 16.63 45.43 4.38
N THR D 3 17.57 45.57 3.44
CA THR D 3 17.32 46.40 2.28
C THR D 3 16.40 45.70 1.30
N ASP D 4 15.75 46.51 0.46
CA ASP D 4 14.89 45.99 -0.61
C ASP D 4 15.37 46.43 -1.99
N ASP D 5 16.55 47.02 -2.07
CA ASP D 5 17.09 47.49 -3.35
C ASP D 5 17.87 46.36 -4.00
N PHE D 6 17.43 45.93 -5.18
CA PHE D 6 18.06 44.84 -5.90
C PHE D 6 19.03 45.32 -6.97
N THR D 7 19.25 46.64 -7.09
CA THR D 7 20.19 47.14 -8.08
C THR D 7 21.62 46.81 -7.70
N LEU D 8 21.92 46.76 -6.41
CA LEU D 8 23.24 46.36 -5.92
C LEU D 8 23.29 44.89 -5.53
N THR D 9 22.36 44.10 -6.06
CA THR D 9 22.23 42.69 -5.73
C THR D 9 22.22 41.90 -7.03
N SER D 10 22.93 40.78 -7.07
CA SER D 10 23.12 40.03 -8.31
C SER D 10 22.73 38.57 -8.14
N PRO D 11 22.24 37.93 -9.22
CA PRO D 11 22.09 36.47 -9.19
C PRO D 11 23.43 35.79 -9.42
N TYR D 12 23.41 34.46 -9.39
CA TYR D 12 24.62 33.67 -9.50
C TYR D 12 24.29 32.32 -10.14
N LEU D 13 25.33 31.54 -10.38
CA LEU D 13 25.21 30.22 -10.97
C LEU D 13 25.30 29.16 -9.88
N GLY D 14 24.28 28.32 -9.78
CA GLY D 14 24.27 27.24 -8.81
C GLY D 14 24.68 25.92 -9.44
N PHE D 15 24.85 24.91 -8.59
CA PHE D 15 25.23 23.58 -9.02
C PHE D 15 24.04 22.65 -8.76
N CYS D 16 23.18 22.51 -9.76
CA CYS D 16 21.97 21.71 -9.62
C CYS D 16 22.31 20.22 -9.73
N PRO D 17 21.83 19.40 -8.79
CA PRO D 17 22.14 17.95 -8.86
C PRO D 17 21.44 17.23 -10.00
N TYR D 18 20.36 17.79 -10.56
CA TYR D 18 19.59 17.13 -11.61
C TYR D 18 19.14 18.20 -12.61
N CYS D 19 19.86 18.30 -13.71
CA CYS D 19 19.61 19.30 -14.73
C CYS D 19 18.62 18.76 -15.76
N ARG D 20 18.54 19.43 -16.92
CA ARG D 20 17.67 18.99 -18.00
C ARG D 20 18.02 17.57 -18.46
N HIS D 21 19.32 17.26 -18.57
CA HIS D 21 19.78 15.99 -19.13
C HIS D 21 20.13 14.98 -18.04
N SER D 22 19.43 15.02 -16.91
CA SER D 22 19.51 14.02 -15.84
C SER D 22 20.90 13.93 -15.20
N THR D 23 21.72 14.97 -15.34
CA THR D 23 23.04 15.03 -14.74
C THR D 23 23.17 16.33 -13.97
N PRO D 24 24.01 16.36 -12.93
CA PRO D 24 24.25 17.63 -12.23
C PRO D 24 25.03 18.59 -13.11
N CYS D 25 24.63 19.86 -13.12
CA CYS D 25 25.40 20.83 -13.88
C CYS D 25 25.25 22.20 -13.24
N PHE D 26 26.08 23.13 -13.72
CA PHE D 26 25.95 24.52 -13.33
C PHE D 26 24.79 25.15 -14.10
N SER D 27 23.89 25.81 -13.37
CA SER D 27 22.67 26.35 -13.94
C SER D 27 22.39 27.74 -13.39
N PRO D 28 21.78 28.62 -14.18
CA PRO D 28 21.38 29.93 -13.66
C PRO D 28 20.26 29.85 -12.64
N ILE D 29 19.44 28.81 -12.70
CA ILE D 29 18.39 28.56 -11.72
C ILE D 29 18.76 27.30 -10.95
N LYS D 30 18.79 27.41 -9.63
CA LYS D 30 19.21 26.32 -8.77
C LYS D 30 18.39 26.41 -7.49
N ILE D 31 17.93 25.26 -7.00
CA ILE D 31 17.02 25.27 -5.87
C ILE D 31 17.84 25.20 -4.59
N GLU D 32 17.75 26.25 -3.78
CA GLU D 32 18.47 26.29 -2.52
C GLU D 32 17.67 25.74 -1.35
N ASN D 33 16.43 26.17 -1.19
CA ASN D 33 15.59 25.67 -0.11
C ASN D 33 14.15 25.60 -0.60
N VAL D 34 13.38 24.68 -0.01
CA VAL D 34 11.95 24.55 -0.26
C VAL D 34 11.26 24.43 1.09
N TRP D 35 10.32 25.34 1.36
CA TRP D 35 9.56 25.34 2.60
C TRP D 35 8.12 24.97 2.32
N ASP D 36 7.58 24.04 3.11
CA ASP D 36 6.19 23.61 3.03
C ASP D 36 5.53 23.62 4.42
N GLU D 37 5.07 24.79 4.83
CA GLU D 37 4.43 24.94 6.13
C GLU D 37 3.01 25.48 6.06
N SER D 38 2.58 25.98 4.91
CA SER D 38 1.22 26.51 4.79
C SER D 38 0.22 25.37 4.73
N ASP D 39 -0.96 25.59 5.33
CA ASP D 39 -1.98 24.55 5.42
C ASP D 39 -2.76 24.36 4.13
N ASP D 40 -2.61 25.25 3.16
CA ASP D 40 -3.31 25.11 1.88
C ASP D 40 -2.46 24.42 0.82
N GLY D 41 -1.28 23.93 1.18
CA GLY D 41 -0.42 23.20 0.27
C GLY D 41 0.54 24.05 -0.53
N SER D 42 0.52 25.37 -0.36
CA SER D 42 1.46 26.22 -1.08
C SER D 42 2.87 26.07 -0.52
N ILE D 43 3.85 26.16 -1.41
CA ILE D 43 5.25 26.02 -1.04
C ILE D 43 6.01 27.27 -1.47
N ARG D 44 7.10 27.54 -0.75
CA ARG D 44 7.99 28.65 -1.04
C ARG D 44 9.35 28.08 -1.43
N ILE D 45 9.89 28.56 -2.54
CA ILE D 45 11.10 28.01 -3.15
C ILE D 45 12.12 29.13 -3.31
N GLN D 46 13.36 28.86 -2.92
CA GLN D 46 14.45 29.79 -3.13
C GLN D 46 15.27 29.36 -4.34
N VAL D 47 15.43 30.29 -5.29
CA VAL D 47 16.08 30.01 -6.56
C VAL D 47 17.25 30.98 -6.71
N SER D 48 18.35 30.48 -7.30
CA SER D 48 19.54 31.29 -7.50
C SER D 48 19.30 32.46 -8.45
N ALA D 49 18.27 32.41 -9.29
CA ALA D 49 17.90 33.54 -10.12
C ALA D 49 16.95 34.46 -9.36
N GLN D 50 16.76 35.66 -9.89
CA GLN D 50 15.91 36.67 -9.26
C GLN D 50 14.73 36.99 -10.17
N PHE D 51 13.54 37.01 -9.59
CA PHE D 51 12.30 37.18 -10.33
C PHE D 51 11.64 38.50 -9.96
N GLY D 52 10.90 39.06 -10.91
CA GLY D 52 10.23 40.33 -10.69
C GLY D 52 11.12 41.55 -10.84
N TYR D 53 12.33 41.38 -11.34
CA TYR D 53 13.25 42.50 -11.52
C TYR D 53 13.88 42.41 -12.90
N ASN D 54 14.25 43.57 -13.45
CA ASN D 54 14.79 43.64 -14.79
C ASN D 54 16.30 43.39 -14.77
N GLN D 55 16.96 43.65 -15.89
CA GLN D 55 18.41 43.46 -15.98
C GLN D 55 19.15 44.45 -15.09
N ALA D 56 18.69 45.70 -15.03
CA ALA D 56 19.37 46.72 -14.24
C ALA D 56 19.17 46.51 -12.74
N GLY D 57 18.03 45.99 -12.32
CA GLY D 57 17.77 45.78 -10.91
C GLY D 57 16.53 46.46 -10.38
N THR D 58 15.86 47.28 -11.18
CA THR D 58 14.64 47.94 -10.73
C THR D 58 13.49 46.94 -10.74
N ALA D 59 12.41 47.31 -10.06
CA ALA D 59 11.24 46.44 -9.99
C ALA D 59 10.55 46.38 -11.35
N ASP D 60 10.43 45.19 -11.91
CA ASP D 60 9.82 45.01 -13.22
C ASP D 60 9.08 43.67 -13.21
N VAL D 61 7.76 43.73 -13.03
CA VAL D 61 6.95 42.53 -13.07
C VAL D 61 6.99 41.94 -14.48
N THR D 62 6.89 40.61 -14.56
CA THR D 62 6.98 39.80 -15.78
C THR D 62 8.36 39.85 -16.40
N LYS D 63 9.38 40.22 -15.63
CA LYS D 63 10.77 40.18 -16.06
C LYS D 63 11.60 39.56 -14.94
N PHE D 64 12.47 38.62 -15.30
CA PHE D 64 13.38 38.03 -14.32
C PHE D 64 14.80 38.08 -14.86
N ARG D 65 15.75 38.23 -13.94
CA ARG D 65 17.17 38.35 -14.25
C ARG D 65 17.91 37.10 -13.81
N TYR D 66 18.95 36.74 -14.56
CA TYR D 66 19.73 35.55 -14.28
C TYR D 66 21.16 35.77 -14.76
N MET D 67 21.99 34.75 -14.53
CA MET D 67 23.42 34.82 -14.81
C MET D 67 23.74 34.05 -16.07
N SER D 68 24.49 34.67 -16.98
CA SER D 68 24.76 34.09 -18.28
C SER D 68 25.88 33.04 -18.19
N PHE D 69 25.97 32.22 -19.24
CA PHE D 69 27.02 31.22 -19.36
C PHE D 69 28.23 31.72 -20.14
N ASP D 70 28.23 32.97 -20.58
CA ASP D 70 29.34 33.50 -21.36
C ASP D 70 30.57 33.68 -20.46
N HIS D 71 31.75 33.71 -21.10
CA HIS D 71 32.98 34.00 -20.37
C HIS D 71 32.98 35.42 -19.84
N ASP D 72 32.32 36.35 -20.53
CA ASP D 72 32.02 37.66 -19.99
C ASP D 72 30.95 37.46 -18.91
N HIS D 73 31.35 37.64 -17.66
CA HIS D 73 30.49 37.34 -16.53
C HIS D 73 29.43 38.43 -16.38
N ASP D 74 28.39 38.38 -17.22
CA ASP D 74 27.38 39.43 -17.28
C ASP D 74 26.01 38.87 -16.93
N ILE D 75 25.09 39.78 -16.66
CA ILE D 75 23.76 39.44 -16.14
C ILE D 75 22.73 39.70 -17.23
N LYS D 76 21.91 38.69 -17.52
CA LYS D 76 20.90 38.80 -18.57
C LYS D 76 19.51 38.79 -17.95
N GLU D 77 18.51 39.03 -18.80
CA GLU D 77 17.12 39.09 -18.38
C GLU D 77 16.23 38.40 -19.41
N ASP D 78 15.04 38.03 -18.96
CA ASP D 78 14.05 37.37 -19.80
C ASP D 78 12.68 37.58 -19.19
N SER D 79 11.67 37.04 -19.87
CA SER D 79 10.29 37.23 -19.44
C SER D 79 9.86 36.12 -18.49
N MET D 80 8.84 36.41 -17.67
CA MET D 80 8.50 35.52 -16.57
C MET D 80 7.54 34.41 -16.97
N GLU D 81 6.84 34.54 -18.10
CA GLU D 81 5.89 33.48 -18.46
C GLU D 81 6.57 32.20 -18.92
N LYS D 82 7.85 32.25 -19.26
CA LYS D 82 8.61 31.03 -19.51
C LYS D 82 9.33 30.55 -18.26
N ILE D 83 8.59 30.47 -17.15
CA ILE D 83 9.07 29.93 -15.89
C ILE D 83 8.02 28.96 -15.39
N ALA D 84 8.41 27.70 -15.20
CA ALA D 84 7.47 26.66 -14.80
C ALA D 84 7.95 26.00 -13.51
N ILE D 85 7.00 25.69 -12.63
CA ILE D 85 7.25 24.95 -11.41
C ILE D 85 6.43 23.66 -11.47
N SER D 86 7.05 22.56 -11.09
CA SER D 86 6.35 21.28 -11.14
C SER D 86 6.83 20.38 -10.02
N THR D 87 5.95 19.47 -9.59
CA THR D 87 6.35 18.39 -8.68
C THR D 87 6.07 17.03 -9.31
N SER D 88 4.83 16.77 -9.69
CA SER D 88 4.48 15.61 -10.51
C SER D 88 3.70 16.12 -11.71
N GLY D 89 2.98 17.22 -11.50
CA GLY D 89 2.34 17.94 -12.57
C GLY D 89 2.66 19.41 -12.48
N PRO D 90 2.08 20.22 -13.35
CA PRO D 90 2.34 21.67 -13.31
C PRO D 90 1.78 22.30 -12.05
N CYS D 91 2.45 23.38 -11.61
CA CYS D 91 2.07 24.11 -10.42
C CYS D 91 1.63 25.51 -10.79
N ARG D 92 0.60 26.00 -10.10
CA ARG D 92 0.18 27.40 -10.25
C ARG D 92 1.16 28.30 -9.52
N ARG D 93 1.62 29.35 -10.19
CA ARG D 93 2.56 30.30 -9.61
C ARG D 93 1.76 31.36 -8.85
N LEU D 94 1.75 31.28 -7.52
CA LEU D 94 0.99 32.22 -6.72
C LEU D 94 1.69 33.58 -6.63
N GLY D 95 3.01 33.59 -6.55
CA GLY D 95 3.71 34.86 -6.44
C GLY D 95 5.20 34.68 -6.67
N HIS D 96 5.87 35.80 -6.85
CA HIS D 96 7.31 35.78 -7.12
C HIS D 96 7.93 37.09 -6.69
N LYS D 97 9.15 37.00 -6.16
CA LYS D 97 9.97 38.15 -5.80
C LYS D 97 11.42 37.71 -6.03
N GLY D 98 12.36 38.64 -5.90
CA GLY D 98 13.77 38.34 -6.07
C GLY D 98 14.24 37.21 -5.17
N TYR D 99 14.82 36.18 -5.80
CA TYR D 99 15.31 34.92 -5.22
C TYR D 99 14.20 33.98 -4.76
N PHE D 100 12.92 34.35 -4.89
CA PHE D 100 11.89 33.55 -4.23
C PHE D 100 10.64 33.37 -5.10
N LEU D 101 10.08 32.17 -5.04
CA LEU D 101 8.82 31.86 -5.68
C LEU D 101 7.86 31.27 -4.66
N LEU D 102 6.57 31.48 -4.89
CA LEU D 102 5.52 30.89 -4.08
C LEU D 102 4.54 30.22 -5.02
N ALA D 103 4.36 28.91 -4.89
CA ALA D 103 3.59 28.12 -5.84
C ALA D 103 2.59 27.24 -5.11
N GLN D 104 1.61 26.77 -5.86
CA GLN D 104 0.64 25.78 -5.39
C GLN D 104 0.88 24.50 -6.17
N CYS D 105 1.33 23.45 -5.48
CA CYS D 105 1.83 22.29 -6.18
C CYS D 105 1.06 21.03 -5.80
N PRO D 106 0.87 20.11 -6.73
CA PRO D 106 0.33 18.79 -6.40
C PRO D 106 1.34 17.98 -5.62
N PRO D 107 0.92 16.91 -4.94
CA PRO D 107 1.88 16.07 -4.22
C PRO D 107 2.88 15.41 -5.14
N GLY D 108 4.10 15.26 -4.65
CA GLY D 108 5.16 14.66 -5.42
C GLY D 108 6.38 14.43 -4.55
N ASP D 109 7.38 13.79 -5.14
CA ASP D 109 8.61 13.47 -4.43
C ASP D 109 9.80 14.31 -4.91
N SER D 110 9.57 15.31 -5.75
CA SER D 110 10.64 16.17 -6.23
C SER D 110 10.06 17.53 -6.57
N VAL D 111 10.95 18.53 -6.66
CA VAL D 111 10.58 19.88 -7.04
C VAL D 111 11.45 20.30 -8.22
N THR D 112 10.82 20.75 -9.29
CA THR D 112 11.49 21.13 -10.52
C THR D 112 11.10 22.56 -10.88
N VAL D 113 12.11 23.39 -11.16
CA VAL D 113 11.92 24.73 -11.69
C VAL D 113 12.62 24.80 -13.03
N SER D 114 11.89 25.23 -14.06
CA SER D 114 12.39 25.15 -15.43
C SER D 114 12.09 26.42 -16.19
N ILE D 115 12.88 26.65 -17.24
CA ILE D 115 12.62 27.69 -18.23
C ILE D 115 12.11 27.00 -19.48
N THR D 116 10.87 27.29 -19.86
CA THR D 116 10.17 26.45 -20.82
C THR D 116 10.66 26.65 -22.26
N SER D 117 10.91 27.89 -22.67
CA SER D 117 11.20 28.17 -24.06
C SER D 117 12.28 29.21 -24.29
N GLY D 118 13.06 29.58 -23.28
CA GLY D 118 14.04 30.62 -23.42
C GLY D 118 15.30 30.15 -24.11
N THR D 119 16.26 31.07 -24.24
CA THR D 119 17.58 30.73 -24.75
C THR D 119 18.31 29.79 -23.80
N ALA D 120 18.11 29.97 -22.49
CA ALA D 120 18.71 29.06 -21.51
C ALA D 120 18.19 27.64 -21.67
N GLU D 121 16.87 27.47 -21.57
CA GLU D 121 16.19 26.19 -21.83
C GLU D 121 16.75 25.09 -20.91
N ASN D 122 16.50 25.24 -19.61
CA ASN D 122 17.14 24.39 -18.62
C ASN D 122 16.19 24.18 -17.45
N SER D 123 16.41 23.10 -16.70
CA SER D 123 15.59 22.79 -15.55
C SER D 123 16.48 22.39 -14.39
N CYS D 124 15.96 22.56 -13.18
CA CYS D 124 16.63 22.13 -11.96
C CYS D 124 15.65 21.33 -11.12
N THR D 125 16.05 20.13 -10.70
CA THR D 125 15.20 19.22 -9.95
C THR D 125 15.93 18.83 -8.67
N VAL D 126 15.21 18.89 -7.55
CA VAL D 126 15.74 18.46 -6.26
C VAL D 126 14.77 17.47 -5.63
N GLU D 127 15.29 16.62 -4.77
CA GLU D 127 14.47 15.67 -4.03
C GLU D 127 13.80 16.39 -2.86
N ARG D 128 12.48 16.35 -2.82
CA ARG D 128 11.72 17.01 -1.77
C ARG D 128 10.38 16.33 -1.63
N LYS D 129 10.14 15.68 -0.51
CA LYS D 129 8.89 14.97 -0.26
C LYS D 129 7.86 15.97 0.28
N ILE D 130 6.86 16.28 -0.53
CA ILE D 130 5.74 17.10 -0.11
C ILE D 130 4.47 16.28 -0.26
N ARG D 131 3.54 16.47 0.68
CA ARG D 131 2.29 15.71 0.68
C ARG D 131 1.14 16.65 0.97
N ARG D 132 -0.07 16.10 0.97
CA ARG D 132 -1.25 16.90 1.25
C ARG D 132 -1.32 17.23 2.73
N LYS D 133 -1.81 18.43 3.03
CA LYS D 133 -1.85 18.94 4.39
C LYS D 133 -3.29 19.18 4.81
N PHE D 134 -3.53 19.05 6.11
CA PHE D 134 -4.87 19.05 6.69
C PHE D 134 -4.94 20.13 7.76
N VAL D 135 -6.16 20.53 8.09
CA VAL D 135 -6.37 21.52 9.12
C VAL D 135 -7.12 20.90 10.29
N GLY D 136 -7.99 19.96 9.99
CA GLY D 136 -8.86 19.44 11.03
C GLY D 136 -8.69 17.97 11.33
N ARG D 137 -9.78 17.34 11.76
CA ARG D 137 -9.80 15.94 12.12
C ARG D 137 -10.54 15.09 11.11
N GLU D 138 -10.84 15.64 9.93
CA GLU D 138 -11.43 14.92 8.82
C GLU D 138 -10.57 15.16 7.59
N GLU D 139 -10.29 14.11 6.83
CA GLU D 139 -9.55 14.31 5.60
C GLU D 139 -10.45 14.93 4.54
N TYR D 140 -9.85 15.68 3.63
CA TYR D 140 -10.59 16.30 2.54
C TYR D 140 -9.64 16.56 1.38
N LEU D 141 -10.09 16.20 0.17
CA LEU D 141 -9.34 16.53 -1.03
C LEU D 141 -9.39 18.02 -1.32
N LEU D 142 -10.59 18.61 -1.25
CA LEU D 142 -10.83 20.02 -1.46
C LEU D 142 -11.61 20.57 -0.29
N PRO D 143 -11.46 21.85 0.03
CA PRO D 143 -12.24 22.46 1.11
C PRO D 143 -13.71 22.47 0.77
N PRO D 144 -14.58 22.12 1.73
CA PRO D 144 -16.01 22.06 1.44
C PRO D 144 -16.67 23.42 1.52
N ILE D 145 -17.85 23.50 0.91
CA ILE D 145 -18.65 24.73 0.97
C ILE D 145 -19.17 24.95 2.39
N HIS D 146 -19.76 23.91 2.97
CA HIS D 146 -20.32 23.97 4.31
C HIS D 146 -19.32 23.36 5.28
N GLY D 147 -18.81 24.16 6.21
CA GLY D 147 -17.77 23.72 7.12
C GLY D 147 -17.89 24.37 8.48
N LYS D 148 -16.77 24.47 9.17
CA LYS D 148 -16.73 24.97 10.54
C LYS D 148 -15.95 26.28 10.67
N GLN D 149 -15.10 26.60 9.69
CA GLN D 149 -14.30 27.84 9.64
C GLN D 149 -13.38 27.94 10.86
N VAL D 150 -12.39 27.05 10.89
CA VAL D 150 -11.42 27.00 11.96
C VAL D 150 -10.16 27.74 11.55
N LYS D 151 -9.31 28.05 12.54
CA LYS D 151 -8.11 28.84 12.29
C LYS D 151 -7.00 27.95 11.74
N CYS D 152 -6.32 28.46 10.70
CA CYS D 152 -5.20 27.78 10.08
C CYS D 152 -4.16 28.83 9.64
N HIS D 153 -3.04 28.36 9.11
CA HIS D 153 -1.94 29.25 8.77
C HIS D 153 -1.55 29.04 7.31
N VAL D 154 -1.51 30.14 6.56
CA VAL D 154 -1.31 30.11 5.11
C VAL D 154 -0.20 31.11 4.77
N TYR D 155 0.65 30.74 3.82
CA TYR D 155 1.60 31.68 3.26
C TYR D 155 0.86 32.84 2.60
N ASP D 156 1.28 34.06 2.91
CA ASP D 156 0.66 35.24 2.33
C ASP D 156 1.07 35.38 0.87
N HIS D 157 0.09 35.63 0.00
CA HIS D 157 0.39 35.79 -1.41
C HIS D 157 1.02 37.14 -1.72
N LEU D 158 0.89 38.12 -0.83
CA LEU D 158 1.51 39.42 -1.03
C LEU D 158 3.00 39.32 -0.78
N LYS D 159 3.80 39.84 -1.72
CA LYS D 159 5.25 39.77 -1.59
C LYS D 159 5.82 40.84 -0.65
N GLU D 160 5.00 41.77 -0.18
CA GLU D 160 5.48 42.76 0.77
C GLU D 160 5.70 42.18 2.16
N THR D 161 5.07 41.05 2.48
CA THR D 161 5.23 40.42 3.77
C THR D 161 6.63 39.82 3.90
N SER D 162 7.07 39.65 5.15
CA SER D 162 8.41 39.16 5.43
C SER D 162 8.34 38.01 6.42
N ALA D 163 8.97 36.89 6.07
CA ALA D 163 9.08 35.74 6.95
C ALA D 163 10.45 35.65 7.63
N GLY D 164 11.33 36.59 7.35
CA GLY D 164 12.70 36.54 7.87
C GLY D 164 13.63 37.32 6.95
N TYR D 165 14.89 36.90 6.93
CA TYR D 165 15.87 37.54 6.08
C TYR D 165 16.96 36.56 5.70
N ILE D 166 17.67 36.89 4.64
CA ILE D 166 18.83 36.14 4.17
C ILE D 166 20.01 37.08 4.06
N THR D 167 21.17 36.62 4.51
CA THR D 167 22.39 37.41 4.51
C THR D 167 22.97 37.47 3.10
N MET D 168 23.61 38.60 2.79
CA MET D 168 24.14 38.87 1.47
C MET D 168 25.57 39.35 1.63
N HIS D 169 26.49 38.74 0.88
CA HIS D 169 27.92 38.94 1.07
C HIS D 169 28.58 39.35 -0.23
N ARG D 170 29.84 39.75 -0.14
CA ARG D 170 30.63 40.02 -1.33
C ARG D 170 30.88 38.74 -2.11
N PRO D 171 30.89 38.79 -3.43
CA PRO D 171 31.23 37.59 -4.21
C PRO D 171 32.72 37.35 -4.25
N GLY D 172 33.10 36.08 -4.16
CA GLY D 172 34.50 35.71 -4.25
C GLY D 172 34.99 35.69 -5.68
N PRO D 173 36.27 35.35 -5.83
CA PRO D 173 36.83 35.24 -7.19
C PRO D 173 36.18 34.11 -7.98
N HIS D 174 36.00 34.36 -9.28
CA HIS D 174 35.45 33.38 -10.21
C HIS D 174 36.39 33.32 -11.40
N ALA D 175 37.40 32.46 -11.30
CA ALA D 175 38.39 32.34 -12.36
C ALA D 175 37.79 31.72 -13.61
N TYR D 176 38.21 32.21 -14.77
CA TYR D 176 37.74 31.71 -16.05
C TYR D 176 38.92 31.21 -16.86
N LYS D 177 38.74 30.04 -17.50
CA LYS D 177 39.80 29.49 -18.34
C LYS D 177 39.99 30.32 -19.61
N SER D 178 38.91 30.96 -20.09
CA SER D 178 38.99 31.76 -21.31
C SER D 178 39.83 33.02 -21.13
N TYR D 179 40.12 33.41 -19.89
CA TYR D 179 40.96 34.59 -19.65
C TYR D 179 42.44 34.28 -19.76
N LEU D 180 42.82 33.01 -19.92
CA LEU D 180 44.21 32.60 -20.01
C LEU D 180 44.48 32.06 -21.42
N GLU D 181 45.64 32.45 -21.97
CA GLU D 181 46.03 32.05 -23.32
C GLU D 181 47.43 31.47 -23.29
N GLU D 182 47.64 30.40 -24.04
CA GLU D 182 48.93 29.76 -24.17
C GLU D 182 49.51 30.06 -25.56
N ALA D 183 50.78 30.44 -25.60
CA ALA D 183 51.43 30.78 -26.86
C ALA D 183 52.93 30.56 -26.72
N SER D 184 53.45 29.56 -27.44
CA SER D 184 54.89 29.28 -27.52
C SER D 184 55.50 29.04 -26.15
N GLY D 185 54.78 28.31 -25.29
CA GLY D 185 55.26 28.05 -23.95
C GLY D 185 55.18 29.24 -23.01
N GLU D 186 54.41 30.27 -23.37
CA GLU D 186 54.24 31.45 -22.54
C GLU D 186 52.75 31.66 -22.27
N VAL D 187 52.46 32.32 -21.16
CA VAL D 187 51.08 32.56 -20.74
C VAL D 187 50.73 34.03 -20.93
N TYR D 188 49.47 34.27 -21.23
CA TYR D 188 48.95 35.62 -21.42
C TYR D 188 47.59 35.72 -20.75
N ILE D 189 47.27 36.90 -20.25
CA ILE D 189 45.94 37.20 -19.72
C ILE D 189 45.12 37.81 -20.85
N LYS D 190 43.92 37.30 -21.05
CA LYS D 190 43.04 37.74 -22.14
C LYS D 190 41.76 38.29 -21.51
N PRO D 191 41.74 39.57 -21.16
CA PRO D 191 40.53 40.14 -20.57
C PRO D 191 39.47 40.37 -21.64
N PRO D 192 38.18 40.26 -21.28
CA PRO D 192 37.12 40.57 -22.24
C PRO D 192 36.92 42.08 -22.34
N SER D 193 37.08 42.61 -23.54
CA SER D 193 37.00 44.04 -23.87
C SER D 193 38.04 44.77 -23.00
N GLY D 194 37.69 45.93 -22.42
CA GLY D 194 38.63 46.67 -21.60
C GLY D 194 38.40 46.51 -20.11
N LYS D 195 37.67 45.45 -19.74
CA LYS D 195 37.35 45.24 -18.33
C LYS D 195 38.57 44.82 -17.54
N ASN D 196 38.65 45.30 -16.29
CA ASN D 196 39.77 44.97 -15.43
C ASN D 196 39.70 43.51 -14.99
N VAL D 197 40.83 42.81 -15.10
CA VAL D 197 40.94 41.42 -14.68
C VAL D 197 42.19 41.28 -13.81
N THR D 198 42.03 40.69 -12.62
CA THR D 198 43.14 40.41 -11.74
C THR D 198 43.61 38.98 -11.95
N TYR D 199 44.93 38.82 -12.05
CA TYR D 199 45.57 37.53 -12.22
C TYR D 199 46.39 37.20 -10.99
N GLU D 200 46.49 35.91 -10.70
CA GLU D 200 47.40 35.38 -9.70
C GLU D 200 48.11 34.16 -10.27
N CYS D 201 49.43 34.14 -10.16
CA CYS D 201 50.25 33.08 -10.73
C CYS D 201 51.29 32.60 -9.72
N LYS D 202 51.81 31.41 -10.00
CA LYS D 202 52.85 30.74 -9.23
C LYS D 202 53.93 30.21 -10.16
N CYS D 203 54.48 31.10 -11.00
CA CYS D 203 55.57 30.74 -11.92
C CYS D 203 56.73 30.09 -11.17
N GLY D 204 57.41 30.87 -10.34
CA GLY D 204 58.38 30.33 -9.41
C GLY D 204 58.10 30.88 -8.03
N ASP D 205 57.22 31.88 -7.98
CA ASP D 205 56.81 32.51 -6.74
C ASP D 205 55.44 33.14 -6.98
N TYR D 206 54.77 33.47 -5.88
CA TYR D 206 53.43 34.06 -5.97
C TYR D 206 53.52 35.46 -6.55
N SER D 207 52.68 35.74 -7.55
CA SER D 207 52.65 37.05 -8.18
C SER D 207 51.22 37.38 -8.57
N THR D 208 50.69 38.47 -8.01
CA THR D 208 49.34 38.91 -8.31
C THR D 208 49.38 40.30 -8.94
N GLY D 209 48.32 40.61 -9.67
CA GLY D 209 48.25 41.92 -10.30
C GLY D 209 46.92 42.12 -10.99
N ILE D 210 46.74 43.31 -11.56
CA ILE D 210 45.55 43.66 -12.32
C ILE D 210 45.98 44.18 -13.68
N VAL D 211 45.29 43.73 -14.74
CA VAL D 211 45.56 44.13 -16.10
C VAL D 211 44.24 44.45 -16.80
N SER D 212 44.36 45.13 -17.94
CA SER D 212 43.23 45.39 -18.82
C SER D 212 43.50 45.03 -20.27
N THR D 213 44.72 44.65 -20.61
CA THR D 213 45.09 44.26 -21.96
C THR D 213 45.77 42.89 -21.90
N ARG D 214 46.33 42.47 -23.04
CA ARG D 214 47.01 41.19 -23.15
C ARG D 214 48.47 41.36 -22.76
N THR D 215 48.87 40.76 -21.63
CA THR D 215 50.21 40.91 -21.09
C THR D 215 50.83 39.55 -20.78
N LYS D 216 52.12 39.44 -21.06
CA LYS D 216 52.90 38.30 -20.60
C LYS D 216 53.07 38.36 -19.08
N ILE D 217 53.04 37.20 -18.45
CA ILE D 217 53.10 37.10 -16.99
C ILE D 217 54.37 36.32 -16.64
N ASN D 218 55.45 37.06 -16.35
CA ASN D 218 56.66 36.57 -15.71
C ASN D 218 57.29 35.41 -16.47
N GLY D 219 57.19 34.20 -15.94
CA GLY D 219 57.83 33.05 -16.56
C GLY D 219 57.07 31.74 -16.47
N CYS D 220 55.75 31.81 -16.30
CA CYS D 220 54.94 30.59 -16.28
C CYS D 220 54.90 29.95 -17.66
N THR D 221 55.12 28.63 -17.68
CA THR D 221 55.11 27.90 -18.95
C THR D 221 53.73 27.37 -19.30
N LYS D 222 52.98 26.92 -18.29
CA LYS D 222 51.65 26.38 -18.48
C LYS D 222 50.61 27.33 -17.90
N ALA D 223 49.43 27.34 -18.52
CA ALA D 223 48.35 28.19 -18.03
C ALA D 223 47.66 27.64 -16.79
N LYS D 224 47.93 26.38 -16.43
CA LYS D 224 47.31 25.80 -15.24
C LYS D 224 47.87 26.37 -13.96
N GLN D 225 48.99 27.07 -14.01
CA GLN D 225 49.57 27.70 -12.82
C GLN D 225 49.33 29.21 -12.80
N CYS D 226 48.21 29.62 -13.41
CA CYS D 226 47.67 30.96 -13.27
C CYS D 226 46.14 30.89 -13.22
N ILE D 227 45.54 31.87 -12.55
CA ILE D 227 44.11 32.11 -12.65
C ILE D 227 43.89 33.60 -12.87
N ALA D 228 42.77 33.93 -13.51
CA ALA D 228 42.41 35.31 -13.79
C ALA D 228 40.91 35.46 -13.63
N TYR D 229 40.49 36.51 -12.92
CA TYR D 229 39.07 36.74 -12.69
C TYR D 229 38.79 38.23 -12.71
N LYS D 230 37.54 38.57 -13.03
CA LYS D 230 37.13 39.96 -13.13
C LYS D 230 37.14 40.62 -11.76
N SER D 231 37.63 41.84 -11.70
CA SER D 231 37.62 42.64 -10.49
C SER D 231 36.49 43.65 -10.55
N ASP D 232 36.37 44.42 -9.46
CA ASP D 232 35.33 45.43 -9.27
C ASP D 232 33.94 44.82 -9.44
N GLN D 233 33.66 43.84 -8.60
CA GLN D 233 32.44 43.05 -8.69
C GLN D 233 31.56 43.26 -7.47
N THR D 234 31.39 44.52 -7.05
CA THR D 234 30.65 44.85 -5.83
C THR D 234 29.15 44.65 -6.07
N LYS D 235 28.76 43.39 -6.19
CA LYS D 235 27.37 42.99 -6.36
C LYS D 235 27.11 41.82 -5.43
N TRP D 236 26.22 42.02 -4.46
CA TRP D 236 26.03 41.04 -3.39
C TRP D 236 25.39 39.76 -3.92
N VAL D 237 25.86 38.63 -3.39
CA VAL D 237 25.31 37.33 -3.72
C VAL D 237 24.98 36.58 -2.43
N PHE D 238 24.02 35.68 -2.53
CA PHE D 238 23.63 34.86 -1.39
C PHE D 238 24.75 33.88 -1.05
N ASN D 239 24.87 33.57 0.24
CA ASN D 239 25.95 32.67 0.69
C ASN D 239 25.65 31.20 0.39
N SER D 240 25.48 30.93 -0.89
CA SER D 240 25.25 29.57 -1.35
C SER D 240 26.53 28.74 -1.21
N PRO D 241 26.41 27.44 -0.94
CA PRO D 241 27.60 26.59 -0.83
C PRO D 241 28.25 26.25 -2.16
N ASP D 242 27.79 26.82 -3.27
CA ASP D 242 28.36 26.55 -4.58
C ASP D 242 29.23 27.70 -5.09
N LEU D 243 29.62 28.62 -4.21
CA LEU D 243 30.41 29.78 -4.59
C LEU D 243 31.63 29.89 -3.68
N ILE D 244 32.73 30.37 -4.24
CA ILE D 244 33.89 30.72 -3.42
C ILE D 244 33.56 31.95 -2.59
N ARG D 245 33.80 31.87 -1.29
CA ARG D 245 33.59 33.05 -0.46
C ARG D 245 34.72 34.05 -0.66
N HIS D 246 34.41 35.31 -0.40
CA HIS D 246 35.41 36.36 -0.48
C HIS D 246 36.37 36.27 0.71
N THR D 247 37.48 37.01 0.63
CA THR D 247 38.39 37.10 1.77
C THR D 247 37.72 37.79 2.95
N ASP D 248 36.79 38.71 2.68
CA ASP D 248 35.96 39.34 3.70
C ASP D 248 34.53 38.83 3.49
N HIS D 249 34.14 37.84 4.30
CA HIS D 249 32.81 37.24 4.21
C HIS D 249 31.85 37.84 5.23
N SER D 250 32.00 39.11 5.56
CA SER D 250 31.07 39.77 6.46
C SER D 250 29.73 39.97 5.77
N VAL D 251 28.67 40.07 6.58
CA VAL D 251 27.32 40.23 6.05
C VAL D 251 27.19 41.64 5.50
N GLN D 252 27.19 41.76 4.18
CA GLN D 252 27.07 43.07 3.55
C GLN D 252 25.65 43.61 3.60
N GLY D 253 24.64 42.73 3.52
CA GLY D 253 23.28 43.21 3.56
C GLY D 253 22.32 42.09 3.93
N LYS D 254 21.05 42.44 4.00
CA LYS D 254 19.99 41.49 4.29
C LYS D 254 18.85 41.68 3.30
N LEU D 255 18.32 40.57 2.79
CA LEU D 255 17.15 40.61 1.92
C LEU D 255 15.97 39.92 2.59
N HIS D 256 14.78 40.47 2.37
CA HIS D 256 13.57 39.91 2.97
C HIS D 256 13.24 38.55 2.38
N ILE D 257 12.63 37.70 3.19
CA ILE D 257 12.05 36.44 2.73
C ILE D 257 10.55 36.66 2.59
N PRO D 258 10.02 36.75 1.37
CA PRO D 258 8.61 37.09 1.19
C PRO D 258 7.71 35.90 1.50
N PHE D 259 6.40 36.16 1.42
CA PHE D 259 5.33 35.16 1.60
C PHE D 259 5.41 34.53 2.98
N ARG D 260 5.19 35.37 3.99
CA ARG D 260 5.23 34.90 5.37
C ARG D 260 3.97 34.11 5.71
N LEU D 261 4.08 33.32 6.77
CA LEU D 261 3.00 32.42 7.19
C LEU D 261 2.10 33.17 8.16
N THR D 262 0.92 33.59 7.69
CA THR D 262 0.00 34.34 8.51
C THR D 262 -1.19 33.48 8.92
N PRO D 263 -1.76 33.72 10.11
CA PRO D 263 -3.01 33.07 10.46
C PRO D 263 -4.19 33.61 9.66
N THR D 264 -5.17 32.75 9.46
CA THR D 264 -6.40 33.07 8.76
C THR D 264 -7.44 32.02 9.15
N VAL D 265 -8.64 32.13 8.59
CA VAL D 265 -9.66 31.13 8.82
C VAL D 265 -9.85 30.34 7.53
N CYS D 266 -10.30 29.10 7.70
CA CYS D 266 -10.47 28.18 6.58
C CYS D 266 -11.38 27.05 7.02
N PRO D 267 -12.27 26.57 6.15
CA PRO D 267 -13.27 25.59 6.58
C PRO D 267 -12.71 24.17 6.63
N VAL D 268 -13.34 23.36 7.48
CA VAL D 268 -13.03 21.94 7.59
C VAL D 268 -14.36 21.19 7.50
N PRO D 269 -14.39 19.97 6.95
CA PRO D 269 -15.67 19.27 6.81
C PRO D 269 -16.26 18.86 8.15
N LEU D 270 -17.59 18.76 8.17
CA LEU D 270 -18.32 18.24 9.31
C LEU D 270 -18.90 16.89 8.92
N ALA D 271 -18.51 15.85 9.66
CA ALA D 271 -18.91 14.50 9.29
C ALA D 271 -20.39 14.27 9.61
N HIS D 272 -20.91 13.19 9.05
CA HIS D 272 -22.28 12.76 9.33
C HIS D 272 -22.36 12.32 10.78
N THR D 273 -23.26 12.94 11.55
CA THR D 273 -23.36 12.65 12.97
C THR D 273 -23.87 11.23 13.20
N PRO D 274 -23.29 10.50 14.13
CA PRO D 274 -23.65 9.10 14.31
C PRO D 274 -24.99 8.92 14.99
N THR D 275 -25.50 7.69 14.93
CA THR D 275 -26.72 7.31 15.63
C THR D 275 -26.35 6.48 16.84
N VAL D 276 -26.92 6.82 17.98
CA VAL D 276 -26.60 6.16 19.24
C VAL D 276 -27.58 5.02 19.46
N MET D 277 -27.05 3.86 19.87
CA MET D 277 -27.83 2.66 20.11
C MET D 277 -27.59 2.22 21.56
N LYS D 278 -27.80 3.15 22.48
CA LYS D 278 -27.47 3.00 23.89
C LYS D 278 -28.03 1.72 24.50
N TRP D 279 -27.26 1.17 25.45
CA TRP D 279 -27.59 -0.06 26.15
C TRP D 279 -27.02 0.01 27.56
N PHE D 280 -27.14 -1.07 28.34
CA PHE D 280 -26.87 -0.98 29.77
C PHE D 280 -25.39 -0.77 30.06
N LYS D 281 -25.05 0.42 30.56
CA LYS D 281 -23.66 0.84 30.83
C LYS D 281 -22.81 0.75 29.56
N GLY D 282 -23.35 1.27 28.46
CA GLY D 282 -22.61 1.30 27.22
C GLY D 282 -23.36 1.94 26.08
N ILE D 283 -22.63 2.41 25.07
CA ILE D 283 -23.22 3.00 23.87
C ILE D 283 -22.60 2.35 22.65
N THR D 284 -23.33 2.42 21.54
CA THR D 284 -22.86 1.95 20.24
C THR D 284 -23.02 3.08 19.24
N LEU D 285 -21.93 3.47 18.61
CA LEU D 285 -21.92 4.53 17.62
C LEU D 285 -21.86 3.90 16.23
N HIS D 286 -22.85 4.21 15.39
CA HIS D 286 -22.87 3.79 14.00
C HIS D 286 -22.29 4.93 13.17
N LEU D 287 -21.11 4.72 12.63
CA LEU D 287 -20.29 5.78 12.05
C LEU D 287 -20.33 5.69 10.53
N THR D 288 -20.62 6.82 9.90
CA THR D 288 -20.56 6.95 8.45
C THR D 288 -19.47 7.96 8.12
N ALA D 289 -18.49 7.54 7.32
CA ALA D 289 -17.35 8.40 7.00
C ALA D 289 -16.85 8.03 5.60
N THR D 290 -17.10 8.90 4.63
CA THR D 290 -16.57 8.68 3.29
C THR D 290 -15.06 8.80 3.26
N ARG D 291 -14.49 9.57 4.17
CA ARG D 291 -13.05 9.77 4.31
C ARG D 291 -12.66 9.52 5.75
N PRO D 292 -11.40 9.16 6.01
CA PRO D 292 -10.95 8.91 7.39
C PRO D 292 -11.11 10.13 8.29
N THR D 293 -11.93 9.97 9.32
CA THR D 293 -12.16 11.01 10.31
C THR D 293 -11.78 10.50 11.69
N LEU D 294 -11.29 11.37 12.55
CA LEU D 294 -10.75 10.94 13.84
C LEU D 294 -11.84 10.94 14.91
N LEU D 295 -11.98 9.81 15.60
CA LEU D 295 -12.88 9.66 16.73
C LEU D 295 -12.06 9.51 18.00
N THR D 296 -12.39 10.29 19.02
CA THR D 296 -11.78 10.12 20.32
C THR D 296 -12.84 10.01 21.40
N THR D 297 -12.56 9.18 22.41
CA THR D 297 -13.43 8.98 23.54
C THR D 297 -12.62 9.06 24.82
N ARG D 298 -13.23 9.60 25.88
CA ARG D 298 -12.61 9.53 27.18
C ARG D 298 -13.67 9.53 28.28
N LYS D 299 -13.38 8.80 29.34
CA LYS D 299 -14.27 8.74 30.49
C LYS D 299 -14.09 9.97 31.37
N LEU D 300 -15.18 10.41 31.98
CA LEU D 300 -15.20 11.62 32.80
C LEU D 300 -14.96 11.31 34.27
N GLY D 301 -13.88 10.59 34.57
CA GLY D 301 -13.62 10.19 35.94
C GLY D 301 -12.15 10.27 36.32
N LEU D 302 -11.78 9.58 37.40
CA LEU D 302 -10.38 9.57 37.82
C LEU D 302 -9.49 8.89 36.79
N ARG D 303 -9.96 7.80 36.20
CA ARG D 303 -9.24 7.12 35.12
C ARG D 303 -9.93 7.50 33.81
N ALA D 304 -9.13 7.84 32.81
CA ALA D 304 -9.64 8.25 31.50
C ALA D 304 -9.11 7.29 30.46
N ASP D 305 -9.90 6.26 30.15
CA ASP D 305 -9.53 5.27 29.15
C ASP D 305 -9.81 5.86 27.77
N ALA D 306 -8.96 6.81 27.39
CA ALA D 306 -9.15 7.54 26.14
C ALA D 306 -8.70 6.70 24.96
N THR D 307 -9.54 6.65 23.93
CA THR D 307 -9.25 5.92 22.71
C THR D 307 -9.33 6.89 21.52
N ALA D 308 -8.40 6.71 20.58
CA ALA D 308 -8.36 7.52 19.37
C ALA D 308 -8.24 6.59 18.17
N GLU D 309 -9.06 6.82 17.15
CA GLU D 309 -9.05 5.95 15.99
C GLU D 309 -9.52 6.72 14.76
N TRP D 310 -8.85 6.48 13.63
CA TRP D 310 -9.27 7.05 12.36
C TRP D 310 -10.23 6.09 11.68
N ILE D 311 -11.47 6.54 11.49
CA ILE D 311 -12.56 5.71 11.00
C ILE D 311 -12.72 5.96 9.51
N THR D 312 -12.85 4.87 8.75
CA THR D 312 -13.10 4.90 7.31
C THR D 312 -14.29 4.01 7.01
N GLY D 313 -15.26 4.53 6.26
CA GLY D 313 -16.43 3.76 5.91
C GLY D 313 -17.46 3.72 7.03
N THR D 314 -18.52 2.97 6.79
CA THR D 314 -19.62 2.84 7.73
C THR D 314 -19.34 1.64 8.64
N THR D 315 -18.98 1.93 9.90
CA THR D 315 -18.72 0.88 10.86
C THR D 315 -19.53 1.10 12.13
N SER D 316 -19.25 0.33 13.17
CA SER D 316 -19.89 0.50 14.47
C SER D 316 -18.85 0.30 15.56
N ARG D 317 -18.94 1.11 16.61
CA ARG D 317 -18.00 1.07 17.71
C ARG D 317 -18.75 1.00 19.03
N ASN D 318 -18.30 0.12 19.92
CA ASN D 318 -18.90 -0.06 21.23
C ASN D 318 -18.03 0.60 22.29
N PHE D 319 -18.65 1.38 23.17
CA PHE D 319 -17.93 2.06 24.24
C PHE D 319 -18.64 1.81 25.56
N SER D 320 -17.85 1.65 26.63
CA SER D 320 -18.40 1.39 27.95
C SER D 320 -18.55 2.71 28.70
N VAL D 321 -19.79 3.01 29.08
CA VAL D 321 -20.13 4.26 29.77
C VAL D 321 -20.47 3.94 31.21
N GLY D 322 -19.83 4.66 32.14
CA GLY D 322 -20.08 4.49 33.55
C GLY D 322 -20.94 5.59 34.12
N ARG D 323 -21.08 5.56 35.45
CA ARG D 323 -21.85 6.59 36.14
C ARG D 323 -21.17 7.95 36.06
N GLU D 324 -19.84 7.98 36.01
CA GLU D 324 -19.13 9.25 35.88
C GLU D 324 -19.32 9.85 34.48
N GLY D 325 -19.60 9.01 33.50
CA GLY D 325 -19.88 9.48 32.15
C GLY D 325 -18.71 9.26 31.21
N LEU D 326 -18.95 9.61 29.95
CA LEU D 326 -17.97 9.50 28.89
C LEU D 326 -18.31 10.55 27.84
N GLU D 327 -17.29 11.16 27.25
CA GLU D 327 -17.50 12.06 26.13
C GLU D 327 -16.79 11.52 24.90
N TYR D 328 -17.37 11.79 23.75
CA TYR D 328 -16.78 11.44 22.46
C TYR D 328 -16.79 12.65 21.54
N VAL D 329 -15.71 12.79 20.77
CA VAL D 329 -15.61 13.79 19.73
C VAL D 329 -15.45 13.05 18.41
N TRP D 330 -16.33 13.36 17.46
CA TRP D 330 -16.42 12.67 16.18
C TRP D 330 -16.10 13.67 15.07
N GLY D 331 -14.93 13.52 14.46
CA GLY D 331 -14.54 14.45 13.40
C GLY D 331 -14.27 15.83 13.97
N ASN D 332 -14.85 16.84 13.32
CA ASN D 332 -14.71 18.22 13.74
C ASN D 332 -15.88 18.71 14.57
N HIS D 333 -16.75 17.80 15.02
CA HIS D 333 -17.93 18.20 15.76
C HIS D 333 -17.57 18.55 17.21
N GLU D 334 -18.53 19.16 17.88
CA GLU D 334 -18.37 19.47 19.30
C GLU D 334 -18.39 18.18 20.12
N PRO D 335 -17.73 18.16 21.28
CA PRO D 335 -17.79 16.98 22.14
C PRO D 335 -19.21 16.71 22.63
N VAL D 336 -19.54 15.42 22.73
CA VAL D 336 -20.84 14.97 23.22
C VAL D 336 -20.60 14.16 24.48
N ARG D 337 -21.31 14.54 25.55
CA ARG D 337 -21.10 14.01 26.89
C ARG D 337 -22.33 13.21 27.28
N VAL D 338 -22.14 11.95 27.67
CA VAL D 338 -23.25 11.08 28.04
C VAL D 338 -22.93 10.42 29.38
N TRP D 339 -23.99 10.03 30.09
CA TRP D 339 -23.87 9.39 31.39
C TRP D 339 -24.75 8.14 31.43
N ALA D 340 -24.33 7.18 32.24
CA ALA D 340 -25.03 5.91 32.36
C ALA D 340 -25.86 5.86 33.64
N GLN D 341 -27.09 5.39 33.51
CA GLN D 341 -28.00 5.22 34.64
C GLN D 341 -28.00 3.78 35.12
N GLU D 342 -28.38 3.60 36.38
CA GLU D 342 -28.47 2.28 37.00
C GLU D 342 -29.81 1.63 36.63
N SER D 343 -29.87 1.19 35.38
CA SER D 343 -31.08 0.62 34.77
C SER D 343 -30.93 -0.88 34.55
N ALA D 344 -30.41 -1.58 35.56
CA ALA D 344 -30.18 -3.01 35.46
C ALA D 344 -31.49 -3.76 35.33
N PRO D 345 -31.51 -4.88 34.59
CA PRO D 345 -32.74 -5.66 34.48
C PRO D 345 -33.13 -6.31 35.80
N GLY D 346 -34.42 -6.55 35.95
CA GLY D 346 -34.96 -7.10 37.18
C GLY D 346 -35.64 -6.03 38.02
N ASP D 347 -36.04 -6.46 39.22
CA ASP D 347 -36.72 -5.58 40.16
C ASP D 347 -36.08 -5.73 41.53
N PRO D 348 -35.64 -4.64 42.16
CA PRO D 348 -35.12 -4.73 43.52
C PRO D 348 -36.19 -4.77 44.60
N HIS D 349 -37.47 -4.86 44.22
CA HIS D 349 -38.59 -4.75 45.15
C HIS D 349 -39.49 -5.98 45.14
N GLY D 350 -38.99 -7.13 44.70
CA GLY D 350 -39.86 -8.28 44.55
C GLY D 350 -39.32 -9.60 45.03
N TRP D 351 -39.38 -10.61 44.16
CA TRP D 351 -38.91 -11.94 44.51
C TRP D 351 -37.39 -11.98 44.49
N PRO D 352 -36.76 -12.75 45.39
CA PRO D 352 -35.32 -12.56 45.68
C PRO D 352 -34.39 -12.76 44.49
N HIS D 353 -34.78 -13.60 43.52
CA HIS D 353 -33.92 -13.78 42.35
C HIS D 353 -33.82 -12.50 41.53
N GLU D 354 -34.90 -11.71 41.48
CA GLU D 354 -34.87 -10.43 40.79
C GLU D 354 -33.91 -9.45 41.46
N ILE D 355 -33.96 -9.37 42.80
CA ILE D 355 -33.00 -8.54 43.53
C ILE D 355 -31.58 -9.02 43.28
N ILE D 356 -31.36 -10.33 43.30
CA ILE D 356 -30.02 -10.88 43.11
C ILE D 356 -29.47 -10.51 41.74
N ILE D 357 -30.27 -10.73 40.68
CA ILE D 357 -29.77 -10.45 39.33
C ILE D 357 -29.63 -8.95 39.10
N HIS D 358 -30.52 -8.13 39.67
CA HIS D 358 -30.46 -6.69 39.46
C HIS D 358 -29.22 -6.09 40.12
N TYR D 359 -28.98 -6.44 41.39
CA TYR D 359 -27.80 -5.93 42.06
C TYR D 359 -26.52 -6.59 41.57
N TYR D 360 -26.59 -7.79 41.00
CA TYR D 360 -25.42 -8.40 40.36
C TYR D 360 -25.08 -7.66 39.08
N HIS D 361 -26.08 -7.23 38.32
CA HIS D 361 -25.82 -6.43 37.14
C HIS D 361 -25.31 -5.04 37.50
N ARG D 362 -25.75 -4.48 38.63
CA ARG D 362 -25.23 -3.20 39.07
C ARG D 362 -23.80 -3.34 39.61
N HIS D 363 -23.63 -4.13 40.66
CA HIS D 363 -22.30 -4.38 41.23
C HIS D 363 -22.13 -5.88 41.46
N PRO D 364 -21.41 -6.57 40.59
CA PRO D 364 -21.31 -8.03 40.73
C PRO D 364 -20.50 -8.48 41.93
N VAL D 365 -19.34 -7.87 42.15
CA VAL D 365 -18.41 -8.34 43.16
C VAL D 365 -19.00 -8.18 44.55
N TYR D 366 -19.61 -7.02 44.83
CA TYR D 366 -20.17 -6.75 46.14
C TYR D 366 -21.29 -7.73 46.48
N THR D 367 -22.16 -8.03 45.51
CA THR D 367 -23.24 -8.98 45.76
C THR D 367 -22.73 -10.41 45.90
N VAL D 368 -21.73 -10.82 45.13
CA VAL D 368 -21.16 -12.16 45.33
C VAL D 368 -20.56 -12.29 46.72
N ILE D 369 -19.83 -11.26 47.17
CA ILE D 369 -19.24 -11.30 48.51
C ILE D 369 -20.33 -11.33 49.59
N VAL D 370 -21.38 -10.51 49.44
CA VAL D 370 -22.37 -10.48 50.52
C VAL D 370 -23.20 -11.77 50.54
N LEU D 371 -23.50 -12.36 49.38
CA LEU D 371 -24.21 -13.64 49.39
C LEU D 371 -23.35 -14.77 49.94
N CYS D 372 -22.05 -14.75 49.63
CA CYS D 372 -21.14 -15.72 50.24
C CYS D 372 -21.06 -15.53 51.75
N GLY D 373 -21.11 -14.28 52.21
CA GLY D 373 -21.13 -14.02 53.64
C GLY D 373 -22.41 -14.51 54.30
N VAL D 374 -23.55 -14.35 53.63
CA VAL D 374 -24.82 -14.86 54.16
C VAL D 374 -24.76 -16.38 54.26
N ALA D 375 -24.27 -17.05 53.22
CA ALA D 375 -24.17 -18.51 53.24
C ALA D 375 -23.23 -18.99 54.32
N LEU D 376 -22.07 -18.32 54.46
CA LEU D 376 -21.13 -18.69 55.51
C LEU D 376 -21.73 -18.48 56.90
N ALA D 377 -22.43 -17.36 57.09
CA ALA D 377 -23.02 -17.06 58.39
C ALA D 377 -24.09 -18.09 58.77
N ILE D 378 -24.95 -18.46 57.81
CA ILE D 378 -25.99 -19.43 58.15
C ILE D 378 -25.40 -20.82 58.36
N LEU D 379 -24.36 -21.20 57.61
CA LEU D 379 -23.74 -22.51 57.86
C LEU D 379 -23.04 -22.55 59.21
N VAL D 380 -22.32 -21.49 59.58
CA VAL D 380 -21.66 -21.45 60.88
C VAL D 380 -22.69 -21.47 62.01
N GLY D 381 -23.78 -20.70 61.86
CA GLY D 381 -24.82 -20.71 62.88
C GLY D 381 -25.49 -22.06 63.03
N THR D 382 -25.82 -22.71 61.91
CA THR D 382 -26.44 -24.02 61.96
C THR D 382 -25.52 -25.07 62.56
N ALA D 383 -24.24 -25.06 62.17
CA ALA D 383 -23.29 -26.02 62.71
C ALA D 383 -23.05 -25.81 64.20
N SER D 384 -22.90 -24.56 64.63
CA SER D 384 -22.69 -24.26 66.05
C SER D 384 -23.91 -24.66 66.88
N SER D 385 -25.11 -24.37 66.39
CA SER D 385 -26.31 -24.72 67.15
C SER D 385 -26.52 -26.22 67.16
N ALA D 386 -26.19 -26.91 66.08
CA ALA D 386 -26.29 -28.38 66.06
C ALA D 386 -25.31 -29.00 67.05
N ALA D 387 -24.08 -28.49 67.10
CA ALA D 387 -23.10 -28.99 68.05
C ALA D 387 -23.53 -28.70 69.48
N CYS D 388 -24.06 -27.51 69.74
CA CYS D 388 -24.53 -27.17 71.09
C CYS D 388 -25.71 -28.05 71.50
N ILE D 389 -26.63 -28.30 70.58
CA ILE D 389 -27.80 -29.14 70.88
C ILE D 389 -27.37 -30.58 71.13
N SER D 390 -26.42 -31.10 70.33
CA SER D 390 -25.93 -32.45 70.55
C SER D 390 -25.20 -32.58 71.87
N LYS D 391 -24.37 -31.59 72.22
CA LYS D 391 -23.67 -31.61 73.51
C LYS D 391 -24.66 -31.55 74.67
N ALA D 392 -25.67 -30.67 74.57
CA ALA D 392 -26.66 -30.55 75.62
C ALA D 392 -27.47 -31.83 75.79
N ARG D 393 -27.86 -32.44 74.66
CA ARG D 393 -28.64 -33.68 74.73
C ARG D 393 -27.82 -34.82 75.30
N ARG D 394 -26.55 -34.94 74.92
CA ARG D 394 -25.71 -36.00 75.46
C ARG D 394 -25.45 -35.79 76.95
N ASP D 395 -25.24 -34.54 77.37
CA ASP D 395 -25.04 -34.27 78.80
C ASP D 395 -26.31 -34.48 79.60
N CYS D 396 -27.48 -34.23 79.00
CA CYS D 396 -28.74 -34.46 79.70
C CYS D 396 -29.11 -35.93 79.76
N LEU D 397 -28.74 -36.72 78.76
CA LEU D 397 -29.10 -38.13 78.74
C LEU D 397 -28.06 -39.04 79.38
N THR D 398 -26.82 -38.56 79.59
CA THR D 398 -25.83 -39.41 80.23
C THR D 398 -26.10 -39.74 81.71
N PRO D 399 -26.87 -38.97 82.50
CA PRO D 399 -27.32 -39.54 83.78
C PRO D 399 -28.27 -40.72 83.62
N TYR D 400 -29.10 -40.72 82.57
CA TYR D 400 -30.05 -41.79 82.35
C TYR D 400 -29.44 -43.00 81.65
N ALA D 401 -28.19 -42.90 81.20
CA ALA D 401 -27.53 -44.00 80.52
C ALA D 401 -26.59 -44.75 81.46
N PHE E 1 -46.54 -54.14 -18.82
CA PHE E 1 -45.87 -54.65 -17.65
C PHE E 1 -45.27 -53.50 -16.83
N GLU E 2 -45.45 -53.56 -15.51
CA GLU E 2 -45.01 -52.50 -14.61
C GLU E 2 -43.77 -52.97 -13.87
N HIS E 3 -42.70 -52.17 -13.93
CA HIS E 3 -41.45 -52.47 -13.28
C HIS E 3 -41.04 -51.28 -12.41
N ALA E 4 -40.70 -51.55 -11.16
CA ALA E 4 -40.32 -50.52 -10.20
C ALA E 4 -38.85 -50.69 -9.83
N THR E 5 -38.12 -49.58 -9.80
CA THR E 5 -36.71 -49.59 -9.47
C THR E 5 -36.35 -48.28 -8.79
N THR E 6 -35.07 -48.12 -8.46
CA THR E 6 -34.57 -46.91 -7.81
C THR E 6 -33.29 -46.49 -8.51
N VAL E 7 -33.25 -45.27 -9.03
CA VAL E 7 -32.08 -44.79 -9.76
C VAL E 7 -31.37 -43.73 -8.94
N PRO E 8 -30.06 -43.54 -9.11
CA PRO E 8 -29.39 -42.38 -8.50
C PRO E 8 -29.78 -41.09 -9.21
N ASN E 9 -29.64 -39.99 -8.48
CA ASN E 9 -29.99 -38.66 -8.97
C ASN E 9 -28.86 -38.02 -9.78
N VAL E 10 -27.74 -38.71 -9.96
CA VAL E 10 -26.58 -38.13 -10.62
C VAL E 10 -26.87 -37.94 -12.11
N PRO E 11 -26.73 -36.73 -12.65
CA PRO E 11 -26.90 -36.54 -14.09
C PRO E 11 -25.84 -37.30 -14.88
N GLY E 12 -26.23 -37.83 -16.03
CA GLY E 12 -25.38 -38.78 -16.70
C GLY E 12 -25.41 -40.08 -15.91
N ILE E 13 -24.37 -40.90 -16.13
CA ILE E 13 -24.16 -42.18 -15.46
C ILE E 13 -25.40 -43.05 -15.64
N PRO E 14 -25.60 -43.64 -16.82
CA PRO E 14 -26.82 -44.40 -17.08
C PRO E 14 -26.95 -45.61 -16.16
N TYR E 15 -28.19 -45.91 -15.79
CA TYR E 15 -28.52 -46.99 -14.88
C TYR E 15 -29.11 -48.15 -15.69
N LYS E 16 -28.66 -49.36 -15.40
CA LYS E 16 -29.00 -50.54 -16.19
C LYS E 16 -29.76 -51.54 -15.34
N ALA E 17 -30.78 -52.15 -15.94
CA ALA E 17 -31.50 -53.26 -15.33
C ALA E 17 -32.03 -54.13 -16.45
N LEU E 18 -32.66 -55.25 -16.08
CA LEU E 18 -33.35 -56.06 -17.07
C LEU E 18 -34.73 -56.43 -16.53
N VAL E 19 -35.68 -56.53 -17.44
CA VAL E 19 -37.06 -56.89 -17.11
C VAL E 19 -37.29 -58.32 -17.55
N GLU E 20 -37.80 -59.14 -16.62
CA GLU E 20 -38.00 -60.58 -16.82
C GLU E 20 -39.45 -60.92 -16.50
N ARG E 21 -40.30 -61.02 -17.51
CA ARG E 21 -41.60 -61.63 -17.27
C ARG E 21 -41.46 -63.14 -17.29
N ALA E 22 -42.48 -63.82 -16.75
CA ALA E 22 -42.41 -65.26 -16.55
C ALA E 22 -42.34 -66.01 -17.88
N GLY E 23 -43.17 -65.60 -18.85
CA GLY E 23 -43.20 -66.25 -20.15
C GLY E 23 -42.53 -65.50 -21.28
N TYR E 24 -41.78 -64.44 -21.00
CA TYR E 24 -41.20 -63.61 -22.04
C TYR E 24 -39.69 -63.50 -21.84
N ALA E 25 -39.00 -63.22 -22.94
CA ALA E 25 -37.56 -63.01 -22.88
C ALA E 25 -37.25 -61.72 -22.14
N PRO E 26 -36.18 -61.70 -21.33
CA PRO E 26 -35.81 -60.46 -20.65
C PRO E 26 -35.35 -59.40 -21.63
N LEU E 27 -35.54 -58.14 -21.26
CA LEU E 27 -35.05 -57.05 -22.10
C LEU E 27 -34.37 -56.00 -21.23
N ASN E 28 -33.47 -55.26 -21.86
CA ASN E 28 -32.70 -54.24 -21.14
C ASN E 28 -33.57 -53.03 -20.85
N LEU E 29 -33.48 -52.52 -19.62
CA LEU E 29 -34.07 -51.25 -19.24
C LEU E 29 -32.94 -50.31 -18.90
N GLU E 30 -32.97 -49.12 -19.49
CA GLU E 30 -31.82 -48.22 -19.53
C GLU E 30 -32.31 -46.84 -19.14
N ILE E 31 -32.09 -46.44 -17.90
CA ILE E 31 -32.63 -45.20 -17.36
C ILE E 31 -31.49 -44.22 -17.15
N THR E 32 -31.52 -43.10 -17.86
CA THR E 32 -30.48 -42.09 -17.76
C THR E 32 -31.12 -40.75 -17.40
N VAL E 33 -30.52 -40.05 -16.42
CA VAL E 33 -30.96 -38.71 -16.05
C VAL E 33 -30.09 -37.74 -16.85
N VAL E 34 -30.60 -37.28 -18.00
CA VAL E 34 -29.80 -36.42 -18.85
C VAL E 34 -29.73 -34.98 -18.33
N SER E 35 -30.75 -34.54 -17.58
CA SER E 35 -30.77 -33.18 -17.04
C SER E 35 -31.73 -33.16 -15.87
N SER E 36 -31.58 -32.14 -15.02
CA SER E 36 -32.46 -31.96 -13.89
C SER E 36 -32.46 -30.50 -13.50
N GLU E 37 -33.51 -30.09 -12.79
CA GLU E 37 -33.60 -28.74 -12.24
C GLU E 37 -34.49 -28.76 -11.02
N LEU E 38 -34.19 -27.86 -10.09
CA LEU E 38 -34.88 -27.76 -8.80
C LEU E 38 -35.38 -26.33 -8.66
N THR E 39 -36.57 -26.06 -9.17
CA THR E 39 -37.10 -24.71 -9.24
C THR E 39 -38.02 -24.44 -8.07
N PRO E 40 -37.69 -23.50 -7.19
CA PRO E 40 -38.63 -23.11 -6.13
C PRO E 40 -39.63 -22.08 -6.65
N SER E 41 -40.72 -21.93 -5.90
CA SER E 41 -41.72 -20.93 -6.21
C SER E 41 -41.35 -19.62 -5.52
N THR E 42 -41.24 -18.55 -6.29
CA THR E 42 -40.75 -17.28 -5.81
C THR E 42 -41.82 -16.20 -5.92
N ASN E 43 -41.81 -15.28 -4.97
CA ASN E 43 -42.59 -14.05 -5.05
C ASN E 43 -41.68 -12.87 -4.76
N LYS E 44 -41.83 -11.82 -5.56
CA LYS E 44 -40.90 -10.69 -5.48
C LYS E 44 -41.32 -9.75 -4.36
N GLU E 45 -40.43 -9.54 -3.40
CA GLU E 45 -40.70 -8.58 -2.34
C GLU E 45 -40.54 -7.16 -2.85
N TYR E 46 -39.35 -6.81 -3.32
CA TYR E 46 -39.10 -5.48 -3.85
C TYR E 46 -37.85 -5.53 -4.74
N VAL E 47 -37.55 -4.38 -5.34
CA VAL E 47 -36.31 -4.16 -6.06
C VAL E 47 -35.57 -3.03 -5.37
N THR E 48 -34.26 -2.99 -5.57
CA THR E 48 -33.44 -1.95 -4.95
C THR E 48 -32.21 -1.69 -5.81
N CYS E 49 -31.63 -0.52 -5.62
CA CYS E 49 -30.39 -0.15 -6.31
C CYS E 49 -29.77 1.02 -5.54
N LYS E 50 -28.75 1.62 -6.13
CA LYS E 50 -28.18 2.84 -5.57
C LYS E 50 -29.15 4.00 -5.77
N PHE E 51 -29.52 4.66 -4.68
CA PHE E 51 -30.46 5.75 -4.80
C PHE E 51 -29.78 7.00 -5.32
N HIS E 52 -30.59 7.87 -5.92
CA HIS E 52 -30.15 9.21 -6.33
C HIS E 52 -30.85 10.22 -5.43
N THR E 53 -30.08 11.03 -4.73
CA THR E 53 -30.61 12.00 -3.80
C THR E 53 -30.96 13.27 -4.55
N VAL E 54 -32.25 13.62 -4.54
CA VAL E 54 -32.73 14.83 -5.18
C VAL E 54 -32.83 15.92 -4.13
N ILE E 55 -32.09 17.01 -4.36
CA ILE E 55 -32.18 18.22 -3.57
C ILE E 55 -32.89 19.26 -4.45
N PRO E 56 -34.15 19.57 -4.19
CA PRO E 56 -34.85 20.54 -5.04
C PRO E 56 -34.30 21.94 -4.84
N SER E 57 -34.79 22.85 -5.68
CA SER E 57 -34.43 24.25 -5.56
C SER E 57 -34.98 24.81 -4.24
N PRO E 58 -34.17 25.50 -3.45
CA PRO E 58 -34.62 25.99 -2.15
C PRO E 58 -35.75 27.00 -2.28
N GLN E 59 -36.62 27.02 -1.28
CA GLN E 59 -37.66 28.03 -1.18
C GLN E 59 -37.17 29.12 -0.24
N VAL E 60 -37.31 30.37 -0.65
CA VAL E 60 -36.90 31.50 0.18
C VAL E 60 -38.06 32.47 0.27
N LYS E 61 -38.50 32.77 1.49
CA LYS E 61 -39.57 33.72 1.71
C LYS E 61 -39.03 34.86 2.56
N CYS E 62 -39.21 36.09 2.09
CA CYS E 62 -38.54 37.24 2.66
C CYS E 62 -39.38 37.82 3.80
N CYS E 63 -38.94 37.55 5.03
CA CYS E 63 -39.62 37.88 6.29
C CYS E 63 -41.13 37.63 6.23
N GLY E 64 -41.43 36.35 6.03
CA GLY E 64 -42.74 35.78 6.26
C GLY E 64 -42.54 34.33 6.62
N SER E 65 -43.31 33.80 7.57
CA SER E 65 -43.04 32.48 8.10
C SER E 65 -43.32 31.39 7.07
N LEU E 66 -42.52 30.33 7.12
CA LEU E 66 -42.65 29.20 6.22
C LEU E 66 -42.67 27.90 7.01
N GLU E 67 -43.50 26.97 6.55
CA GLU E 67 -43.50 25.60 7.05
C GLU E 67 -43.86 24.68 5.90
N CYS E 68 -43.49 23.42 6.05
CA CYS E 68 -43.68 22.44 4.98
C CYS E 68 -44.55 21.30 5.48
N LYS E 69 -45.35 20.75 4.56
CA LYS E 69 -46.30 19.71 4.89
C LYS E 69 -45.71 18.34 4.60
N ALA E 70 -46.48 17.29 4.92
CA ALA E 70 -46.06 15.93 4.64
C ALA E 70 -46.10 15.66 3.14
N SER E 71 -45.23 14.75 2.69
CA SER E 71 -45.16 14.39 1.29
C SER E 71 -45.08 12.88 1.17
N SER E 72 -45.54 12.36 0.03
CA SER E 72 -45.49 10.94 -0.26
C SER E 72 -44.20 10.53 -0.96
N ARG E 73 -43.26 11.46 -1.13
CA ARG E 73 -42.01 11.15 -1.80
C ARG E 73 -41.15 10.23 -0.93
N ALA E 74 -40.24 9.52 -1.58
CA ALA E 74 -39.42 8.53 -0.90
C ALA E 74 -38.42 9.23 0.03
N ASP E 75 -38.53 8.94 1.33
CA ASP E 75 -37.65 9.49 2.36
C ASP E 75 -37.63 11.02 2.33
N TYR E 76 -38.81 11.61 2.32
CA TYR E 76 -38.92 13.07 2.27
C TYR E 76 -38.52 13.67 3.60
N THR E 77 -37.41 14.41 3.61
CA THR E 77 -36.92 15.08 4.79
C THR E 77 -36.93 16.57 4.56
N CYS E 78 -37.49 17.32 5.51
CA CYS E 78 -37.74 18.74 5.35
C CYS E 78 -37.31 19.48 6.61
N ARG E 79 -36.79 20.69 6.41
CA ARG E 79 -36.40 21.56 7.52
C ARG E 79 -36.46 23.00 7.06
N VAL E 80 -36.87 23.88 7.95
CA VAL E 80 -36.98 25.31 7.67
C VAL E 80 -36.02 26.06 8.59
N PHE E 81 -35.28 27.01 8.02
CA PHE E 81 -34.32 27.81 8.75
C PHE E 81 -34.71 29.28 8.66
N GLY E 82 -34.76 29.94 9.81
CA GLY E 82 -35.07 31.36 9.85
C GLY E 82 -33.84 32.21 10.03
N GLY E 83 -34.00 33.51 9.79
CA GLY E 83 -32.91 34.45 9.94
C GLY E 83 -31.77 34.27 8.97
N VAL E 84 -32.08 34.02 7.70
CA VAL E 84 -31.05 33.86 6.68
C VAL E 84 -30.94 35.16 5.89
N TYR E 85 -29.90 35.24 5.07
CA TYR E 85 -29.71 36.35 4.13
C TYR E 85 -29.07 35.78 2.88
N PRO E 86 -29.86 35.16 2.00
CA PRO E 86 -29.30 34.45 0.85
C PRO E 86 -28.68 35.40 -0.17
N PHE E 87 -27.65 34.91 -0.85
CA PHE E 87 -26.99 35.64 -1.91
C PHE E 87 -26.86 34.74 -3.14
N MET E 88 -27.03 35.35 -4.30
CA MET E 88 -26.77 34.71 -5.58
C MET E 88 -25.83 35.60 -6.38
N TRP E 89 -25.58 35.23 -7.63
CA TRP E 89 -24.81 36.10 -8.50
C TRP E 89 -25.68 37.29 -8.90
N GLY E 90 -25.33 38.47 -8.41
CA GLY E 90 -26.13 39.64 -8.67
C GLY E 90 -26.33 40.48 -7.43
N GLY E 91 -26.35 39.86 -6.26
CA GLY E 91 -26.48 40.56 -5.01
C GLY E 91 -27.38 39.82 -4.05
N ALA E 92 -27.96 40.57 -3.12
CA ALA E 92 -28.86 39.98 -2.13
C ALA E 92 -30.16 39.53 -2.78
N GLN E 93 -30.85 38.62 -2.10
CA GLN E 93 -32.01 37.96 -2.67
C GLN E 93 -33.34 38.35 -2.02
N CYS E 94 -33.31 39.02 -0.87
CA CYS E 94 -34.53 39.53 -0.25
C CYS E 94 -34.40 40.98 0.15
N PHE E 95 -35.54 41.64 0.15
CA PHE E 95 -35.72 43.05 0.50
C PHE E 95 -35.80 43.28 1.99
N CYS E 96 -35.63 42.24 2.79
CA CYS E 96 -35.91 42.31 4.22
C CYS E 96 -34.67 41.84 4.96
N ASP E 97 -34.38 42.49 6.09
CA ASP E 97 -33.01 42.49 6.61
C ASP E 97 -32.59 41.15 7.19
N SER E 98 -33.29 40.67 8.23
CA SER E 98 -32.80 39.52 8.97
C SER E 98 -33.89 38.58 9.44
N GLU E 99 -35.13 38.75 8.99
CA GLU E 99 -36.21 37.83 9.32
C GLU E 99 -36.52 36.88 8.17
N ASN E 100 -35.63 36.82 7.17
CA ASN E 100 -35.83 36.02 5.98
C ASN E 100 -35.76 34.55 6.35
N THR E 101 -36.59 33.73 5.70
CA THR E 101 -36.61 32.31 6.00
C THR E 101 -36.35 31.49 4.74
N GLN E 102 -35.78 30.31 4.96
CA GLN E 102 -35.42 29.38 3.90
C GLN E 102 -35.97 28.00 4.21
N LEU E 103 -36.68 27.42 3.26
CA LEU E 103 -37.20 26.06 3.34
C LEU E 103 -36.38 25.18 2.43
N SER E 104 -35.79 24.12 3.00
CA SER E 104 -34.93 23.19 2.28
C SER E 104 -35.60 21.83 2.22
N GLU E 105 -35.64 21.26 1.02
CA GLU E 105 -36.25 19.96 0.78
C GLU E 105 -35.19 18.95 0.37
N ALA E 106 -35.49 17.68 0.57
CA ALA E 106 -34.59 16.59 0.20
C ALA E 106 -35.38 15.30 0.13
N TYR E 107 -35.15 14.52 -0.93
CA TYR E 107 -35.71 13.18 -0.98
C TYR E 107 -34.80 12.31 -1.84
N VAL E 108 -35.22 11.07 -2.10
CA VAL E 108 -34.44 10.15 -2.90
C VAL E 108 -35.35 9.52 -3.95
N GLU E 109 -34.73 9.04 -5.03
CA GLU E 109 -35.43 8.27 -6.03
C GLU E 109 -34.45 7.25 -6.61
N PHE E 110 -34.85 6.59 -7.68
CA PHE E 110 -34.00 5.60 -8.33
C PHE E 110 -33.03 6.29 -9.28
N ALA E 111 -31.80 5.78 -9.30
CA ALA E 111 -30.79 6.31 -10.20
C ALA E 111 -31.14 5.95 -11.65
N PRO E 112 -30.66 6.75 -12.61
CA PRO E 112 -30.96 6.45 -14.02
C PRO E 112 -30.40 5.11 -14.49
N ASP E 113 -29.36 4.58 -13.85
CA ASP E 113 -28.75 3.34 -14.26
C ASP E 113 -29.25 2.14 -13.46
N CYS E 114 -30.35 2.29 -12.73
CA CYS E 114 -30.95 1.17 -12.01
C CYS E 114 -31.67 0.18 -12.93
N THR E 115 -31.87 0.54 -14.21
CA THR E 115 -32.48 -0.41 -15.14
C THR E 115 -31.59 -1.61 -15.40
N ILE E 116 -30.29 -1.48 -15.16
CA ILE E 116 -29.33 -2.58 -15.31
C ILE E 116 -28.82 -3.06 -13.96
N ASP E 117 -28.22 -2.15 -13.18
CA ASP E 117 -27.61 -2.51 -11.90
C ASP E 117 -28.66 -2.37 -10.80
N HIS E 118 -29.37 -3.46 -10.55
CA HIS E 118 -30.35 -3.49 -9.47
C HIS E 118 -30.47 -4.92 -8.95
N ALA E 119 -30.96 -5.04 -7.73
CA ALA E 119 -31.15 -6.32 -7.07
C ALA E 119 -32.62 -6.55 -6.79
N VAL E 120 -33.02 -7.81 -6.84
CA VAL E 120 -34.40 -8.23 -6.63
C VAL E 120 -34.42 -9.12 -5.40
N ALA E 121 -35.31 -8.81 -4.45
CA ALA E 121 -35.46 -9.57 -3.22
C ALA E 121 -36.61 -10.56 -3.39
N LEU E 122 -36.39 -11.81 -2.98
CA LEU E 122 -37.34 -12.89 -3.19
C LEU E 122 -37.48 -13.72 -1.92
N LYS E 123 -38.69 -14.18 -1.67
CA LYS E 123 -38.95 -15.23 -0.70
C LYS E 123 -39.32 -16.49 -1.47
N VAL E 124 -38.57 -17.56 -1.27
CA VAL E 124 -38.77 -18.80 -2.02
C VAL E 124 -39.36 -19.85 -1.09
N HIS E 125 -40.24 -20.67 -1.64
CA HIS E 125 -40.90 -21.75 -0.92
C HIS E 125 -40.24 -23.08 -1.28
N THR E 126 -40.88 -24.17 -0.90
CA THR E 126 -40.37 -25.52 -1.17
C THR E 126 -40.17 -25.72 -2.67
N ALA E 127 -39.02 -26.29 -3.04
CA ALA E 127 -38.63 -26.46 -4.42
C ALA E 127 -39.01 -27.84 -4.93
N ALA E 128 -39.41 -27.91 -6.19
CA ALA E 128 -39.81 -29.16 -6.83
C ALA E 128 -38.76 -29.56 -7.86
N LEU E 129 -38.43 -30.84 -7.87
CA LEU E 129 -37.40 -31.38 -8.76
C LEU E 129 -38.05 -31.93 -10.01
N LYS E 130 -37.60 -31.46 -11.17
CA LYS E 130 -38.06 -31.95 -12.47
C LYS E 130 -36.85 -32.46 -13.24
N VAL E 131 -36.94 -33.69 -13.71
CA VAL E 131 -35.78 -34.35 -14.32
C VAL E 131 -36.11 -34.73 -15.76
N GLY E 132 -35.07 -34.67 -16.60
CA GLY E 132 -35.15 -35.15 -17.96
C GLY E 132 -34.60 -36.57 -18.03
N LEU E 133 -35.44 -37.50 -18.48
CA LEU E 133 -35.10 -38.91 -18.50
C LEU E 133 -35.01 -39.42 -19.93
N ARG E 134 -33.94 -40.16 -20.20
CA ARG E 134 -33.81 -40.96 -21.41
C ARG E 134 -34.03 -42.41 -21.01
N ILE E 135 -35.06 -43.03 -21.59
CA ILE E 135 -35.45 -44.40 -21.27
C ILE E 135 -35.27 -45.23 -22.53
N VAL E 136 -34.36 -46.20 -22.48
CA VAL E 136 -34.18 -47.15 -23.56
C VAL E 136 -34.68 -48.49 -23.07
N TYR E 137 -35.79 -48.96 -23.64
CA TYR E 137 -36.36 -50.26 -23.32
C TYR E 137 -36.27 -51.14 -24.56
N GLY E 138 -35.63 -52.30 -24.40
CA GLY E 138 -35.29 -53.14 -25.52
C GLY E 138 -34.35 -52.41 -26.45
N ASN E 139 -34.88 -51.96 -27.58
CA ASN E 139 -34.19 -51.07 -28.49
C ASN E 139 -35.11 -49.95 -28.98
N THR E 140 -35.88 -49.40 -28.05
CA THR E 140 -36.69 -48.20 -28.27
C THR E 140 -36.26 -47.13 -27.27
N THR E 141 -35.97 -45.94 -27.77
CA THR E 141 -35.44 -44.85 -26.98
C THR E 141 -36.46 -43.72 -26.91
N ALA E 142 -36.75 -43.25 -25.70
CA ALA E 142 -37.71 -42.17 -25.48
C ALA E 142 -37.11 -41.14 -24.54
N HIS E 143 -37.20 -39.86 -24.93
CA HIS E 143 -36.76 -38.75 -24.09
C HIS E 143 -37.98 -38.04 -23.54
N LEU E 144 -37.96 -37.72 -22.25
CA LEU E 144 -39.13 -37.13 -21.62
C LEU E 144 -38.70 -36.29 -20.43
N ASP E 145 -39.66 -35.54 -19.89
CA ASP E 145 -39.46 -34.73 -18.70
C ASP E 145 -40.53 -35.09 -17.69
N THR E 146 -40.14 -35.33 -16.44
CA THR E 146 -41.09 -35.73 -15.42
C THR E 146 -40.81 -35.01 -14.11
N PHE E 147 -41.86 -34.83 -13.32
CA PHE E 147 -41.74 -34.20 -12.01
C PHE E 147 -41.46 -35.26 -10.96
N VAL E 148 -40.48 -35.00 -10.11
CA VAL E 148 -40.11 -35.92 -9.02
C VAL E 148 -41.00 -35.54 -7.84
N ASN E 149 -42.23 -36.06 -7.86
CA ASN E 149 -43.19 -35.79 -6.79
C ASN E 149 -43.97 -37.01 -6.34
N GLY E 150 -43.96 -38.12 -7.07
CA GLY E 150 -44.57 -39.36 -6.64
C GLY E 150 -45.83 -39.75 -7.39
N VAL E 151 -46.59 -38.78 -7.92
CA VAL E 151 -47.86 -39.10 -8.54
C VAL E 151 -48.00 -38.58 -9.96
N THR E 152 -47.25 -37.55 -10.37
CA THR E 152 -47.43 -37.01 -11.71
C THR E 152 -46.72 -37.89 -12.73
N PRO E 153 -47.42 -38.39 -13.75
CA PRO E 153 -46.76 -39.19 -14.77
C PRO E 153 -45.86 -38.35 -15.66
N GLY E 154 -44.95 -39.02 -16.35
CA GLY E 154 -44.03 -38.34 -17.23
C GLY E 154 -44.68 -37.83 -18.50
N SER E 155 -43.93 -37.04 -19.25
CA SER E 155 -44.42 -36.44 -20.49
C SER E 155 -44.25 -37.41 -21.66
N SER E 156 -44.96 -38.52 -21.57
CA SER E 156 -44.96 -39.52 -22.63
C SER E 156 -46.25 -40.31 -22.54
N ARG E 157 -47.05 -40.26 -23.61
CA ARG E 157 -48.32 -40.98 -23.62
C ARG E 157 -48.11 -42.50 -23.75
N ASP E 158 -47.07 -42.91 -24.48
CA ASP E 158 -46.85 -44.31 -24.81
C ASP E 158 -45.96 -45.05 -23.82
N LEU E 159 -45.47 -44.40 -22.78
CA LEU E 159 -44.58 -45.07 -21.83
C LEU E 159 -45.13 -45.09 -20.41
N LYS E 160 -45.70 -43.97 -19.94
CA LYS E 160 -46.35 -43.86 -18.63
C LYS E 160 -45.37 -44.21 -17.51
N VAL E 161 -44.40 -43.33 -17.33
CA VAL E 161 -43.40 -43.44 -16.28
C VAL E 161 -43.78 -42.51 -15.13
N ILE E 162 -43.55 -42.96 -13.91
CA ILE E 162 -43.87 -42.19 -12.71
C ILE E 162 -42.63 -42.14 -11.84
N ALA E 163 -42.18 -40.93 -11.52
CA ALA E 163 -41.02 -40.72 -10.66
C ALA E 163 -41.50 -40.54 -9.23
N GLY E 164 -41.03 -41.42 -8.33
CA GLY E 164 -41.43 -41.36 -6.95
C GLY E 164 -40.80 -40.18 -6.24
N PRO E 165 -41.19 -39.99 -4.98
CA PRO E 165 -40.66 -38.84 -4.22
C PRO E 165 -39.17 -38.98 -3.98
N ILE E 166 -38.50 -37.82 -3.94
CA ILE E 166 -37.05 -37.79 -3.79
C ILE E 166 -36.67 -38.32 -2.40
N SER E 167 -35.49 -38.93 -2.32
CA SER E 167 -35.04 -39.54 -1.08
C SER E 167 -34.84 -38.50 0.01
N ALA E 168 -34.27 -37.34 -0.34
CA ALA E 168 -34.05 -36.26 0.61
C ALA E 168 -34.35 -34.93 -0.06
N ALA E 169 -34.77 -33.96 0.75
CA ALA E 169 -35.03 -32.62 0.26
C ALA E 169 -33.78 -31.78 0.46
N PHE E 170 -33.29 -31.16 -0.62
CA PHE E 170 -32.03 -30.44 -0.58
C PHE E 170 -32.24 -28.93 -0.43
N SER E 171 -32.89 -28.29 -1.42
CA SER E 171 -33.22 -26.87 -1.42
C SER E 171 -32.01 -25.99 -1.13
N PRO E 172 -31.12 -25.77 -2.11
CA PRO E 172 -29.90 -24.98 -1.85
C PRO E 172 -30.18 -23.53 -1.49
N PHE E 173 -31.33 -22.99 -1.84
CA PHE E 173 -31.64 -21.60 -1.53
C PHE E 173 -32.20 -21.48 -0.11
N ASP E 174 -31.76 -20.45 0.59
CA ASP E 174 -32.34 -20.11 1.89
C ASP E 174 -33.68 -19.42 1.67
N HIS E 175 -34.34 -19.05 2.77
CA HIS E 175 -35.70 -18.52 2.67
C HIS E 175 -35.73 -17.16 1.96
N LYS E 176 -34.66 -16.38 2.08
CA LYS E 176 -34.57 -15.06 1.48
C LYS E 176 -33.42 -15.03 0.49
N VAL E 177 -33.70 -14.63 -0.75
CA VAL E 177 -32.76 -14.73 -1.86
C VAL E 177 -32.66 -13.36 -2.54
N VAL E 178 -31.45 -12.95 -2.89
CA VAL E 178 -31.21 -11.70 -3.60
C VAL E 178 -30.57 -12.04 -4.95
N ILE E 179 -31.17 -11.55 -6.03
CA ILE E 179 -30.64 -11.76 -7.37
C ILE E 179 -30.19 -10.43 -7.95
N ARG E 180 -28.95 -10.37 -8.39
CA ARG E 180 -28.39 -9.17 -9.03
C ARG E 180 -27.58 -9.60 -10.24
N LYS E 181 -28.05 -9.23 -11.43
CA LYS E 181 -27.34 -9.43 -12.70
C LYS E 181 -26.98 -10.89 -12.94
N GLY E 182 -27.89 -11.79 -12.59
CA GLY E 182 -27.66 -13.21 -12.75
C GLY E 182 -26.91 -13.86 -11.62
N PHE E 183 -26.46 -13.10 -10.62
CA PHE E 183 -25.78 -13.65 -9.46
C PHE E 183 -26.78 -13.81 -8.34
N VAL E 184 -26.76 -14.97 -7.69
CA VAL E 184 -27.75 -15.36 -6.69
C VAL E 184 -27.06 -15.44 -5.34
N TYR E 185 -27.65 -14.78 -4.34
CA TYR E 185 -27.09 -14.72 -3.00
C TYR E 185 -28.15 -15.13 -1.99
N ASN E 186 -27.72 -15.83 -0.94
CA ASN E 186 -28.59 -16.17 0.18
C ASN E 186 -28.43 -15.09 1.25
N TYR E 187 -29.11 -13.96 1.02
CA TYR E 187 -29.04 -12.81 1.90
C TYR E 187 -30.36 -12.59 2.59
N ASP E 188 -30.31 -12.24 3.88
CA ASP E 188 -31.50 -11.99 4.68
C ASP E 188 -31.84 -10.50 4.61
N PHE E 189 -32.54 -10.12 3.55
CA PHE E 189 -32.92 -8.72 3.37
C PHE E 189 -34.03 -8.34 4.35
N PRO E 190 -34.12 -7.06 4.71
CA PRO E 190 -35.23 -6.62 5.54
C PRO E 190 -36.55 -6.68 4.79
N GLU E 191 -37.64 -6.76 5.56
CA GLU E 191 -38.97 -6.85 4.99
C GLU E 191 -39.37 -5.53 4.34
N TYR E 192 -40.44 -5.57 3.56
CA TYR E 192 -40.94 -4.37 2.90
C TYR E 192 -41.49 -3.41 3.94
N GLY E 193 -41.09 -2.14 3.82
CA GLY E 193 -41.46 -1.15 4.80
C GLY E 193 -40.62 -1.14 6.06
N ALA E 194 -39.56 -1.95 6.11
CA ALA E 194 -38.69 -2.02 7.28
C ALA E 194 -37.27 -1.63 6.90
N MET E 195 -37.14 -0.48 6.24
CA MET E 195 -35.86 -0.05 5.71
C MET E 195 -34.88 0.29 6.82
N LYS E 196 -33.60 0.02 6.59
CA LYS E 196 -32.56 0.41 7.52
C LYS E 196 -31.52 1.25 6.80
N PRO E 197 -31.05 2.34 7.42
CA PRO E 197 -30.07 3.20 6.75
C PRO E 197 -28.71 2.54 6.65
N GLY E 198 -28.09 2.69 5.48
CA GLY E 198 -26.76 2.16 5.27
C GLY E 198 -26.67 0.67 5.06
N ALA E 199 -27.80 -0.02 4.93
CA ALA E 199 -27.83 -1.45 4.72
C ALA E 199 -28.63 -1.76 3.46
N PHE E 200 -28.57 -3.03 3.05
CA PHE E 200 -29.28 -3.47 1.84
C PHE E 200 -30.78 -3.28 2.00
N GLY E 201 -31.43 -2.86 0.93
CA GLY E 201 -32.85 -2.56 1.01
C GLY E 201 -33.18 -1.27 1.71
N ASP E 202 -32.25 -0.30 1.70
CA ASP E 202 -32.54 1.00 2.28
C ASP E 202 -33.56 1.78 1.45
N ILE E 203 -33.63 1.49 0.16
CA ILE E 203 -34.68 2.01 -0.71
C ILE E 203 -35.38 0.82 -1.37
N GLN E 204 -36.71 0.84 -1.36
CA GLN E 204 -37.50 -0.27 -1.88
C GLN E 204 -38.66 0.25 -2.71
N ALA E 205 -39.04 -0.54 -3.71
CA ALA E 205 -40.23 -0.29 -4.51
C ALA E 205 -40.68 -1.60 -5.13
N SER E 206 -41.95 -1.66 -5.51
CA SER E 206 -42.48 -2.86 -6.15
C SER E 206 -41.87 -3.09 -7.52
N SER E 207 -41.48 -2.03 -8.21
CA SER E 207 -40.85 -2.14 -9.52
C SER E 207 -39.96 -0.93 -9.73
N LEU E 208 -39.17 -0.98 -10.79
CA LEU E 208 -38.24 0.11 -11.08
C LEU E 208 -38.97 1.38 -11.51
N ASP E 209 -40.12 1.24 -12.17
CA ASP E 209 -40.91 2.37 -12.61
C ASP E 209 -42.04 2.72 -11.64
N ALA E 210 -42.07 2.08 -10.48
CA ALA E 210 -43.14 2.32 -9.51
C ALA E 210 -43.01 3.71 -8.91
N THR E 211 -44.16 4.29 -8.55
CA THR E 211 -44.21 5.60 -7.94
C THR E 211 -44.31 5.56 -6.42
N ASP E 212 -44.62 4.41 -5.84
CA ASP E 212 -44.73 4.27 -4.39
C ASP E 212 -43.41 3.85 -3.74
N ILE E 213 -42.35 4.59 -4.06
CA ILE E 213 -41.03 4.29 -3.52
C ILE E 213 -40.97 4.70 -2.06
N VAL E 214 -40.39 3.83 -1.23
CA VAL E 214 -40.21 4.09 0.20
C VAL E 214 -38.75 3.88 0.55
N ALA E 215 -38.23 4.75 1.40
CA ALA E 215 -36.83 4.67 1.81
C ALA E 215 -36.67 5.28 3.18
N ARG E 216 -35.63 4.85 3.89
CA ARG E 216 -35.30 5.37 5.21
C ARG E 216 -33.79 5.59 5.27
N THR E 217 -33.26 6.30 4.28
CA THR E 217 -31.85 6.70 4.35
C THR E 217 -31.67 7.75 5.43
N ASP E 218 -30.50 7.72 6.07
CA ASP E 218 -30.22 8.62 7.20
C ASP E 218 -29.78 9.98 6.65
N ILE E 219 -30.74 10.70 6.08
CA ILE E 219 -30.51 12.02 5.51
C ILE E 219 -30.99 13.06 6.52
N ARG E 220 -30.24 14.15 6.62
CA ARG E 220 -30.56 15.24 7.55
C ARG E 220 -30.04 16.54 6.97
N LEU E 221 -30.80 17.61 7.18
CA LEU E 221 -30.48 18.90 6.59
C LEU E 221 -29.83 19.81 7.62
N LEU E 222 -28.73 20.45 7.22
CA LEU E 222 -27.94 21.29 8.09
C LEU E 222 -28.26 22.76 7.83
N LYS E 223 -28.03 23.57 8.86
CA LYS E 223 -28.20 25.01 8.72
C LYS E 223 -27.11 25.56 7.81
N PRO E 224 -27.46 26.41 6.83
CA PRO E 224 -26.45 26.94 5.90
C PRO E 224 -25.47 27.86 6.62
N SER E 225 -24.18 27.52 6.54
CA SER E 225 -23.16 28.30 7.23
C SER E 225 -22.85 29.59 6.48
N VAL E 226 -22.37 29.48 5.24
CA VAL E 226 -22.15 30.68 4.45
C VAL E 226 -23.45 31.12 3.80
N LYS E 227 -23.44 32.36 3.28
CA LYS E 227 -24.66 33.05 2.88
C LYS E 227 -25.02 32.82 1.41
N ASN E 228 -24.52 31.75 0.81
CA ASN E 228 -24.97 31.37 -0.53
C ASN E 228 -26.29 30.61 -0.42
N ILE E 229 -26.72 30.00 -1.51
CA ILE E 229 -28.08 29.47 -1.58
C ILE E 229 -28.02 27.95 -1.73
N HIS E 230 -26.91 27.36 -1.30
CA HIS E 230 -26.79 25.91 -1.33
C HIS E 230 -27.61 25.30 -0.20
N VAL E 231 -27.89 24.00 -0.31
CA VAL E 231 -28.52 23.24 0.76
C VAL E 231 -27.46 22.29 1.32
N PRO E 232 -26.95 22.53 2.52
CA PRO E 232 -26.02 21.58 3.12
C PRO E 232 -26.76 20.41 3.76
N TYR E 233 -26.27 19.20 3.51
CA TYR E 233 -26.90 18.00 4.03
C TYR E 233 -25.86 16.90 4.14
N THR E 234 -26.10 15.99 5.06
CA THR E 234 -25.30 14.78 5.20
C THR E 234 -26.23 13.58 5.12
N GLN E 235 -25.76 12.53 4.45
CA GLN E 235 -26.55 11.33 4.24
C GLN E 235 -25.70 10.10 4.51
N ALA E 236 -26.35 9.02 4.91
CA ALA E 236 -25.67 7.75 5.05
C ALA E 236 -25.28 7.21 3.67
N VAL E 237 -24.34 6.28 3.65
CA VAL E 237 -23.89 5.72 2.39
C VAL E 237 -24.99 4.86 1.78
N SER E 238 -24.85 4.58 0.49
CA SER E 238 -25.81 3.76 -0.21
C SER E 238 -25.69 2.32 0.28
N GLY E 239 -26.77 1.80 0.87
CA GLY E 239 -26.74 0.44 1.38
C GLY E 239 -26.62 -0.60 0.28
N TYR E 240 -27.09 -0.27 -0.91
CA TYR E 240 -26.88 -1.16 -2.07
C TYR E 240 -25.40 -1.25 -2.41
N GLU E 241 -24.71 -0.11 -2.44
CA GLU E 241 -23.27 -0.11 -2.69
C GLU E 241 -22.51 -0.81 -1.57
N MET E 242 -22.94 -0.59 -0.33
CA MET E 242 -22.31 -1.26 0.81
C MET E 242 -22.48 -2.77 0.73
N TRP E 243 -23.66 -3.22 0.29
CA TRP E 243 -23.89 -4.65 0.10
C TRP E 243 -23.05 -5.20 -1.05
N LYS E 244 -22.92 -4.42 -2.13
CA LYS E 244 -22.06 -4.84 -3.24
C LYS E 244 -20.60 -4.96 -2.82
N ASN E 245 -20.16 -4.13 -1.87
CA ASN E 245 -18.76 -4.16 -1.47
C ASN E 245 -18.41 -5.45 -0.74
N ASN E 246 -19.35 -6.00 0.03
CA ASN E 246 -19.10 -7.19 0.83
C ASN E 246 -20.23 -8.20 0.68
N SER E 247 -20.63 -8.47 -0.57
CA SER E 247 -21.68 -9.45 -0.84
C SER E 247 -21.20 -10.89 -0.66
N GLY E 248 -19.89 -11.11 -0.58
CA GLY E 248 -19.38 -12.47 -0.52
C GLY E 248 -19.46 -13.14 -1.87
N ARG E 249 -19.42 -14.47 -1.83
CA ARG E 249 -19.51 -15.15 -3.10
C ARG E 249 -20.94 -15.57 -3.39
N PRO E 250 -21.34 -15.59 -4.66
CA PRO E 250 -22.71 -15.99 -5.01
C PRO E 250 -22.92 -17.48 -4.82
N LEU E 251 -24.18 -17.90 -4.94
CA LEU E 251 -24.51 -19.32 -4.82
C LEU E 251 -24.03 -20.14 -6.02
N GLN E 252 -23.63 -19.48 -7.11
CA GLN E 252 -23.02 -20.22 -8.21
C GLN E 252 -21.69 -20.83 -7.82
N GLU E 253 -21.04 -20.32 -6.78
CA GLU E 253 -19.78 -20.85 -6.28
C GLU E 253 -19.91 -21.56 -4.94
N THR E 254 -20.92 -21.23 -4.14
CA THR E 254 -21.14 -21.83 -2.83
C THR E 254 -22.50 -22.52 -2.86
N ALA E 255 -22.52 -23.77 -3.33
CA ALA E 255 -23.74 -24.56 -3.36
C ALA E 255 -23.34 -26.02 -3.27
N PRO E 256 -23.97 -26.80 -2.40
CA PRO E 256 -23.62 -28.21 -2.25
C PRO E 256 -24.05 -29.02 -3.47
N PHE E 257 -23.48 -30.22 -3.56
CA PHE E 257 -23.78 -31.24 -4.57
C PHE E 257 -23.42 -30.81 -5.98
N GLY E 258 -22.65 -29.74 -6.14
CA GLY E 258 -22.06 -29.38 -7.42
C GLY E 258 -23.05 -29.07 -8.52
N CYS E 259 -24.06 -28.27 -8.24
CA CYS E 259 -25.06 -27.95 -9.25
C CYS E 259 -25.22 -26.44 -9.40
N LYS E 260 -25.52 -26.03 -10.63
CA LYS E 260 -25.30 -24.66 -11.03
C LYS E 260 -26.59 -23.86 -10.99
N ILE E 261 -26.51 -22.64 -10.47
CA ILE E 261 -27.67 -21.81 -10.22
C ILE E 261 -27.91 -20.95 -11.46
N GLU E 262 -29.15 -20.93 -11.92
CA GLU E 262 -29.54 -20.18 -13.10
C GLU E 262 -30.76 -19.32 -12.77
N VAL E 263 -30.86 -18.20 -13.48
CA VAL E 263 -31.95 -17.25 -13.29
C VAL E 263 -32.88 -17.31 -14.48
N GLU E 264 -34.06 -16.69 -14.33
CA GLU E 264 -35.13 -16.61 -15.31
C GLU E 264 -35.56 -17.99 -15.81
N PRO E 265 -36.22 -18.81 -14.99
CA PRO E 265 -36.59 -18.62 -13.58
C PRO E 265 -35.46 -19.02 -12.64
N LEU E 266 -35.56 -18.70 -11.36
CA LEU E 266 -34.55 -19.13 -10.40
C LEU E 266 -34.60 -20.63 -10.21
N ARG E 267 -33.46 -21.29 -10.41
CA ARG E 267 -33.41 -22.74 -10.33
C ARG E 267 -31.97 -23.18 -10.08
N ALA E 268 -31.84 -24.43 -9.63
CA ALA E 268 -30.55 -25.08 -9.46
C ALA E 268 -30.56 -26.34 -10.31
N SER E 269 -29.73 -26.36 -11.34
CA SER E 269 -29.76 -27.42 -12.34
C SER E 269 -28.63 -28.41 -12.14
N ASN E 270 -28.95 -29.69 -12.37
CA ASN E 270 -28.03 -30.84 -12.34
C ASN E 270 -27.49 -31.13 -10.94
N CYS E 271 -28.40 -31.27 -9.98
CA CYS E 271 -28.02 -31.60 -8.61
C CYS E 271 -28.06 -33.11 -8.39
N ALA E 272 -26.99 -33.63 -7.80
CA ALA E 272 -26.81 -35.07 -7.58
C ALA E 272 -26.77 -35.32 -6.08
N TYR E 273 -27.94 -35.57 -5.48
CA TYR E 273 -27.98 -35.68 -4.03
C TYR E 273 -28.74 -36.90 -3.52
N GLY E 274 -29.70 -37.42 -4.28
CA GLY E 274 -30.54 -38.47 -3.72
C GLY E 274 -30.77 -39.67 -4.59
N HIS E 275 -31.87 -40.37 -4.33
CA HIS E 275 -32.30 -41.52 -5.11
C HIS E 275 -33.76 -41.32 -5.49
N ILE E 276 -34.10 -41.63 -6.74
CA ILE E 276 -35.45 -41.43 -7.26
C ILE E 276 -36.05 -42.81 -7.52
N PRO E 277 -37.15 -43.17 -6.86
CA PRO E 277 -37.91 -44.35 -7.28
C PRO E 277 -38.62 -44.08 -8.61
N ILE E 278 -38.47 -45.02 -9.54
CA ILE E 278 -39.01 -44.88 -10.89
C ILE E 278 -39.85 -46.12 -11.18
N SER E 279 -41.08 -45.91 -11.66
CA SER E 279 -41.94 -46.99 -12.10
C SER E 279 -42.25 -46.81 -13.58
N ILE E 280 -41.96 -47.84 -14.37
CA ILE E 280 -42.17 -47.79 -15.82
C ILE E 280 -43.25 -48.81 -16.16
N ASP E 281 -44.26 -48.37 -16.91
CA ASP E 281 -45.25 -49.28 -17.46
C ASP E 281 -44.83 -49.61 -18.88
N ILE E 282 -44.00 -50.64 -19.03
CA ILE E 282 -43.46 -50.98 -20.35
C ILE E 282 -44.59 -51.53 -21.22
N PRO E 283 -44.78 -51.02 -22.43
CA PRO E 283 -45.79 -51.61 -23.32
C PRO E 283 -45.45 -53.03 -23.72
N ASP E 284 -46.49 -53.84 -23.89
CA ASP E 284 -46.29 -55.25 -24.20
C ASP E 284 -45.78 -55.49 -25.62
N ALA E 285 -45.82 -54.48 -26.49
CA ALA E 285 -45.25 -54.64 -27.82
C ALA E 285 -43.73 -54.71 -27.77
N ALA E 286 -43.11 -54.15 -26.73
CA ALA E 286 -41.67 -54.21 -26.60
C ALA E 286 -41.19 -55.60 -26.24
N PHE E 287 -41.99 -56.36 -25.50
CA PHE E 287 -41.61 -57.71 -25.10
C PHE E 287 -41.67 -58.66 -26.29
N VAL E 288 -40.88 -59.73 -26.20
CA VAL E 288 -40.93 -60.83 -27.15
C VAL E 288 -41.06 -62.13 -26.37
N ARG E 289 -41.54 -63.16 -27.06
CA ARG E 289 -41.70 -64.46 -26.43
C ARG E 289 -40.34 -65.10 -26.17
N SER E 290 -40.32 -66.06 -25.24
CA SER E 290 -39.07 -66.73 -24.91
C SER E 290 -38.56 -67.58 -26.07
N SER E 291 -39.47 -68.09 -26.90
CA SER E 291 -39.06 -68.88 -28.06
C SER E 291 -38.40 -68.01 -29.13
N GLU E 292 -38.72 -66.72 -29.18
CA GLU E 292 -38.15 -65.86 -30.20
C GLU E 292 -36.68 -65.57 -29.95
N SER E 293 -36.29 -65.39 -28.70
CA SER E 293 -34.91 -65.11 -28.37
C SER E 293 -34.06 -66.37 -28.50
N PRO E 294 -32.80 -66.24 -28.89
CA PRO E 294 -31.90 -67.41 -28.92
C PRO E 294 -31.64 -67.93 -27.52
N THR E 295 -31.42 -69.24 -27.44
CA THR E 295 -31.20 -69.91 -26.16
C THR E 295 -29.71 -70.19 -25.96
N ILE E 296 -29.31 -70.29 -24.70
CA ILE E 296 -27.93 -70.56 -24.32
C ILE E 296 -27.83 -71.99 -23.83
N LEU E 297 -26.94 -72.77 -24.44
CA LEU E 297 -26.72 -74.13 -23.96
C LEU E 297 -25.73 -74.15 -22.80
N GLU E 298 -24.57 -73.53 -22.96
CA GLU E 298 -23.67 -73.28 -21.85
C GLU E 298 -22.94 -71.96 -22.11
N VAL E 299 -22.47 -71.35 -21.03
CA VAL E 299 -21.75 -70.09 -21.12
C VAL E 299 -20.77 -70.02 -19.95
N SER E 300 -19.58 -69.50 -20.22
CA SER E 300 -18.54 -69.36 -19.20
C SER E 300 -17.97 -67.95 -19.24
N CYS E 301 -17.58 -67.44 -18.07
CA CYS E 301 -17.10 -66.07 -17.93
C CYS E 301 -15.67 -66.09 -17.40
N THR E 302 -14.78 -65.40 -18.11
CA THR E 302 -13.39 -65.23 -17.68
C THR E 302 -13.07 -63.73 -17.63
N VAL E 303 -12.65 -63.26 -16.47
CA VAL E 303 -12.33 -61.84 -16.28
C VAL E 303 -10.85 -61.64 -16.50
N ALA E 304 -10.50 -60.64 -17.33
CA ALA E 304 -9.11 -60.36 -17.69
C ALA E 304 -8.74 -58.97 -17.22
N ASP E 305 -7.84 -58.90 -16.23
CA ASP E 305 -7.22 -57.65 -15.75
C ASP E 305 -8.28 -56.66 -15.25
N CYS E 306 -8.93 -57.06 -14.16
CA CYS E 306 -9.92 -56.19 -13.53
C CYS E 306 -9.21 -55.08 -12.76
N ILE E 307 -9.61 -53.85 -13.02
CA ILE E 307 -9.06 -52.67 -12.33
C ILE E 307 -10.24 -51.86 -11.78
N TYR E 308 -10.35 -51.75 -10.45
CA TYR E 308 -11.54 -51.11 -9.93
C TYR E 308 -11.32 -49.60 -9.83
N SER E 309 -12.17 -48.83 -10.51
CA SER E 309 -11.99 -47.39 -10.62
C SER E 309 -13.34 -46.76 -10.96
N ALA E 310 -13.32 -45.49 -11.36
CA ALA E 310 -14.54 -44.78 -11.70
C ALA E 310 -14.98 -44.99 -13.14
N ASP E 311 -14.03 -45.19 -14.06
CA ASP E 311 -14.37 -45.42 -15.46
C ASP E 311 -14.64 -46.90 -15.67
N PHE E 312 -14.81 -47.31 -16.93
CA PHE E 312 -15.08 -48.70 -17.27
C PHE E 312 -13.79 -49.50 -17.24
N GLY E 313 -13.29 -49.71 -16.02
CA GLY E 313 -12.07 -50.44 -15.82
C GLY E 313 -12.32 -51.91 -15.53
N GLY E 314 -11.87 -52.78 -16.43
CA GLY E 314 -12.11 -54.20 -16.28
C GLY E 314 -12.87 -54.79 -17.46
N SER E 315 -12.44 -55.95 -17.91
CA SER E 315 -13.07 -56.60 -19.05
C SER E 315 -13.30 -58.07 -18.72
N LEU E 316 -14.36 -58.62 -19.31
CA LEU E 316 -14.67 -60.04 -19.17
C LEU E 316 -15.04 -60.60 -20.53
N THR E 317 -14.86 -61.90 -20.68
CA THR E 317 -15.17 -62.61 -21.90
C THR E 317 -16.12 -63.75 -21.60
N LEU E 318 -17.23 -63.78 -22.31
CA LEU E 318 -18.21 -64.85 -22.23
C LEU E 318 -18.02 -65.77 -23.43
N GLN E 319 -17.67 -67.02 -23.16
CA GLN E 319 -17.61 -68.06 -24.18
C GLN E 319 -18.92 -68.81 -24.17
N TYR E 320 -19.58 -68.88 -25.33
CA TYR E 320 -20.92 -69.43 -25.44
C TYR E 320 -21.02 -70.33 -26.66
N LYS E 321 -21.92 -71.30 -26.58
CA LYS E 321 -22.22 -72.24 -27.66
C LYS E 321 -23.74 -72.23 -27.89
N ALA E 322 -24.26 -71.02 -28.09
CA ALA E 322 -25.69 -70.78 -28.20
C ALA E 322 -26.34 -71.43 -29.41
N ASP E 323 -27.65 -71.27 -29.56
CA ASP E 323 -28.40 -71.80 -30.69
C ASP E 323 -29.00 -70.62 -31.46
N ARG E 324 -28.63 -70.52 -32.74
CA ARG E 324 -29.19 -69.58 -33.72
C ARG E 324 -28.75 -68.15 -33.44
N GLU E 325 -28.44 -67.40 -34.50
CA GLU E 325 -27.88 -66.07 -34.35
C GLU E 325 -28.97 -65.05 -34.01
N GLY E 326 -28.70 -64.23 -33.01
CA GLY E 326 -29.69 -63.23 -32.63
C GLY E 326 -29.15 -62.30 -31.57
N HIS E 327 -29.87 -61.20 -31.38
CA HIS E 327 -29.51 -60.19 -30.41
C HIS E 327 -30.25 -60.43 -29.10
N CYS E 328 -29.51 -60.43 -28.00
CA CYS E 328 -30.11 -60.60 -26.68
C CYS E 328 -29.39 -59.71 -25.70
N PRO E 329 -30.05 -59.27 -24.63
CA PRO E 329 -29.40 -58.40 -23.65
C PRO E 329 -28.45 -59.15 -22.74
N VAL E 330 -27.53 -58.38 -22.14
CA VAL E 330 -26.63 -58.85 -21.11
C VAL E 330 -26.82 -57.98 -19.87
N HIS E 331 -26.51 -58.53 -18.70
CA HIS E 331 -26.63 -57.78 -17.47
C HIS E 331 -25.64 -58.30 -16.45
N SER E 332 -25.32 -57.46 -15.46
CA SER E 332 -24.53 -57.87 -14.31
C SER E 332 -25.42 -57.79 -13.08
N HIS E 333 -25.73 -58.95 -12.49
CA HIS E 333 -26.61 -59.01 -11.33
C HIS E 333 -25.83 -58.68 -10.06
N SER E 334 -25.45 -57.41 -9.96
CA SER E 334 -24.71 -56.91 -8.81
C SER E 334 -24.90 -55.41 -8.71
N THR E 335 -25.00 -54.93 -7.47
CA THR E 335 -25.06 -53.50 -7.21
C THR E 335 -23.67 -52.88 -7.12
N THR E 336 -22.61 -53.70 -7.15
CA THR E 336 -21.24 -53.21 -7.05
C THR E 336 -20.47 -53.32 -8.35
N ALA E 337 -21.14 -53.68 -9.45
CA ALA E 337 -20.50 -53.77 -10.76
C ALA E 337 -21.54 -53.58 -11.83
N VAL E 338 -21.26 -52.72 -12.80
CA VAL E 338 -22.18 -52.41 -13.88
C VAL E 338 -21.47 -52.58 -15.21
N LEU E 339 -22.17 -53.17 -16.19
CA LEU E 339 -21.59 -53.35 -17.50
C LEU E 339 -21.66 -52.06 -18.30
N LYS E 340 -20.98 -52.06 -19.45
CA LYS E 340 -21.04 -50.95 -20.38
C LYS E 340 -22.05 -51.22 -21.49
N GLU E 341 -22.00 -52.41 -22.07
CA GLU E 341 -22.91 -52.80 -23.13
C GLU E 341 -24.20 -53.36 -22.53
N ALA E 342 -25.30 -53.15 -23.25
CA ALA E 342 -26.60 -53.64 -22.82
C ALA E 342 -27.08 -54.84 -23.62
N THR E 343 -26.97 -54.80 -24.94
CA THR E 343 -27.44 -55.86 -25.82
C THR E 343 -26.32 -56.27 -26.76
N THR E 344 -26.18 -57.57 -27.00
CA THR E 344 -25.13 -58.06 -27.89
C THR E 344 -25.72 -59.11 -28.84
N HIS E 345 -25.03 -59.29 -29.96
CA HIS E 345 -25.40 -60.27 -30.97
C HIS E 345 -24.60 -61.54 -30.76
N VAL E 346 -25.29 -62.67 -30.70
CA VAL E 346 -24.68 -63.96 -30.43
C VAL E 346 -24.87 -64.86 -31.65
N THR E 347 -23.94 -65.79 -31.82
CA THR E 347 -23.89 -66.74 -32.92
C THR E 347 -23.98 -68.16 -32.37
N ALA E 348 -23.76 -69.14 -33.25
CA ALA E 348 -23.83 -70.54 -32.85
C ALA E 348 -22.76 -70.89 -31.83
N VAL E 349 -21.54 -70.39 -32.03
CA VAL E 349 -20.46 -70.61 -31.08
C VAL E 349 -19.50 -69.44 -31.19
N GLY E 350 -19.00 -68.98 -30.05
CA GLY E 350 -18.04 -67.89 -30.06
C GLY E 350 -17.80 -67.33 -28.67
N SER E 351 -17.23 -66.14 -28.64
CA SER E 351 -16.94 -65.43 -27.41
C SER E 351 -17.21 -63.95 -27.63
N ILE E 352 -17.80 -63.32 -26.62
CA ILE E 352 -18.09 -61.89 -26.65
C ILE E 352 -17.39 -61.23 -25.48
N THR E 353 -16.83 -60.04 -25.71
CA THR E 353 -16.13 -59.30 -24.68
C THR E 353 -16.98 -58.13 -24.20
N LEU E 354 -16.96 -57.89 -22.90
CA LEU E 354 -17.71 -56.81 -22.29
C LEU E 354 -16.81 -56.05 -21.32
N HIS E 355 -17.12 -54.77 -21.13
CA HIS E 355 -16.39 -53.91 -20.22
C HIS E 355 -17.30 -53.53 -19.06
N PHE E 356 -16.76 -53.57 -17.85
CA PHE E 356 -17.54 -53.28 -16.65
C PHE E 356 -16.77 -52.35 -15.73
N SER E 357 -17.52 -51.65 -14.90
CA SER E 357 -16.97 -50.76 -13.88
C SER E 357 -17.43 -51.27 -12.52
N THR E 358 -16.50 -51.38 -11.59
CA THR E 358 -16.79 -51.89 -10.26
C THR E 358 -16.10 -51.03 -9.21
N SER E 359 -16.66 -51.05 -8.00
CA SER E 359 -16.07 -50.36 -6.86
C SER E 359 -15.51 -51.33 -5.84
N SER E 360 -15.59 -52.62 -6.08
CA SER E 360 -15.12 -53.66 -5.19
C SER E 360 -13.76 -54.18 -5.66
N PRO E 361 -12.89 -54.59 -4.72
CA PRO E 361 -11.58 -55.12 -5.11
C PRO E 361 -11.62 -56.50 -5.74
N GLN E 362 -12.79 -57.11 -5.91
CA GLN E 362 -12.90 -58.39 -6.56
C GLN E 362 -14.06 -58.37 -7.55
N ALA E 363 -13.87 -59.02 -8.69
CA ALA E 363 -14.93 -59.20 -9.68
C ALA E 363 -15.62 -60.52 -9.37
N ASN E 364 -16.53 -60.47 -8.41
CA ASN E 364 -17.25 -61.65 -7.94
C ASN E 364 -18.74 -61.38 -8.12
N PHE E 365 -19.24 -61.62 -9.32
CA PHE E 365 -20.63 -61.26 -9.59
C PHE E 365 -21.17 -62.13 -10.71
N ILE E 366 -22.50 -62.10 -10.86
CA ILE E 366 -23.21 -62.94 -11.80
C ILE E 366 -23.53 -62.11 -13.04
N VAL E 367 -23.11 -62.60 -14.21
CA VAL E 367 -23.41 -61.97 -15.49
C VAL E 367 -24.38 -62.86 -16.24
N SER E 368 -25.50 -62.28 -16.65
CA SER E 368 -26.50 -63.00 -17.43
C SER E 368 -26.39 -62.61 -18.89
N LEU E 369 -26.20 -63.61 -19.75
CA LEU E 369 -26.26 -63.48 -21.20
C LEU E 369 -27.48 -64.23 -21.69
N CYS E 370 -28.37 -63.50 -22.39
CA CYS E 370 -29.65 -64.03 -22.88
C CYS E 370 -30.50 -64.58 -21.74
N GLY E 371 -30.30 -64.08 -20.53
CA GLY E 371 -30.95 -64.60 -19.34
C GLY E 371 -30.25 -65.76 -18.67
N LYS E 372 -29.09 -66.19 -19.17
CA LYS E 372 -28.37 -67.33 -18.61
C LYS E 372 -27.15 -66.84 -17.84
N LYS E 373 -27.04 -67.26 -16.58
CA LYS E 373 -26.03 -66.73 -15.67
C LYS E 373 -24.66 -67.35 -15.93
N SER E 374 -23.62 -66.65 -15.46
CA SER E 374 -22.24 -67.04 -15.75
C SER E 374 -21.28 -67.00 -14.58
N THR E 375 -21.65 -66.39 -13.43
CA THR E 375 -20.88 -66.28 -12.19
C THR E 375 -19.37 -65.99 -12.36
N CYS E 376 -19.06 -64.83 -12.90
CA CYS E 376 -17.68 -64.37 -13.01
C CYS E 376 -17.02 -64.23 -11.64
N ASN E 377 -15.75 -64.66 -11.57
CA ASN E 377 -15.04 -64.88 -10.32
C ASN E 377 -13.56 -64.59 -10.56
N ALA E 378 -13.09 -63.41 -10.14
CA ALA E 378 -11.70 -63.03 -10.27
C ALA E 378 -11.39 -61.88 -9.32
N GLU E 379 -10.14 -61.43 -9.34
CA GLU E 379 -9.67 -60.36 -8.47
C GLU E 379 -9.46 -59.07 -9.27
N CYS E 380 -9.54 -57.94 -8.57
CA CYS E 380 -9.35 -56.63 -9.17
C CYS E 380 -8.27 -55.86 -8.45
N LYS E 381 -7.60 -55.02 -9.16
CA LYS E 381 -6.48 -54.27 -8.62
C LYS E 381 -6.88 -52.82 -8.34
N PRO E 382 -6.21 -52.20 -7.35
CA PRO E 382 -6.40 -50.77 -7.15
C PRO E 382 -5.83 -49.98 -8.32
N PRO E 383 -6.44 -48.84 -8.65
CA PRO E 383 -6.02 -48.10 -9.85
C PRO E 383 -4.68 -47.42 -9.65
N ALA E 384 -4.02 -47.13 -10.76
CA ALA E 384 -2.79 -46.37 -10.73
C ALA E 384 -3.02 -44.87 -10.77
N ASP E 385 -4.04 -44.42 -11.50
CA ASP E 385 -4.35 -43.00 -11.59
C ASP E 385 -5.11 -42.56 -10.34
N HIS E 386 -4.60 -41.52 -9.69
CA HIS E 386 -5.21 -41.04 -8.46
C HIS E 386 -6.48 -40.23 -8.73
N ILE E 387 -6.48 -39.42 -9.78
CA ILE E 387 -7.54 -38.47 -10.05
C ILE E 387 -8.04 -38.69 -11.47
N ILE E 388 -9.37 -38.78 -11.63
CA ILE E 388 -10.00 -38.96 -12.92
C ILE E 388 -11.06 -37.89 -13.09
N GLY E 389 -11.44 -37.64 -14.34
CA GLY E 389 -12.34 -36.56 -14.66
C GLY E 389 -13.80 -36.94 -14.84
N GLU E 390 -14.18 -38.12 -14.37
CA GLU E 390 -15.57 -38.55 -14.42
C GLU E 390 -15.96 -39.14 -13.08
N PRO E 391 -17.23 -39.01 -12.68
CA PRO E 391 -17.66 -39.55 -11.39
C PRO E 391 -17.79 -41.05 -11.41
N HIS E 392 -17.78 -41.64 -10.22
CA HIS E 392 -17.91 -43.08 -10.08
C HIS E 392 -19.30 -43.53 -10.47
N LYS E 393 -19.39 -44.56 -11.30
CA LYS E 393 -20.68 -45.07 -11.74
C LYS E 393 -21.33 -46.00 -10.73
N VAL E 394 -20.59 -46.45 -9.73
CA VAL E 394 -21.10 -47.41 -8.75
C VAL E 394 -20.86 -46.86 -7.36
N ASP E 395 -21.90 -46.87 -6.53
CA ASP E 395 -21.77 -46.47 -5.14
C ASP E 395 -20.97 -47.52 -4.38
N GLN E 396 -20.17 -47.06 -3.43
CA GLN E 396 -19.33 -47.96 -2.64
C GLN E 396 -20.10 -48.44 -1.41
N GLU E 397 -20.05 -49.75 -1.18
CA GLU E 397 -20.83 -50.35 -0.10
C GLU E 397 -19.97 -51.32 0.68
N PHE E 398 -20.36 -51.56 1.93
CA PHE E 398 -19.66 -52.50 2.79
C PHE E 398 -19.92 -53.93 2.34
N GLN E 399 -19.04 -54.84 2.80
CA GLN E 399 -19.05 -56.28 2.59
C GLN E 399 -18.64 -56.63 1.16
N ALA E 400 -18.55 -55.61 0.30
CA ALA E 400 -17.98 -55.75 -1.03
C ALA E 400 -16.67 -55.03 -1.20
N ALA E 401 -16.48 -53.91 -0.49
CA ALA E 401 -15.20 -53.22 -0.50
C ALA E 401 -14.12 -54.01 0.24
N VAL E 402 -14.51 -54.94 1.09
CA VAL E 402 -13.57 -55.85 1.74
C VAL E 402 -13.48 -57.11 0.90
N SER E 403 -12.27 -57.50 0.54
CA SER E 403 -12.08 -58.62 -0.38
C SER E 403 -11.82 -59.92 0.37
N THR E 404 -11.89 -61.03 -0.38
CA THR E 404 -11.33 -62.27 0.11
C THR E 404 -9.81 -62.17 0.17
N THR E 405 -9.21 -63.03 0.99
CA THR E 405 -7.85 -62.95 1.53
C THR E 405 -7.65 -61.73 2.42
N SER E 406 -8.71 -60.99 2.72
CA SER E 406 -8.85 -60.03 3.80
C SER E 406 -10.09 -60.32 4.63
N TRP E 407 -11.17 -60.76 3.99
CA TRP E 407 -12.23 -61.44 4.72
C TRP E 407 -11.73 -62.75 5.32
N ASN E 408 -10.82 -63.42 4.62
CA ASN E 408 -10.32 -64.72 5.08
C ASN E 408 -9.58 -64.60 6.40
N TRP E 409 -8.74 -63.57 6.55
CA TRP E 409 -8.02 -63.39 7.81
C TRP E 409 -8.96 -63.06 8.96
N LEU E 410 -9.94 -62.19 8.73
CA LEU E 410 -10.89 -61.83 9.77
C LEU E 410 -11.73 -63.03 10.19
N LEU E 411 -12.23 -63.79 9.21
CA LEU E 411 -13.00 -64.99 9.54
C LEU E 411 -12.14 -66.04 10.22
N ALA E 412 -10.87 -66.16 9.84
CA ALA E 412 -9.99 -67.11 10.49
C ALA E 412 -9.74 -66.74 11.94
N LEU E 413 -9.51 -65.45 12.22
CA LEU E 413 -9.26 -65.04 13.60
C LEU E 413 -10.53 -65.15 14.45
N PHE E 414 -11.68 -64.73 13.91
CA PHE E 414 -12.92 -64.88 14.65
C PHE E 414 -13.29 -66.35 14.87
N GLY E 415 -13.05 -67.20 13.87
CA GLY E 415 -13.30 -68.61 14.03
C GLY E 415 -12.37 -69.26 15.03
N GLY E 416 -11.11 -68.81 15.07
CA GLY E 416 -10.20 -69.32 16.08
C GLY E 416 -10.61 -68.92 17.49
N ALA E 417 -11.01 -67.65 17.68
CA ALA E 417 -11.48 -67.21 18.98
C ALA E 417 -12.74 -67.96 19.40
N SER E 418 -13.68 -68.13 18.47
CA SER E 418 -14.88 -68.91 18.76
C SER E 418 -14.56 -70.37 19.03
N SER E 419 -13.54 -70.91 18.37
CA SER E 419 -13.13 -72.29 18.64
C SER E 419 -12.57 -72.43 20.05
N LEU E 420 -11.78 -71.45 20.51
CA LEU E 420 -11.33 -71.48 21.89
C LEU E 420 -12.51 -71.37 22.85
N ILE E 421 -13.49 -70.53 22.53
CA ILE E 421 -14.69 -70.41 23.36
C ILE E 421 -15.43 -71.74 23.46
N VAL E 422 -15.63 -72.40 22.31
CA VAL E 422 -16.37 -73.66 22.28
C VAL E 422 -15.61 -74.77 23.00
N VAL E 423 -14.29 -74.86 22.80
CA VAL E 423 -13.55 -75.93 23.48
C VAL E 423 -13.50 -75.68 24.98
N GLY E 424 -13.37 -74.42 25.41
CA GLY E 424 -13.44 -74.13 26.84
C GLY E 424 -14.79 -74.48 27.43
N LEU E 425 -15.86 -74.18 26.70
CA LEU E 425 -17.21 -74.51 27.17
C LEU E 425 -17.41 -76.02 27.27
N ILE E 426 -16.97 -76.78 26.26
CA ILE E 426 -17.23 -78.22 26.30
C ILE E 426 -16.34 -78.90 27.34
N VAL E 427 -15.13 -78.41 27.56
CA VAL E 427 -14.31 -78.97 28.64
C VAL E 427 -14.92 -78.64 30.00
N LEU E 428 -15.50 -77.44 30.14
CA LEU E 428 -16.19 -77.09 31.38
C LEU E 428 -17.40 -78.00 31.60
N VAL E 429 -18.16 -78.28 30.55
CA VAL E 429 -19.32 -79.17 30.68
C VAL E 429 -18.88 -80.59 30.99
N CYS E 430 -17.78 -81.05 30.38
CA CYS E 430 -17.27 -82.38 30.67
C CYS E 430 -16.79 -82.50 32.10
N SER E 431 -16.15 -81.44 32.63
CA SER E 431 -15.71 -81.45 34.02
C SER E 431 -16.91 -81.41 34.97
N SER E 432 -17.94 -80.64 34.62
CA SER E 432 -19.12 -80.55 35.49
C SER E 432 -19.92 -81.84 35.49
N MET E 433 -19.96 -82.54 34.35
CA MET E 433 -20.70 -83.80 34.24
C MET E 433 -20.05 -84.92 35.04
N LEU E 434 -18.74 -84.90 35.22
CA LEU E 434 -18.04 -85.90 36.01
C LEU E 434 -18.46 -85.80 37.48
N SER F 1 -44.07 13.42 -20.86
CA SER F 1 -43.93 14.23 -22.06
C SER F 1 -42.53 14.83 -22.16
N ILE F 2 -41.55 13.96 -22.40
CA ILE F 2 -40.17 14.41 -22.52
C ILE F 2 -39.98 15.09 -23.86
N THR F 3 -39.38 16.28 -23.85
CA THR F 3 -39.18 17.07 -25.05
C THR F 3 -37.70 17.21 -25.36
N ASP F 4 -37.40 17.45 -26.64
CA ASP F 4 -36.04 17.72 -27.09
C ASP F 4 -35.88 19.15 -27.58
N ASP F 5 -36.89 19.99 -27.41
CA ASP F 5 -36.85 21.39 -27.84
C ASP F 5 -36.12 22.20 -26.78
N PHE F 6 -34.88 22.57 -27.07
CA PHE F 6 -34.05 23.30 -26.12
C PHE F 6 -34.20 24.81 -26.22
N THR F 7 -35.05 25.31 -27.11
CA THR F 7 -35.33 26.74 -27.14
C THR F 7 -36.14 27.17 -25.93
N LEU F 8 -36.90 26.24 -25.33
CA LEU F 8 -37.65 26.52 -24.13
C LEU F 8 -36.81 26.42 -22.87
N THR F 9 -35.55 25.98 -22.98
CA THR F 9 -34.67 25.79 -21.84
C THR F 9 -33.48 26.74 -21.94
N SER F 10 -32.93 27.08 -20.77
CA SER F 10 -31.80 27.98 -20.69
C SER F 10 -30.78 27.44 -19.70
N PRO F 11 -29.49 27.75 -19.89
CA PRO F 11 -28.50 27.41 -18.87
C PRO F 11 -28.59 28.31 -17.66
N TYR F 12 -27.73 28.08 -16.66
CA TYR F 12 -27.81 28.81 -15.41
C TYR F 12 -26.44 28.82 -14.75
N LEU F 13 -26.32 29.64 -13.72
CA LEU F 13 -25.09 29.76 -12.94
C LEU F 13 -25.20 28.93 -11.67
N GLY F 14 -24.24 28.03 -11.48
CA GLY F 14 -24.17 27.21 -10.29
C GLY F 14 -23.09 27.70 -9.32
N PHE F 15 -23.02 27.02 -8.18
CA PHE F 15 -22.07 27.35 -7.13
C PHE F 15 -21.05 26.21 -7.04
N CYS F 16 -19.96 26.35 -7.79
CA CYS F 16 -18.94 25.31 -7.83
C CYS F 16 -18.05 25.39 -6.59
N PRO F 17 -17.81 24.27 -5.90
CA PRO F 17 -16.98 24.30 -4.69
C PRO F 17 -15.50 24.45 -4.95
N TYR F 18 -15.03 24.27 -6.18
CA TYR F 18 -13.61 24.38 -6.48
C TYR F 18 -13.45 24.94 -7.88
N CYS F 19 -13.10 26.22 -7.95
CA CYS F 19 -12.94 26.92 -9.22
C CYS F 19 -11.46 26.91 -9.61
N ARG F 20 -11.11 27.70 -10.63
CA ARG F 20 -9.72 27.81 -11.06
C ARG F 20 -8.83 28.41 -9.98
N HIS F 21 -9.36 29.28 -9.13
CA HIS F 21 -8.62 29.87 -8.03
C HIS F 21 -8.81 29.12 -6.72
N SER F 22 -9.19 27.83 -6.79
CA SER F 22 -9.20 26.89 -5.67
C SER F 22 -10.19 27.28 -4.57
N THR F 23 -11.16 28.13 -4.86
CA THR F 23 -12.20 28.50 -3.92
C THR F 23 -13.54 28.40 -4.62
N PRO F 24 -14.63 28.20 -3.88
CA PRO F 24 -15.96 28.14 -4.52
C PRO F 24 -16.32 29.45 -5.20
N CYS F 25 -16.98 29.35 -6.35
CA CYS F 25 -17.43 30.56 -7.03
C CYS F 25 -18.68 30.23 -7.82
N PHE F 26 -19.36 31.29 -8.25
CA PHE F 26 -20.45 31.14 -9.21
C PHE F 26 -19.86 30.89 -10.59
N SER F 27 -20.33 29.85 -11.25
CA SER F 27 -19.75 29.37 -12.49
C SER F 27 -20.83 29.07 -13.51
N PRO F 28 -20.57 29.32 -14.79
CA PRO F 28 -21.49 28.87 -15.84
C PRO F 28 -21.44 27.38 -16.09
N ILE F 29 -20.38 26.71 -15.66
CA ILE F 29 -20.26 25.26 -15.77
C ILE F 29 -20.13 24.72 -14.34
N LYS F 30 -21.24 24.22 -13.81
CA LYS F 30 -21.28 23.65 -12.48
C LYS F 30 -21.61 22.17 -12.59
N ILE F 31 -20.86 21.34 -11.88
CA ILE F 31 -21.03 19.90 -11.97
C ILE F 31 -22.12 19.50 -10.98
N GLU F 32 -23.24 19.00 -11.50
CA GLU F 32 -24.33 18.57 -10.63
C GLU F 32 -24.24 17.10 -10.24
N ASN F 33 -24.13 16.20 -11.22
CA ASN F 33 -24.04 14.78 -10.92
C ASN F 33 -22.99 14.15 -11.82
N VAL F 34 -22.36 13.10 -11.30
CA VAL F 34 -21.42 12.28 -12.06
C VAL F 34 -21.83 10.83 -11.88
N TRP F 35 -22.03 10.13 -12.99
CA TRP F 35 -22.38 8.71 -12.97
C TRP F 35 -21.25 7.90 -13.59
N ASP F 36 -20.82 6.86 -12.88
CA ASP F 36 -19.81 5.92 -13.39
C ASP F 36 -20.35 4.51 -13.20
N GLU F 37 -21.12 4.03 -14.17
CA GLU F 37 -21.67 2.68 -14.10
C GLU F 37 -21.33 1.82 -15.31
N SER F 38 -20.71 2.39 -16.34
CA SER F 38 -20.34 1.62 -17.50
C SER F 38 -19.09 0.79 -17.22
N ASP F 39 -18.98 -0.34 -17.90
CA ASP F 39 -17.88 -1.27 -17.66
C ASP F 39 -16.61 -0.91 -18.42
N ASP F 40 -16.65 0.07 -19.32
CA ASP F 40 -15.47 0.49 -20.06
C ASP F 40 -14.83 1.73 -19.47
N GLY F 41 -15.27 2.18 -18.30
CA GLY F 41 -14.69 3.33 -17.64
C GLY F 41 -15.25 4.67 -18.04
N SER F 42 -16.20 4.72 -18.97
CA SER F 42 -16.80 5.97 -19.37
C SER F 42 -17.70 6.51 -18.27
N ILE F 43 -17.77 7.84 -18.16
CA ILE F 43 -18.57 8.51 -17.15
C ILE F 43 -19.50 9.51 -17.84
N ARG F 44 -20.65 9.74 -17.20
CA ARG F 44 -21.62 10.73 -17.64
C ARG F 44 -21.68 11.84 -16.61
N ILE F 45 -21.56 13.08 -17.08
CA ILE F 45 -21.45 14.25 -16.21
C ILE F 45 -22.59 15.22 -16.56
N GLN F 46 -23.26 15.72 -15.53
CA GLN F 46 -24.29 16.74 -15.70
C GLN F 46 -23.69 18.10 -15.39
N VAL F 47 -23.80 19.03 -16.34
CA VAL F 47 -23.18 20.34 -16.25
C VAL F 47 -24.28 21.39 -16.40
N SER F 48 -24.15 22.49 -15.64
CA SER F 48 -25.13 23.57 -15.70
C SER F 48 -25.21 24.23 -17.07
N ALA F 49 -24.15 24.14 -17.88
CA ALA F 49 -24.22 24.64 -19.25
C ALA F 49 -24.80 23.57 -20.18
N GLN F 50 -25.23 24.01 -21.34
CA GLN F 50 -25.82 23.12 -22.34
C GLN F 50 -24.88 23.02 -23.54
N PHE F 51 -24.61 21.80 -23.98
CA PHE F 51 -23.67 21.52 -25.05
C PHE F 51 -24.40 21.01 -26.28
N GLY F 52 -23.81 21.25 -27.44
CA GLY F 52 -24.41 20.84 -28.69
C GLY F 52 -25.52 21.74 -29.19
N TYR F 53 -25.68 22.92 -28.62
CA TYR F 53 -26.72 23.85 -29.04
C TYR F 53 -26.14 25.25 -29.14
N ASN F 54 -26.75 26.06 -30.01
CA ASN F 54 -26.26 27.41 -30.27
C ASN F 54 -26.88 28.40 -29.29
N GLN F 55 -26.71 29.69 -29.57
CA GLN F 55 -27.27 30.72 -28.72
C GLN F 55 -28.79 30.71 -28.74
N ALA F 56 -29.38 30.51 -29.92
CA ALA F 56 -30.84 30.55 -30.04
C ALA F 56 -31.51 29.32 -29.46
N GLY F 57 -30.83 28.18 -29.44
CA GLY F 57 -31.39 26.96 -28.91
C GLY F 57 -31.56 25.83 -29.90
N THR F 58 -31.28 26.06 -31.17
CA THR F 58 -31.38 25.00 -32.16
C THR F 58 -30.20 24.04 -32.02
N ALA F 59 -30.37 22.86 -32.60
CA ALA F 59 -29.32 21.85 -32.55
C ALA F 59 -28.14 22.29 -33.42
N ASP F 60 -26.99 22.48 -32.79
CA ASP F 60 -25.80 22.94 -33.52
C ASP F 60 -24.59 22.29 -32.87
N VAL F 61 -24.04 21.28 -33.56
CA VAL F 61 -22.83 20.62 -33.09
C VAL F 61 -21.68 21.63 -33.15
N THR F 62 -20.70 21.45 -32.26
CA THR F 62 -19.52 22.31 -32.07
C THR F 62 -19.87 23.69 -31.55
N LYS F 63 -21.03 23.84 -30.91
CA LYS F 63 -21.40 25.06 -30.19
C LYS F 63 -22.01 24.68 -28.87
N PHE F 64 -21.65 25.41 -27.81
CA PHE F 64 -22.28 25.24 -26.52
C PHE F 64 -22.70 26.60 -25.98
N ARG F 65 -23.80 26.60 -25.24
CA ARG F 65 -24.41 27.81 -24.70
C ARG F 65 -24.26 27.84 -23.18
N TYR F 66 -24.10 29.05 -22.64
CA TYR F 66 -23.88 29.22 -21.22
C TYR F 66 -24.46 30.57 -20.79
N MET F 67 -24.39 30.84 -19.50
CA MET F 67 -24.95 32.06 -18.91
C MET F 67 -23.83 33.06 -18.67
N SER F 68 -24.07 34.31 -19.07
CA SER F 68 -23.08 35.36 -18.94
C SER F 68 -23.02 35.87 -17.50
N PHE F 69 -21.92 36.56 -17.20
CA PHE F 69 -21.70 37.13 -15.87
C PHE F 69 -22.14 38.59 -15.77
N ASP F 70 -22.58 39.21 -16.85
CA ASP F 70 -22.90 40.62 -16.82
C ASP F 70 -24.24 40.86 -16.10
N HIS F 71 -24.46 42.12 -15.73
CA HIS F 71 -25.67 42.49 -15.00
C HIS F 71 -26.92 42.31 -15.85
N ASP F 72 -26.84 42.66 -17.14
CA ASP F 72 -27.92 42.36 -18.09
C ASP F 72 -27.77 40.92 -18.57
N HIS F 73 -28.06 39.99 -17.66
CA HIS F 73 -27.72 38.59 -17.83
C HIS F 73 -28.44 37.98 -19.03
N ASP F 74 -27.66 37.43 -19.95
CA ASP F 74 -28.20 36.82 -21.15
C ASP F 74 -27.40 35.57 -21.45
N ILE F 75 -27.83 34.87 -22.49
CA ILE F 75 -27.25 33.57 -22.82
C ILE F 75 -26.27 33.74 -23.97
N LYS F 76 -25.04 33.30 -23.77
CA LYS F 76 -23.99 33.39 -24.77
C LYS F 76 -23.66 32.02 -25.33
N GLU F 77 -22.94 32.01 -26.44
CA GLU F 77 -22.51 30.79 -27.09
C GLU F 77 -21.02 30.83 -27.36
N ASP F 78 -20.43 29.65 -27.50
CA ASP F 78 -19.01 29.54 -27.76
C ASP F 78 -18.75 28.21 -28.44
N SER F 79 -17.54 28.04 -28.96
CA SER F 79 -17.19 26.84 -29.69
C SER F 79 -16.79 25.73 -28.73
N MET F 80 -17.00 24.48 -29.16
CA MET F 80 -17.00 23.34 -28.27
C MET F 80 -15.61 22.77 -27.98
N GLU F 81 -14.63 22.97 -28.86
CA GLU F 81 -13.34 22.29 -28.70
C GLU F 81 -12.53 22.83 -27.53
N LYS F 82 -12.94 23.93 -26.91
CA LYS F 82 -12.28 24.45 -25.73
C LYS F 82 -12.89 23.91 -24.44
N ILE F 83 -13.82 22.96 -24.54
CA ILE F 83 -14.35 22.26 -23.37
C ILE F 83 -13.44 21.10 -23.05
N ALA F 84 -12.87 21.09 -21.85
CA ALA F 84 -11.92 20.07 -21.45
C ALA F 84 -12.43 19.35 -20.21
N ILE F 85 -12.24 18.04 -20.17
CA ILE F 85 -12.62 17.21 -19.03
C ILE F 85 -11.37 16.52 -18.51
N SER F 86 -11.25 16.42 -17.19
CA SER F 86 -10.08 15.78 -16.59
C SER F 86 -10.46 15.13 -15.28
N THR F 87 -9.72 14.09 -14.92
CA THR F 87 -9.79 13.53 -13.57
C THR F 87 -8.44 13.58 -12.88
N SER F 88 -7.42 12.98 -13.47
CA SER F 88 -6.03 13.17 -13.09
C SER F 88 -5.19 13.60 -14.28
N GLY F 89 -5.50 13.08 -15.46
CA GLY F 89 -4.97 13.62 -16.70
C GLY F 89 -6.12 14.02 -17.59
N PRO F 90 -5.84 14.35 -18.84
CA PRO F 90 -6.91 14.72 -19.78
C PRO F 90 -7.83 13.54 -20.07
N CYS F 91 -9.10 13.87 -20.30
CA CYS F 91 -10.12 12.87 -20.62
C CYS F 91 -10.60 13.05 -22.05
N ARG F 92 -10.71 11.93 -22.76
CA ARG F 92 -11.33 11.94 -24.08
C ARG F 92 -12.83 12.22 -23.94
N ARG F 93 -13.35 13.08 -24.80
CA ARG F 93 -14.77 13.38 -24.83
C ARG F 93 -15.45 12.46 -25.83
N LEU F 94 -16.40 11.66 -25.34
CA LEU F 94 -17.09 10.69 -26.19
C LEU F 94 -18.37 11.24 -26.79
N GLY F 95 -19.05 12.14 -26.08
CA GLY F 95 -20.29 12.69 -26.62
C GLY F 95 -20.77 13.84 -25.76
N HIS F 96 -21.70 14.61 -26.33
CA HIS F 96 -22.24 15.76 -25.62
C HIS F 96 -23.65 16.05 -26.11
N LYS F 97 -24.52 16.37 -25.16
CA LYS F 97 -25.87 16.84 -25.44
C LYS F 97 -26.15 17.92 -24.40
N GLY F 98 -27.27 18.63 -24.54
CA GLY F 98 -27.64 19.67 -23.60
C GLY F 98 -27.69 19.17 -22.16
N TYR F 99 -26.93 19.84 -21.29
CA TYR F 99 -26.72 19.57 -19.87
C TYR F 99 -25.86 18.34 -19.60
N PHE F 100 -25.39 17.62 -20.61
CA PHE F 100 -24.77 16.32 -20.36
C PHE F 100 -23.54 16.08 -21.23
N LEU F 101 -22.51 15.52 -20.61
CA LEU F 101 -21.31 15.08 -21.29
C LEU F 101 -21.06 13.61 -21.01
N LEU F 102 -20.46 12.92 -21.98
CA LEU F 102 -20.01 11.55 -21.81
C LEU F 102 -18.54 11.50 -22.17
N ALA F 103 -17.71 11.06 -21.23
CA ALA F 103 -16.27 11.12 -21.39
C ALA F 103 -15.63 9.79 -20.98
N GLN F 104 -14.39 9.61 -21.41
CA GLN F 104 -13.56 8.48 -21.01
C GLN F 104 -12.41 9.03 -20.17
N CYS F 105 -12.31 8.57 -18.93
CA CYS F 105 -11.41 9.21 -17.99
C CYS F 105 -10.49 8.19 -17.31
N PRO F 106 -9.26 8.60 -16.99
CA PRO F 106 -8.40 7.78 -16.15
C PRO F 106 -8.89 7.81 -14.71
N PRO F 107 -8.47 6.85 -13.88
CA PRO F 107 -8.87 6.88 -12.47
C PRO F 107 -8.33 8.12 -11.75
N GLY F 108 -9.12 8.63 -10.82
CA GLY F 108 -8.75 9.82 -10.07
C GLY F 108 -9.72 10.05 -8.94
N ASP F 109 -9.41 11.03 -8.11
CA ASP F 109 -10.21 11.36 -6.94
C ASP F 109 -11.10 12.58 -7.15
N SER F 110 -11.08 13.19 -8.33
CA SER F 110 -11.89 14.37 -8.58
C SER F 110 -12.24 14.43 -10.06
N VAL F 111 -13.26 15.21 -10.38
CA VAL F 111 -13.71 15.43 -11.75
C VAL F 111 -13.72 16.93 -12.01
N THR F 112 -13.05 17.34 -13.10
CA THR F 112 -12.93 18.75 -13.45
C THR F 112 -13.44 18.95 -14.87
N VAL F 113 -14.30 19.95 -15.05
CA VAL F 113 -14.77 20.39 -16.36
C VAL F 113 -14.38 21.85 -16.50
N SER F 114 -13.68 22.19 -17.59
CA SER F 114 -13.11 23.51 -17.75
C SER F 114 -13.40 24.07 -19.13
N ILE F 115 -13.55 25.39 -19.18
CA ILE F 115 -13.54 26.14 -20.43
C ILE F 115 -12.16 26.76 -20.56
N THR F 116 -11.40 26.31 -21.55
CA THR F 116 -10.01 26.69 -21.71
C THR F 116 -9.89 27.85 -22.70
N SER F 117 -9.14 28.89 -22.30
CA SER F 117 -8.83 30.06 -23.10
C SER F 117 -10.08 30.84 -23.53
N GLY F 118 -9.87 31.92 -24.27
CA GLY F 118 -10.97 32.77 -24.67
C GLY F 118 -11.58 33.51 -23.49
N THR F 119 -12.77 34.05 -23.72
CA THR F 119 -13.53 34.64 -22.64
C THR F 119 -14.17 33.56 -21.79
N ALA F 120 -14.44 33.90 -20.52
CA ALA F 120 -15.06 32.99 -19.54
C ALA F 120 -14.25 31.71 -19.37
N GLU F 121 -12.93 31.82 -19.41
CA GLU F 121 -12.06 30.69 -19.16
C GLU F 121 -12.08 30.35 -17.67
N ASN F 122 -12.53 29.14 -17.34
CA ASN F 122 -12.75 28.78 -15.94
C ASN F 122 -12.70 27.26 -15.81
N SER F 123 -12.91 26.79 -14.58
CA SER F 123 -12.95 25.35 -14.33
C SER F 123 -13.83 25.08 -13.12
N CYS F 124 -14.30 23.85 -13.03
CA CYS F 124 -15.08 23.38 -11.89
C CYS F 124 -14.62 21.99 -11.52
N THR F 125 -14.31 21.79 -10.25
CA THR F 125 -13.79 20.52 -9.75
C THR F 125 -14.68 20.03 -8.61
N VAL F 126 -15.03 18.76 -8.65
CA VAL F 126 -15.83 18.12 -7.61
C VAL F 126 -15.10 16.88 -7.11
N GLU F 127 -15.20 16.62 -5.82
CA GLU F 127 -14.64 15.40 -5.25
C GLU F 127 -15.48 14.21 -5.67
N ARG F 128 -14.99 13.44 -6.63
CA ARG F 128 -15.69 12.26 -7.12
C ARG F 128 -14.69 11.14 -7.28
N LYS F 129 -14.85 10.08 -6.47
CA LYS F 129 -13.94 8.95 -6.50
C LYS F 129 -14.39 7.98 -7.58
N ILE F 130 -13.62 7.89 -8.66
CA ILE F 130 -13.83 6.90 -9.70
C ILE F 130 -12.57 6.06 -9.82
N ARG F 131 -12.74 4.79 -10.17
CA ARG F 131 -11.62 3.86 -10.25
C ARG F 131 -11.78 2.99 -11.48
N ARG F 132 -10.74 2.22 -11.79
CA ARG F 132 -10.81 1.29 -12.89
C ARG F 132 -11.76 0.15 -12.58
N LYS F 133 -12.56 -0.23 -13.57
CA LYS F 133 -13.57 -1.26 -13.42
C LYS F 133 -13.17 -2.49 -14.21
N PHE F 134 -13.81 -3.61 -13.90
CA PHE F 134 -13.49 -4.89 -14.50
C PHE F 134 -14.78 -5.61 -14.86
N VAL F 135 -14.67 -6.56 -15.78
CA VAL F 135 -15.85 -7.32 -16.20
C VAL F 135 -15.77 -8.74 -15.68
N GLY F 136 -14.65 -9.42 -15.97
CA GLY F 136 -14.54 -10.82 -15.64
C GLY F 136 -13.90 -11.09 -14.30
N ARG F 137 -13.28 -12.26 -14.18
CA ARG F 137 -12.62 -12.67 -12.96
C ARG F 137 -11.10 -12.55 -13.04
N GLU F 138 -10.60 -11.88 -14.06
CA GLU F 138 -9.17 -11.60 -14.21
C GLU F 138 -8.99 -10.10 -14.38
N GLU F 139 -8.03 -9.53 -13.65
CA GLU F 139 -7.73 -8.12 -13.82
C GLU F 139 -6.95 -7.88 -15.11
N TYR F 140 -7.10 -6.68 -15.65
CA TYR F 140 -6.43 -6.28 -16.87
C TYR F 140 -6.39 -4.76 -16.93
N LEU F 141 -5.22 -4.22 -17.25
CA LEU F 141 -5.10 -2.79 -17.49
C LEU F 141 -5.80 -2.40 -18.79
N LEU F 142 -5.62 -3.18 -19.80
CA LEU F 142 -6.14 -2.94 -21.13
C LEU F 142 -6.95 -4.15 -21.59
N PRO F 143 -7.96 -3.95 -22.42
CA PRO F 143 -8.74 -5.08 -22.95
C PRO F 143 -7.86 -6.00 -23.77
N PRO F 144 -7.92 -7.31 -23.51
CA PRO F 144 -7.03 -8.24 -24.21
C PRO F 144 -7.39 -8.40 -25.67
N ILE F 145 -6.37 -8.75 -26.46
CA ILE F 145 -6.56 -8.96 -27.88
C ILE F 145 -7.17 -10.32 -28.17
N HIS F 146 -7.03 -11.28 -27.26
CA HIS F 146 -7.61 -12.60 -27.40
C HIS F 146 -8.30 -12.96 -26.08
N GLY F 147 -9.61 -13.19 -26.14
CA GLY F 147 -10.35 -13.41 -24.91
C GLY F 147 -11.57 -14.28 -25.03
N LYS F 148 -12.62 -13.93 -24.30
CA LYS F 148 -13.81 -14.77 -24.19
C LYS F 148 -15.08 -14.10 -24.70
N GLN F 149 -15.11 -12.76 -24.80
CA GLN F 149 -16.25 -11.98 -25.30
C GLN F 149 -17.50 -12.23 -24.45
N VAL F 150 -17.43 -11.79 -23.20
CA VAL F 150 -18.52 -11.94 -22.27
C VAL F 150 -19.42 -10.72 -22.31
N LYS F 151 -20.64 -10.86 -21.79
CA LYS F 151 -21.60 -9.77 -21.78
C LYS F 151 -21.26 -8.75 -20.70
N CYS F 152 -21.30 -7.48 -21.06
CA CYS F 152 -21.07 -6.37 -20.14
C CYS F 152 -21.97 -5.21 -20.55
N HIS F 153 -21.92 -4.13 -19.77
CA HIS F 153 -22.80 -2.98 -20.00
C HIS F 153 -21.97 -1.72 -20.09
N VAL F 154 -22.19 -0.95 -21.15
CA VAL F 154 -21.46 0.30 -21.38
C VAL F 154 -22.44 1.42 -21.67
N TYR F 155 -21.98 2.65 -21.51
CA TYR F 155 -22.79 3.80 -21.88
C TYR F 155 -22.83 3.93 -23.40
N ASP F 156 -24.02 4.13 -23.93
CA ASP F 156 -24.18 4.30 -25.37
C ASP F 156 -23.62 5.64 -25.80
N HIS F 157 -22.80 5.63 -26.85
CA HIS F 157 -22.23 6.88 -27.34
C HIS F 157 -23.22 7.70 -28.16
N LEU F 158 -24.32 7.09 -28.59
CA LEU F 158 -25.35 7.83 -29.32
C LEU F 158 -26.16 8.67 -28.35
N LYS F 159 -26.27 9.97 -28.64
CA LYS F 159 -26.98 10.88 -27.75
C LYS F 159 -28.49 10.78 -27.87
N GLU F 160 -29.00 10.09 -28.89
CA GLU F 160 -30.45 9.95 -29.03
C GLU F 160 -31.03 8.96 -28.03
N THR F 161 -30.24 7.97 -27.59
CA THR F 161 -30.68 7.05 -26.56
C THR F 161 -30.81 7.77 -25.23
N SER F 162 -31.77 7.34 -24.42
CA SER F 162 -32.11 8.01 -23.17
C SER F 162 -32.06 7.05 -22.00
N ALA F 163 -31.48 7.52 -20.89
CA ALA F 163 -31.40 6.75 -19.65
C ALA F 163 -32.44 7.14 -18.63
N GLY F 164 -33.29 8.11 -18.94
CA GLY F 164 -34.24 8.64 -17.99
C GLY F 164 -34.58 10.07 -18.35
N TYR F 165 -34.93 10.86 -17.34
CA TYR F 165 -35.28 12.24 -17.56
C TYR F 165 -34.97 13.08 -16.33
N ILE F 166 -34.85 14.38 -16.57
CA ILE F 166 -34.72 15.38 -15.52
C ILE F 166 -35.87 16.36 -15.66
N THR F 167 -36.34 16.90 -14.53
CA THR F 167 -37.46 17.82 -14.54
C THR F 167 -36.98 19.25 -14.77
N MET F 168 -37.81 20.03 -15.45
CA MET F 168 -37.48 21.39 -15.84
C MET F 168 -38.58 22.31 -15.34
N HIS F 169 -38.18 23.38 -14.66
CA HIS F 169 -39.10 24.28 -13.98
C HIS F 169 -38.86 25.72 -14.41
N ARG F 170 -39.87 26.55 -14.16
CA ARG F 170 -39.72 27.99 -14.38
C ARG F 170 -38.72 28.57 -13.39
N PRO F 171 -37.89 29.51 -13.81
CA PRO F 171 -36.88 30.05 -12.90
C PRO F 171 -37.46 31.09 -11.95
N GLY F 172 -36.85 31.16 -10.77
CA GLY F 172 -37.24 32.16 -9.80
C GLY F 172 -36.52 33.46 -10.03
N PRO F 173 -36.74 34.41 -9.11
CA PRO F 173 -36.06 35.69 -9.20
C PRO F 173 -34.56 35.56 -8.97
N HIS F 174 -33.80 36.46 -9.57
CA HIS F 174 -32.36 36.51 -9.39
C HIS F 174 -31.88 37.71 -8.59
N ALA F 175 -32.57 38.85 -8.70
CA ALA F 175 -32.39 40.02 -7.84
C ALA F 175 -30.97 40.56 -7.91
N TYR F 176 -30.62 41.08 -9.09
CA TYR F 176 -29.35 41.77 -9.26
C TYR F 176 -29.36 43.07 -8.48
N LYS F 177 -28.27 43.33 -7.75
CA LYS F 177 -28.15 44.56 -6.97
C LYS F 177 -27.74 45.76 -7.82
N SER F 178 -27.26 45.53 -9.04
CA SER F 178 -26.90 46.63 -9.92
C SER F 178 -28.12 47.33 -10.50
N TYR F 179 -29.31 46.70 -10.44
CA TYR F 179 -30.53 47.35 -10.88
C TYR F 179 -30.97 48.44 -9.92
N LEU F 180 -30.37 48.49 -8.74
CA LEU F 180 -30.70 49.46 -7.70
C LEU F 180 -29.67 50.59 -7.74
N GLU F 181 -30.15 51.82 -7.66
CA GLU F 181 -29.26 52.98 -7.61
C GLU F 181 -29.61 53.79 -6.37
N GLU F 182 -28.61 54.05 -5.54
CA GLU F 182 -28.81 54.84 -4.33
C GLU F 182 -28.54 56.30 -4.62
N ALA F 183 -29.47 57.17 -4.19
CA ALA F 183 -29.37 58.60 -4.39
C ALA F 183 -29.29 59.28 -3.02
N SER F 184 -29.39 60.61 -3.02
CA SER F 184 -29.27 61.37 -1.80
C SER F 184 -30.52 61.23 -0.93
N GLY F 185 -30.67 60.07 -0.29
CA GLY F 185 -31.80 59.81 0.57
C GLY F 185 -32.93 59.02 -0.05
N GLU F 186 -32.75 58.52 -1.27
CA GLU F 186 -33.79 57.77 -1.96
C GLU F 186 -33.15 56.77 -2.89
N VAL F 187 -33.96 55.83 -3.37
CA VAL F 187 -33.47 54.77 -4.24
C VAL F 187 -34.26 54.77 -5.55
N TYR F 188 -33.62 54.26 -6.60
CA TYR F 188 -34.18 54.21 -7.93
C TYR F 188 -34.00 52.81 -8.50
N ILE F 189 -35.01 52.34 -9.20
CA ILE F 189 -34.92 51.14 -10.02
C ILE F 189 -34.35 51.53 -11.37
N LYS F 190 -33.26 50.88 -11.78
CA LYS F 190 -32.53 51.21 -13.00
C LYS F 190 -32.50 49.95 -13.88
N PRO F 191 -33.52 49.75 -14.71
CA PRO F 191 -33.52 48.60 -15.60
C PRO F 191 -32.49 48.76 -16.69
N PRO F 192 -31.92 47.66 -17.19
CA PRO F 192 -30.93 47.76 -18.27
C PRO F 192 -31.55 47.73 -19.66
N SER F 193 -31.29 48.77 -20.45
CA SER F 193 -31.67 48.86 -21.87
C SER F 193 -33.17 48.69 -22.08
N GLY F 194 -33.96 49.20 -21.15
CA GLY F 194 -35.40 49.21 -21.32
C GLY F 194 -36.11 47.90 -21.07
N LYS F 195 -35.40 46.85 -20.65
CA LYS F 195 -36.06 45.60 -20.30
C LYS F 195 -36.87 45.78 -19.02
N ASN F 196 -38.04 45.16 -18.99
CA ASN F 196 -38.95 45.38 -17.87
C ASN F 196 -38.51 44.61 -16.63
N VAL F 197 -38.61 45.27 -15.48
CA VAL F 197 -38.04 44.79 -14.22
C VAL F 197 -39.08 44.95 -13.12
N THR F 198 -39.23 43.90 -12.31
CA THR F 198 -40.16 43.92 -11.17
C THR F 198 -39.38 44.16 -9.89
N TYR F 199 -39.86 45.09 -9.07
CA TYR F 199 -39.25 45.40 -7.79
C TYR F 199 -40.19 45.02 -6.66
N GLU F 200 -39.62 44.50 -5.58
CA GLU F 200 -40.31 44.29 -4.32
C GLU F 200 -39.56 45.06 -3.24
N CYS F 201 -40.24 46.00 -2.59
CA CYS F 201 -39.65 46.86 -1.59
C CYS F 201 -40.39 46.67 -0.27
N LYS F 202 -39.67 46.90 0.82
CA LYS F 202 -40.20 46.89 2.18
C LYS F 202 -39.89 48.23 2.84
N CYS F 203 -40.29 49.31 2.17
CA CYS F 203 -40.04 50.66 2.65
C CYS F 203 -40.67 50.88 4.02
N GLY F 204 -41.99 50.90 4.08
CA GLY F 204 -42.72 50.86 5.33
C GLY F 204 -43.77 49.78 5.24
N ASP F 205 -43.95 49.27 4.03
CA ASP F 205 -44.87 48.18 3.75
C ASP F 205 -44.43 47.48 2.47
N TYR F 206 -44.97 46.28 2.26
CA TYR F 206 -44.59 45.46 1.11
C TYR F 206 -45.22 46.04 -0.15
N SER F 207 -44.38 46.52 -1.07
CA SER F 207 -44.83 47.13 -2.31
C SER F 207 -44.17 46.43 -3.49
N THR F 208 -44.98 46.06 -4.49
CA THR F 208 -44.50 45.35 -5.65
C THR F 208 -44.91 46.10 -6.91
N GLY F 209 -43.96 46.30 -7.82
CA GLY F 209 -44.27 47.02 -9.04
C GLY F 209 -43.45 46.54 -10.20
N ILE F 210 -43.85 46.96 -11.40
CA ILE F 210 -43.17 46.64 -12.64
C ILE F 210 -42.84 47.95 -13.35
N VAL F 211 -41.57 48.13 -13.70
CA VAL F 211 -41.12 49.34 -14.38
C VAL F 211 -40.35 48.97 -15.64
N SER F 212 -40.20 49.96 -16.52
CA SER F 212 -39.36 49.83 -17.71
C SER F 212 -38.29 50.88 -17.82
N THR F 213 -38.38 51.97 -17.04
CA THR F 213 -37.36 53.01 -17.01
C THR F 213 -36.93 53.22 -15.56
N ARG F 214 -36.02 54.18 -15.37
CA ARG F 214 -35.53 54.51 -14.03
C ARG F 214 -36.67 55.11 -13.21
N THR F 215 -36.97 54.51 -12.06
CA THR F 215 -38.14 54.88 -11.29
C THR F 215 -37.78 55.11 -9.82
N LYS F 216 -38.20 56.26 -9.31
CA LYS F 216 -38.03 56.59 -7.90
C LYS F 216 -38.88 55.68 -7.02
N ILE F 217 -38.34 55.29 -5.87
CA ILE F 217 -39.12 54.64 -4.83
C ILE F 217 -39.25 55.63 -3.68
N ASN F 218 -40.50 55.94 -3.30
CA ASN F 218 -40.75 57.09 -2.45
C ASN F 218 -40.36 56.82 -0.99
N GLY F 219 -40.68 55.63 -0.47
CA GLY F 219 -40.55 55.41 0.96
C GLY F 219 -39.20 54.88 1.41
N CYS F 220 -38.35 54.47 0.47
CA CYS F 220 -37.13 53.76 0.83
C CYS F 220 -35.92 54.68 0.79
N THR F 221 -35.05 54.54 1.78
CA THR F 221 -33.85 55.36 1.90
C THR F 221 -32.56 54.62 1.60
N LYS F 222 -32.56 53.30 1.65
CA LYS F 222 -31.36 52.51 1.41
C LYS F 222 -31.67 51.40 0.41
N ALA F 223 -30.64 50.98 -0.32
CA ALA F 223 -30.84 49.98 -1.36
C ALA F 223 -31.03 48.58 -0.79
N LYS F 224 -30.61 48.33 0.44
CA LYS F 224 -30.67 46.98 0.99
C LYS F 224 -32.06 46.58 1.44
N GLN F 225 -33.02 47.51 1.49
CA GLN F 225 -34.37 47.20 1.92
C GLN F 225 -35.33 47.01 0.75
N CYS F 226 -34.81 46.90 -0.47
CA CYS F 226 -35.65 46.62 -1.62
C CYS F 226 -34.83 45.84 -2.63
N ILE F 227 -35.51 45.06 -3.49
CA ILE F 227 -34.85 44.28 -4.53
C ILE F 227 -35.60 44.46 -5.84
N ALA F 228 -34.91 44.14 -6.93
CA ALA F 228 -35.50 44.22 -8.27
C ALA F 228 -34.85 43.15 -9.14
N TYR F 229 -35.65 42.55 -10.02
CA TYR F 229 -35.15 41.48 -10.89
C TYR F 229 -35.91 41.50 -12.21
N LYS F 230 -35.28 40.89 -13.21
CA LYS F 230 -35.84 40.85 -14.56
C LYS F 230 -37.15 40.07 -14.58
N SER F 231 -38.08 40.51 -15.42
CA SER F 231 -39.36 39.88 -15.61
C SER F 231 -39.41 39.19 -16.97
N ASP F 232 -40.45 38.38 -17.16
CA ASP F 232 -40.70 37.63 -18.40
C ASP F 232 -39.51 36.74 -18.75
N GLN F 233 -39.27 35.76 -17.86
CA GLN F 233 -38.12 34.88 -17.99
C GLN F 233 -38.57 33.44 -18.22
N THR F 234 -39.57 33.24 -19.09
CA THR F 234 -40.15 31.92 -19.32
C THR F 234 -39.19 31.04 -20.12
N LYS F 235 -38.11 30.63 -19.45
CA LYS F 235 -37.17 29.66 -19.98
C LYS F 235 -36.94 28.61 -18.90
N TRP F 236 -37.22 27.35 -19.22
CA TRP F 236 -37.17 26.29 -18.22
C TRP F 236 -35.74 26.04 -17.77
N VAL F 237 -35.58 25.88 -16.46
CA VAL F 237 -34.28 25.67 -15.83
C VAL F 237 -34.35 24.41 -14.99
N PHE F 238 -33.26 23.64 -14.97
CA PHE F 238 -33.19 22.40 -14.22
C PHE F 238 -33.33 22.67 -12.72
N ASN F 239 -33.95 21.73 -12.02
CA ASN F 239 -34.19 21.83 -10.57
C ASN F 239 -32.87 21.64 -9.84
N SER F 240 -32.09 22.73 -9.77
CA SER F 240 -30.78 22.67 -9.16
C SER F 240 -30.80 23.26 -7.76
N PRO F 241 -29.97 22.76 -6.84
CA PRO F 241 -29.92 23.29 -5.48
C PRO F 241 -29.39 24.71 -5.36
N ASP F 242 -28.78 25.27 -6.41
CA ASP F 242 -28.14 26.57 -6.34
C ASP F 242 -29.01 27.70 -6.86
N LEU F 243 -30.33 27.50 -6.92
CA LEU F 243 -31.24 28.48 -7.49
C LEU F 243 -32.48 28.59 -6.60
N ILE F 244 -32.94 29.82 -6.36
CA ILE F 244 -34.18 30.00 -5.62
C ILE F 244 -35.35 29.64 -6.52
N ARG F 245 -36.24 28.79 -6.02
CA ARG F 245 -37.34 28.30 -6.82
C ARG F 245 -38.39 29.39 -7.05
N HIS F 246 -39.17 29.20 -8.11
CA HIS F 246 -40.29 30.08 -8.41
C HIS F 246 -41.42 29.81 -7.43
N THR F 247 -42.41 30.71 -7.41
CA THR F 247 -43.59 30.50 -6.59
C THR F 247 -44.36 29.27 -7.05
N ASP F 248 -44.45 29.05 -8.36
CA ASP F 248 -45.03 27.85 -8.93
C ASP F 248 -43.89 26.94 -9.36
N HIS F 249 -43.59 25.93 -8.54
CA HIS F 249 -42.51 24.99 -8.80
C HIS F 249 -43.02 23.68 -9.40
N SER F 250 -44.09 23.73 -10.19
CA SER F 250 -44.58 22.54 -10.86
C SER F 250 -43.60 22.14 -11.97
N VAL F 251 -43.63 20.85 -12.31
CA VAL F 251 -42.75 20.33 -13.35
C VAL F 251 -43.24 20.84 -14.69
N GLN F 252 -42.53 21.82 -15.25
CA GLN F 252 -42.93 22.39 -16.53
C GLN F 252 -42.60 21.48 -17.70
N GLY F 253 -41.46 20.78 -17.63
CA GLY F 253 -41.10 19.90 -18.73
C GLY F 253 -40.15 18.82 -18.25
N LYS F 254 -39.76 17.97 -19.20
CA LYS F 254 -38.81 16.89 -18.94
C LYS F 254 -37.78 16.85 -20.06
N LEU F 255 -36.52 16.62 -19.69
CA LEU F 255 -35.43 16.50 -20.64
C LEU F 255 -34.80 15.12 -20.52
N HIS F 256 -34.42 14.55 -21.67
CA HIS F 256 -33.83 13.23 -21.69
C HIS F 256 -32.45 13.23 -21.03
N ILE F 257 -32.13 12.13 -20.35
CA ILE F 257 -30.77 11.88 -19.89
C ILE F 257 -30.10 10.97 -20.91
N PRO F 258 -29.19 11.48 -21.72
CA PRO F 258 -28.63 10.69 -22.82
C PRO F 258 -27.63 9.65 -22.32
N PHE F 259 -27.12 8.86 -23.27
CA PHE F 259 -26.08 7.85 -23.04
C PHE F 259 -26.53 6.80 -22.03
N ARG F 260 -27.56 6.04 -22.44
CA ARG F 260 -28.12 5.04 -21.55
C ARG F 260 -27.20 3.82 -21.45
N LEU F 261 -27.29 3.14 -20.31
CA LEU F 261 -26.47 1.95 -20.08
C LEU F 261 -27.06 0.78 -20.85
N THR F 262 -26.29 0.24 -21.78
CA THR F 262 -26.74 -0.76 -22.74
C THR F 262 -25.87 -2.01 -22.66
N PRO F 263 -26.48 -3.18 -22.85
CA PRO F 263 -25.70 -4.41 -22.94
C PRO F 263 -24.93 -4.49 -24.25
N THR F 264 -23.78 -5.15 -24.18
CA THR F 264 -22.93 -5.42 -25.32
C THR F 264 -22.00 -6.57 -24.95
N VAL F 265 -21.13 -6.96 -25.86
CA VAL F 265 -20.12 -7.96 -25.55
C VAL F 265 -18.76 -7.26 -25.51
N CYS F 266 -17.86 -7.83 -24.72
CA CYS F 266 -16.55 -7.26 -24.50
C CYS F 266 -15.61 -8.33 -24.00
N PRO F 267 -14.36 -8.33 -24.44
CA PRO F 267 -13.45 -9.45 -24.12
C PRO F 267 -12.88 -9.34 -22.71
N VAL F 268 -12.61 -10.50 -22.13
CA VAL F 268 -11.94 -10.61 -20.84
C VAL F 268 -10.78 -11.58 -21.03
N PRO F 269 -9.67 -11.43 -20.32
CA PRO F 269 -8.52 -12.30 -20.54
C PRO F 269 -8.79 -13.74 -20.11
N LEU F 270 -8.08 -14.66 -20.75
CA LEU F 270 -8.05 -16.05 -20.35
C LEU F 270 -6.67 -16.34 -19.76
N ALA F 271 -6.64 -16.77 -18.50
CA ALA F 271 -5.39 -16.94 -17.81
C ALA F 271 -4.64 -18.18 -18.32
N HIS F 272 -3.39 -18.29 -17.88
CA HIS F 272 -2.57 -19.45 -18.22
C HIS F 272 -3.17 -20.72 -17.61
N THR F 273 -3.23 -21.77 -18.41
CA THR F 273 -3.81 -23.03 -17.94
C THR F 273 -2.93 -23.66 -16.88
N PRO F 274 -3.46 -23.94 -15.69
CA PRO F 274 -2.61 -24.46 -14.62
C PRO F 274 -2.16 -25.88 -14.88
N THR F 275 -1.04 -26.24 -14.27
CA THR F 275 -0.51 -27.59 -14.31
C THR F 275 -1.06 -28.36 -13.12
N VAL F 276 -1.62 -29.54 -13.38
CA VAL F 276 -2.33 -30.33 -12.38
C VAL F 276 -1.47 -31.52 -12.02
N MET F 277 -1.22 -31.70 -10.72
CA MET F 277 -0.53 -32.87 -10.21
C MET F 277 -1.49 -33.65 -9.31
N LYS F 278 -1.55 -34.96 -9.48
CA LYS F 278 -2.50 -35.80 -8.78
C LYS F 278 -1.79 -36.64 -7.74
N TRP F 279 -2.38 -36.74 -6.54
CA TRP F 279 -1.76 -37.50 -5.46
C TRP F 279 -2.87 -38.03 -4.55
N PHE F 280 -3.12 -39.33 -4.63
CA PHE F 280 -4.09 -40.05 -3.82
C PHE F 280 -5.46 -39.37 -3.80
N LYS F 281 -5.72 -38.58 -2.76
CA LYS F 281 -6.99 -37.89 -2.58
C LYS F 281 -6.80 -36.39 -2.63
N GLY F 282 -6.00 -35.92 -3.59
CA GLY F 282 -5.76 -34.49 -3.68
C GLY F 282 -5.11 -34.12 -4.99
N ILE F 283 -5.20 -32.82 -5.30
CA ILE F 283 -4.60 -32.25 -6.48
C ILE F 283 -3.76 -31.05 -6.06
N THR F 284 -2.74 -30.77 -6.85
CA THR F 284 -1.89 -29.60 -6.71
C THR F 284 -1.94 -28.83 -8.01
N LEU F 285 -2.42 -27.58 -7.94
CA LEU F 285 -2.48 -26.72 -9.11
C LEU F 285 -1.32 -25.75 -9.06
N HIS F 286 -0.58 -25.66 -10.16
CA HIS F 286 0.54 -24.73 -10.27
C HIS F 286 0.04 -23.50 -11.01
N LEU F 287 -0.05 -22.38 -10.30
CA LEU F 287 -0.77 -21.22 -10.79
C LEU F 287 0.22 -20.17 -11.28
N THR F 288 -0.06 -19.64 -12.47
CA THR F 288 0.72 -18.53 -13.02
C THR F 288 -0.26 -17.43 -13.44
N ALA F 289 -0.05 -16.22 -12.91
CA ALA F 289 -0.92 -15.10 -13.23
C ALA F 289 -0.14 -13.81 -13.05
N THR F 290 -0.06 -13.00 -14.11
CA THR F 290 0.60 -11.70 -13.99
C THR F 290 -0.26 -10.73 -13.21
N ARG F 291 -1.55 -10.71 -13.48
CA ARG F 291 -2.54 -9.88 -12.80
C ARG F 291 -3.29 -10.70 -11.77
N PRO F 292 -3.95 -10.05 -10.81
CA PRO F 292 -4.79 -10.79 -9.85
C PRO F 292 -5.90 -11.54 -10.56
N THR F 293 -6.00 -12.84 -10.28
CA THR F 293 -6.94 -13.72 -10.95
C THR F 293 -7.68 -14.56 -9.91
N LEU F 294 -9.00 -14.61 -9.99
CA LEU F 294 -9.79 -15.25 -8.95
C LEU F 294 -9.88 -16.75 -9.20
N LEU F 295 -9.61 -17.54 -8.16
CA LEU F 295 -9.70 -18.99 -8.22
C LEU F 295 -10.74 -19.45 -7.19
N THR F 296 -11.65 -20.31 -7.62
CA THR F 296 -12.74 -20.80 -6.77
C THR F 296 -12.77 -22.31 -6.80
N THR F 297 -12.85 -22.93 -5.64
CA THR F 297 -12.99 -24.38 -5.54
C THR F 297 -14.22 -24.70 -4.68
N ARG F 298 -14.92 -25.77 -5.05
CA ARG F 298 -15.96 -26.28 -4.18
C ARG F 298 -16.09 -27.78 -4.36
N LYS F 299 -16.42 -28.47 -3.26
CA LYS F 299 -16.68 -29.90 -3.30
C LYS F 299 -18.06 -30.16 -3.88
N LEU F 300 -18.25 -31.37 -4.39
CA LEU F 300 -19.48 -31.74 -5.07
C LEU F 300 -20.37 -32.63 -4.20
N GLY F 301 -20.20 -32.57 -2.88
CA GLY F 301 -20.98 -33.37 -1.97
C GLY F 301 -21.93 -32.55 -1.12
N LEU F 302 -22.27 -33.11 0.05
CA LEU F 302 -23.14 -32.41 0.99
C LEU F 302 -22.49 -31.15 1.52
N ARG F 303 -21.20 -31.23 1.85
CA ARG F 303 -20.47 -30.09 2.41
C ARG F 303 -19.60 -29.51 1.31
N ALA F 304 -20.02 -28.35 0.78
CA ALA F 304 -19.27 -27.66 -0.26
C ALA F 304 -18.32 -26.68 0.42
N ASP F 305 -17.11 -27.17 0.72
CA ASP F 305 -16.09 -26.34 1.36
C ASP F 305 -15.50 -25.41 0.30
N ALA F 306 -16.25 -24.36 -0.01
CA ALA F 306 -15.90 -23.47 -1.10
C ALA F 306 -14.83 -22.48 -0.66
N THR F 307 -13.78 -22.35 -1.46
CA THR F 307 -12.70 -21.41 -1.23
C THR F 307 -12.60 -20.47 -2.43
N ALA F 308 -12.42 -19.18 -2.16
CA ALA F 308 -12.23 -18.18 -3.20
C ALA F 308 -11.01 -17.35 -2.84
N GLU F 309 -10.10 -17.17 -3.80
CA GLU F 309 -8.85 -16.47 -3.51
C GLU F 309 -8.32 -15.82 -4.78
N TRP F 310 -7.83 -14.58 -4.65
CA TRP F 310 -7.20 -13.88 -5.76
C TRP F 310 -5.71 -14.22 -5.77
N ILE F 311 -5.24 -14.78 -6.87
CA ILE F 311 -3.87 -15.24 -7.03
C ILE F 311 -3.08 -14.21 -7.82
N THR F 312 -1.89 -13.86 -7.34
CA THR F 312 -0.93 -13.06 -8.07
C THR F 312 0.39 -13.81 -8.13
N GLY F 313 1.16 -13.55 -9.19
CA GLY F 313 2.44 -14.20 -9.33
C GLY F 313 2.30 -15.67 -9.72
N THR F 314 3.31 -16.45 -9.30
CA THR F 314 3.37 -17.88 -9.57
C THR F 314 3.42 -18.61 -8.24
N THR F 315 2.36 -19.39 -7.96
CA THR F 315 2.24 -20.10 -6.69
C THR F 315 1.80 -21.53 -6.97
N SER F 316 1.47 -22.25 -5.91
CA SER F 316 0.91 -23.59 -6.00
C SER F 316 -0.10 -23.78 -4.89
N ARG F 317 -1.23 -24.41 -5.21
CA ARG F 317 -2.32 -24.59 -4.27
C ARG F 317 -2.71 -26.06 -4.20
N ASN F 318 -2.86 -26.57 -2.98
CA ASN F 318 -3.24 -27.95 -2.74
C ASN F 318 -4.71 -28.01 -2.36
N PHE F 319 -5.46 -28.93 -2.99
CA PHE F 319 -6.87 -29.10 -2.69
C PHE F 319 -7.16 -30.58 -2.50
N SER F 320 -7.80 -30.92 -1.38
CA SER F 320 -8.17 -32.30 -1.12
C SER F 320 -9.40 -32.68 -1.94
N VAL F 321 -9.29 -33.76 -2.69
CA VAL F 321 -10.37 -34.25 -3.55
C VAL F 321 -10.84 -35.58 -3.00
N GLY F 322 -12.16 -35.70 -2.81
CA GLY F 322 -12.76 -36.92 -2.34
C GLY F 322 -13.45 -37.70 -3.45
N ARG F 323 -14.17 -38.75 -3.02
CA ARG F 323 -14.94 -39.55 -3.98
C ARG F 323 -16.10 -38.77 -4.57
N GLU F 324 -16.68 -37.85 -3.79
CA GLU F 324 -17.76 -37.02 -4.31
C GLU F 324 -17.30 -36.04 -5.37
N GLY F 325 -16.02 -35.67 -5.37
CA GLY F 325 -15.46 -34.83 -6.39
C GLY F 325 -15.28 -33.39 -5.92
N LEU F 326 -14.67 -32.61 -6.80
CA LEU F 326 -14.41 -31.20 -6.54
C LEU F 326 -14.28 -30.50 -7.89
N GLU F 327 -14.81 -29.28 -7.97
CA GLU F 327 -14.63 -28.46 -9.16
C GLU F 327 -13.84 -27.21 -8.79
N TYR F 328 -13.06 -26.73 -9.76
CA TYR F 328 -12.33 -25.49 -9.63
C TYR F 328 -12.53 -24.66 -10.89
N VAL F 329 -12.67 -23.35 -10.70
CA VAL F 329 -12.76 -22.37 -11.77
C VAL F 329 -11.58 -21.42 -11.61
N TRP F 330 -10.80 -21.26 -12.66
CA TRP F 330 -9.61 -20.42 -12.66
C TRP F 330 -9.80 -19.29 -13.64
N GLY F 331 -10.07 -18.10 -13.12
CA GLY F 331 -10.28 -16.95 -13.99
C GLY F 331 -11.58 -17.05 -14.74
N ASN F 332 -11.53 -16.77 -16.03
CA ASN F 332 -12.69 -16.82 -16.90
C ASN F 332 -12.85 -18.16 -17.59
N HIS F 333 -12.04 -19.15 -17.22
CA HIS F 333 -12.12 -20.47 -17.83
C HIS F 333 -13.38 -21.20 -17.36
N GLU F 334 -13.71 -22.25 -18.10
CA GLU F 334 -14.84 -23.10 -17.74
C GLU F 334 -14.50 -23.89 -16.48
N PRO F 335 -15.50 -24.26 -15.68
CA PRO F 335 -15.25 -25.10 -14.49
C PRO F 335 -14.68 -26.46 -14.87
N VAL F 336 -13.75 -26.94 -14.05
CA VAL F 336 -13.12 -28.23 -14.24
C VAL F 336 -13.45 -29.10 -13.04
N ARG F 337 -13.99 -30.29 -13.30
CA ARG F 337 -14.42 -31.22 -12.27
C ARG F 337 -13.48 -32.42 -12.23
N VAL F 338 -13.09 -32.82 -11.01
CA VAL F 338 -12.21 -33.96 -10.82
C VAL F 338 -12.79 -34.84 -9.72
N TRP F 339 -12.45 -36.13 -9.78
CA TRP F 339 -12.89 -37.10 -8.80
C TRP F 339 -11.69 -37.95 -8.37
N ALA F 340 -11.74 -38.42 -7.12
CA ALA F 340 -10.66 -39.20 -6.55
C ALA F 340 -11.01 -40.69 -6.56
N GLN F 341 -10.01 -41.51 -6.86
CA GLN F 341 -10.16 -42.96 -6.87
C GLN F 341 -9.47 -43.57 -5.66
N GLU F 342 -9.77 -44.84 -5.41
CA GLU F 342 -9.21 -45.56 -4.27
C GLU F 342 -7.86 -46.15 -4.65
N SER F 343 -6.88 -45.26 -4.78
CA SER F 343 -5.52 -45.60 -5.22
C SER F 343 -4.55 -45.64 -4.06
N ALA F 344 -4.96 -46.21 -2.93
CA ALA F 344 -4.10 -46.28 -1.75
C ALA F 344 -2.88 -47.15 -2.03
N PRO F 345 -1.70 -46.77 -1.53
CA PRO F 345 -0.46 -47.50 -1.84
C PRO F 345 -0.30 -48.77 -1.01
N GLY F 346 -1.13 -49.76 -1.30
CA GLY F 346 -1.03 -51.05 -0.63
C GLY F 346 -1.46 -52.19 -1.52
N ASP F 347 -2.02 -53.24 -0.92
CA ASP F 347 -2.50 -54.38 -1.67
C ASP F 347 -3.60 -55.08 -0.89
N PRO F 348 -4.84 -55.08 -1.41
CA PRO F 348 -5.92 -55.81 -0.73
C PRO F 348 -5.75 -57.32 -0.79
N HIS F 349 -5.05 -57.84 -1.78
CA HIS F 349 -4.80 -59.27 -1.92
C HIS F 349 -3.30 -59.49 -1.77
N GLY F 350 -2.88 -59.71 -0.53
CA GLY F 350 -1.48 -59.95 -0.25
C GLY F 350 -1.25 -60.26 1.22
N TRP F 351 -0.07 -59.91 1.71
CA TRP F 351 0.24 -60.12 3.11
C TRP F 351 -0.58 -59.16 3.98
N PRO F 352 -0.88 -59.52 5.24
CA PRO F 352 -1.79 -58.71 6.05
C PRO F 352 -1.36 -57.27 6.26
N HIS F 353 -0.06 -56.98 6.37
CA HIS F 353 0.36 -55.60 6.61
C HIS F 353 0.05 -54.70 5.42
N GLU F 354 0.19 -55.24 4.20
CA GLU F 354 -0.20 -54.48 3.01
C GLU F 354 -1.70 -54.19 3.00
N ILE F 355 -2.50 -55.17 3.40
CA ILE F 355 -3.95 -54.97 3.49
C ILE F 355 -4.29 -53.90 4.51
N ILE F 356 -3.63 -53.94 5.68
CA ILE F 356 -3.90 -52.97 6.73
C ILE F 356 -3.52 -51.56 6.28
N ILE F 357 -2.35 -51.40 5.65
CA ILE F 357 -1.97 -50.04 5.23
C ILE F 357 -2.84 -49.55 4.08
N HIS F 358 -3.24 -50.44 3.17
CA HIS F 358 -4.10 -50.04 2.06
C HIS F 358 -5.47 -49.59 2.55
N TYR F 359 -6.08 -50.36 3.46
CA TYR F 359 -7.38 -49.97 3.98
C TYR F 359 -7.29 -48.86 5.01
N TYR F 360 -6.12 -48.63 5.59
CA TYR F 360 -5.93 -47.51 6.50
C TYR F 360 -5.80 -46.19 5.75
N HIS F 361 -5.17 -46.21 4.56
CA HIS F 361 -5.12 -45.00 3.77
C HIS F 361 -6.49 -44.61 3.22
N ARG F 362 -7.37 -45.59 3.00
CA ARG F 362 -8.69 -45.30 2.47
C ARG F 362 -9.64 -44.84 3.57
N HIS F 363 -9.91 -45.71 4.55
CA HIS F 363 -10.78 -45.39 5.68
C HIS F 363 -10.02 -45.70 6.96
N PRO F 364 -9.39 -44.69 7.58
CA PRO F 364 -8.55 -44.95 8.76
C PRO F 364 -9.31 -45.46 9.97
N VAL F 365 -10.33 -44.71 10.41
CA VAL F 365 -10.98 -45.00 11.68
C VAL F 365 -11.74 -46.33 11.61
N TYR F 366 -12.32 -46.65 10.46
CA TYR F 366 -13.02 -47.92 10.31
C TYR F 366 -12.08 -49.09 10.50
N THR F 367 -10.91 -49.05 9.87
CA THR F 367 -9.97 -50.16 10.00
C THR F 367 -9.32 -50.20 11.37
N VAL F 368 -9.13 -49.04 12.00
CA VAL F 368 -8.62 -49.03 13.37
C VAL F 368 -9.60 -49.70 14.32
N ILE F 369 -10.90 -49.41 14.18
CA ILE F 369 -11.85 -50.04 15.09
C ILE F 369 -12.06 -51.52 14.73
N VAL F 370 -11.88 -51.91 13.46
CA VAL F 370 -11.92 -53.33 13.14
C VAL F 370 -10.74 -54.07 13.74
N LEU F 371 -9.55 -53.47 13.68
CA LEU F 371 -8.37 -54.09 14.29
C LEU F 371 -8.51 -54.17 15.81
N CYS F 372 -9.03 -53.12 16.44
CA CYS F 372 -9.28 -53.17 17.88
C CYS F 372 -10.33 -54.22 18.21
N GLY F 373 -11.35 -54.37 17.37
CA GLY F 373 -12.36 -55.39 17.60
C GLY F 373 -11.82 -56.80 17.51
N VAL F 374 -10.98 -57.07 16.50
CA VAL F 374 -10.45 -58.42 16.36
C VAL F 374 -9.42 -58.71 17.45
N ALA F 375 -8.65 -57.70 17.87
CA ALA F 375 -7.73 -57.88 18.99
C ALA F 375 -8.49 -58.16 20.29
N LEU F 376 -9.57 -57.41 20.52
CA LEU F 376 -10.42 -57.67 21.69
C LEU F 376 -11.04 -59.04 21.63
N ALA F 377 -11.47 -59.47 20.43
CA ALA F 377 -12.10 -60.77 20.29
C ALA F 377 -11.13 -61.90 20.60
N ILE F 378 -9.91 -61.83 20.07
CA ILE F 378 -8.95 -62.89 20.34
C ILE F 378 -8.49 -62.86 21.79
N LEU F 379 -8.39 -61.66 22.39
CA LEU F 379 -8.00 -61.57 23.79
C LEU F 379 -9.06 -62.16 24.71
N VAL F 380 -10.33 -61.81 24.49
CA VAL F 380 -11.42 -62.35 25.30
C VAL F 380 -11.56 -63.85 25.09
N GLY F 381 -11.41 -64.32 23.85
CA GLY F 381 -11.47 -65.75 23.61
C GLY F 381 -10.37 -66.53 24.30
N THR F 382 -9.13 -66.03 24.22
CA THR F 382 -8.01 -66.69 24.88
C THR F 382 -8.18 -66.67 26.38
N ALA F 383 -8.59 -65.53 26.95
CA ALA F 383 -8.76 -65.43 28.39
C ALA F 383 -9.88 -66.33 28.90
N SER F 384 -11.00 -66.38 28.18
CA SER F 384 -12.12 -67.23 28.60
C SER F 384 -11.77 -68.70 28.47
N SER F 385 -11.07 -69.08 27.40
CA SER F 385 -10.65 -70.47 27.24
C SER F 385 -9.67 -70.88 28.34
N ALA F 386 -8.72 -69.99 28.67
CA ALA F 386 -7.77 -70.28 29.74
C ALA F 386 -8.46 -70.40 31.08
N ALA F 387 -9.42 -69.51 31.36
CA ALA F 387 -10.17 -69.60 32.61
C ALA F 387 -10.99 -70.89 32.69
N CYS F 388 -11.62 -71.28 31.57
CA CYS F 388 -12.41 -72.50 31.56
C CYS F 388 -11.55 -73.74 31.77
N ILE F 389 -10.40 -73.82 31.08
CA ILE F 389 -9.56 -75.00 31.24
C ILE F 389 -8.91 -75.01 32.62
N SER F 390 -8.61 -73.85 33.20
CA SER F 390 -8.07 -73.81 34.55
C SER F 390 -9.11 -74.24 35.57
N LYS F 391 -10.36 -73.81 35.40
CA LYS F 391 -11.43 -74.25 36.28
C LYS F 391 -11.66 -75.75 36.18
N ALA F 392 -11.64 -76.28 34.95
CA ALA F 392 -11.79 -77.72 34.77
C ALA F 392 -10.62 -78.48 35.39
N ARG F 393 -9.40 -77.97 35.25
CA ARG F 393 -8.24 -78.64 35.81
C ARG F 393 -8.26 -78.65 37.33
N ARG F 394 -8.62 -77.52 37.96
CA ARG F 394 -8.68 -77.53 39.41
C ARG F 394 -9.87 -78.34 39.91
N ASP F 395 -10.95 -78.43 39.14
CA ASP F 395 -12.06 -79.29 39.53
C ASP F 395 -11.71 -80.77 39.42
N CYS F 396 -10.90 -81.14 38.42
CA CYS F 396 -10.46 -82.52 38.31
C CYS F 396 -9.37 -82.88 39.29
N LEU F 397 -8.53 -81.92 39.70
CA LEU F 397 -7.46 -82.23 40.65
C LEU F 397 -7.81 -81.96 42.11
N THR F 398 -8.94 -81.32 42.40
CA THR F 398 -9.32 -81.17 43.80
C THR F 398 -9.69 -82.48 44.52
N PRO F 399 -10.20 -83.55 43.87
CA PRO F 399 -10.32 -84.79 44.64
C PRO F 399 -9.00 -85.51 44.84
N TYR F 400 -8.08 -85.41 43.88
CA TYR F 400 -6.79 -86.09 44.01
C TYR F 400 -5.92 -85.43 45.06
N ALA F 401 -6.14 -84.15 45.35
CA ALA F 401 -5.36 -83.44 46.35
C ALA F 401 -6.01 -83.55 47.72
N GLN G 1 32.41 18.93 -15.10
CA GLN G 1 32.74 20.19 -14.46
C GLN G 1 33.55 21.11 -15.37
N LEU G 2 34.09 20.57 -16.46
CA LEU G 2 34.92 21.36 -17.35
C LEU G 2 34.06 22.17 -18.31
N HIS G 3 34.56 23.36 -18.65
CA HIS G 3 33.87 24.29 -19.55
C HIS G 3 34.79 24.59 -20.72
N TYR G 4 34.29 24.40 -21.94
CA TYR G 4 35.04 24.66 -23.15
C TYR G 4 34.22 25.53 -24.09
N THR G 5 34.92 26.33 -24.90
CA THR G 5 34.28 27.29 -25.80
C THR G 5 34.75 27.02 -27.22
N VAL G 6 33.80 26.93 -28.16
CA VAL G 6 34.09 26.77 -29.58
C VAL G 6 33.18 27.70 -30.37
N GLN G 7 33.25 27.58 -31.70
CA GLN G 7 32.52 28.46 -32.61
C GLN G 7 31.65 27.64 -33.55
N GLU G 8 30.67 28.32 -34.14
CA GLU G 8 29.78 27.70 -35.11
C GLU G 8 30.54 27.40 -36.41
N GLU G 9 30.07 26.34 -37.10
CA GLU G 9 30.63 25.90 -38.39
C GLU G 9 32.12 25.60 -38.30
N GLN G 10 32.52 24.94 -37.21
CA GLN G 10 33.92 24.62 -37.01
C GLN G 10 34.30 23.41 -37.85
N GLU G 11 35.52 23.43 -38.38
CA GLU G 11 35.98 22.42 -39.32
C GLU G 11 36.27 21.09 -38.61
N HIS G 12 36.47 20.05 -39.42
CA HIS G 12 36.72 18.71 -38.92
C HIS G 12 38.12 18.60 -38.30
N GLY G 13 38.20 17.89 -37.17
CA GLY G 13 39.47 17.54 -36.57
C GLY G 13 40.18 18.66 -35.84
N THR G 14 39.54 19.82 -35.69
CA THR G 14 40.18 20.95 -35.01
C THR G 14 40.15 20.75 -33.50
N PHE G 15 41.11 21.38 -32.83
CA PHE G 15 41.25 21.24 -31.39
C PHE G 15 40.09 21.89 -30.66
N VAL G 16 39.57 21.20 -29.63
CA VAL G 16 38.55 21.73 -28.75
C VAL G 16 39.06 21.73 -27.32
N GLY G 17 39.47 20.57 -26.81
CA GLY G 17 39.85 20.48 -25.42
C GLY G 17 40.93 19.44 -25.17
N ASN G 18 41.56 19.57 -24.00
CA ASN G 18 42.56 18.62 -23.52
C ASN G 18 42.14 18.19 -22.12
N ILE G 19 41.42 17.08 -22.03
CA ILE G 19 40.89 16.62 -20.74
C ILE G 19 42.01 16.11 -19.84
N ALA G 20 42.97 15.38 -20.42
CA ALA G 20 44.05 14.80 -19.62
C ALA G 20 44.94 15.89 -19.04
N GLU G 21 45.18 16.97 -19.78
CA GLU G 21 45.98 18.07 -19.25
C GLU G 21 45.22 18.83 -18.17
N ASP G 22 43.91 19.00 -18.34
CA ASP G 22 43.12 19.76 -17.39
C ASP G 22 42.76 18.98 -16.12
N LEU G 23 42.87 17.65 -16.15
CA LEU G 23 42.67 16.85 -14.94
C LEU G 23 43.96 16.38 -14.30
N GLY G 24 45.11 16.61 -14.93
CA GLY G 24 46.37 16.16 -14.38
C GLY G 24 46.61 14.68 -14.51
N LEU G 25 45.88 13.98 -15.38
CA LEU G 25 46.07 12.56 -15.57
C LEU G 25 47.34 12.29 -16.39
N ASP G 26 47.88 11.08 -16.21
CA ASP G 26 49.06 10.65 -16.95
C ASP G 26 48.61 10.20 -18.34
N ILE G 27 49.51 10.39 -19.32
CA ILE G 27 49.18 10.04 -20.70
C ILE G 27 49.07 8.53 -20.87
N THR G 28 50.03 7.79 -20.32
CA THR G 28 49.98 6.33 -20.39
C THR G 28 48.87 5.74 -19.52
N LYS G 29 48.46 6.46 -18.48
CA LYS G 29 47.36 5.99 -17.64
C LYS G 29 46.03 6.01 -18.38
N LEU G 30 45.94 6.81 -19.46
CA LEU G 30 44.73 6.80 -20.27
C LEU G 30 44.51 5.43 -20.92
N SER G 31 45.56 4.84 -21.47
CA SER G 31 45.46 3.48 -21.98
C SER G 31 45.46 2.46 -20.84
N ALA G 32 46.13 2.77 -19.73
CA ALA G 32 46.22 1.81 -18.63
C ALA G 32 44.92 1.70 -17.86
N ARG G 33 44.25 2.82 -17.58
CA ARG G 33 43.10 2.84 -16.69
C ARG G 33 41.77 2.86 -17.44
N ARG G 34 41.77 2.45 -18.71
CA ARG G 34 40.56 2.31 -19.54
C ARG G 34 39.78 3.63 -19.63
N PHE G 35 40.49 4.65 -20.10
CA PHE G 35 39.84 5.91 -20.47
C PHE G 35 38.87 5.65 -21.61
N GLN G 36 37.64 6.14 -21.49
CA GLN G 36 36.59 5.79 -22.44
C GLN G 36 35.43 6.77 -22.32
N THR G 37 34.82 7.09 -23.46
CA THR G 37 33.62 7.93 -23.50
C THR G 37 32.47 7.23 -22.79
N ALA G 38 31.75 7.98 -21.95
CA ALA G 38 30.61 7.43 -21.25
C ALA G 38 29.44 7.19 -22.22
N PRO G 39 28.78 6.04 -22.14
CA PRO G 39 27.62 5.80 -23.03
C PRO G 39 26.43 6.70 -22.74
N ASN G 40 26.34 7.27 -21.54
CA ASN G 40 25.24 8.17 -21.22
C ASN G 40 25.30 9.44 -22.06
N SER G 41 26.44 10.10 -22.09
CA SER G 41 26.59 11.40 -22.74
C SER G 41 27.47 11.24 -23.96
N ARG G 42 26.85 11.19 -25.14
CA ARG G 42 27.57 11.10 -26.40
C ARG G 42 27.02 12.13 -27.36
N SER G 43 27.87 12.58 -28.28
CA SER G 43 27.47 13.55 -29.26
C SER G 43 28.22 13.28 -30.56
N PRO G 44 27.53 13.24 -31.71
CA PRO G 44 28.23 13.04 -32.98
C PRO G 44 29.12 14.22 -33.37
N TYR G 45 28.92 15.40 -32.78
CA TYR G 45 29.72 16.55 -33.14
C TYR G 45 31.14 16.44 -32.60
N LEU G 46 31.30 15.97 -31.37
CA LEU G 46 32.60 15.96 -30.71
C LEU G 46 32.95 14.55 -30.24
N GLU G 47 34.16 14.11 -30.61
CA GLU G 47 34.74 12.90 -30.04
C GLU G 47 36.21 13.16 -29.75
N LEU G 48 36.81 12.26 -28.98
CA LEU G 48 38.13 12.52 -28.43
C LEU G 48 39.06 11.33 -28.66
N ASN G 49 40.31 11.64 -28.97
CA ASN G 49 41.33 10.62 -29.18
C ASN G 49 41.60 9.92 -27.86
N LEU G 50 41.65 8.59 -27.89
CA LEU G 50 41.75 7.81 -26.67
C LEU G 50 43.18 7.69 -26.18
N GLU G 51 44.16 8.06 -27.00
CA GLU G 51 45.56 7.90 -26.60
C GLU G 51 46.07 9.12 -25.84
N THR G 52 45.67 10.32 -26.26
CA THR G 52 46.15 11.55 -25.65
C THR G 52 45.07 12.32 -24.90
N GLY G 53 43.82 11.88 -24.95
CA GLY G 53 42.75 12.59 -24.27
C GLY G 53 42.45 13.96 -24.81
N VAL G 54 42.38 14.10 -26.14
CA VAL G 54 42.14 15.38 -26.80
C VAL G 54 40.78 15.31 -27.47
N LEU G 55 39.90 16.23 -27.09
CA LEU G 55 38.55 16.32 -27.63
C LEU G 55 38.55 17.24 -28.85
N TYR G 56 37.94 16.77 -29.94
CA TYR G 56 37.97 17.44 -31.23
C TYR G 56 36.65 17.19 -31.97
N VAL G 57 36.55 17.78 -33.17
CA VAL G 57 35.32 17.89 -33.95
C VAL G 57 35.26 16.78 -34.99
N ASN G 58 34.08 16.19 -35.14
CA ASN G 58 33.79 15.29 -36.26
C ASN G 58 32.71 15.80 -37.19
N GLU G 59 31.69 16.46 -36.64
CA GLU G 59 30.59 17.00 -37.44
C GLU G 59 30.57 18.50 -37.32
N LYS G 60 30.35 19.18 -38.45
CA LYS G 60 30.34 20.64 -38.48
C LYS G 60 29.24 21.20 -37.58
N ILE G 61 29.61 22.22 -36.80
CA ILE G 61 28.71 22.75 -35.79
C ILE G 61 27.59 23.55 -36.45
N ASP G 62 26.35 23.27 -36.06
CA ASP G 62 25.17 23.99 -36.52
C ASP G 62 24.52 24.65 -35.31
N ARG G 63 24.46 25.98 -35.32
CA ARG G 63 23.87 26.71 -34.19
C ARG G 63 22.37 26.48 -34.12
N GLU G 64 21.70 26.41 -35.27
CA GLU G 64 20.26 26.23 -35.29
C GLU G 64 19.85 24.86 -34.77
N GLN G 65 20.59 23.81 -35.14
CA GLN G 65 20.23 22.47 -34.71
C GLN G 65 20.55 22.22 -33.24
N ILE G 66 21.65 22.80 -32.75
CA ILE G 66 22.01 22.64 -31.35
C ILE G 66 21.02 23.36 -30.44
N CYS G 67 20.70 24.61 -30.78
CA CYS G 67 19.76 25.39 -29.99
C CYS G 67 18.39 25.46 -30.66
N CYS G 73 22.28 23.69 -26.18
CA CYS G 73 23.13 24.88 -26.26
C CYS G 73 24.40 24.69 -25.43
N LEU G 74 24.44 23.61 -24.64
CA LEU G 74 25.57 23.32 -23.78
C LEU G 74 26.40 22.14 -24.24
N LEU G 75 25.78 21.16 -24.92
CA LEU G 75 26.46 20.04 -25.57
C LEU G 75 27.28 19.22 -24.54
N HIS G 76 26.53 18.57 -23.66
CA HIS G 76 27.12 17.84 -22.55
C HIS G 76 27.86 16.59 -23.03
N LEU G 77 28.87 16.19 -22.26
CA LEU G 77 29.64 14.99 -22.53
C LEU G 77 30.19 14.48 -21.21
N GLU G 78 30.44 13.17 -21.13
CA GLU G 78 31.02 12.59 -19.93
C GLU G 78 32.10 11.58 -20.31
N VAL G 79 33.12 11.48 -19.46
CA VAL G 79 34.16 10.48 -19.58
C VAL G 79 34.33 9.78 -18.24
N PHE G 80 34.77 8.53 -18.29
CA PHE G 80 34.93 7.76 -17.05
C PHE G 80 36.22 6.96 -17.10
N LEU G 81 36.81 6.75 -15.92
CA LEU G 81 38.06 6.04 -15.77
C LEU G 81 37.90 4.99 -14.68
N GLU G 82 38.89 4.10 -14.58
CA GLU G 82 38.87 3.02 -13.59
C GLU G 82 40.17 3.02 -12.79
N ASN G 83 40.07 2.47 -11.57
CA ASN G 83 41.18 2.25 -10.63
C ASN G 83 41.95 3.52 -10.31
N PRO G 84 41.39 4.47 -9.53
CA PRO G 84 40.06 4.50 -8.91
C PRO G 84 38.97 4.84 -9.93
N LEU G 85 37.72 4.48 -9.63
CA LEU G 85 36.66 4.43 -10.63
C LEU G 85 35.95 5.78 -10.62
N GLU G 86 36.18 6.59 -11.64
CA GLU G 86 35.83 8.00 -11.62
C GLU G 86 34.99 8.39 -12.84
N LEU G 87 34.26 9.49 -12.71
CA LEU G 87 33.44 10.06 -13.77
C LEU G 87 33.62 11.57 -13.79
N PHE G 88 33.70 12.16 -14.99
CA PHE G 88 33.86 13.59 -15.16
C PHE G 88 32.95 14.09 -16.27
N ARG G 89 32.54 15.34 -16.15
CA ARG G 89 31.58 15.97 -17.05
C ARG G 89 32.21 17.17 -17.75
N VAL G 90 31.88 17.33 -19.04
CA VAL G 90 32.42 18.39 -19.87
C VAL G 90 31.24 19.06 -20.56
N GLU G 91 31.24 20.39 -20.60
CA GLU G 91 30.24 21.14 -21.35
C GLU G 91 30.94 22.08 -22.32
N ILE G 92 30.53 22.02 -23.58
CA ILE G 92 31.21 22.70 -24.68
C ILE G 92 30.18 23.64 -25.32
N GLU G 93 30.32 24.94 -25.07
CA GLU G 93 29.37 25.91 -25.58
C GLU G 93 29.93 26.61 -26.82
N VAL G 94 29.01 27.05 -27.68
CA VAL G 94 29.35 27.75 -28.92
C VAL G 94 29.00 29.23 -28.77
N LEU G 95 29.99 30.08 -28.96
CA LEU G 95 29.76 31.53 -29.01
C LEU G 95 29.77 32.03 -30.45
N ASP G 96 28.88 31.44 -31.26
CA ASP G 96 28.72 31.77 -32.68
C ASP G 96 30.05 31.73 -33.46
N GLN H 1 -19.23 35.48 -3.52
CA GLN H 1 -20.61 35.57 -3.09
C GLN H 1 -21.07 37.03 -3.05
N LEU H 2 -20.11 37.95 -2.98
CA LEU H 2 -20.37 39.37 -3.17
C LEU H 2 -20.10 39.70 -4.64
N HIS H 3 -21.00 40.49 -5.23
CA HIS H 3 -20.89 40.86 -6.65
C HIS H 3 -20.69 42.36 -6.74
N TYR H 4 -19.58 42.77 -7.36
CA TYR H 4 -19.28 44.19 -7.55
C TYR H 4 -18.78 44.41 -8.97
N THR H 5 -18.77 45.67 -9.39
CA THR H 5 -18.34 46.03 -10.72
C THR H 5 -17.41 47.24 -10.66
N VAL H 6 -16.47 47.29 -11.60
CA VAL H 6 -15.62 48.45 -11.80
C VAL H 6 -15.57 48.77 -13.29
N GLN H 7 -15.20 50.01 -13.62
CA GLN H 7 -15.09 50.41 -15.00
C GLN H 7 -13.65 50.24 -15.49
N GLU H 8 -13.49 50.30 -16.82
CA GLU H 8 -12.17 50.12 -17.42
C GLU H 8 -11.31 51.34 -17.18
N GLU H 9 -10.08 51.11 -16.71
CA GLU H 9 -9.08 52.15 -16.43
C GLU H 9 -9.66 53.15 -15.41
N GLN H 10 -9.88 52.67 -14.20
CA GLN H 10 -10.49 53.49 -13.17
C GLN H 10 -9.41 54.06 -12.25
N GLU H 11 -9.63 55.30 -11.81
CA GLU H 11 -8.64 56.04 -11.05
C GLU H 11 -8.42 55.42 -9.67
N HIS H 12 -7.23 55.67 -9.13
CA HIS H 12 -6.84 55.12 -7.83
C HIS H 12 -7.62 55.79 -6.71
N GLY H 13 -8.02 54.98 -5.72
CA GLY H 13 -8.74 55.47 -4.56
C GLY H 13 -10.23 55.68 -4.77
N THR H 14 -10.76 55.32 -5.92
CA THR H 14 -12.18 55.52 -6.20
C THR H 14 -13.02 54.41 -5.58
N PHE H 15 -14.29 54.73 -5.35
CA PHE H 15 -15.21 53.83 -4.66
C PHE H 15 -15.48 52.58 -5.50
N VAL H 16 -15.55 51.43 -4.82
CA VAL H 16 -15.88 50.16 -5.46
C VAL H 16 -17.12 49.58 -4.80
N GLY H 17 -17.06 49.36 -3.48
CA GLY H 17 -18.20 48.81 -2.77
C GLY H 17 -18.05 48.83 -1.26
N ASN H 18 -19.16 48.97 -0.55
CA ASN H 18 -19.16 48.97 0.91
C ASN H 18 -19.39 47.54 1.38
N ILE H 19 -18.32 46.90 1.85
CA ILE H 19 -18.42 45.52 2.32
C ILE H 19 -19.20 45.45 3.63
N ALA H 20 -18.93 46.37 4.55
CA ALA H 20 -19.57 46.33 5.86
C ALA H 20 -21.07 46.60 5.77
N GLU H 21 -21.48 47.43 4.82
CA GLU H 21 -22.91 47.73 4.67
C GLU H 21 -23.66 46.55 4.03
N ASP H 22 -23.06 45.91 3.02
CA ASP H 22 -23.75 44.83 2.33
C ASP H 22 -23.86 43.58 3.19
N LEU H 23 -22.86 43.31 4.02
CA LEU H 23 -22.90 42.19 4.96
C LEU H 23 -23.77 42.45 6.17
N GLY H 24 -24.26 43.68 6.36
CA GLY H 24 -25.04 43.98 7.54
C GLY H 24 -24.22 44.10 8.81
N LEU H 25 -22.89 44.15 8.69
CA LEU H 25 -22.02 44.30 9.84
C LEU H 25 -22.17 45.68 10.45
N ASP H 26 -22.05 45.74 11.78
CA ASP H 26 -22.05 47.02 12.46
C ASP H 26 -20.78 47.81 12.14
N ILE H 27 -20.89 49.14 12.15
CA ILE H 27 -19.80 49.98 11.67
C ILE H 27 -18.79 50.25 12.78
N THR H 28 -19.22 50.21 14.03
CA THR H 28 -18.37 50.56 15.15
C THR H 28 -17.54 49.40 15.70
N LYS H 29 -17.59 48.22 15.08
CA LYS H 29 -16.89 47.06 15.62
C LYS H 29 -16.13 46.28 14.54
N LEU H 30 -15.59 46.96 13.54
CA LEU H 30 -14.69 46.29 12.60
C LEU H 30 -13.35 45.98 13.23
N SER H 31 -12.79 46.94 13.98
CA SER H 31 -11.48 46.74 14.59
C SER H 31 -11.55 45.77 15.76
N ALA H 32 -12.68 45.72 16.47
CA ALA H 32 -12.83 44.79 17.58
C ALA H 32 -12.89 43.34 17.11
N ARG H 33 -13.46 43.11 15.93
CA ARG H 33 -13.56 41.77 15.35
C ARG H 33 -12.40 41.45 14.42
N ARG H 34 -11.42 42.35 14.32
CA ARG H 34 -10.21 42.17 13.51
C ARG H 34 -10.55 41.94 12.03
N PHE H 35 -11.14 42.96 11.42
CA PHE H 35 -11.37 42.94 9.98
C PHE H 35 -10.03 42.96 9.26
N GLN H 36 -9.86 42.05 8.30
CA GLN H 36 -8.58 41.91 7.62
C GLN H 36 -8.78 41.23 6.28
N THR H 37 -7.93 41.58 5.33
CA THR H 37 -7.90 40.92 4.03
C THR H 37 -7.27 39.54 4.16
N ALA H 38 -7.91 38.54 3.56
CA ALA H 38 -7.39 37.18 3.63
C ALA H 38 -6.07 37.09 2.85
N PRO H 39 -5.05 36.42 3.39
CA PRO H 39 -3.76 36.34 2.69
C PRO H 39 -3.81 35.52 1.41
N ASN H 40 -4.76 34.59 1.27
CA ASN H 40 -4.86 33.80 0.06
C ASN H 40 -5.26 34.66 -1.13
N SER H 41 -6.19 35.59 -0.94
CA SER H 41 -6.69 36.44 -2.01
C SER H 41 -6.14 37.85 -1.82
N ARG H 42 -5.03 38.14 -2.49
CA ARG H 42 -4.42 39.45 -2.50
C ARG H 42 -4.49 40.01 -3.91
N SER H 43 -5.12 41.16 -4.06
CA SER H 43 -5.26 41.81 -5.36
C SER H 43 -4.47 43.11 -5.38
N PRO H 44 -3.49 43.26 -6.28
CA PRO H 44 -2.74 44.52 -6.33
C PRO H 44 -3.56 45.71 -6.80
N TYR H 45 -4.69 45.48 -7.48
CA TYR H 45 -5.52 46.56 -7.98
C TYR H 45 -6.58 47.01 -6.97
N LEU H 46 -6.68 46.36 -5.82
CA LEU H 46 -7.72 46.66 -4.85
C LEU H 46 -7.12 46.78 -3.47
N GLU H 47 -7.72 47.66 -2.65
CA GLU H 47 -7.33 47.82 -1.26
C GLU H 47 -8.55 48.22 -0.46
N LEU H 48 -8.65 47.74 0.77
CA LEU H 48 -9.82 48.00 1.60
C LEU H 48 -9.42 48.69 2.90
N ASN H 49 -10.21 49.69 3.29
CA ASN H 49 -9.98 50.39 4.54
C ASN H 49 -10.41 49.51 5.70
N LEU H 50 -9.52 49.33 6.68
CA LEU H 50 -9.85 48.49 7.83
C LEU H 50 -10.88 49.14 8.73
N GLU H 51 -10.85 50.47 8.86
CA GLU H 51 -11.76 51.16 9.77
C GLU H 51 -13.18 51.22 9.23
N THR H 52 -13.34 51.48 7.93
CA THR H 52 -14.67 51.69 7.35
C THR H 52 -15.17 50.52 6.54
N GLY H 53 -14.31 49.60 6.11
CA GLY H 53 -14.74 48.47 5.30
C GLY H 53 -15.23 48.84 3.92
N VAL H 54 -14.55 49.76 3.25
CA VAL H 54 -14.93 50.22 1.92
C VAL H 54 -13.80 49.87 0.97
N LEU H 55 -14.13 49.13 -0.08
CA LEU H 55 -13.13 48.71 -1.06
C LEU H 55 -12.85 49.85 -2.04
N TYR H 56 -11.59 49.97 -2.44
CA TYR H 56 -11.11 51.07 -3.25
C TYR H 56 -10.13 50.53 -4.28
N VAL H 57 -9.98 51.27 -5.37
CA VAL H 57 -9.04 50.91 -6.42
C VAL H 57 -7.64 51.31 -5.99
N ASN H 58 -6.73 50.34 -5.94
CA ASN H 58 -5.35 50.59 -5.52
C ASN H 58 -4.45 50.98 -6.70
N GLU H 59 -4.35 50.09 -7.70
CA GLU H 59 -3.55 50.35 -8.88
C GLU H 59 -4.47 50.48 -10.08
N LYS H 60 -3.98 51.14 -11.13
CA LYS H 60 -4.81 51.44 -12.28
C LYS H 60 -5.16 50.17 -13.05
N ILE H 61 -6.44 50.00 -13.35
CA ILE H 61 -6.96 48.75 -13.90
C ILE H 61 -6.61 48.65 -15.37
N ASP H 62 -6.16 47.46 -15.78
CA ASP H 62 -5.78 47.18 -17.16
C ASP H 62 -6.18 45.77 -17.51
N ARG H 63 -7.04 45.62 -18.52
CA ARG H 63 -7.49 44.29 -18.94
C ARG H 63 -6.37 43.46 -19.55
N GLU H 64 -5.42 44.10 -20.25
CA GLU H 64 -4.36 43.37 -20.92
C GLU H 64 -3.48 42.61 -19.92
N GLN H 65 -3.19 43.23 -18.78
CA GLN H 65 -2.46 42.53 -17.74
C GLN H 65 -3.37 41.55 -16.99
N ILE H 66 -4.65 41.86 -16.87
CA ILE H 66 -5.57 40.99 -16.13
C ILE H 66 -5.96 39.78 -16.97
N CYS H 67 -6.46 40.02 -18.19
CA CYS H 67 -6.91 38.93 -19.05
C CYS H 67 -5.76 38.35 -19.85
N CYS H 73 -12.82 38.13 -17.64
CA CYS H 73 -12.05 37.88 -16.42
C CYS H 73 -12.72 38.54 -15.22
N LEU H 74 -12.36 38.07 -14.03
CA LEU H 74 -12.92 38.56 -12.78
C LEU H 74 -11.80 38.77 -11.77
N LEU H 75 -12.05 39.67 -10.82
CA LEU H 75 -11.12 39.92 -9.72
C LEU H 75 -11.69 39.28 -8.46
N HIS H 76 -10.86 38.49 -7.79
CA HIS H 76 -11.30 37.72 -6.62
C HIS H 76 -10.60 38.23 -5.37
N LEU H 77 -11.37 38.41 -4.30
CA LEU H 77 -10.86 38.88 -3.02
C LEU H 77 -11.59 38.12 -1.92
N GLU H 78 -10.90 38.00 -0.77
CA GLU H 78 -11.49 37.29 0.39
C GLU H 78 -11.17 38.05 1.66
N VAL H 79 -12.13 38.13 2.59
CA VAL H 79 -11.93 38.76 3.89
C VAL H 79 -12.27 37.73 4.97
N PHE H 80 -11.64 37.88 6.13
CA PHE H 80 -11.91 37.00 7.25
C PHE H 80 -12.05 37.81 8.53
N LEU H 81 -12.96 37.35 9.40
CA LEU H 81 -13.31 38.02 10.64
C LEU H 81 -13.17 37.05 11.79
N GLU H 82 -12.88 37.59 12.97
CA GLU H 82 -12.71 36.81 14.18
C GLU H 82 -13.84 37.12 15.17
N ASN H 83 -14.14 36.14 16.02
CA ASN H 83 -15.14 36.20 17.09
C ASN H 83 -16.53 36.54 16.55
N PRO H 84 -17.21 35.63 15.84
CA PRO H 84 -16.80 34.27 15.44
C PRO H 84 -15.93 34.26 14.19
N LEU H 85 -15.28 33.14 13.90
CA LEU H 85 -14.42 33.04 12.72
C LEU H 85 -15.27 32.89 11.47
N GLU H 86 -15.22 33.87 10.58
CA GLU H 86 -16.04 33.87 9.38
C GLU H 86 -15.19 34.27 8.18
N LEU H 87 -15.60 33.80 7.00
CA LEU H 87 -14.91 34.09 5.76
C LEU H 87 -15.93 34.55 4.72
N PHE H 88 -15.55 35.56 3.94
CA PHE H 88 -16.43 36.09 2.90
C PHE H 88 -15.65 36.32 1.62
N ARG H 89 -16.35 36.18 0.50
CA ARG H 89 -15.74 36.23 -0.82
C ARG H 89 -16.38 37.36 -1.64
N VAL H 90 -15.53 38.09 -2.37
CA VAL H 90 -15.96 39.23 -3.18
C VAL H 90 -15.41 39.04 -4.58
N GLU H 91 -16.27 39.21 -5.58
CA GLU H 91 -15.89 39.07 -6.98
C GLU H 91 -16.30 40.33 -7.74
N ILE H 92 -15.38 40.84 -8.54
CA ILE H 92 -15.53 42.12 -9.22
C ILE H 92 -15.42 41.87 -10.72
N GLU H 93 -16.39 42.40 -11.47
CA GLU H 93 -16.37 42.33 -12.93
C GLU H 93 -15.82 43.64 -13.49
N VAL H 94 -14.97 43.52 -14.51
CA VAL H 94 -14.30 44.65 -15.14
C VAL H 94 -14.90 44.86 -16.52
N LEU H 95 -15.44 46.05 -16.76
CA LEU H 95 -15.98 46.38 -18.07
C LEU H 95 -14.86 46.77 -19.02
N ASP H 96 -15.18 46.89 -20.30
CA ASP H 96 -14.18 47.19 -21.32
C ASP H 96 -14.53 48.49 -22.04
N GLN I 1 -8.82 -4.02 -40.66
CA GLN I 1 -9.78 -5.06 -40.31
C GLN I 1 -11.15 -4.74 -40.93
N LEU I 2 -11.48 -5.46 -42.00
CA LEU I 2 -12.68 -5.21 -42.80
C LEU I 2 -12.74 -3.77 -43.31
N HIS I 3 -11.60 -3.20 -43.66
CA HIS I 3 -11.60 -1.79 -44.04
C HIS I 3 -12.00 -1.74 -45.50
N TYR I 4 -12.62 -0.63 -45.89
CA TYR I 4 -12.99 -0.40 -47.27
C TYR I 4 -13.31 1.06 -47.48
N THR I 5 -13.32 1.47 -48.74
CA THR I 5 -13.25 2.88 -49.11
C THR I 5 -14.64 3.47 -49.34
N VAL I 6 -14.76 4.76 -49.02
CA VAL I 6 -15.94 5.56 -49.34
C VAL I 6 -15.47 6.90 -49.89
N GLN I 7 -16.18 7.38 -50.91
CA GLN I 7 -15.81 8.60 -51.59
C GLN I 7 -16.18 9.82 -50.76
N GLU I 8 -15.45 10.91 -50.97
CA GLU I 8 -15.74 12.16 -50.30
C GLU I 8 -17.05 12.74 -50.80
N GLU I 9 -17.85 13.28 -49.87
CA GLU I 9 -19.16 13.89 -50.15
C GLU I 9 -20.10 12.92 -50.87
N GLN I 10 -20.09 11.66 -50.43
CA GLN I 10 -20.99 10.67 -50.98
C GLN I 10 -22.42 10.93 -50.51
N GLU I 11 -23.38 10.59 -51.36
CA GLU I 11 -24.78 10.86 -51.07
C GLU I 11 -25.29 9.92 -49.96
N HIS I 12 -26.33 10.39 -49.27
CA HIS I 12 -26.93 9.61 -48.19
C HIS I 12 -27.69 8.42 -48.76
N GLY I 13 -27.53 7.27 -48.12
CA GLY I 13 -28.19 6.06 -48.53
C GLY I 13 -27.51 5.27 -49.64
N THR I 14 -26.38 5.75 -50.14
CA THR I 14 -25.64 5.02 -51.16
C THR I 14 -25.03 3.75 -50.57
N PHE I 15 -24.87 2.75 -51.43
CA PHE I 15 -24.23 1.50 -50.99
C PHE I 15 -22.78 1.76 -50.59
N VAL I 16 -22.41 1.24 -49.43
CA VAL I 16 -21.10 1.47 -48.85
C VAL I 16 -20.37 0.15 -48.58
N GLY I 17 -20.96 -0.72 -47.77
CA GLY I 17 -20.29 -1.98 -47.49
C GLY I 17 -21.26 -3.08 -47.09
N ASN I 18 -20.75 -4.30 -47.08
CA ASN I 18 -21.54 -5.50 -46.75
C ASN I 18 -20.84 -6.26 -45.64
N ILE I 19 -21.35 -6.14 -44.42
CA ILE I 19 -20.80 -6.88 -43.29
C ILE I 19 -21.13 -8.36 -43.39
N ALA I 20 -22.38 -8.69 -43.73
CA ALA I 20 -22.87 -10.06 -43.61
C ALA I 20 -22.21 -10.98 -44.64
N GLU I 21 -22.01 -10.49 -45.86
CA GLU I 21 -21.43 -11.34 -46.91
C GLU I 21 -19.95 -11.64 -46.63
N ASP I 22 -19.23 -10.68 -46.05
CA ASP I 22 -17.81 -10.87 -45.78
C ASP I 22 -17.56 -11.78 -44.59
N LEU I 23 -18.55 -11.96 -43.70
CA LEU I 23 -18.39 -12.80 -42.52
C LEU I 23 -19.06 -14.16 -42.67
N GLY I 24 -19.65 -14.45 -43.82
CA GLY I 24 -20.32 -15.73 -44.01
C GLY I 24 -21.56 -15.92 -43.17
N LEU I 25 -22.39 -14.89 -43.05
CA LEU I 25 -23.62 -14.96 -42.26
C LEU I 25 -24.82 -14.74 -43.17
N ASP I 26 -25.89 -15.48 -42.88
CA ASP I 26 -27.14 -15.35 -43.62
C ASP I 26 -28.06 -14.37 -42.92
N ILE I 27 -29.10 -13.93 -43.67
CA ILE I 27 -30.00 -12.91 -43.16
C ILE I 27 -30.81 -13.41 -41.97
N THR I 28 -31.35 -14.63 -42.08
CA THR I 28 -32.24 -15.16 -41.05
C THR I 28 -31.51 -15.36 -39.72
N LYS I 29 -30.28 -15.87 -39.76
CA LYS I 29 -29.55 -16.12 -38.53
C LYS I 29 -29.14 -14.82 -37.85
N LEU I 30 -28.70 -13.82 -38.62
CA LEU I 30 -28.34 -12.54 -38.00
C LEU I 30 -29.58 -11.82 -37.47
N SER I 31 -30.73 -12.02 -38.11
CA SER I 31 -31.98 -11.53 -37.53
C SER I 31 -32.29 -12.23 -36.23
N ALA I 32 -32.03 -13.54 -36.15
CA ALA I 32 -32.23 -14.28 -34.92
C ALA I 32 -31.16 -13.98 -33.88
N ARG I 33 -29.95 -13.65 -34.30
CA ARG I 33 -28.82 -13.42 -33.40
C ARG I 33 -28.68 -11.97 -32.98
N ARG I 34 -29.64 -11.11 -33.33
CA ARG I 34 -29.69 -9.69 -32.95
C ARG I 34 -28.43 -8.94 -33.41
N PHE I 35 -28.26 -8.90 -34.73
CA PHE I 35 -27.16 -8.18 -35.37
C PHE I 35 -27.36 -6.68 -35.16
N GLN I 36 -26.66 -6.11 -34.19
CA GLN I 36 -26.78 -4.70 -33.85
C GLN I 36 -25.40 -4.06 -33.80
N THR I 37 -25.38 -2.73 -33.97
CA THR I 37 -24.17 -1.97 -33.78
C THR I 37 -23.76 -1.96 -32.31
N ALA I 38 -22.46 -2.03 -32.06
CA ALA I 38 -21.97 -1.89 -30.70
C ALA I 38 -22.14 -0.44 -30.24
N PRO I 39 -22.64 -0.23 -29.02
CA PRO I 39 -22.94 1.14 -28.56
C PRO I 39 -21.70 1.99 -28.34
N ASN I 40 -20.51 1.38 -28.20
CA ASN I 40 -19.30 2.17 -28.03
C ASN I 40 -18.88 2.83 -29.34
N SER I 41 -18.58 2.03 -30.37
CA SER I 41 -18.13 2.55 -31.65
C SER I 41 -19.34 2.78 -32.54
N ARG I 42 -19.78 4.03 -32.61
CA ARG I 42 -20.84 4.44 -33.52
C ARG I 42 -20.38 5.69 -34.28
N SER I 43 -20.81 5.80 -35.54
CA SER I 43 -20.52 6.96 -36.34
C SER I 43 -21.81 7.55 -36.90
N PRO I 44 -21.98 8.88 -36.84
CA PRO I 44 -23.21 9.49 -37.37
C PRO I 44 -23.33 9.41 -38.89
N TYR I 45 -22.23 9.12 -39.59
CA TYR I 45 -22.25 9.10 -41.05
C TYR I 45 -22.68 7.76 -41.64
N LEU I 46 -22.79 6.70 -40.83
CA LEU I 46 -23.02 5.37 -41.34
C LEU I 46 -24.08 4.64 -40.50
N GLU I 47 -24.94 3.90 -41.20
CA GLU I 47 -25.91 3.04 -40.55
C GLU I 47 -26.04 1.73 -41.31
N LEU I 48 -26.39 0.66 -40.59
CA LEU I 48 -26.63 -0.63 -41.19
C LEU I 48 -28.11 -0.95 -41.22
N ASN I 49 -28.55 -1.58 -42.29
CA ASN I 49 -29.88 -2.15 -42.33
C ASN I 49 -29.91 -3.40 -41.46
N LEU I 50 -30.92 -3.49 -40.59
CA LEU I 50 -30.89 -4.48 -39.51
C LEU I 50 -31.13 -5.91 -39.99
N GLU I 51 -31.67 -6.10 -41.20
CA GLU I 51 -31.94 -7.44 -41.70
C GLU I 51 -31.00 -7.87 -42.82
N THR I 52 -30.51 -6.93 -43.63
CA THR I 52 -29.60 -7.30 -44.71
C THR I 52 -28.14 -7.19 -44.32
N GLY I 53 -27.83 -6.48 -43.24
CA GLY I 53 -26.45 -6.32 -42.80
C GLY I 53 -25.58 -5.54 -43.76
N VAL I 54 -26.08 -4.42 -44.28
CA VAL I 54 -25.37 -3.61 -45.27
C VAL I 54 -25.18 -2.22 -44.69
N LEU I 55 -23.94 -1.78 -44.61
CA LEU I 55 -23.63 -0.41 -44.20
C LEU I 55 -23.83 0.56 -45.35
N TYR I 56 -24.45 1.70 -45.05
CA TYR I 56 -24.71 2.76 -46.01
C TYR I 56 -24.52 4.10 -45.31
N VAL I 57 -24.47 5.16 -46.11
CA VAL I 57 -24.28 6.51 -45.61
C VAL I 57 -25.53 6.98 -44.88
N ASN I 58 -25.35 7.47 -43.66
CA ASN I 58 -26.40 8.20 -42.94
C ASN I 58 -26.26 9.71 -43.16
N GLU I 59 -25.11 10.25 -42.80
CA GLU I 59 -24.80 11.66 -42.98
C GLU I 59 -23.67 11.80 -43.98
N LYS I 60 -23.73 12.87 -44.79
CA LYS I 60 -22.82 13.05 -45.90
C LYS I 60 -21.37 13.20 -45.42
N ILE I 61 -20.45 12.63 -46.19
CA ILE I 61 -19.04 12.61 -45.81
C ILE I 61 -18.46 14.01 -45.90
N ASP I 62 -17.77 14.43 -44.84
CA ASP I 62 -17.25 15.79 -44.78
C ASP I 62 -15.76 15.70 -44.43
N ARG I 63 -15.07 16.84 -44.33
CA ARG I 63 -13.61 16.86 -44.28
C ARG I 63 -13.01 16.70 -42.89
N GLU I 64 -13.81 16.85 -41.82
CA GLU I 64 -13.21 16.79 -40.48
C GLU I 64 -12.83 15.36 -40.11
N GLN I 65 -13.52 14.37 -40.69
CA GLN I 65 -13.27 12.92 -40.56
C GLN I 65 -12.97 12.49 -39.12
N ILE I 66 -13.77 13.01 -38.19
CA ILE I 66 -13.61 12.87 -36.74
C ILE I 66 -12.27 13.45 -36.30
N CYS I 67 -11.19 12.68 -36.42
CA CYS I 67 -9.90 13.20 -35.95
C CYS I 67 -9.11 13.80 -37.10
N CYS I 73 -7.14 10.38 -41.05
CA CYS I 73 -7.94 9.77 -39.99
C CYS I 73 -8.96 8.83 -40.62
N LEU I 74 -9.41 7.84 -39.86
CA LEU I 74 -10.22 6.75 -40.40
C LEU I 74 -11.57 6.74 -39.71
N LEU I 75 -12.49 5.92 -40.24
CA LEU I 75 -13.79 5.73 -39.63
C LEU I 75 -13.83 4.34 -39.00
N HIS I 76 -14.34 4.26 -37.77
CA HIS I 76 -14.33 3.02 -37.01
C HIS I 76 -15.75 2.67 -36.58
N LEU I 77 -16.08 1.38 -36.66
CA LEU I 77 -17.39 0.91 -36.25
C LEU I 77 -17.24 -0.48 -35.65
N GLU I 78 -18.14 -0.83 -34.73
CA GLU I 78 -18.13 -2.13 -34.11
C GLU I 78 -19.56 -2.70 -34.08
N VAL I 79 -19.68 -4.00 -34.31
CA VAL I 79 -20.95 -4.71 -34.23
C VAL I 79 -20.75 -5.91 -33.32
N PHE I 80 -21.85 -6.41 -32.75
CA PHE I 80 -21.80 -7.55 -31.85
C PHE I 80 -23.01 -8.44 -32.05
N LEU I 81 -22.79 -9.74 -31.84
CA LEU I 81 -23.82 -10.77 -32.02
C LEU I 81 -23.85 -11.65 -30.78
N GLU I 82 -24.98 -12.33 -30.59
CA GLU I 82 -25.15 -13.28 -29.51
C GLU I 82 -25.40 -14.67 -30.07
N ASN I 83 -25.10 -15.68 -29.24
CA ASN I 83 -25.21 -17.10 -29.54
C ASN I 83 -24.48 -17.48 -30.83
N PRO I 84 -23.14 -17.51 -30.83
CA PRO I 84 -22.20 -17.18 -29.74
C PRO I 84 -21.97 -15.68 -29.60
N LEU I 85 -21.47 -15.22 -28.46
CA LEU I 85 -21.22 -13.80 -28.23
C LEU I 85 -19.95 -13.41 -29.00
N GLU I 86 -20.09 -12.54 -30.00
CA GLU I 86 -18.97 -12.17 -30.85
C GLU I 86 -18.96 -10.67 -31.09
N LEU I 87 -17.74 -10.15 -31.28
CA LEU I 87 -17.57 -8.71 -31.59
C LEU I 87 -16.75 -8.60 -32.88
N PHE I 88 -17.17 -7.74 -33.80
CA PHE I 88 -16.51 -7.54 -35.08
C PHE I 88 -16.27 -6.04 -35.29
N ARG I 89 -15.14 -5.72 -35.91
CA ARG I 89 -14.73 -4.34 -36.12
C ARG I 89 -14.64 -4.05 -37.61
N VAL I 90 -15.16 -2.89 -38.01
CA VAL I 90 -15.19 -2.45 -39.39
C VAL I 90 -14.45 -1.13 -39.50
N GLU I 91 -13.50 -1.04 -40.44
CA GLU I 91 -12.72 0.16 -40.66
C GLU I 91 -13.04 0.71 -42.05
N ILE I 92 -13.16 2.03 -42.15
CA ILE I 92 -13.61 2.69 -43.36
C ILE I 92 -12.61 3.78 -43.71
N GLU I 93 -12.10 3.73 -44.93
CA GLU I 93 -11.21 4.76 -45.47
C GLU I 93 -12.03 5.81 -46.19
N VAL I 94 -11.61 7.07 -46.07
CA VAL I 94 -12.27 8.19 -46.74
C VAL I 94 -11.33 8.67 -47.84
N LEU I 95 -11.77 8.54 -49.09
CA LEU I 95 -10.98 8.96 -50.24
C LEU I 95 -11.29 10.43 -50.52
N ASP I 96 -10.34 11.31 -50.20
CA ASP I 96 -10.53 12.74 -50.37
C ASP I 96 -10.24 13.17 -51.80
C1 NAG J . 71.08 -6.79 11.80
C2 NAG J . 72.37 -7.31 12.45
C3 NAG J . 72.75 -6.42 13.62
C4 NAG J . 72.82 -4.96 13.21
C5 NAG J . 71.50 -4.56 12.53
C6 NAG J . 71.48 -3.14 12.02
C7 NAG J . 72.93 -9.70 12.37
C8 NAG J . 72.61 -11.06 12.96
N2 NAG J . 72.22 -8.68 12.87
O3 NAG J . 73.98 -6.88 14.13
O4 NAG J . 73.05 -4.20 14.37
O5 NAG J . 71.26 -5.44 11.44
O6 NAG J . 71.46 -3.14 10.62
O7 NAG J . 73.79 -9.57 11.51
C1 NAG K . 8.65 -10.31 -6.21
C2 NAG K . 8.93 -9.76 -4.80
C3 NAG K . 7.88 -8.72 -4.39
C4 NAG K . 7.67 -7.69 -5.49
C5 NAG K . 7.37 -8.41 -6.80
C6 NAG K . 7.12 -7.48 -7.98
C7 NAG K . 8.13 -11.71 -3.42
C8 NAG K . 8.61 -12.67 -2.37
N2 NAG K . 9.06 -10.82 -3.82
O3 NAG K . 8.31 -8.14 -3.19
O4 NAG K . 6.60 -6.86 -5.08
O5 NAG K . 8.46 -9.25 -7.12
O6 NAG K . 7.46 -8.14 -9.18
O7 NAG K . 6.98 -11.77 -3.84
C1 NAG L . 5.05 -7.58 -64.92
C2 NAG L . 6.36 -6.77 -64.95
C3 NAG L . 7.01 -6.81 -66.35
C4 NAG L . 7.12 -8.25 -66.85
C5 NAG L . 5.75 -8.93 -66.75
C6 NAG L . 5.74 -10.37 -67.20
C7 NAG L . 5.59 -4.28 -64.65
C8 NAG L . 4.68 -4.14 -65.85
N2 NAG L . 6.25 -5.44 -64.36
O3 NAG L . 8.26 -6.20 -66.25
O4 NAG L . 7.56 -8.18 -68.19
O5 NAG L . 5.29 -8.88 -65.41
O6 NAG L . 4.62 -11.03 -66.66
O7 NAG L . 5.72 -3.31 -63.91
C1 NAG M . 20.09 -3.02 23.12
C2 NAG M . 18.65 -3.06 23.65
C3 NAG M . 18.46 -2.01 24.74
C4 NAG M . 19.54 -2.12 25.82
C5 NAG M . 20.91 -2.07 25.15
C6 NAG M . 22.06 -2.23 26.12
C7 NAG M . 16.77 -3.74 22.23
C8 NAG M . 15.91 -3.32 21.07
N2 NAG M . 17.73 -2.85 22.58
O3 NAG M . 17.18 -2.16 25.26
O4 NAG M . 19.34 -1.05 26.71
O5 NAG M . 20.99 -3.12 24.21
O6 NAG M . 22.30 -3.59 26.35
O7 NAG M . 16.61 -4.81 22.78
C1 NAG N . -38.57 37.66 45.99
C2 NAG N . -39.57 38.05 47.09
C3 NAG N . -40.98 37.50 46.84
C4 NAG N . -41.41 37.60 45.38
C5 NAG N . -40.31 37.03 44.49
C6 NAG N . -40.63 37.04 43.02
C7 NAG N . -39.27 38.26 49.53
C8 NAG N . -38.67 37.59 50.74
N2 NAG N . -39.09 37.60 48.37
O3 NAG N . -41.85 38.22 47.67
O4 NAG N . -42.61 36.89 45.25
O5 NAG N . -39.14 37.79 44.70
O6 NAG N . -41.49 38.11 42.73
O7 NAG N . -39.88 39.31 49.61
C1 NAG O . 5.49 8.39 10.94
C2 NAG O . 4.75 8.63 9.59
C3 NAG O . 4.49 7.29 8.87
C4 NAG O . 5.66 6.33 8.89
C5 NAG O . 6.22 6.23 10.31
C6 NAG O . 7.45 5.36 10.43
C7 NAG O . 2.35 9.01 10.33
C8 NAG O . 1.28 10.06 10.26
N2 NAG O . 3.52 9.37 9.73
O3 NAG O . 4.06 7.60 7.56
O4 NAG O . 5.18 5.08 8.44
O5 NAG O . 6.57 7.53 10.73
O6 NAG O . 8.59 6.20 10.61
O7 NAG O . 2.14 7.95 10.91
C1 NAG P . 40.96 49.37 -13.52
C2 NAG P . 39.83 50.41 -13.34
C3 NAG P . 40.37 51.84 -13.28
C4 NAG P . 41.51 51.94 -12.28
C5 NAG P . 42.57 50.88 -12.59
C6 NAG P . 43.76 50.88 -11.66
C7 NAG P . 38.46 50.27 -15.57
C8 NAG P . 39.56 50.63 -16.55
N2 NAG P . 38.69 50.21 -14.23
O3 NAG P . 39.31 52.69 -12.96
O4 NAG P . 42.04 53.24 -12.36
O5 NAG P . 41.96 49.60 -12.55
O6 NAG P . 44.18 52.21 -11.43
O7 NAG P . 37.35 50.05 -16.01
C1 NAG Q . -21.72 -4.09 20.67
C2 NAG Q . -21.33 -5.43 20.06
C3 NAG Q . -22.58 -6.15 19.56
C4 NAG Q . -23.64 -6.23 20.66
C5 NAG Q . -23.91 -4.83 21.21
C6 NAG Q . -24.91 -4.80 22.34
C7 NAG Q . -19.06 -5.47 19.14
C8 NAG Q . -18.25 -5.23 17.88
N2 NAG Q . -20.39 -5.27 19.00
O3 NAG Q . -22.20 -7.42 19.10
O4 NAG Q . -24.80 -6.81 20.09
O5 NAG Q . -22.69 -4.29 21.67
O6 NAG Q . -24.25 -5.02 23.56
O7 NAG Q . -18.54 -5.82 20.18
C1 NAG R . -34.72 -54.28 -32.31
C2 NAG R . -35.08 -53.58 -33.63
C3 NAG R . -35.72 -54.58 -34.60
C4 NAG R . -34.86 -55.85 -34.74
C5 NAG R . -34.56 -56.42 -33.35
C6 NAG R . -33.67 -57.63 -33.38
C7 NAG R . -35.69 -51.19 -33.66
C8 NAG R . -36.79 -50.21 -33.34
N2 NAG R . -35.98 -52.48 -33.40
O3 NAG R . -35.91 -53.94 -35.83
O4 NAG R . -35.59 -56.75 -35.54
O5 NAG R . -33.95 -55.42 -32.57
O6 NAG R . -32.32 -57.22 -33.34
O7 NAG R . -34.62 -50.82 -34.12
C1 NAG S . -15.07 -1.83 0.78
C2 NAG S . -14.14 -3.06 0.82
C3 NAG S . -12.69 -2.62 1.02
C4 NAG S . -12.31 -1.57 -0.01
C5 NAG S . -13.32 -0.41 0.03
C6 NAG S . -13.05 0.67 -1.00
C7 NAG S . -14.64 -3.91 3.14
C8 NAG S . -15.11 -5.15 3.86
N2 NAG S . -14.56 -4.04 1.80
O3 NAG S . -11.89 -3.76 0.95
O4 NAG S . -11.01 -1.12 0.33
O5 NAG S . -14.62 -0.94 -0.21
O6 NAG S . -14.17 0.81 -1.84
O7 NAG S . -14.39 -2.89 3.77
C1 NAG T . -42.85 44.32 -19.55
C2 NAG T . -43.27 44.28 -21.03
C3 NAG T . -44.42 45.25 -21.32
C4 NAG T . -45.55 45.07 -20.32
C5 NAG T . -44.97 45.14 -18.89
C6 NAG T . -46.01 44.99 -17.80
C7 NAG T . -41.22 45.28 -22.34
C8 NAG T . -41.15 46.64 -21.68
N2 NAG T . -42.16 44.35 -21.98
O3 NAG T . -44.86 45.02 -22.63
O4 NAG T . -46.48 46.09 -20.54
O5 NAG T . -43.98 44.13 -18.74
O6 NAG T . -46.93 46.05 -17.89
O7 NAG T . -40.40 45.01 -23.21
C1 NAG U . 1.00 -30.23 -1.65
C2 NAG U . 2.05 -29.72 -0.66
C3 NAG U . 3.42 -30.30 -1.02
C4 NAG U . 3.36 -31.82 -1.14
C5 NAG U . 2.24 -32.19 -2.14
C6 NAG U . 2.05 -33.68 -2.31
C7 NAG U . 1.67 -27.53 0.39
C8 NAG U . 1.80 -26.04 0.18
N2 NAG U . 2.09 -28.29 -0.65
O3 NAG U . 4.33 -29.90 -0.04
O4 NAG U . 4.62 -32.26 -1.58
O5 NAG U . 1.03 -31.64 -1.68
O6 NAG U . 1.16 -34.15 -1.33
O7 NAG U . 1.21 -28.00 1.41
#